data_8UXU
#
_entry.id   8UXU
#
_cell.length_a   1.00
_cell.length_b   1.00
_cell.length_c   1.00
_cell.angle_alpha   90.00
_cell.angle_beta   90.00
_cell.angle_gamma   90.00
#
_symmetry.space_group_name_H-M   'P 1'
#
loop_
_entity.id
_entity.type
_entity.pdbx_description
1 polymer Nitrilase
2 non-polymer benzaldehyde
#
_entity_poly.entity_id   1
_entity_poly.type   'polypeptide(L)'
_entity_poly.pdbx_seq_one_letter_code
;MVEYTNTFKVAAVQAQPVWFDAAKTVDKTVSNIAEAARNGCELVAFPEVFIPGYPYHIWVDSPLAGMAKFAVRYHENSLT
MDSPHVQRLLDAARDHNIAVVVGISERDGGSLYMTQLIIDADGQLVARRRKLKPTHVERSVYGEGNGSDISVYDMPFARL
GALNCWEHFQTLTKYAMYSMHEQVHVASWPGMSLYQPEVPAFGVDAQLTATRMYALEGQTFVVCTTQVVTPEAHEFFCEN
EEQRKLIGRGGGFARIIGPDGRDLATPLAEDEEGILYADIDLSAITLAKQAADPVGHYSRPDVLSLNFNQRRTTPVNTPL
STIHATH
;
_entity_poly.pdbx_strand_id   A,B,C,D,E,F,G,H,I,J,K,L,M,N
#
loop_
_chem_comp.id
_chem_comp.type
_chem_comp.name
_chem_comp.formula
HBX non-polymer benzaldehyde 'C7 H6 O'
#
# COMPACT_ATOMS: atom_id res chain seq x y z
N VAL A 2 21.30 39.67 -36.28
CA VAL A 2 20.21 40.67 -36.52
C VAL A 2 19.89 40.75 -38.00
N GLU A 3 20.92 40.96 -38.82
CA GLU A 3 20.79 41.09 -40.27
C GLU A 3 21.61 40.00 -40.93
N TYR A 4 21.03 39.38 -41.97
CA TYR A 4 21.67 38.26 -42.64
C TYR A 4 21.77 38.51 -44.14
N THR A 5 22.25 39.68 -44.54
CA THR A 5 22.29 40.06 -45.94
C THR A 5 23.71 40.28 -46.45
N ASN A 6 24.62 40.73 -45.60
CA ASN A 6 25.94 41.16 -46.05
C ASN A 6 26.74 40.02 -46.66
N THR A 7 27.63 40.35 -47.59
CA THR A 7 28.52 39.39 -48.23
C THR A 7 29.94 39.92 -48.17
N PHE A 8 30.91 39.04 -47.94
CA PHE A 8 32.29 39.45 -47.78
C PHE A 8 33.20 38.24 -47.97
N LYS A 9 34.50 38.46 -47.75
CA LYS A 9 35.53 37.47 -47.96
C LYS A 9 36.43 37.40 -46.74
N VAL A 10 36.78 36.18 -46.34
CA VAL A 10 37.58 35.94 -45.14
C VAL A 10 38.76 35.05 -45.50
N ALA A 11 39.74 35.02 -44.61
CA ALA A 11 40.95 34.24 -44.80
C ALA A 11 41.28 33.46 -43.53
N ALA A 12 41.62 32.18 -43.70
CA ALA A 12 42.01 31.32 -42.61
C ALA A 12 43.48 30.96 -42.75
N VAL A 13 44.26 31.18 -41.71
CA VAL A 13 45.71 31.03 -41.76
C VAL A 13 46.09 29.68 -41.16
N GLN A 14 46.85 28.89 -41.91
CA GLN A 14 47.43 27.64 -41.44
C GLN A 14 48.94 27.82 -41.51
N ALA A 15 49.53 28.32 -40.42
CA ALA A 15 50.94 28.67 -40.40
C ALA A 15 51.54 28.28 -39.06
N GLN A 16 52.85 28.16 -39.03
CA GLN A 16 53.59 27.92 -37.80
C GLN A 16 54.33 29.18 -37.41
N PRO A 17 54.54 29.41 -36.12
CA PRO A 17 55.26 30.61 -35.68
C PRO A 17 56.74 30.36 -35.52
N VAL A 18 57.49 31.45 -35.35
CA VAL A 18 58.88 31.37 -34.93
C VAL A 18 58.86 30.99 -33.46
N TRP A 19 59.14 29.73 -33.17
CA TRP A 19 58.79 29.15 -31.88
C TRP A 19 59.41 29.92 -30.73
N PHE A 20 58.55 30.33 -29.79
CA PHE A 20 58.93 31.12 -28.63
C PHE A 20 59.81 32.29 -29.04
N ASP A 21 59.29 33.10 -29.97
CA ASP A 21 59.96 34.32 -30.40
C ASP A 21 58.86 35.30 -30.82
N ALA A 22 58.50 36.20 -29.90
CA ALA A 22 57.39 37.11 -30.15
C ALA A 22 57.69 38.06 -31.30
N ALA A 23 58.88 38.68 -31.29
CA ALA A 23 59.20 39.66 -32.31
C ALA A 23 59.22 39.03 -33.70
N LYS A 24 59.84 37.86 -33.83
CA LYS A 24 59.89 37.19 -35.12
C LYS A 24 58.51 36.78 -35.59
N THR A 25 57.69 36.23 -34.68
CA THR A 25 56.37 35.76 -35.06
C THR A 25 55.45 36.93 -35.41
N VAL A 26 55.56 38.04 -34.69
CA VAL A 26 54.72 39.19 -34.99
C VAL A 26 54.98 39.68 -36.41
N ASP A 27 56.24 39.67 -36.84
CA ASP A 27 56.55 40.01 -38.23
C ASP A 27 55.88 39.03 -39.17
N LYS A 28 55.94 37.74 -38.86
CA LYS A 28 55.29 36.74 -39.70
C LYS A 28 53.78 36.96 -39.74
N THR A 29 53.19 37.29 -38.60
CA THR A 29 51.75 37.58 -38.57
C THR A 29 51.42 38.79 -39.42
N VAL A 30 52.21 39.86 -39.30
CA VAL A 30 51.90 41.08 -40.05
C VAL A 30 51.98 40.82 -41.54
N SER A 31 52.99 40.05 -41.97
CA SER A 31 53.08 39.70 -43.39
C SER A 31 51.85 38.90 -43.84
N ASN A 32 51.40 37.95 -43.02
CA ASN A 32 50.19 37.22 -43.34
C ASN A 32 48.97 38.15 -43.37
N ILE A 33 48.91 39.10 -42.44
CA ILE A 33 47.83 40.07 -42.44
C ILE A 33 47.85 40.88 -43.73
N ALA A 34 49.04 41.34 -44.13
CA ALA A 34 49.16 42.11 -45.37
C ALA A 34 48.81 41.26 -46.58
N GLU A 35 49.25 40.01 -46.59
CA GLU A 35 48.96 39.14 -47.74
C GLU A 35 47.47 38.95 -47.90
N ALA A 36 46.76 38.69 -46.80
CA ALA A 36 45.32 38.45 -46.87
C ALA A 36 44.59 39.70 -47.36
N ALA A 37 45.00 40.87 -46.89
CA ALA A 37 44.35 42.11 -47.32
C ALA A 37 44.53 42.31 -48.82
N ARG A 38 45.69 41.95 -49.36
CA ARG A 38 45.92 42.06 -50.79
C ARG A 38 44.93 41.23 -51.59
N ASN A 39 44.31 40.22 -50.99
CA ASN A 39 43.35 39.37 -51.66
C ASN A 39 41.91 39.86 -51.51
N GLY A 40 41.71 41.05 -50.94
CA GLY A 40 40.38 41.60 -50.79
C GLY A 40 39.64 41.11 -49.56
N CYS A 41 40.24 40.26 -48.75
CA CYS A 41 39.60 39.79 -47.53
C CYS A 41 39.47 40.92 -46.53
N GLU A 42 38.45 40.83 -45.68
CA GLU A 42 38.27 41.78 -44.59
C GLU A 42 38.18 41.08 -43.24
N LEU A 43 38.62 39.84 -43.17
CA LEU A 43 38.80 39.14 -41.89
C LEU A 43 39.85 38.06 -42.10
N VAL A 44 40.96 38.16 -41.36
CA VAL A 44 42.00 37.16 -41.36
C VAL A 44 42.13 36.60 -39.94
N ALA A 45 42.02 35.29 -39.82
CA ALA A 45 42.11 34.61 -38.54
C ALA A 45 43.44 33.87 -38.45
N PHE A 46 43.97 33.77 -37.25
CA PHE A 46 45.27 33.18 -37.01
C PHE A 46 45.18 32.09 -35.96
N PRO A 47 46.13 31.15 -35.94
CA PRO A 47 46.01 30.00 -35.05
C PRO A 47 46.00 30.36 -33.57
N GLU A 48 45.87 29.35 -32.74
CA GLU A 48 45.73 29.54 -31.30
C GLU A 48 47.11 29.72 -30.67
N VAL A 49 47.23 30.72 -29.80
CA VAL A 49 48.50 31.03 -29.15
C VAL A 49 49.57 31.10 -30.23
N PHE A 50 49.29 31.87 -31.29
CA PHE A 50 50.18 31.88 -32.44
C PHE A 50 51.46 32.65 -32.14
N ILE A 51 51.35 33.80 -31.49
CA ILE A 51 52.47 34.75 -31.43
C ILE A 51 53.70 34.09 -30.82
N PRO A 52 53.67 33.59 -29.58
CA PRO A 52 54.82 32.82 -29.11
C PRO A 52 54.79 31.39 -29.58
N GLY A 53 53.63 30.86 -29.93
CA GLY A 53 53.47 29.49 -30.35
C GLY A 53 52.95 28.61 -29.23
N TYR A 54 52.29 27.53 -29.63
CA TYR A 54 51.72 26.62 -28.64
C TYR A 54 52.83 25.96 -27.83
N PRO A 55 52.70 25.89 -26.51
CA PRO A 55 53.74 25.24 -25.69
C PRO A 55 53.64 23.72 -25.68
N TYR A 56 54.18 23.09 -26.72
CA TYR A 56 54.13 21.64 -26.80
C TYR A 56 55.01 20.96 -25.76
N HIS A 57 55.94 21.69 -25.14
CA HIS A 57 56.87 21.06 -24.21
C HIS A 57 56.15 20.42 -23.04
N ILE A 58 54.92 20.85 -22.74
CA ILE A 58 54.17 20.26 -21.65
C ILE A 58 53.64 18.89 -22.02
N TRP A 59 53.58 18.57 -23.31
CA TRP A 59 53.04 17.30 -23.77
C TRP A 59 54.14 16.28 -24.04
N VAL A 60 55.33 16.73 -24.43
CA VAL A 60 56.38 15.83 -24.89
C VAL A 60 57.41 15.51 -23.81
N ASP A 61 57.21 15.97 -22.58
CA ASP A 61 58.19 15.74 -21.53
C ASP A 61 57.52 15.91 -20.17
N SER A 62 58.24 15.51 -19.13
CA SER A 62 57.74 15.67 -17.78
C SER A 62 57.70 17.15 -17.43
N PRO A 63 56.92 17.52 -16.40
CA PRO A 63 56.80 18.95 -16.07
C PRO A 63 58.13 19.60 -15.76
N LEU A 64 59.04 18.89 -15.11
CA LEU A 64 60.35 19.47 -14.81
C LEU A 64 61.13 19.78 -16.08
N ALA A 65 61.06 18.91 -17.08
CA ALA A 65 61.76 19.17 -18.34
C ALA A 65 61.24 20.45 -18.98
N GLY A 66 59.92 20.62 -19.04
CA GLY A 66 59.36 21.85 -19.58
C GLY A 66 59.68 23.06 -18.74
N MET A 67 59.53 22.94 -17.41
CA MET A 67 59.78 24.08 -16.55
C MET A 67 61.23 24.53 -16.63
N ALA A 68 62.17 23.58 -16.64
CA ALA A 68 63.58 23.92 -16.57
C ALA A 68 64.07 24.55 -17.87
N LYS A 69 63.55 24.11 -19.01
CA LYS A 69 64.09 24.50 -20.31
C LYS A 69 63.26 25.55 -21.03
N PHE A 70 61.94 25.51 -20.89
CA PHE A 70 61.06 26.34 -21.72
C PHE A 70 60.24 27.36 -20.95
N ALA A 71 59.96 27.14 -19.66
CA ALA A 71 59.02 27.99 -18.96
C ALA A 71 59.46 29.45 -19.00
N VAL A 72 60.70 29.73 -18.64
CA VAL A 72 61.17 31.11 -18.58
C VAL A 72 61.16 31.72 -19.98
N ARG A 73 61.65 30.96 -20.97
CA ARG A 73 61.66 31.46 -22.34
C ARG A 73 60.24 31.73 -22.83
N TYR A 74 59.33 30.78 -22.60
CA TYR A 74 57.96 30.95 -23.07
C TYR A 74 57.29 32.12 -22.37
N HIS A 75 57.45 32.21 -21.05
CA HIS A 75 56.85 33.31 -20.31
C HIS A 75 57.43 34.65 -20.74
N GLU A 76 58.75 34.70 -20.97
CA GLU A 76 59.39 35.95 -21.38
C GLU A 76 58.91 36.40 -22.76
N ASN A 77 58.45 35.49 -23.60
CA ASN A 77 58.00 35.82 -24.94
C ASN A 77 56.50 36.03 -25.04
N SER A 78 55.77 35.91 -23.94
CA SER A 78 54.34 36.19 -23.97
C SER A 78 54.11 37.69 -24.06
N LEU A 79 52.95 38.06 -24.59
CA LEU A 79 52.65 39.45 -24.93
C LEU A 79 51.77 40.06 -23.85
N THR A 80 52.22 41.16 -23.27
CA THR A 80 51.37 41.98 -22.42
C THR A 80 50.54 42.91 -23.30
N MET A 81 49.35 43.25 -22.83
CA MET A 81 48.46 44.09 -23.63
C MET A 81 49.04 45.47 -23.87
N ASP A 82 49.98 45.91 -23.04
CA ASP A 82 50.65 47.19 -23.22
C ASP A 82 51.94 47.08 -24.02
N SER A 83 52.32 45.89 -24.44
CA SER A 83 53.59 45.71 -25.14
C SER A 83 53.52 46.34 -26.53
N PRO A 84 54.66 46.73 -27.08
CA PRO A 84 54.67 47.25 -28.46
C PRO A 84 54.21 46.24 -29.48
N HIS A 85 54.37 44.94 -29.23
CA HIS A 85 53.97 43.94 -30.20
C HIS A 85 52.48 44.04 -30.51
N VAL A 86 51.65 44.17 -29.48
CA VAL A 86 50.22 44.28 -29.71
C VAL A 86 49.91 45.52 -30.54
N GLN A 87 50.65 46.61 -30.31
CA GLN A 87 50.47 47.81 -31.10
C GLN A 87 50.78 47.55 -32.57
N ARG A 88 51.81 46.74 -32.84
CA ARG A 88 52.14 46.40 -34.21
C ARG A 88 51.00 45.66 -34.89
N LEU A 89 50.37 44.72 -34.17
CA LEU A 89 49.21 44.03 -34.72
C LEU A 89 48.07 45.00 -34.99
N LEU A 90 47.82 45.92 -34.05
CA LEU A 90 46.77 46.90 -34.27
C LEU A 90 47.08 47.78 -35.47
N ASP A 91 48.33 48.24 -35.59
CA ASP A 91 48.70 49.08 -36.72
C ASP A 91 48.58 48.33 -38.03
N ALA A 92 48.97 47.06 -38.04
CA ALA A 92 48.84 46.26 -39.26
C ALA A 92 47.40 46.15 -39.70
N ALA A 93 46.48 45.92 -38.75
CA ALA A 93 45.07 45.86 -39.10
C ALA A 93 44.58 47.20 -39.63
N ARG A 94 44.98 48.29 -38.98
CA ARG A 94 44.58 49.62 -39.44
C ARG A 94 45.12 49.90 -40.84
N ASP A 95 46.43 49.68 -41.03
CA ASP A 95 47.05 50.05 -42.29
C ASP A 95 46.44 49.29 -43.46
N HIS A 96 46.22 47.99 -43.29
CA HIS A 96 45.68 47.16 -44.35
C HIS A 96 44.16 47.10 -44.35
N ASN A 97 43.50 47.74 -43.38
CA ASN A 97 42.04 47.83 -43.35
C ASN A 97 41.40 46.45 -43.33
N ILE A 98 41.97 45.54 -42.54
CA ILE A 98 41.49 44.17 -42.42
C ILE A 98 41.31 43.85 -40.95
N ALA A 99 40.19 43.19 -40.63
CA ALA A 99 39.95 42.73 -39.26
C ALA A 99 40.79 41.49 -38.97
N VAL A 100 41.48 41.49 -37.85
CA VAL A 100 42.40 40.42 -37.49
C VAL A 100 41.92 39.78 -36.19
N VAL A 101 41.89 38.46 -36.17
CA VAL A 101 41.57 37.69 -34.97
C VAL A 101 42.77 36.78 -34.74
N VAL A 102 43.71 37.25 -33.92
CA VAL A 102 44.96 36.55 -33.68
C VAL A 102 44.99 36.08 -32.23
N GLY A 103 45.28 34.80 -32.03
CA GLY A 103 45.39 34.24 -30.70
C GLY A 103 46.81 34.36 -30.19
N ILE A 104 46.95 34.98 -29.01
CA ILE A 104 48.25 35.24 -28.42
C ILE A 104 48.28 34.59 -27.04
N SER A 105 49.48 34.56 -26.45
CA SER A 105 49.67 34.12 -25.08
C SER A 105 49.81 35.37 -24.23
N GLU A 106 48.67 35.91 -23.79
CA GLU A 106 48.70 37.13 -22.99
C GLU A 106 49.43 36.88 -21.68
N ARG A 107 50.15 37.90 -21.22
CA ARG A 107 50.86 37.85 -19.95
C ARG A 107 50.29 38.92 -19.03
N ASP A 108 49.85 38.51 -17.85
CA ASP A 108 49.36 39.43 -16.83
C ASP A 108 50.12 39.13 -15.54
N GLY A 109 50.99 40.04 -15.15
CA GLY A 109 51.85 39.77 -14.01
C GLY A 109 52.71 38.57 -14.31
N GLY A 110 52.61 37.55 -13.45
CA GLY A 110 53.35 36.31 -13.63
C GLY A 110 52.55 35.17 -14.21
N SER A 111 51.32 35.41 -14.65
CA SER A 111 50.46 34.38 -15.19
C SER A 111 50.18 34.64 -16.66
N LEU A 112 49.89 33.56 -17.38
CA LEU A 112 49.62 33.61 -18.81
C LEU A 112 48.19 33.17 -19.08
N TYR A 113 47.62 33.73 -20.14
CA TYR A 113 46.26 33.41 -20.56
C TYR A 113 46.25 33.18 -22.06
N MET A 114 45.34 32.32 -22.50
CA MET A 114 45.26 31.92 -23.91
C MET A 114 44.33 32.90 -24.62
N THR A 115 44.80 34.14 -24.71
CA THR A 115 43.98 35.25 -25.18
C THR A 115 43.76 35.19 -26.68
N GLN A 116 42.62 35.73 -27.12
CA GLN A 116 42.35 36.01 -28.52
C GLN A 116 42.07 37.49 -28.67
N LEU A 117 42.79 38.15 -29.58
CA LEU A 117 42.62 39.57 -29.84
C LEU A 117 41.71 39.76 -31.04
N ILE A 118 40.68 40.59 -30.87
CA ILE A 118 39.79 40.96 -31.97
C ILE A 118 40.14 42.38 -32.37
N ILE A 119 40.62 42.54 -33.60
CA ILE A 119 41.06 43.82 -34.13
C ILE A 119 40.22 44.14 -35.35
N ASP A 120 39.64 45.33 -35.39
CA ASP A 120 38.79 45.72 -36.49
C ASP A 120 39.58 46.47 -37.55
N ALA A 121 38.92 46.76 -38.67
CA ALA A 121 39.57 47.48 -39.76
C ALA A 121 40.02 48.88 -39.35
N ASP A 122 39.45 49.43 -38.28
CA ASP A 122 39.86 50.73 -37.78
C ASP A 122 41.09 50.66 -36.89
N GLY A 123 41.63 49.46 -36.65
CA GLY A 123 42.84 49.33 -35.88
C GLY A 123 42.66 49.36 -34.38
N GLN A 124 41.43 49.25 -33.90
CA GLN A 124 41.15 49.31 -32.48
C GLN A 124 40.93 47.90 -31.93
N LEU A 125 41.33 47.69 -30.68
CA LEU A 125 41.17 46.40 -30.03
C LEU A 125 39.70 46.21 -29.67
N VAL A 126 38.98 45.50 -30.53
CA VAL A 126 37.56 45.29 -30.29
C VAL A 126 37.34 44.49 -29.01
N ALA A 127 38.14 43.44 -28.81
CA ALA A 127 37.96 42.59 -27.65
C ALA A 127 39.24 41.84 -27.38
N ARG A 128 39.34 41.33 -26.15
CA ARG A 128 40.49 40.56 -25.69
C ARG A 128 39.93 39.47 -24.78
N ARG A 129 39.62 38.32 -25.36
CA ARG A 129 38.97 37.24 -24.63
C ARG A 129 39.97 36.15 -24.27
N ARG A 130 39.85 35.64 -23.05
CA ARG A 130 40.70 34.58 -22.56
C ARG A 130 39.96 33.25 -22.57
N LYS A 131 40.69 32.17 -22.81
CA LYS A 131 40.08 30.85 -22.81
C LYS A 131 39.48 30.57 -21.44
N LEU A 132 38.24 30.08 -21.43
CA LEU A 132 37.54 29.89 -20.18
C LEU A 132 38.13 28.73 -19.37
N LYS A 133 38.61 27.70 -20.05
CA LYS A 133 39.10 26.50 -19.37
C LYS A 133 40.14 25.81 -20.24
N PRO A 134 41.42 25.91 -19.94
CA PRO A 134 42.44 25.23 -20.75
C PRO A 134 42.34 23.72 -20.64
N THR A 135 42.86 23.04 -21.65
CA THR A 135 42.82 21.58 -21.69
C THR A 135 43.71 21.01 -20.60
N HIS A 136 43.53 19.71 -20.33
CA HIS A 136 43.84 19.18 -19.00
C HIS A 136 45.27 19.49 -18.58
N VAL A 137 46.23 19.44 -19.50
CA VAL A 137 47.60 19.78 -19.12
C VAL A 137 47.92 21.26 -19.32
N GLU A 138 47.22 21.94 -20.23
CA GLU A 138 47.45 23.37 -20.40
C GLU A 138 47.11 24.15 -19.15
N ARG A 139 46.33 23.56 -18.23
CA ARG A 139 45.94 24.26 -17.02
C ARG A 139 47.14 24.52 -16.11
N SER A 140 48.25 23.83 -16.35
CA SER A 140 49.47 24.14 -15.60
C SER A 140 50.13 25.42 -16.10
N VAL A 141 50.00 25.71 -17.39
CA VAL A 141 50.66 26.87 -17.99
C VAL A 141 49.78 28.10 -17.92
N TYR A 142 48.49 27.96 -18.25
CA TYR A 142 47.60 29.09 -18.43
C TYR A 142 46.58 29.21 -17.32
N GLY A 143 46.03 30.41 -17.19
CA GLY A 143 44.96 30.68 -16.25
C GLY A 143 43.60 30.47 -16.86
N GLU A 144 42.59 31.03 -16.21
CA GLU A 144 41.20 30.82 -16.60
C GLU A 144 40.53 32.15 -16.86
N GLY A 145 39.70 32.19 -17.90
CA GLY A 145 38.87 33.35 -18.16
C GLY A 145 37.63 33.34 -17.30
N ASN A 146 36.70 34.22 -17.64
CA ASN A 146 35.44 34.34 -16.92
C ASN A 146 34.33 34.54 -17.93
N GLY A 147 33.13 34.86 -17.43
CA GLY A 147 31.98 34.96 -18.30
C GLY A 147 32.10 36.06 -19.34
N SER A 148 32.81 37.14 -19.01
CA SER A 148 32.97 38.21 -19.96
C SER A 148 33.77 37.78 -21.18
N ASP A 149 34.48 36.66 -21.09
CA ASP A 149 35.27 36.16 -22.20
C ASP A 149 34.45 35.40 -23.22
N ILE A 150 33.18 35.13 -22.94
CA ILE A 150 32.26 34.53 -23.90
C ILE A 150 31.37 35.66 -24.39
N SER A 151 31.64 36.16 -25.60
CA SER A 151 30.86 37.25 -26.14
C SER A 151 30.91 37.21 -27.66
N VAL A 152 29.94 37.88 -28.26
CA VAL A 152 29.84 38.03 -29.71
C VAL A 152 29.90 39.51 -30.02
N TYR A 153 30.77 39.87 -30.96
CA TYR A 153 31.08 41.26 -31.25
C TYR A 153 30.48 41.66 -32.59
N ASP A 154 29.81 42.80 -32.62
CA ASP A 154 29.10 43.27 -33.81
C ASP A 154 30.10 44.03 -34.69
N MET A 155 30.89 43.26 -35.44
CA MET A 155 31.78 43.85 -36.41
C MET A 155 30.98 44.46 -37.55
N PRO A 156 31.56 45.42 -38.28
CA PRO A 156 30.81 46.04 -39.39
C PRO A 156 30.34 45.04 -40.43
N PHE A 157 31.07 43.94 -40.61
CA PHE A 157 30.73 42.98 -41.65
C PHE A 157 29.82 41.85 -41.15
N ALA A 158 29.97 41.44 -39.90
CA ALA A 158 29.15 40.37 -39.35
C ALA A 158 29.33 40.35 -37.84
N ARG A 159 28.47 39.58 -37.17
CA ARG A 159 28.60 39.36 -35.74
C ARG A 159 29.61 38.25 -35.51
N LEU A 160 30.76 38.60 -34.96
CA LEU A 160 31.91 37.71 -34.89
C LEU A 160 32.05 37.14 -33.49
N GLY A 161 32.39 35.85 -33.41
CA GLY A 161 32.78 35.23 -32.17
C GLY A 161 34.06 34.46 -32.37
N ALA A 162 34.70 34.12 -31.25
CA ALA A 162 35.97 33.42 -31.29
C ALA A 162 36.10 32.51 -30.08
N LEU A 163 36.48 31.27 -30.34
CA LEU A 163 36.74 30.30 -29.28
C LEU A 163 38.04 29.58 -29.61
N ASN A 164 38.65 29.00 -28.59
CA ASN A 164 39.95 28.37 -28.73
C ASN A 164 39.79 26.85 -28.81
N CYS A 165 40.93 26.16 -28.82
CA CYS A 165 40.94 24.72 -28.91
C CYS A 165 40.13 24.09 -27.78
N TRP A 166 39.24 23.17 -28.15
CA TRP A 166 38.48 22.38 -27.19
C TRP A 166 37.57 23.25 -26.33
N GLU A 167 37.36 24.49 -26.74
CA GLU A 167 36.19 25.24 -26.31
C GLU A 167 34.97 24.89 -27.16
N HIS A 168 35.18 24.18 -28.26
CA HIS A 168 34.09 23.67 -29.08
C HIS A 168 33.53 22.37 -28.57
N PHE A 169 34.11 21.81 -27.51
CA PHE A 169 33.56 20.65 -26.84
C PHE A 169 32.68 21.02 -25.66
N GLN A 170 32.58 22.32 -25.34
CA GLN A 170 31.75 22.78 -24.24
C GLN A 170 30.33 22.98 -24.75
N THR A 171 29.41 22.13 -24.30
CA THR A 171 28.04 22.24 -24.77
C THR A 171 27.43 23.58 -24.35
N LEU A 172 27.71 24.03 -23.13
CA LEU A 172 27.09 25.25 -22.64
C LEU A 172 27.74 26.49 -23.23
N THR A 173 29.06 26.46 -23.43
CA THR A 173 29.72 27.59 -24.07
C THR A 173 29.22 27.79 -25.48
N LYS A 174 29.00 26.69 -26.21
CA LYS A 174 28.44 26.79 -27.55
C LYS A 174 27.06 27.42 -27.51
N TYR A 175 26.21 26.98 -26.59
CA TYR A 175 24.86 27.52 -26.52
C TYR A 175 24.89 29.00 -26.18
N ALA A 176 25.78 29.41 -25.28
CA ALA A 176 25.92 30.82 -24.98
C ALA A 176 26.27 31.62 -26.23
N MET A 177 27.19 31.09 -27.04
CA MET A 177 27.56 31.76 -28.27
C MET A 177 26.41 31.76 -29.28
N TYR A 178 25.68 30.65 -29.38
CA TYR A 178 24.51 30.62 -30.25
C TYR A 178 23.46 31.62 -29.79
N SER A 179 23.26 31.73 -28.48
CA SER A 179 22.24 32.62 -27.95
C SER A 179 22.53 34.08 -28.27
N MET A 180 23.77 34.42 -28.57
CA MET A 180 24.14 35.78 -28.89
C MET A 180 24.14 36.06 -30.39
N HIS A 181 23.72 35.09 -31.20
CA HIS A 181 23.46 35.29 -32.62
C HIS A 181 24.73 35.68 -33.38
N GLU A 182 25.73 34.81 -33.29
CA GLU A 182 26.93 34.95 -34.10
C GLU A 182 26.73 34.24 -35.42
N GLN A 183 27.23 34.85 -36.50
CA GLN A 183 27.23 34.22 -37.80
C GLN A 183 28.60 34.09 -38.46
N VAL A 184 29.66 34.57 -37.83
CA VAL A 184 31.02 34.24 -38.27
C VAL A 184 31.80 33.83 -37.02
N HIS A 185 32.38 32.63 -37.05
CA HIS A 185 33.10 32.09 -35.92
C HIS A 185 34.54 31.81 -36.33
N VAL A 186 35.47 32.18 -35.46
CA VAL A 186 36.90 31.92 -35.67
C VAL A 186 37.30 30.86 -34.65
N ALA A 187 37.68 29.69 -35.15
CA ALA A 187 38.06 28.56 -34.31
C ALA A 187 39.57 28.40 -34.38
N SER A 188 40.27 28.89 -33.36
CA SER A 188 41.72 28.81 -33.32
C SER A 188 42.14 27.48 -32.74
N TRP A 189 43.07 26.81 -33.40
CA TRP A 189 43.57 25.51 -33.00
C TRP A 189 45.09 25.49 -33.02
N PRO A 190 45.71 24.60 -32.25
CA PRO A 190 47.13 24.33 -32.45
C PRO A 190 47.33 23.16 -33.42
N GLY A 191 48.58 22.82 -33.69
CA GLY A 191 48.83 21.61 -34.48
C GLY A 191 48.38 20.39 -33.71
N MET A 192 47.35 19.72 -34.21
CA MET A 192 46.74 18.59 -33.50
C MET A 192 47.32 17.29 -34.02
N SER A 193 48.61 17.08 -33.71
CA SER A 193 49.31 15.85 -34.02
C SER A 193 49.79 15.13 -32.77
N LEU A 194 49.42 15.63 -31.60
CA LEU A 194 49.93 15.08 -30.35
C LEU A 194 49.42 13.66 -30.13
N TYR A 195 50.31 12.79 -29.67
CA TYR A 195 49.94 11.44 -29.23
C TYR A 195 49.07 10.75 -30.27
N GLN A 196 49.39 10.97 -31.55
CA GLN A 196 48.40 10.67 -32.60
C GLN A 196 48.04 9.20 -32.65
N PRO A 197 48.97 8.24 -32.66
CA PRO A 197 48.55 6.83 -32.74
C PRO A 197 47.66 6.40 -31.59
N GLU A 198 47.92 6.90 -30.37
CA GLU A 198 47.30 6.36 -29.17
C GLU A 198 46.03 7.09 -28.75
N VAL A 199 45.96 8.40 -28.95
CA VAL A 199 44.81 9.18 -28.49
C VAL A 199 44.05 9.70 -29.71
N PRO A 200 43.03 8.98 -30.20
CA PRO A 200 42.31 9.47 -31.38
C PRO A 200 41.64 10.80 -31.16
N ALA A 201 41.28 11.13 -29.91
CA ALA A 201 40.60 12.38 -29.63
C ALA A 201 41.44 13.59 -30.03
N PHE A 202 42.76 13.42 -30.16
CA PHE A 202 43.65 14.51 -30.52
C PHE A 202 43.93 14.57 -32.01
N GLY A 203 43.35 13.68 -32.82
CA GLY A 203 43.57 13.71 -34.25
C GLY A 203 42.75 14.81 -34.92
N VAL A 204 43.27 15.31 -36.04
CA VAL A 204 42.59 16.39 -36.75
C VAL A 204 41.22 15.92 -37.18
N ASP A 205 41.05 14.61 -37.33
CA ASP A 205 39.73 14.07 -37.64
C ASP A 205 38.73 14.39 -36.53
N ALA A 206 39.16 14.22 -35.27
CA ALA A 206 38.27 14.52 -34.15
C ALA A 206 37.98 16.00 -34.05
N GLN A 207 38.98 16.84 -34.31
CA GLN A 207 38.79 18.29 -34.20
C GLN A 207 38.06 18.85 -35.40
N LEU A 208 38.00 18.12 -36.52
CA LEU A 208 37.24 18.59 -37.65
C LEU A 208 35.75 18.42 -37.41
N THR A 209 35.35 17.33 -36.74
CA THR A 209 33.95 17.17 -36.38
C THR A 209 33.51 18.26 -35.41
N ALA A 210 34.39 18.62 -34.47
CA ALA A 210 34.05 19.67 -33.51
C ALA A 210 33.75 20.98 -34.23
N THR A 211 34.63 21.38 -35.14
CA THR A 211 34.40 22.62 -35.88
C THR A 211 33.22 22.47 -36.85
N ARG A 212 33.13 21.33 -37.53
CA ARG A 212 32.02 21.13 -38.45
C ARG A 212 30.70 21.11 -37.71
N MET A 213 30.64 20.44 -36.56
CA MET A 213 29.41 20.41 -35.79
C MET A 213 29.04 21.79 -35.28
N TYR A 214 30.04 22.61 -34.96
CA TYR A 214 29.76 23.96 -34.50
C TYR A 214 29.00 24.75 -35.56
N ALA A 215 29.43 24.64 -36.81
CA ALA A 215 28.72 25.32 -37.90
C ALA A 215 27.34 24.74 -38.08
N LEU A 216 27.23 23.42 -38.08
CA LEU A 216 25.93 22.77 -38.28
C LEU A 216 24.99 23.08 -37.12
N GLU A 217 25.48 22.96 -35.89
CA GLU A 217 24.62 23.09 -34.72
C GLU A 217 24.14 24.52 -34.55
N GLY A 218 25.01 25.50 -34.75
CA GLY A 218 24.69 26.89 -34.58
C GLY A 218 24.45 27.68 -35.84
N GLN A 219 24.43 27.03 -37.01
CA GLN A 219 24.26 27.70 -38.29
C GLN A 219 25.18 28.92 -38.38
N THR A 220 26.47 28.63 -38.33
CA THR A 220 27.51 29.65 -38.28
C THR A 220 28.51 29.40 -39.39
N PHE A 221 29.12 30.47 -39.88
CA PHE A 221 30.31 30.35 -40.71
C PHE A 221 31.52 30.20 -39.79
N VAL A 222 32.18 29.06 -39.87
CA VAL A 222 33.32 28.76 -39.01
C VAL A 222 34.59 28.96 -39.82
N VAL A 223 35.50 29.77 -39.29
CA VAL A 223 36.79 30.00 -39.91
C VAL A 223 37.85 29.32 -39.05
N CYS A 224 38.17 28.07 -39.39
CA CYS A 224 39.10 27.29 -38.59
C CYS A 224 40.53 27.58 -39.01
N THR A 225 41.37 27.92 -38.04
CA THR A 225 42.77 28.19 -38.27
C THR A 225 43.60 27.32 -37.33
N THR A 226 44.79 26.95 -37.76
CA THR A 226 45.56 25.95 -37.05
C THR A 226 47.05 26.22 -37.20
N GLN A 227 47.82 25.72 -36.24
CA GLN A 227 49.27 25.67 -36.33
C GLN A 227 49.69 24.35 -36.93
N VAL A 228 50.88 24.33 -37.52
CA VAL A 228 51.42 23.13 -38.14
C VAL A 228 52.68 22.72 -37.40
N VAL A 229 52.79 21.43 -37.09
CA VAL A 229 53.98 20.89 -36.47
C VAL A 229 54.93 20.43 -37.56
N THR A 230 55.83 21.29 -37.97
CA THR A 230 56.77 21.02 -39.04
C THR A 230 58.09 20.55 -38.45
N PRO A 231 59.06 20.17 -39.29
CA PRO A 231 60.36 19.75 -38.75
C PRO A 231 61.03 20.81 -37.90
N GLU A 232 60.81 22.10 -38.20
CA GLU A 232 61.38 23.15 -37.36
C GLU A 232 60.91 23.01 -35.92
N ALA A 233 59.67 22.56 -35.73
CA ALA A 233 59.18 22.31 -34.38
C ALA A 233 59.95 21.18 -33.71
N HIS A 234 60.27 20.12 -34.46
CA HIS A 234 60.97 18.99 -33.88
C HIS A 234 62.33 19.41 -33.34
N GLU A 235 63.06 20.24 -34.09
CA GLU A 235 64.35 20.72 -33.64
C GLU A 235 64.25 21.60 -32.41
N PHE A 236 63.05 22.06 -32.06
CA PHE A 236 62.84 22.93 -30.91
C PHE A 236 62.42 22.14 -29.67
N PHE A 237 61.39 21.30 -29.78
CA PHE A 237 60.85 20.59 -28.64
C PHE A 237 61.48 19.21 -28.45
N CYS A 238 61.60 18.44 -29.52
CA CYS A 238 62.01 17.05 -29.43
C CYS A 238 63.50 16.94 -29.16
N GLU A 239 63.86 16.12 -28.18
CA GLU A 239 65.25 15.85 -27.86
C GLU A 239 65.68 14.43 -28.17
N ASN A 240 64.75 13.54 -28.51
CA ASN A 240 65.07 12.17 -28.86
C ASN A 240 63.95 11.61 -29.72
N GLU A 241 64.10 10.34 -30.11
CA GLU A 241 63.14 9.73 -31.01
C GLU A 241 61.76 9.61 -30.38
N GLU A 242 61.70 9.27 -29.09
CA GLU A 242 60.41 9.10 -28.43
C GLU A 242 59.61 10.39 -28.45
N GLN A 243 60.27 11.52 -28.16
CA GLN A 243 59.56 12.79 -28.13
C GLN A 243 59.07 13.18 -29.53
N ARG A 244 59.80 12.81 -30.57
CA ARG A 244 59.34 13.09 -31.92
C ARG A 244 58.07 12.31 -32.24
N LYS A 245 57.99 11.07 -31.75
CA LYS A 245 56.75 10.31 -31.92
C LYS A 245 55.59 10.98 -31.20
N LEU A 246 55.84 11.53 -30.01
CA LEU A 246 54.77 12.18 -29.25
C LEU A 246 54.22 13.39 -30.00
N ILE A 247 55.11 14.29 -30.43
CA ILE A 247 54.65 15.53 -31.05
C ILE A 247 54.11 15.30 -32.45
N GLY A 248 54.32 14.13 -33.04
CA GLY A 248 53.81 13.87 -34.36
C GLY A 248 54.41 14.83 -35.37
N ARG A 249 53.65 15.08 -36.43
CA ARG A 249 54.08 16.02 -37.46
C ARG A 249 52.87 16.41 -38.30
N GLY A 250 52.85 17.67 -38.72
CA GLY A 250 51.71 18.21 -39.44
C GLY A 250 50.64 18.73 -38.51
N GLY A 251 49.42 18.21 -38.64
CA GLY A 251 48.35 18.55 -37.74
C GLY A 251 47.53 19.76 -38.13
N GLY A 252 47.90 20.45 -39.20
CA GLY A 252 47.13 21.61 -39.61
C GLY A 252 45.87 21.23 -40.37
N PHE A 253 44.75 21.79 -39.94
CA PHE A 253 43.48 21.50 -40.59
C PHE A 253 42.62 22.75 -40.73
N ALA A 254 43.23 23.86 -41.16
CA ALA A 254 42.45 25.09 -41.36
C ALA A 254 41.36 24.84 -42.40
N ARG A 255 40.16 25.31 -42.09
CA ARG A 255 38.99 25.12 -42.94
C ARG A 255 38.16 26.39 -42.92
N ILE A 256 37.21 26.46 -43.84
CA ILE A 256 36.14 27.44 -43.80
C ILE A 256 34.84 26.67 -44.03
N ILE A 257 34.01 26.59 -43.00
CA ILE A 257 32.82 25.75 -43.00
C ILE A 257 31.60 26.66 -43.09
N GLY A 258 30.66 26.30 -43.95
CA GLY A 258 29.42 27.01 -44.06
C GLY A 258 28.42 26.55 -43.03
N PRO A 259 27.28 27.25 -42.96
CA PRO A 259 26.26 26.88 -41.97
C PRO A 259 25.74 25.47 -42.14
N ASP A 260 25.86 24.90 -43.33
CA ASP A 260 25.43 23.54 -43.61
C ASP A 260 26.54 22.52 -43.39
N GLY A 261 27.69 22.95 -42.88
CA GLY A 261 28.79 22.04 -42.61
C GLY A 261 29.68 21.75 -43.79
N ARG A 262 29.38 22.29 -44.96
CA ARG A 262 30.20 22.06 -46.15
C ARG A 262 31.36 23.04 -46.18
N ASP A 263 32.53 22.55 -46.58
CA ASP A 263 33.71 23.40 -46.66
C ASP A 263 33.61 24.35 -47.83
N LEU A 264 33.93 25.62 -47.59
CA LEU A 264 33.89 26.64 -48.62
C LEU A 264 35.24 26.86 -49.30
N ALA A 265 36.30 26.21 -48.82
CA ALA A 265 37.62 26.35 -49.40
C ALA A 265 38.27 24.98 -49.45
N THR A 266 39.11 24.78 -50.46
CA THR A 266 39.82 23.51 -50.58
C THR A 266 40.86 23.42 -49.49
N PRO A 267 40.81 22.41 -48.62
CA PRO A 267 41.77 22.33 -47.52
C PRO A 267 43.18 22.08 -48.01
N LEU A 268 44.16 22.60 -47.26
CA LEU A 268 45.55 22.32 -47.54
C LEU A 268 45.93 20.96 -46.95
N ALA A 269 47.21 20.62 -47.02
CA ALA A 269 47.69 19.38 -46.46
C ALA A 269 47.95 19.54 -44.96
N GLU A 270 47.94 18.41 -44.26
CA GLU A 270 48.17 18.44 -42.82
C GLU A 270 49.55 18.98 -42.48
N ASP A 271 50.48 18.99 -43.43
CA ASP A 271 51.82 19.50 -43.23
C ASP A 271 52.10 20.78 -43.99
N GLU A 272 51.26 21.14 -44.95
CA GLU A 272 51.49 22.34 -45.74
C GLU A 272 51.10 23.59 -44.97
N GLU A 273 51.55 24.73 -45.48
CA GLU A 273 51.27 26.03 -44.88
C GLU A 273 50.66 26.94 -45.93
N GLY A 274 49.85 27.89 -45.49
CA GLY A 274 49.24 28.82 -46.41
C GLY A 274 48.07 29.53 -45.76
N ILE A 275 47.30 30.20 -46.63
CA ILE A 275 46.11 30.94 -46.21
C ILE A 275 44.96 30.51 -47.12
N LEU A 276 43.84 30.14 -46.52
CA LEU A 276 42.64 29.82 -47.25
C LEU A 276 41.80 31.08 -47.48
N TYR A 277 40.93 31.01 -48.47
CA TYR A 277 40.05 32.12 -48.80
C TYR A 277 38.68 31.57 -49.17
N ALA A 278 37.64 32.34 -48.85
CA ALA A 278 36.28 31.96 -49.19
C ALA A 278 35.41 33.20 -49.17
N ASP A 279 34.28 33.10 -49.88
CA ASP A 279 33.29 34.17 -49.92
C ASP A 279 32.13 33.81 -49.00
N ILE A 280 31.83 34.72 -48.08
CA ILE A 280 30.82 34.49 -47.06
C ILE A 280 29.57 35.27 -47.44
N ASP A 281 28.47 34.56 -47.70
CA ASP A 281 27.17 35.17 -47.92
C ASP A 281 26.28 34.83 -46.74
N LEU A 282 25.95 35.84 -45.93
CA LEU A 282 25.18 35.59 -44.72
C LEU A 282 23.78 35.08 -45.02
N SER A 283 23.28 35.31 -46.23
CA SER A 283 21.97 34.76 -46.59
C SER A 283 21.97 33.24 -46.59
N ALA A 284 23.15 32.62 -46.66
CA ALA A 284 23.22 31.17 -46.59
C ALA A 284 22.75 30.65 -45.24
N ILE A 285 22.80 31.49 -44.21
CA ILE A 285 22.39 31.07 -42.88
C ILE A 285 20.88 30.97 -42.78
N THR A 286 20.18 31.98 -43.30
CA THR A 286 18.72 31.95 -43.21
C THR A 286 18.17 30.71 -43.91
N LEU A 287 18.94 30.12 -44.82
CA LEU A 287 18.57 28.82 -45.36
C LEU A 287 18.78 27.72 -44.33
N ALA A 288 19.94 27.74 -43.65
CA ALA A 288 20.23 26.70 -42.68
C ALA A 288 19.30 26.79 -41.48
N LYS A 289 18.95 28.01 -41.07
CA LYS A 289 18.10 28.18 -39.91
C LYS A 289 16.66 27.80 -40.17
N GLN A 290 16.30 27.50 -41.43
CA GLN A 290 14.99 26.90 -41.68
C GLN A 290 14.90 25.54 -41.02
N ALA A 291 15.98 24.76 -41.06
CA ALA A 291 15.94 23.39 -40.55
C ALA A 291 16.20 23.36 -39.05
N ALA A 292 17.23 24.06 -38.58
CA ALA A 292 17.65 24.03 -37.19
C ALA A 292 17.84 25.43 -36.64
N ASP A 293 17.53 25.59 -35.36
CA ASP A 293 17.77 26.85 -34.67
C ASP A 293 17.77 26.59 -33.17
N PRO A 294 18.91 26.24 -32.57
CA PRO A 294 18.89 25.76 -31.19
C PRO A 294 18.32 26.77 -30.20
N VAL A 295 18.56 28.06 -30.43
CA VAL A 295 18.09 29.09 -29.51
C VAL A 295 16.80 29.73 -30.01
N GLY A 296 16.24 29.24 -31.11
CA GLY A 296 15.04 29.80 -31.68
C GLY A 296 13.86 28.87 -31.57
N HIS A 297 13.54 28.16 -32.66
CA HIS A 297 12.33 27.35 -32.69
C HIS A 297 12.58 25.89 -32.30
N TYR A 298 13.83 25.48 -32.07
CA TYR A 298 14.11 24.21 -31.41
C TYR A 298 14.32 24.35 -29.91
N SER A 299 14.31 25.56 -29.39
CA SER A 299 14.43 25.76 -27.96
C SER A 299 13.14 25.32 -27.28
N ARG A 300 13.30 24.72 -26.11
CA ARG A 300 12.18 24.39 -25.23
C ARG A 300 12.51 24.95 -23.85
N PRO A 301 12.51 26.27 -23.71
CA PRO A 301 12.93 26.87 -22.44
C PRO A 301 12.08 26.48 -21.26
N ASP A 302 10.86 25.98 -21.51
CA ASP A 302 10.08 25.38 -20.43
C ASP A 302 10.75 24.11 -19.90
N VAL A 303 11.63 23.50 -20.69
CA VAL A 303 12.31 22.27 -20.30
C VAL A 303 13.76 22.53 -19.97
N LEU A 304 14.50 23.17 -20.88
CA LEU A 304 15.93 23.38 -20.74
C LEU A 304 16.26 24.83 -21.00
N SER A 305 16.96 25.46 -20.04
CA SER A 305 17.40 26.83 -20.18
C SER A 305 18.86 26.92 -19.74
N LEU A 306 19.48 28.05 -20.03
CA LEU A 306 20.88 28.29 -19.71
C LEU A 306 20.99 29.44 -18.72
N ASN A 307 21.79 29.24 -17.68
CA ASN A 307 22.17 30.31 -16.76
C ASN A 307 23.55 30.80 -17.17
N PHE A 308 23.61 32.01 -17.70
CA PHE A 308 24.85 32.57 -18.23
C PHE A 308 25.24 33.77 -17.37
N ASN A 309 26.35 33.64 -16.65
CA ASN A 309 26.85 34.70 -15.78
C ASN A 309 27.98 35.40 -16.51
N GLN A 310 27.65 36.50 -17.18
CA GLN A 310 28.60 37.22 -18.03
C GLN A 310 29.29 38.36 -17.30
N ARG A 311 29.45 38.27 -15.99
CA ARG A 311 30.11 39.30 -15.21
C ARG A 311 31.59 38.99 -15.10
N ARG A 312 32.43 40.02 -15.26
CA ARG A 312 33.86 39.85 -15.17
C ARG A 312 34.31 39.95 -13.71
N THR A 313 34.98 38.91 -13.23
CA THR A 313 35.43 38.83 -11.85
C THR A 313 36.93 39.04 -11.80
N THR A 314 37.39 39.84 -10.85
CA THR A 314 38.80 40.13 -10.70
C THR A 314 39.26 39.82 -9.28
N PRO A 315 40.53 39.48 -9.08
CA PRO A 315 40.99 39.15 -7.72
C PRO A 315 40.84 40.30 -6.74
N VAL A 316 41.00 41.54 -7.19
CA VAL A 316 40.83 42.73 -6.36
C VAL A 316 39.75 43.59 -6.98
N ASN A 317 38.77 43.98 -6.16
CA ASN A 317 37.62 44.74 -6.64
C ASN A 317 37.67 46.21 -6.23
N THR A 318 38.79 46.69 -5.71
CA THR A 318 38.91 48.08 -5.32
C THR A 318 37.87 48.45 -4.28
N VAL B 2 28.56 5.82 -13.20
CA VAL B 2 28.99 5.37 -11.84
C VAL B 2 30.20 4.46 -11.95
N GLU B 3 30.01 3.29 -12.59
CA GLU B 3 31.07 2.30 -12.73
C GLU B 3 31.41 2.15 -14.21
N TYR B 4 32.70 2.17 -14.52
CA TYR B 4 33.17 2.13 -15.90
C TYR B 4 34.06 0.92 -16.16
N THR B 5 33.62 -0.26 -15.70
CA THR B 5 34.42 -1.47 -15.83
C THR B 5 33.78 -2.55 -16.69
N ASN B 6 32.47 -2.51 -16.91
CA ASN B 6 31.80 -3.62 -17.57
C ASN B 6 32.22 -3.71 -19.03
N THR B 7 31.95 -4.87 -19.63
CA THR B 7 32.22 -5.15 -21.03
C THR B 7 31.08 -5.96 -21.59
N PHE B 8 30.66 -5.65 -22.82
CA PHE B 8 29.53 -6.32 -23.43
C PHE B 8 29.58 -6.11 -24.93
N LYS B 9 28.62 -6.71 -25.63
CA LYS B 9 28.54 -6.65 -27.09
C LYS B 9 27.19 -6.04 -27.47
N VAL B 10 27.21 -5.10 -28.41
CA VAL B 10 26.03 -4.37 -28.83
C VAL B 10 25.89 -4.44 -30.34
N ALA B 11 24.66 -4.25 -30.81
CA ALA B 11 24.35 -4.33 -32.23
C ALA B 11 23.58 -3.09 -32.69
N ALA B 12 23.94 -2.59 -33.86
CA ALA B 12 23.25 -1.47 -34.49
C ALA B 12 22.61 -1.95 -35.77
N VAL B 13 21.30 -1.77 -35.89
CA VAL B 13 20.53 -2.30 -37.01
C VAL B 13 20.35 -1.21 -38.06
N GLN B 14 20.75 -1.52 -39.29
CA GLN B 14 20.51 -0.66 -40.44
C GLN B 14 19.48 -1.37 -41.31
N ALA B 15 18.20 -1.13 -41.01
CA ALA B 15 17.12 -1.87 -41.62
C ALA B 15 16.11 -0.92 -42.23
N GLN B 16 15.44 -1.40 -43.28
CA GLN B 16 14.37 -0.66 -43.93
C GLN B 16 13.07 -1.39 -43.64
N PRO B 17 12.05 -0.72 -43.09
CA PRO B 17 10.86 -1.42 -42.63
C PRO B 17 9.90 -1.74 -43.76
N VAL B 18 8.91 -2.57 -43.45
CA VAL B 18 7.78 -2.78 -44.34
C VAL B 18 6.93 -1.52 -44.26
N TRP B 19 7.01 -0.68 -45.29
CA TRP B 19 6.55 0.69 -45.18
C TRP B 19 5.08 0.76 -44.77
N PHE B 20 4.83 1.42 -43.65
CA PHE B 20 3.49 1.62 -43.11
C PHE B 20 2.76 0.28 -42.98
N ASP B 21 3.40 -0.66 -42.28
CA ASP B 21 2.78 -1.93 -41.94
C ASP B 21 3.34 -2.37 -40.60
N ALA B 22 2.55 -2.18 -39.54
CA ALA B 22 3.04 -2.47 -38.19
C ALA B 22 3.30 -3.96 -38.01
N ALA B 23 2.34 -4.80 -38.38
CA ALA B 23 2.48 -6.23 -38.15
C ALA B 23 3.67 -6.80 -38.91
N LYS B 24 3.85 -6.40 -40.17
CA LYS B 24 4.98 -6.88 -40.95
C LYS B 24 6.30 -6.41 -40.36
N THR B 25 6.37 -5.14 -39.95
CA THR B 25 7.63 -4.61 -39.44
C THR B 25 7.94 -5.11 -38.04
N VAL B 26 6.91 -5.42 -37.25
CA VAL B 26 7.16 -6.05 -35.95
C VAL B 26 7.77 -7.42 -36.15
N ASP B 27 7.30 -8.17 -37.14
CA ASP B 27 7.93 -9.44 -37.48
C ASP B 27 9.37 -9.23 -37.94
N LYS B 28 9.60 -8.21 -38.77
CA LYS B 28 10.95 -7.90 -39.21
C LYS B 28 11.83 -7.51 -38.02
N THR B 29 11.30 -6.74 -37.08
CA THR B 29 12.06 -6.35 -35.90
C THR B 29 12.40 -7.57 -35.05
N VAL B 30 11.42 -8.46 -34.85
CA VAL B 30 11.67 -9.64 -34.02
C VAL B 30 12.72 -10.54 -34.66
N SER B 31 12.70 -10.63 -35.99
CA SER B 31 13.74 -11.39 -36.68
C SER B 31 15.11 -10.75 -36.45
N ASN B 32 15.19 -9.42 -36.52
CA ASN B 32 16.44 -8.74 -36.24
C ASN B 32 16.86 -8.93 -34.80
N ILE B 33 15.90 -8.90 -33.87
CA ILE B 33 16.23 -9.12 -32.46
C ILE B 33 16.82 -10.50 -32.27
N ALA B 34 16.23 -11.51 -32.91
CA ALA B 34 16.73 -12.87 -32.77
C ALA B 34 18.15 -13.00 -33.32
N GLU B 35 18.41 -12.39 -34.48
CA GLU B 35 19.72 -12.49 -35.10
C GLU B 35 20.79 -11.90 -34.18
N ALA B 36 20.51 -10.73 -33.61
CA ALA B 36 21.49 -10.09 -32.71
C ALA B 36 21.73 -10.94 -31.48
N ALA B 37 20.68 -11.52 -30.91
CA ALA B 37 20.85 -12.36 -29.72
C ALA B 37 21.72 -13.57 -30.01
N ARG B 38 21.58 -14.14 -31.21
CA ARG B 38 22.43 -15.27 -31.59
C ARG B 38 23.90 -14.87 -31.61
N ASN B 39 24.20 -13.68 -32.10
CA ASN B 39 25.56 -13.16 -32.12
C ASN B 39 26.04 -12.75 -30.74
N GLY B 40 25.26 -12.95 -29.69
CA GLY B 40 25.71 -12.69 -28.33
C GLY B 40 25.64 -11.24 -27.89
N CYS B 41 24.84 -10.41 -28.55
CA CYS B 41 24.75 -9.00 -28.22
C CYS B 41 23.80 -8.78 -27.07
N GLU B 42 24.20 -7.94 -26.13
CA GLU B 42 23.37 -7.59 -24.99
C GLU B 42 22.44 -6.42 -25.27
N LEU B 43 22.56 -5.79 -26.44
CA LEU B 43 21.72 -4.65 -26.78
C LEU B 43 21.64 -4.54 -28.30
N VAL B 44 20.41 -4.50 -28.82
CA VAL B 44 20.17 -4.27 -30.24
C VAL B 44 19.32 -3.02 -30.38
N ALA B 45 19.77 -2.10 -31.22
CA ALA B 45 19.10 -0.82 -31.44
C ALA B 45 18.54 -0.77 -32.84
N PHE B 46 17.39 -0.11 -32.99
CA PHE B 46 16.68 -0.04 -34.25
C PHE B 46 16.46 1.41 -34.67
N PRO B 47 16.24 1.66 -35.97
CA PRO B 47 16.17 3.04 -36.45
C PRO B 47 15.01 3.83 -35.87
N GLU B 48 14.93 5.11 -36.24
CA GLU B 48 13.89 5.99 -35.73
C GLU B 48 12.56 5.69 -36.39
N VAL B 49 11.50 5.69 -35.59
CA VAL B 49 10.15 5.43 -36.09
C VAL B 49 10.22 4.23 -37.04
N PHE B 50 10.85 3.16 -36.57
CA PHE B 50 11.13 2.04 -37.45
C PHE B 50 9.88 1.22 -37.75
N ILE B 51 9.03 1.01 -36.76
CA ILE B 51 7.98 0.00 -36.88
C ILE B 51 7.06 0.35 -38.05
N PRO B 52 6.30 1.45 -38.02
CA PRO B 52 5.56 1.82 -39.23
C PRO B 52 6.46 2.37 -40.32
N GLY B 53 7.59 2.95 -39.96
CA GLY B 53 8.50 3.56 -40.89
C GLY B 53 8.39 5.08 -40.88
N TYR B 54 9.48 5.72 -41.26
CA TYR B 54 9.49 7.17 -41.30
C TYR B 54 8.54 7.70 -42.36
N PRO B 55 7.78 8.76 -42.07
CA PRO B 55 6.83 9.29 -43.07
C PRO B 55 7.49 10.25 -44.06
N TYR B 56 8.18 9.69 -45.05
CA TYR B 56 8.82 10.51 -46.06
C TYR B 56 7.81 11.29 -46.90
N HIS B 57 6.54 10.92 -46.86
CA HIS B 57 5.55 11.60 -47.70
C HIS B 57 5.42 13.08 -47.33
N ILE B 58 5.83 13.45 -46.11
CA ILE B 58 5.74 14.84 -45.71
C ILE B 58 6.81 15.67 -46.40
N TRP B 59 7.86 15.03 -46.90
CA TRP B 59 8.98 15.74 -47.51
C TRP B 59 8.89 15.79 -49.03
N VAL B 60 8.18 14.84 -49.64
CA VAL B 60 8.23 14.71 -51.09
C VAL B 60 7.19 15.56 -51.78
N ASP B 61 6.05 15.82 -51.15
CA ASP B 61 4.97 16.55 -51.80
C ASP B 61 4.37 17.54 -50.82
N SER B 62 3.32 18.21 -51.27
CA SER B 62 2.64 19.19 -50.42
C SER B 62 1.87 18.48 -49.31
N PRO B 63 1.52 19.20 -48.24
CA PRO B 63 0.79 18.56 -47.14
C PRO B 63 -0.49 17.89 -47.59
N LEU B 64 -1.20 18.50 -48.54
CA LEU B 64 -2.46 17.92 -49.00
C LEU B 64 -2.24 16.55 -49.63
N ALA B 65 -1.19 16.42 -50.44
CA ALA B 65 -0.90 15.11 -51.04
C ALA B 65 -0.64 14.07 -49.97
N GLY B 66 0.16 14.42 -48.95
CA GLY B 66 0.42 13.48 -47.88
C GLY B 66 -0.82 13.19 -47.05
N MET B 67 -1.59 14.22 -46.71
CA MET B 67 -2.77 14.01 -45.89
C MET B 67 -3.77 13.10 -46.57
N ALA B 68 -4.00 13.31 -47.87
CA ALA B 68 -5.02 12.55 -48.57
C ALA B 68 -4.58 11.11 -48.84
N LYS B 69 -3.28 10.86 -48.97
CA LYS B 69 -2.78 9.57 -49.41
C LYS B 69 -2.25 8.71 -48.27
N PHE B 70 -1.47 9.28 -47.35
CA PHE B 70 -0.75 8.50 -46.36
C PHE B 70 -1.17 8.73 -44.93
N ALA B 71 -1.80 9.86 -44.61
CA ALA B 71 -2.03 10.21 -43.22
C ALA B 71 -2.83 9.13 -42.49
N VAL B 72 -3.97 8.73 -43.05
CA VAL B 72 -4.80 7.75 -42.37
C VAL B 72 -4.08 6.41 -42.28
N ARG B 73 -3.41 6.00 -43.35
CA ARG B 73 -2.68 4.74 -43.31
C ARG B 73 -1.57 4.77 -42.28
N TYR B 74 -0.86 5.90 -42.19
CA TYR B 74 0.19 6.03 -41.18
C TYR B 74 -0.39 6.04 -39.77
N HIS B 75 -1.47 6.79 -39.57
CA HIS B 75 -2.07 6.87 -38.24
C HIS B 75 -2.59 5.52 -37.79
N GLU B 76 -3.20 4.76 -38.70
CA GLU B 76 -3.75 3.46 -38.35
C GLU B 76 -2.67 2.41 -38.14
N ASN B 77 -1.47 2.62 -38.67
CA ASN B 77 -0.36 1.70 -38.50
C ASN B 77 0.58 2.09 -37.37
N SER B 78 0.25 3.14 -36.62
CA SER B 78 1.06 3.55 -35.48
C SER B 78 0.71 2.72 -34.27
N LEU B 79 1.73 2.35 -33.49
CA LEU B 79 1.53 1.47 -32.36
C LEU B 79 0.99 2.23 -31.16
N THR B 80 -0.11 1.74 -30.61
CA THR B 80 -0.51 2.12 -29.27
C THR B 80 0.34 1.37 -28.25
N MET B 81 0.51 1.98 -27.08
CA MET B 81 1.44 1.42 -26.10
C MET B 81 0.98 0.05 -25.63
N ASP B 82 -0.32 -0.14 -25.44
CA ASP B 82 -0.87 -1.39 -24.96
C ASP B 82 -1.23 -2.34 -26.11
N SER B 83 -0.90 -1.99 -27.35
CA SER B 83 -1.26 -2.80 -28.49
C SER B 83 -0.51 -4.14 -28.45
N PRO B 84 -1.05 -5.16 -29.12
CA PRO B 84 -0.34 -6.45 -29.16
C PRO B 84 1.04 -6.35 -29.78
N HIS B 85 1.24 -5.44 -30.73
CA HIS B 85 2.55 -5.32 -31.37
C HIS B 85 3.62 -4.96 -30.34
N VAL B 86 3.33 -4.04 -29.43
CA VAL B 86 4.29 -3.70 -28.39
C VAL B 86 4.56 -4.91 -27.51
N GLN B 87 3.52 -5.69 -27.21
CA GLN B 87 3.71 -6.88 -26.38
C GLN B 87 4.62 -7.88 -27.08
N ARG B 88 4.48 -8.03 -28.39
CA ARG B 88 5.36 -8.94 -29.12
C ARG B 88 6.81 -8.52 -29.03
N LEU B 89 7.08 -7.21 -29.11
CA LEU B 89 8.45 -6.73 -28.93
C LEU B 89 8.96 -7.06 -27.54
N LEU B 90 8.13 -6.87 -26.52
CA LEU B 90 8.53 -7.20 -25.15
C LEU B 90 8.79 -8.69 -25.02
N ASP B 91 7.92 -9.52 -25.60
CA ASP B 91 8.12 -10.96 -25.54
C ASP B 91 9.42 -11.36 -26.23
N ALA B 92 9.71 -10.77 -27.38
CA ALA B 92 10.94 -11.09 -28.10
C ALA B 92 12.15 -10.73 -27.26
N ALA B 93 12.15 -9.57 -26.62
CA ALA B 93 13.26 -9.17 -25.77
C ALA B 93 13.42 -10.14 -24.61
N ARG B 94 12.30 -10.59 -24.03
CA ARG B 94 12.37 -11.55 -22.93
C ARG B 94 12.92 -12.88 -23.39
N ASP B 95 12.36 -13.43 -24.48
CA ASP B 95 12.75 -14.76 -24.92
C ASP B 95 14.22 -14.81 -25.30
N HIS B 96 14.70 -13.81 -26.05
CA HIS B 96 16.07 -13.77 -26.51
C HIS B 96 17.03 -13.15 -25.51
N ASN B 97 16.52 -12.68 -24.38
CA ASN B 97 17.36 -12.15 -23.30
C ASN B 97 18.29 -11.05 -23.80
N ILE B 98 17.75 -10.15 -24.63
CA ILE B 98 18.50 -9.05 -25.20
C ILE B 98 17.73 -7.77 -24.97
N ALA B 99 18.43 -6.72 -24.55
CA ALA B 99 17.82 -5.41 -24.36
C ALA B 99 17.62 -4.74 -25.71
N VAL B 100 16.42 -4.23 -25.94
CA VAL B 100 16.03 -3.67 -27.23
C VAL B 100 15.73 -2.18 -27.06
N VAL B 101 16.16 -1.39 -28.02
CA VAL B 101 15.84 0.04 -28.09
C VAL B 101 15.26 0.27 -29.48
N VAL B 102 13.94 0.19 -29.60
CA VAL B 102 13.25 0.27 -30.88
C VAL B 102 12.48 1.57 -30.92
N GLY B 103 12.63 2.32 -32.01
CA GLY B 103 11.90 3.55 -32.20
C GLY B 103 10.58 3.33 -32.92
N ILE B 104 9.49 3.45 -32.19
CA ILE B 104 8.16 3.25 -32.75
C ILE B 104 7.50 4.61 -32.96
N SER B 105 6.40 4.61 -33.69
CA SER B 105 5.54 5.79 -33.84
C SER B 105 4.38 5.62 -32.89
N GLU B 106 4.58 5.99 -31.63
CA GLU B 106 3.55 5.81 -30.62
C GLU B 106 2.32 6.63 -30.97
N ARG B 107 1.16 6.07 -30.69
CA ARG B 107 -0.12 6.74 -30.89
C ARG B 107 -0.80 6.91 -29.55
N ASP B 108 -1.28 8.13 -29.29
CA ASP B 108 -2.03 8.44 -28.07
C ASP B 108 -3.27 9.22 -28.50
N GLY B 109 -4.43 8.58 -28.41
CA GLY B 109 -5.62 9.19 -28.96
C GLY B 109 -5.44 9.38 -30.45
N GLY B 110 -5.65 10.60 -30.92
CA GLY B 110 -5.51 10.91 -32.33
C GLY B 110 -4.18 11.58 -32.64
N SER B 111 -3.22 11.47 -31.74
CA SER B 111 -1.92 12.10 -31.89
C SER B 111 -0.83 11.05 -31.97
N LEU B 112 0.23 11.39 -32.68
CA LEU B 112 1.39 10.52 -32.82
C LEU B 112 2.62 11.17 -32.22
N TYR B 113 3.48 10.36 -31.65
CA TYR B 113 4.73 10.82 -31.05
C TYR B 113 5.86 9.92 -31.52
N MET B 114 7.05 10.51 -31.66
CA MET B 114 8.24 9.79 -32.11
C MET B 114 8.88 9.14 -30.89
N THR B 115 8.25 8.07 -30.44
CA THR B 115 8.66 7.38 -29.22
C THR B 115 9.84 6.46 -29.49
N GLN B 116 10.63 6.23 -28.46
CA GLN B 116 11.66 5.20 -28.43
C GLN B 116 11.37 4.26 -27.26
N LEU B 117 11.04 3.01 -27.56
CA LEU B 117 10.84 2.02 -26.52
C LEU B 117 12.19 1.45 -26.09
N ILE B 118 12.45 1.46 -24.79
CA ILE B 118 13.65 0.86 -24.22
C ILE B 118 13.19 -0.35 -23.43
N ILE B 119 13.58 -1.53 -23.90
CA ILE B 119 13.14 -2.80 -23.36
C ILE B 119 14.37 -3.53 -22.84
N ASP B 120 14.32 -3.95 -21.58
CA ASP B 120 15.45 -4.65 -21.00
C ASP B 120 15.39 -6.14 -21.33
N ALA B 121 16.45 -6.86 -20.98
CA ALA B 121 16.53 -8.28 -21.28
C ALA B 121 15.45 -9.08 -20.57
N ASP B 122 14.87 -8.55 -19.50
CA ASP B 122 13.84 -9.27 -18.76
C ASP B 122 12.45 -9.11 -19.38
N GLY B 123 12.32 -8.34 -20.45
CA GLY B 123 11.05 -8.16 -21.10
C GLY B 123 10.18 -7.07 -20.54
N GLN B 124 10.73 -6.20 -19.71
CA GLN B 124 9.99 -5.07 -19.15
C GLN B 124 10.24 -3.81 -19.96
N LEU B 125 9.25 -2.94 -20.00
CA LEU B 125 9.37 -1.66 -20.70
C LEU B 125 10.03 -0.67 -19.74
N VAL B 126 11.34 -0.46 -19.91
CA VAL B 126 12.06 0.44 -19.03
C VAL B 126 11.65 1.88 -19.29
N ALA B 127 11.50 2.26 -20.55
CA ALA B 127 11.28 3.66 -20.89
C ALA B 127 10.38 3.74 -22.12
N ARG B 128 9.70 4.87 -22.25
CA ARG B 128 8.82 5.17 -23.37
C ARG B 128 9.00 6.62 -23.80
N ARG B 129 10.25 7.05 -23.90
CA ARG B 129 10.54 8.45 -24.15
C ARG B 129 9.98 8.89 -25.51
N ARG B 130 9.54 10.14 -25.56
CA ARG B 130 9.09 10.76 -26.81
C ARG B 130 10.08 11.85 -27.21
N LYS B 131 10.17 12.09 -28.51
CA LYS B 131 11.08 13.12 -28.99
C LYS B 131 10.69 14.47 -28.42
N LEU B 132 11.69 15.21 -27.93
CA LEU B 132 11.42 16.48 -27.27
C LEU B 132 10.80 17.47 -28.24
N LYS B 133 11.24 17.47 -29.49
CA LYS B 133 10.66 18.33 -30.50
C LYS B 133 10.97 17.80 -31.89
N PRO B 134 9.96 17.53 -32.72
CA PRO B 134 10.25 17.11 -34.10
C PRO B 134 10.94 18.20 -34.90
N THR B 135 11.34 17.89 -36.13
CA THR B 135 12.12 18.80 -36.96
C THR B 135 11.34 19.20 -38.21
N HIS B 136 11.25 20.50 -38.46
CA HIS B 136 10.65 21.05 -39.67
C HIS B 136 9.27 20.43 -39.86
N VAL B 137 8.89 20.01 -41.06
CA VAL B 137 7.54 19.51 -41.32
C VAL B 137 7.22 18.27 -40.51
N GLU B 138 8.23 17.65 -39.90
CA GLU B 138 7.97 16.54 -39.00
C GLU B 138 7.03 16.96 -37.87
N ARG B 139 7.00 18.25 -37.55
CA ARG B 139 6.12 18.76 -36.51
C ARG B 139 4.66 18.75 -36.91
N SER B 140 4.37 18.72 -38.21
CA SER B 140 2.98 18.64 -38.65
C SER B 140 2.38 17.26 -38.41
N VAL B 141 3.22 16.25 -38.23
CA VAL B 141 2.74 14.87 -38.10
C VAL B 141 2.97 14.28 -36.71
N TYR B 142 3.84 14.85 -35.89
CA TYR B 142 4.09 14.33 -34.55
C TYR B 142 3.96 15.43 -33.51
N GLY B 143 3.49 15.03 -32.34
CA GLY B 143 3.54 15.88 -31.17
C GLY B 143 4.92 15.83 -30.55
N GLU B 144 5.07 16.56 -29.45
CA GLU B 144 6.35 16.71 -28.79
C GLU B 144 6.22 16.33 -27.32
N GLY B 145 7.31 15.76 -26.79
CA GLY B 145 7.34 15.30 -25.41
C GLY B 145 7.74 16.40 -24.45
N ASN B 146 8.10 15.99 -23.25
CA ASN B 146 8.47 16.93 -22.19
C ASN B 146 9.79 16.54 -21.55
N GLY B 147 10.16 17.21 -20.46
CA GLY B 147 11.44 16.97 -19.82
C GLY B 147 11.59 15.58 -19.24
N SER B 148 10.49 14.91 -18.91
CA SER B 148 10.58 13.56 -18.40
C SER B 148 11.12 12.59 -19.46
N ASP B 149 11.10 13.00 -20.73
CA ASP B 149 11.60 12.17 -21.81
C ASP B 149 13.12 12.26 -21.98
N ILE B 150 13.76 13.25 -21.36
CA ILE B 150 15.21 13.33 -21.34
C ILE B 150 15.67 12.60 -20.09
N SER B 151 16.20 11.39 -20.26
CA SER B 151 16.64 10.61 -19.12
C SER B 151 17.58 9.52 -19.60
N VAL B 152 18.42 9.05 -18.68
CA VAL B 152 19.26 7.87 -18.90
C VAL B 152 18.79 6.81 -17.94
N TYR B 153 18.88 5.56 -18.36
CA TYR B 153 18.35 4.43 -17.63
C TYR B 153 19.48 3.47 -17.27
N ASP B 154 19.53 3.07 -16.01
CA ASP B 154 20.61 2.23 -15.50
C ASP B 154 20.30 0.78 -15.84
N MET B 155 20.66 0.39 -17.05
CA MET B 155 20.48 -0.99 -17.49
C MET B 155 21.49 -1.89 -16.78
N PRO B 156 21.25 -3.20 -16.78
CA PRO B 156 22.20 -4.10 -16.14
C PRO B 156 23.61 -3.98 -16.68
N PHE B 157 23.76 -3.69 -17.98
CA PHE B 157 25.07 -3.65 -18.59
C PHE B 157 25.71 -2.28 -18.56
N ALA B 158 24.93 -1.21 -18.60
CA ALA B 158 25.48 0.14 -18.59
C ALA B 158 24.33 1.13 -18.40
N ARG B 159 24.70 2.38 -18.13
CA ARG B 159 23.74 3.47 -18.06
C ARG B 159 23.42 3.89 -19.49
N LEU B 160 22.20 3.61 -19.93
CA LEU B 160 21.80 3.77 -21.32
C LEU B 160 20.90 4.99 -21.46
N GLY B 161 21.20 5.81 -22.47
CA GLY B 161 20.29 6.86 -22.89
C GLY B 161 20.01 6.73 -24.37
N ALA B 162 18.96 7.41 -24.82
CA ALA B 162 18.51 7.26 -26.19
C ALA B 162 17.91 8.58 -26.67
N LEU B 163 18.54 9.18 -27.67
CA LEU B 163 17.97 10.26 -28.45
C LEU B 163 17.79 9.79 -29.88
N ASN B 164 16.95 10.51 -30.63
CA ASN B 164 16.68 10.13 -32.00
C ASN B 164 16.68 11.35 -32.90
N CYS B 165 17.25 11.19 -34.09
CA CYS B 165 17.27 12.24 -35.10
C CYS B 165 17.91 13.51 -34.58
N TRP B 166 17.44 14.66 -35.04
CA TRP B 166 18.14 15.93 -34.83
C TRP B 166 18.11 16.39 -33.37
N GLU B 167 17.67 15.53 -32.46
CA GLU B 167 17.89 15.78 -31.05
C GLU B 167 19.37 15.86 -30.70
N HIS B 168 20.25 15.37 -31.57
CA HIS B 168 21.68 15.50 -31.36
C HIS B 168 22.21 16.84 -31.80
N PHE B 169 21.39 17.67 -32.43
CA PHE B 169 21.76 19.04 -32.77
C PHE B 169 21.34 20.03 -31.70
N GLN B 170 20.77 19.57 -30.59
CA GLN B 170 20.30 20.42 -29.51
C GLN B 170 21.30 20.34 -28.38
N THR B 171 22.06 21.42 -28.18
CA THR B 171 23.14 21.38 -27.20
C THR B 171 22.61 21.16 -25.80
N LEU B 172 21.51 21.83 -25.43
CA LEU B 172 21.02 21.73 -24.06
C LEU B 172 20.57 20.32 -23.73
N THR B 173 19.89 19.65 -24.66
CA THR B 173 19.48 18.28 -24.41
C THR B 173 20.69 17.36 -24.26
N LYS B 174 21.73 17.60 -25.06
CA LYS B 174 22.94 16.80 -24.93
C LYS B 174 23.56 16.98 -23.55
N TYR B 175 23.67 18.23 -23.09
CA TYR B 175 24.27 18.47 -21.78
C TYR B 175 23.45 17.80 -20.68
N ALA B 176 22.13 17.88 -20.76
CA ALA B 176 21.29 17.21 -19.79
C ALA B 176 21.60 15.73 -19.73
N MET B 177 21.87 15.12 -20.88
CA MET B 177 22.20 13.70 -20.92
C MET B 177 23.58 13.44 -20.33
N TYR B 178 24.55 14.30 -20.65
CA TYR B 178 25.87 14.17 -20.04
C TYR B 178 25.78 14.31 -18.54
N SER B 179 24.99 15.28 -18.07
CA SER B 179 24.86 15.52 -16.64
C SER B 179 24.35 14.29 -15.90
N MET B 180 23.65 13.39 -16.59
CA MET B 180 23.13 12.18 -15.98
C MET B 180 24.07 11.01 -16.13
N HIS B 181 25.29 11.24 -16.64
CA HIS B 181 26.34 10.23 -16.71
C HIS B 181 25.95 9.08 -17.63
N GLU B 182 25.52 9.44 -18.83
CA GLU B 182 25.31 8.46 -19.88
C GLU B 182 26.64 7.87 -20.32
N GLN B 183 26.63 6.56 -20.62
CA GLN B 183 27.83 5.91 -21.14
C GLN B 183 27.59 5.04 -22.35
N VAL B 184 26.36 4.57 -22.60
CA VAL B 184 26.00 3.93 -23.85
C VAL B 184 24.82 4.69 -24.43
N HIS B 185 24.94 5.13 -25.67
CA HIS B 185 23.95 5.98 -26.30
C HIS B 185 23.45 5.35 -27.58
N VAL B 186 22.14 5.37 -27.76
CA VAL B 186 21.50 4.84 -28.96
C VAL B 186 20.91 6.01 -29.73
N ALA B 187 21.42 6.24 -30.94
CA ALA B 187 21.04 7.38 -31.76
C ALA B 187 20.24 6.87 -32.95
N SER B 188 18.92 6.88 -32.83
CA SER B 188 18.06 6.42 -33.91
C SER B 188 17.90 7.51 -34.95
N TRP B 189 18.04 7.15 -36.21
CA TRP B 189 17.94 8.06 -37.34
C TRP B 189 17.03 7.48 -38.40
N PRO B 190 16.45 8.31 -39.25
CA PRO B 190 15.80 7.80 -40.46
C PRO B 190 16.79 7.74 -41.61
N GLY B 191 16.36 7.24 -42.77
CA GLY B 191 17.23 7.27 -43.92
C GLY B 191 17.49 8.69 -44.36
N MET B 192 18.70 9.19 -44.12
CA MET B 192 19.02 10.59 -44.36
C MET B 192 19.51 10.73 -45.80
N SER B 193 18.55 10.72 -46.72
CA SER B 193 18.83 10.86 -48.14
C SER B 193 17.95 11.91 -48.80
N LEU B 194 17.24 12.73 -48.01
CA LEU B 194 16.39 13.76 -48.58
C LEU B 194 17.23 14.91 -49.11
N TYR B 195 16.84 15.42 -50.28
CA TYR B 195 17.34 16.71 -50.76
C TYR B 195 18.87 16.72 -50.85
N GLN B 196 19.45 15.57 -51.20
CA GLN B 196 20.90 15.42 -51.07
C GLN B 196 21.69 16.46 -51.86
N PRO B 197 21.41 16.68 -53.15
CA PRO B 197 22.25 17.63 -53.90
C PRO B 197 22.19 19.05 -53.35
N GLU B 198 21.05 19.49 -52.83
CA GLU B 198 20.83 20.90 -52.56
C GLU B 198 20.62 21.26 -51.09
N VAL B 199 20.50 20.28 -50.20
CA VAL B 199 20.41 20.57 -48.77
C VAL B 199 21.42 19.69 -48.05
N PRO B 200 22.70 20.06 -48.02
CA PRO B 200 23.71 19.19 -47.39
C PRO B 200 23.49 18.96 -45.91
N ALA B 201 22.75 19.83 -45.23
CA ALA B 201 22.50 19.63 -43.81
C ALA B 201 21.76 18.32 -43.55
N PHE B 202 21.03 17.82 -44.55
CA PHE B 202 20.33 16.55 -44.43
C PHE B 202 21.17 15.36 -44.90
N GLY B 203 22.37 15.60 -45.43
CA GLY B 203 23.17 14.51 -45.94
C GLY B 203 23.79 13.69 -44.83
N VAL B 204 24.02 12.41 -45.12
CA VAL B 204 24.55 11.49 -44.12
C VAL B 204 25.87 11.99 -43.57
N ASP B 205 26.62 12.78 -44.34
CA ASP B 205 27.88 13.31 -43.84
C ASP B 205 27.65 14.20 -42.64
N ALA B 206 26.65 15.09 -42.71
CA ALA B 206 26.37 15.98 -41.59
C ALA B 206 25.90 15.20 -40.37
N GLN B 207 25.06 14.19 -40.58
CA GLN B 207 24.52 13.43 -39.45
C GLN B 207 25.56 12.50 -38.84
N LEU B 208 26.65 12.22 -39.57
CA LEU B 208 27.72 11.42 -38.98
C LEU B 208 28.57 12.26 -38.04
N THR B 209 28.76 13.54 -38.36
CA THR B 209 29.47 14.42 -37.45
C THR B 209 28.67 14.68 -36.19
N ALA B 210 27.34 14.75 -36.32
CA ALA B 210 26.51 14.96 -35.15
C ALA B 210 26.65 13.80 -34.17
N THR B 211 26.59 12.57 -34.67
CA THR B 211 26.72 11.41 -33.80
C THR B 211 28.15 11.26 -33.30
N ARG B 212 29.13 11.47 -34.17
CA ARG B 212 30.52 11.37 -33.74
C ARG B 212 30.84 12.41 -32.68
N MET B 213 30.34 13.64 -32.86
CA MET B 213 30.60 14.68 -31.88
C MET B 213 29.89 14.39 -30.56
N TYR B 214 28.76 13.68 -30.60
CA TYR B 214 28.11 13.29 -29.36
C TYR B 214 28.98 12.36 -28.54
N ALA B 215 29.65 11.41 -29.19
CA ALA B 215 30.58 10.54 -28.48
C ALA B 215 31.74 11.33 -27.91
N LEU B 216 32.27 12.27 -28.69
CA LEU B 216 33.43 13.04 -28.23
C LEU B 216 33.06 13.94 -27.05
N GLU B 217 31.96 14.69 -27.18
CA GLU B 217 31.58 15.61 -26.11
C GLU B 217 31.30 14.86 -24.82
N GLY B 218 30.43 13.85 -24.87
CA GLY B 218 30.03 13.14 -23.68
C GLY B 218 30.88 11.98 -23.29
N GLN B 219 31.85 11.60 -24.12
CA GLN B 219 32.68 10.43 -23.87
C GLN B 219 31.80 9.20 -23.62
N THR B 220 31.02 8.85 -24.64
CA THR B 220 30.08 7.75 -24.57
C THR B 220 30.20 6.90 -25.83
N PHE B 221 29.68 5.69 -25.74
CA PHE B 221 29.55 4.83 -26.90
C PHE B 221 28.22 5.13 -27.59
N VAL B 222 28.28 5.45 -28.87
CA VAL B 222 27.10 5.82 -29.63
C VAL B 222 26.76 4.66 -30.56
N VAL B 223 25.61 4.04 -30.32
CA VAL B 223 25.11 2.96 -31.17
C VAL B 223 24.16 3.63 -32.15
N CYS B 224 24.70 4.11 -33.27
CA CYS B 224 23.90 4.80 -34.27
C CYS B 224 23.21 3.79 -35.17
N THR B 225 21.89 3.92 -35.30
CA THR B 225 21.11 3.06 -36.17
C THR B 225 20.29 3.93 -37.11
N THR B 226 20.05 3.42 -38.30
CA THR B 226 19.45 4.22 -39.35
C THR B 226 18.55 3.34 -40.22
N GLN B 227 17.54 3.96 -40.83
CA GLN B 227 16.78 3.31 -41.86
C GLN B 227 17.52 3.45 -43.20
N VAL B 228 16.99 2.79 -44.22
CA VAL B 228 17.57 2.86 -45.56
C VAL B 228 16.45 3.12 -46.55
N VAL B 229 16.69 4.03 -47.48
CA VAL B 229 15.72 4.36 -48.51
C VAL B 229 16.04 3.49 -49.72
N THR B 230 15.37 2.36 -49.82
CA THR B 230 15.58 1.36 -50.85
C THR B 230 14.61 1.56 -52.00
N PRO B 231 14.75 0.79 -53.08
CA PRO B 231 13.78 0.92 -54.19
C PRO B 231 12.35 0.66 -53.77
N GLU B 232 12.13 -0.22 -52.78
CA GLU B 232 10.77 -0.41 -52.27
C GLU B 232 10.20 0.89 -51.75
N ALA B 233 11.04 1.73 -51.13
CA ALA B 233 10.59 3.03 -50.68
C ALA B 233 10.14 3.90 -51.84
N HIS B 234 10.89 3.87 -52.95
CA HIS B 234 10.51 4.69 -54.10
C HIS B 234 9.14 4.29 -54.63
N GLU B 235 8.88 2.98 -54.73
CA GLU B 235 7.57 2.55 -55.21
C GLU B 235 6.45 2.94 -54.25
N PHE B 236 6.78 3.13 -52.97
CA PHE B 236 5.75 3.42 -51.97
C PHE B 236 5.41 4.90 -51.93
N PHE B 237 6.43 5.77 -51.85
CA PHE B 237 6.20 7.18 -51.58
C PHE B 237 6.07 8.00 -52.85
N CYS B 238 7.09 8.01 -53.68
CA CYS B 238 7.18 8.91 -54.82
C CYS B 238 6.51 8.31 -56.05
N GLU B 239 5.91 9.18 -56.86
CA GLU B 239 5.25 8.80 -58.08
C GLU B 239 5.72 9.60 -59.29
N ASN B 240 6.81 10.35 -59.17
CA ASN B 240 7.34 11.16 -60.24
C ASN B 240 8.85 10.99 -60.30
N GLU B 241 9.44 11.43 -61.41
CA GLU B 241 10.88 11.56 -61.46
C GLU B 241 11.36 12.64 -60.50
N GLU B 242 10.61 13.73 -60.39
CA GLU B 242 10.99 14.80 -59.48
C GLU B 242 10.96 14.33 -58.04
N GLN B 243 9.89 13.65 -57.63
CA GLN B 243 9.80 13.20 -56.24
C GLN B 243 10.84 12.13 -55.94
N ARG B 244 11.24 11.34 -56.93
CA ARG B 244 12.27 10.33 -56.70
C ARG B 244 13.61 10.98 -56.39
N LYS B 245 13.84 12.20 -56.87
CA LYS B 245 15.06 12.93 -56.51
C LYS B 245 14.98 13.50 -55.11
N LEU B 246 13.82 14.01 -54.71
CA LEU B 246 13.66 14.53 -53.36
C LEU B 246 13.99 13.45 -52.34
N ILE B 247 13.36 12.28 -52.46
CA ILE B 247 13.61 11.15 -51.57
C ILE B 247 14.74 10.35 -52.21
N GLY B 248 15.97 10.74 -51.92
CA GLY B 248 17.12 10.09 -52.51
C GLY B 248 17.18 8.61 -52.18
N ARG B 249 18.24 7.97 -52.68
CA ARG B 249 18.44 6.55 -52.49
C ARG B 249 19.48 6.29 -51.41
N GLY B 250 19.25 5.25 -50.63
CA GLY B 250 20.21 4.83 -49.61
C GLY B 250 19.93 5.53 -48.28
N GLY B 251 20.90 6.31 -47.80
CA GLY B 251 20.74 7.11 -46.62
C GLY B 251 21.10 6.45 -45.32
N GLY B 252 21.41 5.15 -45.32
CA GLY B 252 21.76 4.46 -44.09
C GLY B 252 23.21 4.72 -43.72
N PHE B 253 23.43 5.04 -42.44
CA PHE B 253 24.78 5.27 -41.95
C PHE B 253 24.98 4.70 -40.56
N ALA B 254 24.32 3.60 -40.24
CA ALA B 254 24.44 3.01 -38.91
C ALA B 254 25.89 2.73 -38.58
N ARG B 255 26.28 3.02 -37.34
CA ARG B 255 27.67 2.88 -36.93
C ARG B 255 27.71 2.69 -35.43
N ILE B 256 28.86 2.23 -34.95
CA ILE B 256 29.16 2.15 -33.52
C ILE B 256 30.41 2.97 -33.28
N ILE B 257 30.31 3.97 -32.42
CA ILE B 257 31.36 4.96 -32.21
C ILE B 257 31.78 4.91 -30.76
N GLY B 258 33.08 4.88 -30.52
CA GLY B 258 33.61 4.89 -29.18
C GLY B 258 33.77 6.29 -28.64
N PRO B 259 34.10 6.38 -27.36
CA PRO B 259 34.24 7.70 -26.73
C PRO B 259 35.35 8.54 -27.37
N ASP B 260 36.29 7.93 -28.06
CA ASP B 260 37.32 8.65 -28.79
C ASP B 260 36.84 9.10 -30.17
N GLY B 261 35.62 8.75 -30.56
CA GLY B 261 35.08 9.14 -31.84
C GLY B 261 35.44 8.24 -32.99
N ARG B 262 36.23 7.19 -32.76
CA ARG B 262 36.61 6.26 -33.81
C ARG B 262 35.64 5.09 -33.85
N ASP B 263 35.24 4.70 -35.05
CA ASP B 263 34.24 3.65 -35.21
C ASP B 263 34.78 2.31 -34.72
N LEU B 264 33.93 1.57 -34.03
CA LEU B 264 34.27 0.24 -33.52
C LEU B 264 33.74 -0.87 -34.42
N ALA B 265 33.08 -0.55 -35.52
CA ALA B 265 32.55 -1.55 -36.44
C ALA B 265 32.76 -1.06 -37.86
N THR B 266 32.87 -2.00 -38.79
CA THR B 266 33.06 -1.65 -40.19
C THR B 266 31.75 -1.09 -40.75
N PRO B 267 31.73 0.14 -41.25
CA PRO B 267 30.48 0.68 -41.79
C PRO B 267 29.96 -0.15 -42.96
N LEU B 268 28.64 -0.27 -43.03
CA LEU B 268 27.99 -0.88 -44.18
C LEU B 268 27.96 0.14 -45.32
N ALA B 269 27.27 -0.19 -46.40
CA ALA B 269 27.07 0.76 -47.48
C ALA B 269 25.84 1.62 -47.21
N GLU B 270 25.78 2.78 -47.86
CA GLU B 270 24.64 3.66 -47.66
C GLU B 270 23.34 3.01 -48.11
N ASP B 271 23.42 2.09 -49.07
CA ASP B 271 22.25 1.37 -49.56
C ASP B 271 22.17 -0.06 -49.05
N GLU B 272 23.20 -0.53 -48.33
CA GLU B 272 23.18 -1.88 -47.81
C GLU B 272 22.34 -1.96 -46.55
N GLU B 273 21.73 -3.12 -46.34
CA GLU B 273 20.87 -3.37 -45.20
C GLU B 273 21.44 -4.52 -44.39
N GLY B 274 21.70 -4.28 -43.11
CA GLY B 274 22.32 -5.31 -42.30
C GLY B 274 22.34 -4.93 -40.84
N ILE B 275 23.26 -5.55 -40.11
CA ILE B 275 23.45 -5.33 -38.68
C ILE B 275 24.94 -5.20 -38.41
N LEU B 276 25.29 -4.28 -37.52
CA LEU B 276 26.66 -4.07 -37.08
C LEU B 276 26.84 -4.60 -35.67
N TYR B 277 28.07 -4.98 -35.35
CA TYR B 277 28.40 -5.56 -34.05
C TYR B 277 29.69 -4.92 -33.54
N ALA B 278 29.83 -4.89 -32.22
CA ALA B 278 31.06 -4.40 -31.62
C ALA B 278 31.10 -4.81 -30.16
N ASP B 279 32.31 -4.82 -29.61
CA ASP B 279 32.53 -5.13 -28.21
C ASP B 279 32.78 -3.82 -27.46
N ILE B 280 31.96 -3.56 -26.46
CA ILE B 280 32.02 -2.32 -25.70
C ILE B 280 32.82 -2.57 -24.43
N ASP B 281 33.85 -1.77 -24.21
CA ASP B 281 34.65 -1.80 -22.98
C ASP B 281 34.52 -0.44 -22.33
N LEU B 282 33.79 -0.38 -21.21
CA LEU B 282 33.53 0.90 -20.56
C LEU B 282 34.80 1.55 -20.04
N SER B 283 35.88 0.77 -19.83
CA SER B 283 37.14 1.38 -19.44
C SER B 283 37.65 2.35 -20.47
N ALA B 284 37.24 2.21 -21.74
CA ALA B 284 37.62 3.18 -22.75
C ALA B 284 37.07 4.56 -22.43
N ILE B 285 35.93 4.62 -21.76
CA ILE B 285 35.36 5.91 -21.39
C ILE B 285 36.28 6.65 -20.44
N THR B 286 36.85 5.95 -19.47
CA THR B 286 37.73 6.60 -18.50
C THR B 286 38.91 7.28 -19.19
N LEU B 287 39.44 6.65 -20.24
CA LEU B 287 40.54 7.26 -20.98
C LEU B 287 40.11 8.55 -21.63
N ALA B 288 38.92 8.56 -22.25
CA ALA B 288 38.42 9.76 -22.89
C ALA B 288 38.20 10.88 -21.87
N LYS B 289 37.70 10.53 -20.69
CA LYS B 289 37.38 11.52 -19.68
C LYS B 289 38.62 12.12 -19.02
N GLN B 290 39.81 11.59 -19.30
CA GLN B 290 41.02 12.24 -18.82
C GLN B 290 41.18 13.62 -19.42
N ALA B 291 40.86 13.76 -20.71
CA ALA B 291 41.05 15.02 -21.43
C ALA B 291 39.86 15.96 -21.27
N ALA B 292 38.65 15.46 -21.52
CA ALA B 292 37.45 16.29 -21.50
C ALA B 292 36.38 15.66 -20.62
N ASP B 293 35.61 16.51 -19.95
CA ASP B 293 34.45 16.09 -19.19
C ASP B 293 33.51 17.28 -19.04
N PRO B 294 32.53 17.45 -19.92
CA PRO B 294 31.77 18.70 -19.94
C PRO B 294 31.02 18.97 -18.64
N VAL B 295 30.67 17.93 -17.88
CA VAL B 295 29.88 18.09 -16.67
C VAL B 295 30.72 17.88 -15.42
N GLY B 296 32.03 17.69 -15.57
CA GLY B 296 32.87 17.40 -14.44
C GLY B 296 34.03 18.37 -14.30
N HIS B 297 35.25 17.84 -14.33
CA HIS B 297 36.43 18.64 -14.09
C HIS B 297 36.62 19.76 -15.09
N TYR B 298 35.96 19.69 -16.24
CA TYR B 298 36.24 20.57 -17.36
C TYR B 298 35.01 21.44 -17.66
N SER B 299 34.41 21.95 -16.59
CA SER B 299 33.22 22.78 -16.66
C SER B 299 33.39 23.96 -15.72
N ARG B 300 32.59 25.00 -15.96
CA ARG B 300 32.62 26.22 -15.16
C ARG B 300 31.21 26.52 -14.67
N PRO B 301 30.73 25.78 -13.67
CA PRO B 301 29.35 25.99 -13.20
C PRO B 301 29.11 27.38 -12.64
N ASP B 302 30.16 28.10 -12.26
CA ASP B 302 29.99 29.48 -11.82
C ASP B 302 29.77 30.44 -12.97
N VAL B 303 29.97 30.00 -14.22
CA VAL B 303 29.74 30.81 -15.39
C VAL B 303 28.52 30.33 -16.17
N LEU B 304 28.45 29.04 -16.46
CA LEU B 304 27.39 28.46 -17.26
C LEU B 304 26.78 27.28 -16.52
N SER B 305 25.48 27.31 -16.31
CA SER B 305 24.75 26.21 -15.70
C SER B 305 23.55 25.87 -16.57
N LEU B 306 22.86 24.79 -16.22
CA LEU B 306 21.70 24.32 -16.95
C LEU B 306 20.51 24.27 -16.01
N ASN B 307 19.38 24.80 -16.47
CA ASN B 307 18.10 24.66 -15.78
C ASN B 307 17.34 23.53 -16.43
N PHE B 308 17.26 22.40 -15.75
CA PHE B 308 16.66 21.19 -16.30
C PHE B 308 15.39 20.90 -15.52
N ASN B 309 14.25 20.97 -16.20
CA ASN B 309 12.94 20.76 -15.58
C ASN B 309 12.38 19.44 -16.11
N GLN B 310 12.32 18.43 -15.24
CA GLN B 310 11.89 17.09 -15.62
C GLN B 310 10.44 16.80 -15.24
N ARG B 311 9.67 17.84 -14.92
CA ARG B 311 8.27 17.62 -14.59
C ARG B 311 7.54 16.95 -15.74
N ARG B 312 6.68 15.99 -15.41
CA ARG B 312 5.92 15.23 -16.40
C ARG B 312 4.59 15.94 -16.60
N THR B 313 4.56 16.87 -17.54
CA THR B 313 3.35 17.67 -17.77
C THR B 313 2.28 16.84 -18.48
N THR B 314 1.02 17.09 -18.13
CA THR B 314 -0.11 16.40 -18.71
C THR B 314 -1.18 17.42 -19.08
N PRO B 315 -1.90 17.23 -20.19
CA PRO B 315 -3.00 18.14 -20.50
C PRO B 315 -4.07 18.20 -19.41
N VAL B 316 -4.37 17.06 -18.79
CA VAL B 316 -5.30 17.00 -17.67
C VAL B 316 -4.55 16.42 -16.48
N ASN B 317 -4.61 17.11 -15.34
CA ASN B 317 -3.86 16.68 -14.18
C ASN B 317 -4.67 15.72 -13.32
N THR B 318 -5.84 16.18 -12.84
CA THR B 318 -6.67 15.35 -11.99
C THR B 318 -5.93 14.93 -10.73
N VAL C 2 -13.95 44.94 -16.13
CA VAL C 2 -14.27 45.70 -14.90
C VAL C 2 -15.48 46.60 -15.13
N GLU C 3 -15.39 47.47 -16.13
CA GLU C 3 -16.47 48.40 -16.46
C GLU C 3 -17.00 48.07 -17.84
N TYR C 4 -18.34 48.06 -17.96
CA TYR C 4 -19.00 47.68 -19.20
C TYR C 4 -19.89 48.83 -19.70
N THR C 5 -19.36 50.05 -19.71
CA THR C 5 -20.14 51.23 -20.06
C THR C 5 -19.70 51.88 -21.36
N ASN C 6 -18.42 51.79 -21.72
CA ASN C 6 -17.90 52.58 -22.83
C ASN C 6 -18.57 52.22 -24.14
N THR C 7 -18.60 53.19 -25.05
CA THR C 7 -19.08 53.01 -26.41
C THR C 7 -18.09 53.63 -27.37
N PHE C 8 -17.79 52.93 -28.46
CA PHE C 8 -16.77 53.39 -29.39
C PHE C 8 -16.97 52.68 -30.73
N LYS C 9 -16.08 52.96 -31.66
CA LYS C 9 -16.15 52.46 -33.03
C LYS C 9 -14.86 51.73 -33.38
N VAL C 10 -14.98 50.58 -34.04
CA VAL C 10 -13.85 49.76 -34.41
C VAL C 10 -13.89 49.52 -35.92
N ALA C 11 -12.74 49.12 -36.45
CA ALA C 11 -12.60 48.82 -37.87
C ALA C 11 -11.88 47.49 -38.03
N ALA C 12 -12.39 46.66 -38.95
CA ALA C 12 -11.77 45.41 -39.32
C ALA C 12 -11.32 45.49 -40.77
N VAL C 13 -10.10 45.05 -41.03
CA VAL C 13 -9.48 45.22 -42.34
C VAL C 13 -9.44 43.87 -43.04
N GLN C 14 -10.02 43.81 -44.23
CA GLN C 14 -9.95 42.67 -45.12
C GLN C 14 -9.10 43.12 -46.31
N ALA C 15 -7.81 42.83 -46.26
CA ALA C 15 -6.88 43.33 -47.25
C ALA C 15 -5.77 42.32 -47.48
N GLN C 16 -5.11 42.44 -48.62
CA GLN C 16 -3.95 41.63 -48.93
C GLN C 16 -2.67 42.47 -48.86
N PRO C 17 -1.54 41.86 -48.54
CA PRO C 17 -0.29 42.61 -48.49
C PRO C 17 0.46 42.55 -49.82
N VAL C 18 1.39 43.48 -49.98
CA VAL C 18 2.35 43.39 -51.08
C VAL C 18 3.25 42.22 -50.74
N TRP C 19 3.05 41.09 -51.42
CA TRP C 19 3.52 39.81 -50.92
C TRP C 19 5.04 39.81 -50.72
N PHE C 20 5.45 39.46 -49.51
CA PHE C 20 6.85 39.39 -49.13
C PHE C 20 7.58 40.68 -49.50
N ASP C 21 6.99 41.80 -49.12
CA ASP C 21 7.61 43.12 -49.28
C ASP C 21 7.18 43.97 -48.10
N ALA C 22 8.03 44.01 -47.06
CA ALA C 22 7.68 44.71 -45.85
C ALA C 22 7.49 46.20 -46.08
N ALA C 23 8.38 46.81 -46.85
CA ALA C 23 8.30 48.26 -47.05
C ALA C 23 7.01 48.63 -47.75
N LYS C 24 6.63 47.90 -48.80
CA LYS C 24 5.40 48.19 -49.51
C LYS C 24 4.19 47.91 -48.63
N THR C 25 4.20 46.81 -47.89
CA THR C 25 3.05 46.45 -47.08
C THR C 25 2.88 47.39 -45.89
N VAL C 26 3.98 47.85 -45.30
CA VAL C 26 3.85 48.81 -44.21
C VAL C 26 3.22 50.10 -44.70
N ASP C 27 3.55 50.51 -45.92
CA ASP C 27 2.88 51.67 -46.52
C ASP C 27 1.39 51.40 -46.67
N LYS C 28 1.02 50.21 -47.15
CA LYS C 28 -0.39 49.86 -47.27
C LYS C 28 -1.08 49.88 -45.92
N THR C 29 -0.40 49.36 -44.88
CA THR C 29 -0.99 49.35 -43.56
C THR C 29 -1.25 50.76 -43.04
N VAL C 30 -0.29 51.66 -43.22
CA VAL C 30 -0.46 53.01 -42.69
C VAL C 30 -1.64 53.70 -43.38
N SER C 31 -1.79 53.51 -44.68
CA SER C 31 -2.94 54.06 -45.39
C SER C 31 -4.24 53.51 -44.83
N ASN C 32 -4.29 52.21 -44.57
CA ASN C 32 -5.46 51.62 -43.95
C ASN C 32 -5.68 52.19 -42.55
N ILE C 33 -4.60 52.40 -41.80
CA ILE C 33 -4.72 53.03 -40.49
C ILE C 33 -5.30 54.42 -40.62
N ALA C 34 -4.80 55.20 -41.58
CA ALA C 34 -5.29 56.56 -41.78
C ALA C 34 -6.75 56.57 -42.19
N GLU C 35 -7.13 55.65 -43.09
CA GLU C 35 -8.53 55.60 -43.54
C GLU C 35 -9.47 55.36 -42.37
N ALA C 36 -9.15 54.37 -41.53
CA ALA C 36 -10.02 54.06 -40.41
C ALA C 36 -10.10 55.23 -39.44
N ALA C 37 -8.97 55.90 -39.19
CA ALA C 37 -8.98 57.03 -38.27
C ALA C 37 -9.86 58.15 -38.79
N ARG C 38 -9.86 58.38 -40.10
CA ARG C 38 -10.74 59.39 -40.68
C ARG C 38 -12.21 59.07 -40.44
N ASN C 39 -12.53 57.81 -40.13
CA ASN C 39 -13.89 57.40 -39.83
C ASN C 39 -14.21 57.48 -38.34
N GLY C 40 -13.29 57.97 -37.53
CA GLY C 40 -13.54 58.08 -36.10
C GLY C 40 -13.38 56.79 -35.32
N CYS C 41 -12.71 55.79 -35.89
CA CYS C 41 -12.52 54.53 -35.20
C CYS C 41 -11.48 54.67 -34.10
N GLU C 42 -11.72 53.98 -32.98
CA GLU C 42 -10.77 53.96 -31.88
C GLU C 42 -9.82 52.77 -31.96
N LEU C 43 -10.15 51.75 -32.74
CA LEU C 43 -9.31 50.58 -32.92
C LEU C 43 -9.40 50.11 -34.36
N VAL C 44 -8.27 49.82 -34.96
CA VAL C 44 -8.20 49.21 -36.29
C VAL C 44 -7.34 47.96 -36.18
N ALA C 45 -7.83 46.86 -36.75
CA ALA C 45 -7.14 45.58 -36.70
C ALA C 45 -6.77 45.14 -38.12
N PHE C 46 -5.71 44.37 -38.22
CA PHE C 46 -5.19 43.90 -39.49
C PHE C 46 -4.98 42.40 -39.46
N PRO C 47 -4.93 41.75 -40.63
CA PRO C 47 -4.87 40.29 -40.65
C PRO C 47 -3.61 39.72 -40.01
N GLU C 48 -3.52 38.39 -39.98
CA GLU C 48 -2.39 37.71 -39.36
C GLU C 48 -1.19 37.72 -40.28
N VAL C 49 -0.01 37.96 -39.70
CA VAL C 49 1.23 38.02 -40.48
C VAL C 49 0.97 38.88 -41.71
N PHE C 50 0.42 40.06 -41.50
CA PHE C 50 0.03 40.91 -42.61
C PHE C 50 1.24 41.54 -43.29
N ILE C 51 2.20 42.04 -42.52
CA ILE C 51 3.22 42.92 -43.07
C ILE C 51 4.00 42.21 -44.17
N PRO C 52 4.70 41.10 -43.90
CA PRO C 52 5.29 40.36 -45.02
C PRO C 52 4.27 39.56 -45.80
N GLY C 53 3.19 39.16 -45.15
CA GLY C 53 2.17 38.33 -45.76
C GLY C 53 2.30 36.88 -45.31
N TYR C 54 1.17 36.18 -45.35
CA TYR C 54 1.15 34.80 -44.92
C TYR C 54 2.01 33.95 -45.85
N PRO C 55 2.81 33.03 -45.33
CA PRO C 55 3.63 32.18 -46.21
C PRO C 55 2.84 31.01 -46.79
N TYR C 56 2.07 31.29 -47.84
CA TYR C 56 1.31 30.23 -48.49
C TYR C 56 2.20 29.20 -49.16
N HIS C 57 3.46 29.51 -49.41
CA HIS C 57 4.32 28.59 -50.13
C HIS C 57 4.53 27.28 -49.40
N ILE C 58 4.22 27.23 -48.10
CA ILE C 58 4.39 26.00 -47.35
C ILE C 58 3.22 25.05 -47.54
N TRP C 59 2.12 25.52 -48.12
CA TRP C 59 0.96 24.69 -48.37
C TRP C 59 0.86 24.25 -49.83
N VAL C 60 1.45 25.00 -50.76
CA VAL C 60 1.24 24.74 -52.17
C VAL C 60 2.28 23.78 -52.75
N ASP C 61 3.44 23.62 -52.11
CA ASP C 61 4.50 22.79 -52.66
C ASP C 61 5.22 22.09 -51.52
N SER C 62 6.18 21.24 -51.88
CA SER C 62 6.94 20.50 -50.91
C SER C 62 7.89 21.43 -50.17
N PRO C 63 8.40 21.01 -49.01
CA PRO C 63 9.28 21.91 -48.23
C PRO C 63 10.47 22.42 -49.01
N LEU C 64 11.09 21.58 -49.84
CA LEU C 64 12.27 22.02 -50.58
C LEU C 64 11.91 23.12 -51.57
N ALA C 65 10.77 22.99 -52.25
CA ALA C 65 10.36 24.04 -53.18
C ALA C 65 10.15 25.35 -52.45
N GLY C 66 9.49 25.32 -51.30
CA GLY C 66 9.31 26.54 -50.53
C GLY C 66 10.62 27.08 -50.01
N MET C 67 11.47 26.19 -49.47
CA MET C 67 12.75 26.65 -48.92
C MET C 67 13.60 27.30 -49.99
N ALA C 68 13.69 26.67 -51.17
CA ALA C 68 14.60 27.15 -52.21
C ALA C 68 14.18 28.53 -52.71
N LYS C 69 12.88 28.74 -52.90
CA LYS C 69 12.39 29.93 -53.60
C LYS C 69 11.93 31.04 -52.65
N PHE C 70 11.37 30.70 -51.50
CA PHE C 70 10.70 31.69 -50.66
C PHE C 70 11.32 31.88 -49.28
N ALA C 71 11.99 30.86 -48.72
CA ALA C 71 12.41 30.95 -47.33
C ALA C 71 13.30 32.16 -47.08
N VAL C 72 14.33 32.34 -47.90
CA VAL C 72 15.24 33.47 -47.69
C VAL C 72 14.50 34.78 -47.87
N ARG C 73 13.68 34.88 -48.91
CA ARG C 73 12.95 36.13 -49.16
C ARG C 73 11.98 36.41 -48.02
N TYR C 74 11.25 35.40 -47.57
CA TYR C 74 10.31 35.59 -46.47
C TYR C 74 11.03 36.00 -45.20
N HIS C 75 12.14 35.33 -44.89
CA HIS C 75 12.90 35.66 -43.69
C HIS C 75 13.45 37.08 -43.76
N GLU C 76 13.93 37.49 -44.93
CA GLU C 76 14.54 38.81 -45.07
C GLU C 76 13.50 39.92 -44.92
N ASN C 77 12.23 39.64 -45.19
CA ASN C 77 11.18 40.64 -45.10
C ASN C 77 10.44 40.62 -43.78
N SER C 78 10.84 39.80 -42.82
CA SER C 78 10.28 39.84 -41.49
C SER C 78 10.82 41.04 -40.73
N LEU C 79 10.03 41.52 -39.77
CA LEU C 79 10.35 42.74 -39.03
C LEU C 79 10.95 42.39 -37.68
N THR C 80 12.13 42.92 -37.41
CA THR C 80 12.64 42.91 -36.04
C THR C 80 11.94 44.00 -35.25
N MET C 81 11.73 43.74 -33.95
CA MET C 81 10.98 44.67 -33.14
C MET C 81 11.63 46.04 -33.07
N ASP C 82 12.93 46.13 -33.34
CA ASP C 82 13.65 47.40 -33.36
C ASP C 82 13.77 47.98 -34.76
N SER C 83 13.14 47.36 -35.76
CA SER C 83 13.27 47.82 -37.12
C SER C 83 12.55 49.14 -37.33
N PRO C 84 12.96 49.93 -38.33
CA PRO C 84 12.22 51.16 -38.62
C PRO C 84 10.78 50.92 -39.04
N HIS C 85 10.49 49.79 -39.69
CA HIS C 85 9.12 49.53 -40.12
C HIS C 85 8.17 49.53 -38.94
N VAL C 86 8.57 48.90 -37.83
CA VAL C 86 7.72 48.90 -36.65
C VAL C 86 7.52 50.33 -36.16
N GLN C 87 8.59 51.12 -36.13
CA GLN C 87 8.47 52.50 -35.68
C GLN C 87 7.51 53.29 -36.57
N ARG C 88 7.45 52.95 -37.86
CA ARG C 88 6.50 53.60 -38.74
C ARG C 88 5.07 53.29 -38.31
N LEU C 89 4.80 52.04 -37.93
CA LEU C 89 3.47 51.69 -37.45
C LEU C 89 3.16 52.41 -36.14
N LEU C 90 4.14 52.51 -35.24
CA LEU C 90 3.92 53.23 -33.99
C LEU C 90 3.66 54.70 -34.26
N ASP C 91 4.43 55.30 -35.16
CA ASP C 91 4.21 56.70 -35.51
C ASP C 91 2.84 56.89 -36.17
N ALA C 92 2.45 55.96 -37.04
CA ALA C 92 1.15 56.07 -37.70
C ALA C 92 0.02 56.06 -36.69
N ALA C 93 0.08 55.16 -35.71
CA ALA C 93 -0.94 55.12 -34.68
C ALA C 93 -0.95 56.40 -33.86
N ARG C 94 0.24 56.90 -33.52
CA ARG C 94 0.32 58.14 -32.74
C ARG C 94 -0.25 59.31 -33.51
N ASP C 95 0.10 59.45 -34.79
CA ASP C 95 -0.34 60.59 -35.57
C ASP C 95 -1.85 60.60 -35.70
N HIS C 96 -2.45 59.46 -36.00
CA HIS C 96 -3.88 59.36 -36.23
C HIS C 96 -4.67 59.06 -34.96
N ASN C 97 -3.99 58.86 -33.83
CA ASN C 97 -4.65 58.67 -32.55
C ASN C 97 -5.64 57.51 -32.58
N ILE C 98 -5.17 56.38 -33.11
CA ILE C 98 -5.99 55.18 -33.26
C ILE C 98 -5.19 53.98 -32.79
N ALA C 99 -5.83 53.11 -32.01
CA ALA C 99 -5.18 51.89 -31.57
C ALA C 99 -5.12 50.90 -32.72
N VAL C 100 -3.96 50.26 -32.87
CA VAL C 100 -3.69 49.37 -34.01
C VAL C 100 -3.32 48.01 -33.47
N VAL C 101 -3.96 46.97 -34.01
CA VAL C 101 -3.60 45.58 -33.73
C VAL C 101 -3.23 44.96 -35.06
N VAL C 102 -1.94 45.00 -35.40
CA VAL C 102 -1.45 44.52 -36.68
C VAL C 102 -0.62 43.27 -36.44
N GLY C 103 -0.89 42.22 -37.20
CA GLY C 103 -0.12 41.00 -37.11
C GLY C 103 1.09 41.03 -38.02
N ILE C 104 2.28 40.93 -37.44
CA ILE C 104 3.52 40.94 -38.19
C ILE C 104 4.15 39.55 -38.12
N SER C 105 5.24 39.38 -38.85
CA SER C 105 6.07 38.18 -38.76
C SER C 105 7.37 38.62 -38.10
N GLU C 106 7.39 38.62 -36.78
CA GLU C 106 8.55 39.09 -36.04
C GLU C 106 9.75 38.22 -36.35
N ARG C 107 10.92 38.85 -36.43
CA ARG C 107 12.18 38.15 -36.58
C ARG C 107 13.00 38.37 -35.31
N ASP C 108 13.44 37.28 -34.70
CA ASP C 108 14.28 37.32 -33.51
C ASP C 108 15.50 36.46 -33.79
N GLY C 109 16.61 37.09 -34.12
CA GLY C 109 17.77 36.35 -34.56
C GLY C 109 17.51 35.69 -35.90
N GLY C 110 17.36 34.38 -35.90
CA GLY C 110 17.14 33.64 -37.13
C GLY C 110 15.80 32.93 -37.18
N SER C 111 15.04 33.01 -36.10
CA SER C 111 13.73 32.40 -36.03
C SER C 111 12.65 33.45 -36.23
N LEU C 112 11.48 32.99 -36.69
CA LEU C 112 10.34 33.84 -36.94
C LEU C 112 9.20 33.47 -35.99
N TYR C 113 8.35 34.44 -35.70
CA TYR C 113 7.19 34.22 -34.85
C TYR C 113 6.00 34.95 -35.43
N MET C 114 4.81 34.37 -35.27
CA MET C 114 3.57 35.03 -35.66
C MET C 114 3.18 35.99 -34.54
N THR C 115 3.71 37.19 -34.61
CA THR C 115 3.50 38.20 -33.58
C THR C 115 2.30 39.07 -33.92
N GLN C 116 1.65 39.57 -32.87
CA GLN C 116 0.65 40.62 -32.99
C GLN C 116 1.11 41.81 -32.19
N LEU C 117 1.15 42.98 -32.81
CA LEU C 117 1.54 44.20 -32.14
C LEU C 117 0.27 44.94 -31.70
N ILE C 118 0.14 45.16 -30.40
CA ILE C 118 -0.92 45.97 -29.84
C ILE C 118 -0.36 47.36 -29.64
N ILE C 119 -0.76 48.30 -30.49
CA ILE C 119 -0.25 49.66 -30.47
C ILE C 119 -1.34 50.57 -29.93
N ASP C 120 -1.01 51.32 -28.89
CA ASP C 120 -1.99 52.22 -28.30
C ASP C 120 -2.13 53.49 -29.14
N ALA C 121 -3.20 54.22 -28.88
CA ALA C 121 -3.43 55.48 -29.58
C ALA C 121 -2.34 56.49 -29.30
N ASP C 122 -1.64 56.36 -28.18
CA ASP C 122 -0.55 57.26 -27.83
C ASP C 122 0.76 56.91 -28.54
N GLY C 123 0.76 55.88 -29.37
CA GLY C 123 1.96 55.45 -30.07
C GLY C 123 2.82 54.48 -29.31
N GLN C 124 2.39 54.02 -28.15
CA GLN C 124 3.15 53.07 -27.35
C GLN C 124 2.83 51.65 -27.79
N LEU C 125 3.84 50.78 -27.70
CA LEU C 125 3.65 49.36 -28.00
C LEU C 125 3.17 48.67 -26.73
N VAL C 126 1.87 48.38 -26.68
CA VAL C 126 1.30 47.75 -25.49
C VAL C 126 1.85 46.33 -25.33
N ALA C 127 1.94 45.59 -26.43
CA ALA C 127 2.42 44.21 -26.35
C ALA C 127 2.76 43.72 -27.75
N ARG C 128 3.55 42.65 -27.80
CA ARG C 128 3.93 42.01 -29.05
C ARG C 128 3.80 40.49 -28.92
N ARG C 129 2.67 40.07 -28.35
CA ARG C 129 2.42 38.65 -28.13
C ARG C 129 2.74 37.82 -29.37
N ARG C 130 3.17 36.58 -29.13
CA ARG C 130 3.47 35.61 -30.18
C ARG C 130 2.47 34.47 -30.13
N LYS C 131 2.22 33.86 -31.29
CA LYS C 131 1.30 32.73 -31.34
C LYS C 131 1.83 31.60 -30.48
N LEU C 132 0.95 31.03 -29.66
CA LEU C 132 1.37 29.99 -28.73
C LEU C 132 1.89 28.75 -29.46
N LYS C 133 1.20 28.36 -30.52
CA LYS C 133 1.60 27.18 -31.28
C LYS C 133 1.08 27.29 -32.71
N PRO C 134 1.95 27.37 -33.71
CA PRO C 134 1.47 27.41 -35.10
C PRO C 134 0.70 26.15 -35.46
N THR C 135 0.14 26.15 -36.67
CA THR C 135 -0.79 25.13 -37.11
C THR C 135 -0.16 24.27 -38.20
N HIS C 136 -0.13 22.96 -37.97
CA HIS C 136 0.30 21.97 -38.96
C HIS C 136 1.64 22.41 -39.54
N VAL C 137 1.81 22.41 -40.87
CA VAL C 137 3.11 22.69 -41.47
C VAL C 137 3.59 24.10 -41.20
N GLU C 138 2.71 24.95 -40.69
CA GLU C 138 3.11 26.29 -40.26
C GLU C 138 4.18 26.25 -39.18
N ARG C 139 4.28 25.13 -38.45
CA ARG C 139 5.28 24.97 -37.41
C ARG C 139 6.69 24.87 -37.96
N SER C 140 6.85 24.63 -39.25
CA SER C 140 8.17 24.59 -39.86
C SER C 140 8.73 25.97 -40.14
N VAL C 141 7.89 27.01 -40.09
CA VAL C 141 8.31 28.38 -40.35
C VAL C 141 8.50 29.16 -39.06
N TYR C 142 7.53 29.06 -38.15
CA TYR C 142 7.49 29.90 -36.97
C TYR C 142 7.80 29.11 -35.71
N GLY C 143 8.27 29.82 -34.69
CA GLY C 143 8.46 29.27 -33.38
C GLY C 143 7.24 29.49 -32.50
N GLU C 144 7.36 29.02 -31.26
CA GLU C 144 6.25 29.05 -30.32
C GLU C 144 6.41 30.22 -29.35
N GLY C 145 5.30 30.59 -28.73
CA GLY C 145 5.28 31.62 -27.71
C GLY C 145 5.26 31.04 -26.31
N ASN C 146 5.04 31.92 -25.34
CA ASN C 146 5.00 31.58 -23.93
C ASN C 146 3.59 31.73 -23.40
N GLY C 147 3.44 31.55 -22.09
CA GLY C 147 2.20 31.91 -21.44
C GLY C 147 2.04 33.39 -21.22
N SER C 148 3.14 34.14 -21.31
CA SER C 148 3.06 35.59 -21.28
C SER C 148 2.45 36.15 -22.55
N ASP C 149 2.40 35.35 -23.61
CA ASP C 149 1.80 35.77 -24.87
C ASP C 149 0.29 35.64 -24.86
N ILE C 150 -0.28 35.04 -23.82
CA ILE C 150 -1.72 34.99 -23.61
C ILE C 150 -2.04 36.02 -22.54
N SER C 151 -2.60 37.15 -22.96
CA SER C 151 -2.89 38.21 -22.01
C SER C 151 -3.98 39.11 -22.57
N VAL C 152 -4.56 39.91 -21.67
CA VAL C 152 -5.57 40.89 -22.00
C VAL C 152 -5.08 42.24 -21.51
N TYR C 153 -5.15 43.24 -22.37
CA TYR C 153 -4.56 44.54 -22.11
C TYR C 153 -5.66 45.57 -21.89
N ASP C 154 -5.54 46.34 -20.81
CA ASP C 154 -6.55 47.33 -20.44
C ASP C 154 -6.32 48.60 -21.24
N MET C 155 -6.76 48.57 -22.49
CA MET C 155 -6.71 49.75 -23.33
C MET C 155 -7.69 50.79 -22.82
N PRO C 156 -7.45 52.07 -23.11
CA PRO C 156 -8.34 53.11 -22.58
C PRO C 156 -9.79 52.91 -22.95
N PHE C 157 -10.07 52.37 -24.13
CA PHE C 157 -11.45 52.21 -24.59
C PHE C 157 -12.09 50.92 -24.10
N ALA C 158 -11.31 49.84 -23.96
CA ALA C 158 -11.86 48.58 -23.47
C ALA C 158 -10.68 47.64 -23.19
N ARG C 159 -11.00 46.53 -22.54
CA ARG C 159 -10.02 45.48 -22.30
C ARG C 159 -9.86 44.65 -23.56
N LEU C 160 -8.68 44.67 -24.15
CA LEU C 160 -8.43 44.13 -25.47
C LEU C 160 -7.62 42.85 -25.39
N GLY C 161 -8.05 41.84 -26.15
CA GLY C 161 -7.26 40.65 -26.36
C GLY C 161 -7.19 40.35 -27.85
N ALA C 162 -6.26 39.47 -28.21
CA ALA C 162 -6.06 39.18 -29.62
C ALA C 162 -5.37 37.82 -29.76
N LEU C 163 -5.91 36.99 -30.63
CA LEU C 163 -5.36 35.66 -30.91
C LEU C 163 -5.26 35.47 -32.41
N ASN C 164 -4.35 34.59 -32.81
CA ASN C 164 -4.06 34.32 -34.21
C ASN C 164 -4.75 33.06 -34.69
N CYS C 165 -5.40 33.15 -35.85
CA CYS C 165 -5.90 32.00 -36.57
C CYS C 165 -6.44 30.90 -35.65
N TRP C 166 -5.86 29.71 -35.72
CA TRP C 166 -6.44 28.53 -35.09
C TRP C 166 -6.16 28.47 -33.59
N GLU C 167 -5.75 29.59 -33.00
CA GLU C 167 -5.77 29.67 -31.55
C GLU C 167 -7.19 29.75 -31.02
N HIS C 168 -8.18 29.90 -31.89
CA HIS C 168 -9.58 29.84 -31.51
C HIS C 168 -10.09 28.42 -31.39
N PHE C 169 -9.36 27.43 -31.90
CA PHE C 169 -9.66 26.03 -31.64
C PHE C 169 -8.99 25.51 -30.39
N GLN C 170 -8.17 26.32 -29.72
CA GLN C 170 -7.50 25.91 -28.50
C GLN C 170 -8.43 26.20 -27.33
N THR C 171 -9.00 25.15 -26.75
CA THR C 171 -10.06 25.32 -25.76
C THR C 171 -9.54 26.00 -24.50
N LEU C 172 -8.34 25.64 -24.05
CA LEU C 172 -7.83 26.23 -22.82
C LEU C 172 -7.36 27.65 -23.03
N THR C 173 -6.81 27.96 -24.20
CA THR C 173 -6.42 29.34 -24.50
C THR C 173 -7.64 30.24 -24.48
N LYS C 174 -8.79 29.75 -24.96
CA LYS C 174 -10.03 30.49 -24.83
C LYS C 174 -10.31 30.84 -23.38
N TYR C 175 -10.29 29.85 -22.49
CA TYR C 175 -10.66 30.07 -21.10
C TYR C 175 -9.72 31.06 -20.43
N ALA C 176 -8.43 30.94 -20.70
CA ALA C 176 -7.48 31.90 -20.13
C ALA C 176 -7.83 33.32 -20.53
N MET C 177 -8.34 33.50 -21.76
CA MET C 177 -8.70 34.84 -22.20
C MET C 177 -10.01 35.30 -21.59
N TYR C 178 -10.96 34.38 -21.41
CA TYR C 178 -12.18 34.73 -20.70
C TYR C 178 -11.89 35.10 -19.26
N SER C 179 -10.99 34.35 -18.62
CA SER C 179 -10.67 34.58 -17.22
C SER C 179 -10.11 35.97 -16.97
N MET C 180 -9.55 36.62 -17.99
CA MET C 180 -9.06 37.98 -17.88
C MET C 180 -10.10 39.02 -18.27
N HIS C 181 -11.31 38.60 -18.62
CA HIS C 181 -12.42 39.51 -18.86
C HIS C 181 -12.18 40.40 -20.07
N GLU C 182 -12.00 39.77 -21.23
CA GLU C 182 -12.07 40.52 -22.48
C GLU C 182 -13.45 41.10 -22.68
N GLN C 183 -13.50 42.23 -23.37
CA GLN C 183 -14.71 42.65 -24.06
C GLN C 183 -14.49 43.17 -25.46
N VAL C 184 -13.25 43.20 -25.96
CA VAL C 184 -12.98 43.37 -27.38
C VAL C 184 -11.88 42.39 -27.75
N HIS C 185 -12.13 41.54 -28.73
CA HIS C 185 -11.18 40.54 -29.17
C HIS C 185 -10.87 40.76 -30.64
N VAL C 186 -9.59 40.76 -30.99
CA VAL C 186 -9.15 40.89 -32.36
C VAL C 186 -8.68 39.53 -32.83
N ALA C 187 -9.41 38.94 -33.77
CA ALA C 187 -9.08 37.64 -34.33
C ALA C 187 -8.49 37.83 -35.71
N SER C 188 -7.22 37.49 -35.87
CA SER C 188 -6.52 37.65 -37.14
C SER C 188 -6.41 36.29 -37.82
N TRP C 189 -6.77 36.24 -39.09
CA TRP C 189 -6.70 35.04 -39.90
C TRP C 189 -5.97 35.35 -41.20
N PRO C 190 -5.44 34.35 -41.86
CA PRO C 190 -4.99 34.54 -43.24
C PRO C 190 -6.13 34.28 -44.21
N GLY C 191 -5.88 34.36 -45.51
CA GLY C 191 -6.91 33.97 -46.46
C GLY C 191 -7.18 32.48 -46.36
N MET C 192 -8.33 32.13 -45.81
CA MET C 192 -8.66 30.73 -45.55
C MET C 192 -9.34 30.12 -46.77
N SER C 193 -8.54 30.01 -47.84
CA SER C 193 -8.99 29.44 -49.10
C SER C 193 -8.19 28.20 -49.48
N LEU C 194 -7.49 27.59 -48.53
CA LEU C 194 -6.62 26.47 -48.81
C LEU C 194 -7.40 25.17 -48.90
N TYR C 195 -7.08 24.37 -49.91
CA TYR C 195 -7.57 22.99 -50.01
C TYR C 195 -9.09 22.96 -49.90
N GLN C 196 -9.76 23.92 -50.53
CA GLN C 196 -11.17 24.14 -50.22
C GLN C 196 -12.05 22.94 -50.50
N PRO C 197 -12.02 22.33 -51.68
CA PRO C 197 -12.87 21.14 -51.88
C PRO C 197 -12.56 20.00 -50.93
N GLU C 198 -11.28 19.78 -50.60
CA GLU C 198 -10.87 18.56 -49.91
C GLU C 198 -10.94 18.67 -48.40
N VAL C 199 -10.46 19.76 -47.82
CA VAL C 199 -10.40 19.91 -46.37
C VAL C 199 -11.40 20.97 -45.95
N PRO C 200 -12.61 20.60 -45.52
CA PRO C 200 -13.57 21.62 -45.08
C PRO C 200 -13.12 22.42 -43.88
N ALA C 201 -12.26 21.83 -43.03
CA ALA C 201 -11.82 22.53 -41.84
C ALA C 201 -11.11 23.83 -42.15
N PHE C 202 -10.59 23.99 -43.36
CA PHE C 202 -9.92 25.21 -43.77
C PHE C 202 -10.86 26.20 -44.46
N GLY C 203 -12.14 25.86 -44.60
CA GLY C 203 -13.06 26.71 -45.31
C GLY C 203 -13.56 27.86 -44.45
N VAL C 204 -13.85 28.98 -45.12
CA VAL C 204 -14.32 30.17 -44.42
C VAL C 204 -15.48 29.85 -43.49
N ASP C 205 -16.28 28.84 -43.85
CA ASP C 205 -17.38 28.45 -42.98
C ASP C 205 -16.87 27.91 -41.65
N ALA C 206 -15.82 27.09 -41.69
CA ALA C 206 -15.29 26.52 -40.45
C ALA C 206 -14.73 27.60 -39.54
N GLN C 207 -14.02 28.57 -40.11
CA GLN C 207 -13.40 29.61 -39.29
C GLN C 207 -14.38 30.69 -38.88
N LEU C 208 -15.56 30.72 -39.49
CA LEU C 208 -16.58 31.65 -39.03
C LEU C 208 -17.26 31.14 -37.78
N THR C 209 -17.46 29.83 -37.68
CA THR C 209 -17.98 29.27 -36.44
C THR C 209 -17.00 29.45 -35.29
N ALA C 210 -15.71 29.26 -35.58
CA ALA C 210 -14.68 29.46 -34.55
C ALA C 210 -14.74 30.86 -34.00
N THR C 211 -14.84 31.86 -34.89
CA THR C 211 -14.85 33.25 -34.45
C THR C 211 -16.18 33.61 -33.81
N ARG C 212 -17.29 33.14 -34.39
CA ARG C 212 -18.59 33.45 -33.82
C ARG C 212 -18.75 32.79 -32.46
N MET C 213 -18.29 31.55 -32.31
CA MET C 213 -18.38 30.88 -31.03
C MET C 213 -17.53 31.58 -29.97
N TYR C 214 -16.37 32.11 -30.36
CA TYR C 214 -15.53 32.80 -29.39
C TYR C 214 -16.29 33.97 -28.76
N ALA C 215 -16.93 34.79 -29.58
CA ALA C 215 -17.76 35.86 -29.05
C ALA C 215 -18.92 35.30 -28.26
N LEU C 216 -19.59 34.29 -28.80
CA LEU C 216 -20.76 33.72 -28.13
C LEU C 216 -20.37 33.02 -26.84
N GLU C 217 -19.25 32.29 -26.85
CA GLU C 217 -18.82 31.55 -25.68
C GLU C 217 -18.31 32.47 -24.58
N GLY C 218 -17.48 33.44 -24.95
CA GLY C 218 -16.87 34.34 -24.00
C GLY C 218 -17.58 35.65 -23.79
N GLN C 219 -18.68 35.91 -24.49
CA GLN C 219 -19.43 37.15 -24.38
C GLN C 219 -18.51 38.35 -24.58
N THR C 220 -17.86 38.38 -25.74
CA THR C 220 -16.97 39.46 -26.12
C THR C 220 -17.27 39.89 -27.55
N PHE C 221 -17.02 41.16 -27.83
CA PHE C 221 -17.01 41.61 -29.22
C PHE C 221 -15.76 41.08 -29.90
N VAL C 222 -15.92 40.48 -31.07
CA VAL C 222 -14.81 39.93 -31.84
C VAL C 222 -14.66 40.75 -33.11
N VAL C 223 -13.45 41.24 -33.34
CA VAL C 223 -13.10 41.99 -34.54
C VAL C 223 -12.26 41.05 -35.39
N CYS C 224 -12.89 40.46 -36.40
CA CYS C 224 -12.23 39.46 -37.24
C CYS C 224 -11.64 40.12 -38.47
N THR C 225 -10.33 39.98 -38.64
CA THR C 225 -9.62 40.51 -39.79
C THR C 225 -8.90 39.38 -40.50
N THR C 226 -8.96 39.39 -41.83
CA THR C 226 -8.40 38.30 -42.61
C THR C 226 -7.73 38.86 -43.86
N GLN C 227 -6.82 38.07 -44.41
CA GLN C 227 -6.23 38.37 -45.70
C GLN C 227 -7.10 37.80 -46.82
N VAL C 228 -6.79 38.19 -48.04
CA VAL C 228 -7.51 37.75 -49.22
C VAL C 228 -6.52 37.19 -50.22
N VAL C 229 -6.83 36.01 -50.76
CA VAL C 229 -5.99 35.39 -51.78
C VAL C 229 -6.51 35.82 -53.14
N THR C 230 -5.97 36.93 -53.66
CA THR C 230 -6.41 37.50 -54.92
C THR C 230 -5.55 36.96 -56.06
N PRO C 231 -5.83 37.31 -57.31
CA PRO C 231 -4.96 36.86 -58.41
C PRO C 231 -3.52 37.27 -58.24
N GLU C 232 -3.24 38.42 -57.61
CA GLU C 232 -1.87 38.81 -57.36
C GLU C 232 -1.14 37.75 -56.56
N ALA C 233 -1.83 37.10 -55.63
CA ALA C 233 -1.23 36.01 -54.88
C ALA C 233 -0.89 34.84 -55.79
N HIS C 234 -1.76 34.52 -56.74
CA HIS C 234 -1.50 33.41 -57.64
C HIS C 234 -0.24 33.67 -58.47
N GLU C 235 -0.06 34.90 -58.93
CA GLU C 235 1.14 35.25 -59.68
C GLU C 235 2.40 35.16 -58.84
N PHE C 236 2.28 35.06 -57.51
CA PHE C 236 3.43 34.99 -56.61
C PHE C 236 3.77 33.56 -56.21
N PHE C 237 2.80 32.84 -55.67
CA PHE C 237 3.04 31.49 -55.15
C PHE C 237 2.85 30.43 -56.21
N CYS C 238 1.71 30.45 -56.91
CA CYS C 238 1.37 29.37 -57.83
C CYS C 238 2.32 29.37 -59.02
N GLU C 239 2.73 28.16 -59.41
CA GLU C 239 3.58 27.95 -60.59
C GLU C 239 2.90 27.15 -61.68
N ASN C 240 1.77 26.51 -61.41
CA ASN C 240 1.05 25.75 -62.42
C ASN C 240 -0.41 25.67 -61.99
N GLU C 241 -1.19 24.88 -62.74
CA GLU C 241 -2.63 24.81 -62.48
C GLU C 241 -2.92 24.07 -61.18
N GLU C 242 -2.14 23.03 -60.87
CA GLU C 242 -2.39 22.27 -59.64
C GLU C 242 -2.24 23.16 -58.41
N GLN C 243 -1.20 23.98 -58.38
CA GLN C 243 -0.98 24.84 -57.22
C GLN C 243 -2.05 25.92 -57.12
N ARG C 244 -2.61 26.36 -58.25
CA ARG C 244 -3.67 27.36 -58.19
C ARG C 244 -4.93 26.80 -57.54
N LYS C 245 -5.18 25.51 -57.70
CA LYS C 245 -6.31 24.89 -57.03
C LYS C 245 -6.10 24.86 -55.52
N LEU C 246 -4.85 24.67 -55.08
CA LEU C 246 -4.59 24.53 -53.66
C LEU C 246 -4.97 25.78 -52.89
N ILE C 247 -4.48 26.94 -53.32
CA ILE C 247 -4.88 28.22 -52.74
C ILE C 247 -5.93 28.82 -53.67
N GLY C 248 -7.19 28.54 -53.37
CA GLY C 248 -8.27 29.10 -54.15
C GLY C 248 -8.27 30.61 -54.10
N ARG C 249 -9.27 31.23 -54.68
CA ARG C 249 -9.35 32.68 -54.65
C ARG C 249 -10.08 33.15 -53.39
N GLY C 250 -9.95 34.44 -53.10
CA GLY C 250 -10.68 35.02 -51.99
C GLY C 250 -10.21 34.47 -50.66
N GLY C 251 -11.16 33.97 -49.87
CA GLY C 251 -10.87 33.45 -48.55
C GLY C 251 -10.96 34.47 -47.44
N GLY C 252 -11.31 35.72 -47.74
CA GLY C 252 -11.42 36.75 -46.72
C GLY C 252 -12.81 36.75 -46.11
N PHE C 253 -12.86 36.77 -44.78
CA PHE C 253 -14.13 36.74 -44.05
C PHE C 253 -14.08 37.69 -42.87
N ALA C 254 -13.58 38.90 -43.07
CA ALA C 254 -13.55 39.87 -41.99
C ALA C 254 -14.96 40.15 -41.48
N ARG C 255 -15.11 40.16 -40.17
CA ARG C 255 -16.40 40.34 -39.52
C ARG C 255 -16.23 41.16 -38.26
N ILE C 256 -17.34 41.74 -37.80
CA ILE C 256 -17.45 42.27 -36.45
C ILE C 256 -18.65 41.61 -35.82
N ILE C 257 -18.43 40.94 -34.68
CA ILE C 257 -19.42 40.08 -34.05
C ILE C 257 -19.65 40.57 -32.63
N GLY C 258 -20.91 40.66 -32.24
CA GLY C 258 -21.26 41.07 -30.90
C GLY C 258 -21.24 39.92 -29.92
N PRO C 259 -21.48 40.22 -28.64
CA PRO C 259 -21.49 39.15 -27.64
C PRO C 259 -22.52 38.07 -27.92
N ASP C 260 -23.58 38.41 -28.64
CA ASP C 260 -24.63 37.47 -28.99
C ASP C 260 -24.32 36.69 -30.26
N GLY C 261 -23.17 36.93 -30.89
CA GLY C 261 -22.79 36.22 -32.09
C GLY C 261 -23.33 36.82 -33.37
N ARG C 262 -24.19 37.83 -33.28
CA ARG C 262 -24.74 38.45 -34.47
C ARG C 262 -23.77 39.49 -35.02
N ASP C 263 -23.58 39.46 -36.34
CA ASP C 263 -22.64 40.38 -36.98
C ASP C 263 -23.14 41.80 -36.87
N LEU C 264 -22.24 42.72 -36.51
CA LEU C 264 -22.56 44.13 -36.37
C LEU C 264 -22.20 44.94 -37.61
N ALA C 265 -21.61 44.32 -38.62
CA ALA C 265 -21.24 44.99 -39.85
C ALA C 265 -21.55 44.08 -41.03
N THR C 266 -22.00 44.66 -42.12
CA THR C 266 -22.32 43.86 -43.30
C THR C 266 -21.04 43.29 -43.88
N PRO C 267 -20.91 41.97 -43.99
CA PRO C 267 -19.66 41.40 -44.48
C PRO C 267 -19.38 41.75 -45.93
N LEU C 268 -18.09 41.82 -46.26
CA LEU C 268 -17.66 42.03 -47.63
C LEU C 268 -17.72 40.71 -48.39
N ALA C 269 -17.37 40.75 -49.68
CA ALA C 269 -17.29 39.54 -50.47
C ALA C 269 -16.02 38.76 -50.08
N GLU C 270 -16.06 37.45 -50.34
CA GLU C 270 -14.93 36.60 -49.99
C GLU C 270 -13.68 36.99 -50.77
N ASP C 271 -13.82 37.72 -51.87
CA ASP C 271 -12.68 38.15 -52.67
C ASP C 271 -12.41 39.65 -52.61
N GLU C 272 -13.39 40.45 -52.19
CA GLU C 272 -13.21 41.89 -52.16
C GLU C 272 -12.42 42.31 -50.93
N GLU C 273 -11.60 43.34 -51.11
CA GLU C 273 -10.86 43.97 -50.02
C GLU C 273 -11.65 45.15 -49.48
N GLY C 274 -11.16 45.71 -48.39
CA GLY C 274 -11.76 46.90 -47.83
C GLY C 274 -11.70 46.87 -46.32
N ILE C 275 -12.41 47.83 -45.72
CA ILE C 275 -12.53 47.94 -44.28
C ILE C 275 -14.01 48.03 -43.95
N LEU C 276 -14.43 47.39 -42.87
CA LEU C 276 -15.80 47.48 -42.40
C LEU C 276 -15.81 47.93 -40.94
N TYR C 277 -16.83 48.70 -40.59
CA TYR C 277 -16.87 49.43 -39.33
C TYR C 277 -18.09 48.99 -38.53
N ALA C 278 -18.04 49.26 -37.22
CA ALA C 278 -19.16 48.97 -36.35
C ALA C 278 -19.04 49.81 -35.09
N ASP C 279 -20.16 49.97 -34.40
CA ASP C 279 -20.21 50.69 -33.14
C ASP C 279 -20.31 49.68 -32.01
N ILE C 280 -19.35 49.73 -31.09
CA ILE C 280 -19.26 48.78 -29.99
C ILE C 280 -19.82 49.44 -28.74
N ASP C 281 -20.85 48.83 -28.16
CA ASP C 281 -21.40 49.26 -26.88
C ASP C 281 -21.17 48.15 -25.87
N LEU C 282 -20.34 48.42 -24.86
CA LEU C 282 -19.99 47.39 -23.91
C LEU C 282 -21.17 46.97 -23.04
N SER C 283 -22.25 47.76 -22.99
CA SER C 283 -23.43 47.33 -22.27
C SER C 283 -24.09 46.13 -22.93
N ALA C 284 -23.77 45.85 -24.20
CA ALA C 284 -24.33 44.70 -24.87
C ALA C 284 -23.78 43.40 -24.30
N ILE C 285 -22.73 43.49 -23.47
CA ILE C 285 -22.15 42.29 -22.88
C ILE C 285 -22.85 41.93 -21.59
N THR C 286 -23.06 42.90 -20.71
CA THR C 286 -23.77 42.62 -19.47
C THR C 286 -25.14 42.05 -19.76
N LEU C 287 -25.70 42.35 -20.93
CA LEU C 287 -26.94 41.72 -21.35
C LEU C 287 -26.71 40.26 -21.75
N ALA C 288 -25.57 39.98 -22.39
CA ALA C 288 -25.28 38.62 -22.83
C ALA C 288 -24.77 37.74 -21.70
N LYS C 289 -24.21 38.34 -20.65
CA LYS C 289 -23.68 37.58 -19.53
C LYS C 289 -24.77 37.18 -18.54
N GLN C 290 -26.01 37.60 -18.76
CA GLN C 290 -27.11 37.10 -17.93
C GLN C 290 -27.32 35.61 -18.14
N ALA C 291 -27.19 35.15 -19.39
CA ALA C 291 -27.43 33.74 -19.69
C ALA C 291 -26.22 32.89 -19.32
N ALA C 292 -25.06 33.20 -19.91
CA ALA C 292 -23.85 32.40 -19.70
C ALA C 292 -22.71 33.30 -19.26
N ASP C 293 -21.81 32.72 -18.49
CA ASP C 293 -20.56 33.36 -18.09
C ASP C 293 -19.56 32.27 -17.72
N PRO C 294 -18.72 31.84 -18.66
CA PRO C 294 -17.92 30.63 -18.39
C PRO C 294 -17.01 30.74 -17.19
N VAL C 295 -16.49 31.93 -16.90
CA VAL C 295 -15.55 32.12 -15.80
C VAL C 295 -16.23 32.70 -14.56
N GLY C 296 -17.55 32.83 -14.59
CA GLY C 296 -18.27 33.42 -13.49
C GLY C 296 -19.34 32.53 -12.91
N HIS C 297 -20.59 32.99 -12.97
CA HIS C 297 -21.69 32.27 -12.35
C HIS C 297 -21.92 30.91 -12.98
N TYR C 298 -21.45 30.69 -14.20
CA TYR C 298 -21.77 29.50 -14.97
C TYR C 298 -20.56 28.57 -15.02
N SER C 299 -19.83 28.52 -13.91
CA SER C 299 -18.60 27.75 -13.78
C SER C 299 -18.67 26.89 -12.52
N ARG C 300 -17.86 25.84 -12.51
CA ARG C 300 -17.82 24.89 -11.38
C ARG C 300 -16.38 24.62 -11.02
N PRO C 301 -15.72 25.54 -10.31
CA PRO C 301 -14.31 25.36 -9.98
C PRO C 301 -14.03 24.14 -9.13
N ASP C 302 -15.02 23.61 -8.41
CA ASP C 302 -14.83 22.39 -7.65
C ASP C 302 -14.72 21.17 -8.54
N VAL C 303 -15.13 21.28 -9.80
CA VAL C 303 -15.09 20.18 -10.75
C VAL C 303 -13.98 20.39 -11.78
N LEU C 304 -13.99 21.53 -12.45
CA LEU C 304 -13.06 21.82 -13.52
C LEU C 304 -12.39 23.16 -13.26
N SER C 305 -11.07 23.19 -13.36
CA SER C 305 -10.28 24.39 -13.14
C SER C 305 -9.18 24.45 -14.19
N LEU C 306 -8.52 25.60 -14.28
CA LEU C 306 -7.46 25.82 -15.25
C LEU C 306 -6.16 26.13 -14.53
N ASN C 307 -5.09 25.45 -14.92
CA ASN C 307 -3.75 25.80 -14.51
C ASN C 307 -3.11 26.64 -15.60
N PHE C 308 -2.84 27.90 -15.30
CA PHE C 308 -2.32 28.84 -16.28
C PHE C 308 -0.97 29.35 -15.82
N ASN C 309 0.05 29.17 -16.64
CA ASN C 309 1.42 29.55 -16.31
C ASN C 309 1.83 30.70 -17.22
N GLN C 310 1.96 31.89 -16.64
CA GLN C 310 2.27 33.10 -17.39
C GLN C 310 3.74 33.49 -17.33
N ARG C 311 4.60 32.62 -16.83
CA ARG C 311 6.02 32.93 -16.78
C ARG C 311 6.56 33.11 -18.19
N ARG C 312 7.49 34.06 -18.35
CA ARG C 312 8.11 34.34 -19.64
C ARG C 312 9.42 33.58 -19.70
N THR C 313 9.35 32.36 -20.24
CA THR C 313 10.54 31.53 -20.33
C THR C 313 11.46 32.01 -21.44
N THR C 314 12.77 31.93 -21.21
CA THR C 314 13.79 32.38 -22.13
C THR C 314 14.84 31.28 -22.30
N PRO C 315 15.41 31.14 -23.50
CA PRO C 315 16.48 30.14 -23.66
C PRO C 315 17.68 30.40 -22.76
N VAL C 316 18.04 31.66 -22.53
CA VAL C 316 19.10 32.04 -21.62
C VAL C 316 18.50 32.95 -20.56
N ASN C 317 18.64 32.57 -19.30
CA ASN C 317 18.10 33.34 -18.20
C ASN C 317 19.09 34.30 -17.58
N THR C 318 20.37 34.16 -17.88
CA THR C 318 21.39 35.04 -17.33
C THR C 318 21.44 34.90 -15.81
N VAL D 2 -9.19 5.45 -29.14
CA VAL D 2 -8.24 4.31 -29.13
C VAL D 2 -8.13 3.71 -30.53
N GLU D 3 -9.27 3.49 -31.18
CA GLU D 3 -9.30 2.93 -32.53
C GLU D 3 -10.25 3.75 -33.38
N TYR D 4 -9.81 4.13 -34.57
CA TYR D 4 -10.54 5.02 -35.45
C TYR D 4 -10.82 4.35 -36.80
N THR D 5 -11.31 3.12 -36.75
CA THR D 5 -11.56 2.33 -37.95
C THR D 5 -13.03 1.97 -38.14
N ASN D 6 -13.78 1.79 -37.06
CA ASN D 6 -15.14 1.27 -37.16
C ASN D 6 -16.01 2.18 -38.01
N THR D 7 -17.09 1.60 -38.55
CA THR D 7 -18.09 2.33 -39.32
C THR D 7 -19.47 1.87 -38.86
N PHE D 8 -20.41 2.80 -38.84
CA PHE D 8 -21.76 2.50 -38.34
C PHE D 8 -22.71 3.59 -38.81
N LYS D 9 -23.98 3.41 -38.47
CA LYS D 9 -25.04 4.33 -38.85
C LYS D 9 -25.73 4.86 -37.59
N VAL D 10 -26.00 6.15 -37.57
CA VAL D 10 -26.58 6.81 -36.39
C VAL D 10 -27.79 7.61 -36.82
N ALA D 11 -28.66 7.89 -35.86
CA ALA D 11 -29.91 8.60 -36.10
C ALA D 11 -30.07 9.72 -35.07
N ALA D 12 -30.48 10.89 -35.56
CA ALA D 12 -30.77 12.03 -34.72
C ALA D 12 -32.27 12.31 -34.80
N VAL D 13 -32.90 12.53 -33.66
CA VAL D 13 -34.35 12.65 -33.56
C VAL D 13 -34.69 14.11 -33.31
N GLN D 14 -35.53 14.67 -34.18
CA GLN D 14 -36.10 16.00 -34.01
C GLN D 14 -37.58 15.79 -33.74
N ALA D 15 -37.92 15.61 -32.47
CA ALA D 15 -39.22 15.09 -32.09
C ALA D 15 -39.97 16.06 -31.18
N GLN D 16 -41.26 15.80 -31.07
CA GLN D 16 -42.25 16.51 -30.27
C GLN D 16 -42.64 15.67 -29.07
N PRO D 17 -42.44 16.12 -27.84
CA PRO D 17 -42.89 15.33 -26.69
C PRO D 17 -44.36 15.57 -26.37
N VAL D 18 -45.00 14.51 -25.85
CA VAL D 18 -46.34 14.66 -25.31
C VAL D 18 -46.18 15.39 -23.98
N TRP D 19 -46.46 16.69 -23.99
CA TRP D 19 -45.96 17.57 -22.94
C TRP D 19 -46.40 17.11 -21.56
N PHE D 20 -45.41 16.93 -20.67
CA PHE D 20 -45.65 16.59 -19.28
C PHE D 20 -46.54 15.36 -19.16
N ASP D 21 -46.27 14.35 -20.00
CA ASP D 21 -46.94 13.05 -19.90
C ASP D 21 -45.89 11.99 -20.18
N ALA D 22 -45.37 11.38 -19.11
CA ALA D 22 -44.28 10.42 -19.26
C ALA D 22 -44.72 9.19 -20.04
N ALA D 23 -45.87 8.62 -19.70
CA ALA D 23 -46.29 7.37 -20.29
C ALA D 23 -46.43 7.49 -21.81
N LYS D 24 -47.06 8.55 -22.28
CA LYS D 24 -47.23 8.72 -23.72
C LYS D 24 -45.92 9.07 -24.40
N THR D 25 -45.08 9.89 -23.75
CA THR D 25 -43.81 10.24 -24.36
C THR D 25 -42.86 9.06 -24.40
N VAL D 26 -42.94 8.16 -23.43
CA VAL D 26 -42.15 6.94 -23.49
C VAL D 26 -42.62 6.07 -24.65
N ASP D 27 -43.93 6.05 -24.90
CA ASP D 27 -44.46 5.34 -26.06
C ASP D 27 -43.91 5.95 -27.35
N LYS D 28 -43.93 7.28 -27.45
CA LYS D 28 -43.43 7.93 -28.65
C LYS D 28 -41.94 7.69 -28.81
N THR D 29 -41.19 7.62 -27.72
CA THR D 29 -39.77 7.33 -27.80
C THR D 29 -39.53 5.93 -28.34
N VAL D 30 -40.27 4.94 -27.84
CA VAL D 30 -40.05 3.56 -28.27
C VAL D 30 -40.36 3.41 -29.75
N SER D 31 -41.42 4.08 -30.22
CA SER D 31 -41.71 4.05 -31.65
C SER D 31 -40.57 4.68 -32.45
N ASN D 32 -40.01 5.78 -31.94
CA ASN D 32 -38.85 6.37 -32.60
C ASN D 32 -37.65 5.44 -32.55
N ILE D 33 -37.45 4.75 -31.42
CA ILE D 33 -36.37 3.78 -31.33
C ILE D 33 -36.57 2.68 -32.36
N ALA D 34 -37.80 2.18 -32.48
CA ALA D 34 -38.08 1.11 -33.43
C ALA D 34 -37.82 1.56 -34.86
N GLU D 35 -38.23 2.78 -35.21
CA GLU D 35 -38.04 3.26 -36.56
C GLU D 35 -36.57 3.31 -36.93
N ALA D 36 -35.74 3.82 -36.02
CA ALA D 36 -34.31 3.91 -36.30
C ALA D 36 -33.69 2.53 -36.49
N ALA D 37 -34.08 1.56 -35.65
CA ALA D 37 -33.51 0.23 -35.77
C ALA D 37 -33.88 -0.43 -37.08
N ARG D 38 -35.06 -0.12 -37.62
CA ARG D 38 -35.45 -0.66 -38.92
C ARG D 38 -34.48 -0.20 -40.01
N ASN D 39 -33.91 0.98 -39.86
CA ASN D 39 -32.98 1.53 -40.84
C ASN D 39 -31.53 1.12 -40.57
N GLY D 40 -31.29 0.30 -39.56
CA GLY D 40 -29.95 -0.20 -39.31
C GLY D 40 -29.06 0.74 -38.53
N CYS D 41 -29.62 1.66 -37.77
CA CYS D 41 -28.83 2.58 -36.98
C CYS D 41 -28.40 1.93 -35.68
N GLU D 42 -27.11 2.00 -35.38
CA GLU D 42 -26.58 1.46 -34.13
C GLU D 42 -26.70 2.42 -32.97
N LEU D 43 -27.13 3.65 -33.22
CA LEU D 43 -27.31 4.64 -32.16
C LEU D 43 -28.43 5.58 -32.57
N VAL D 44 -29.40 5.76 -31.68
CA VAL D 44 -30.47 6.73 -31.86
C VAL D 44 -30.47 7.65 -30.64
N ALA D 45 -30.50 8.96 -30.88
CA ALA D 45 -30.45 9.96 -29.83
C ALA D 45 -31.73 10.77 -29.82
N PHE D 46 -32.08 11.27 -28.64
CA PHE D 46 -33.31 12.03 -28.43
C PHE D 46 -32.99 13.34 -27.73
N PRO D 47 -33.87 14.33 -27.82
CA PRO D 47 -33.58 15.66 -27.28
C PRO D 47 -33.42 15.62 -25.77
N GLU D 48 -33.15 16.80 -25.21
CA GLU D 48 -32.90 16.94 -23.78
C GLU D 48 -34.22 17.05 -23.03
N VAL D 49 -34.25 16.47 -21.83
CA VAL D 49 -35.46 16.32 -21.03
C VAL D 49 -36.63 16.02 -21.96
N PHE D 50 -36.45 15.00 -22.81
CA PHE D 50 -37.46 14.68 -23.80
C PHE D 50 -38.68 14.02 -23.16
N ILE D 51 -38.47 13.05 -22.28
CA ILE D 51 -39.56 12.18 -21.85
C ILE D 51 -40.69 12.97 -21.20
N PRO D 52 -40.44 13.83 -20.23
CA PRO D 52 -41.53 14.70 -19.77
C PRO D 52 -41.67 15.93 -20.64
N GLY D 53 -40.60 16.29 -21.34
CA GLY D 53 -40.57 17.49 -22.14
C GLY D 53 -39.86 18.63 -21.42
N TYR D 54 -39.40 19.59 -22.20
CA TYR D 54 -38.71 20.72 -21.60
C TYR D 54 -39.70 21.63 -20.87
N PRO D 55 -39.34 22.14 -19.69
CA PRO D 55 -40.26 23.04 -18.96
C PRO D 55 -40.23 24.46 -19.49
N TYR D 56 -40.94 24.68 -20.59
CA TYR D 56 -40.99 26.01 -21.18
C TYR D 56 -41.73 27.02 -20.31
N HIS D 57 -42.50 26.56 -19.33
CA HIS D 57 -43.26 27.49 -18.51
C HIS D 57 -42.37 28.39 -17.68
N ILE D 58 -41.12 28.02 -17.46
CA ILE D 58 -40.23 28.84 -16.65
C ILE D 58 -39.80 30.08 -17.43
N TRP D 59 -39.91 30.05 -18.75
CA TRP D 59 -39.48 31.16 -19.59
C TRP D 59 -40.62 32.09 -19.97
N VAL D 60 -41.85 31.56 -20.02
CA VAL D 60 -42.95 32.34 -20.59
C VAL D 60 -43.56 33.27 -19.55
N ASP D 61 -43.70 32.80 -18.32
CA ASP D 61 -44.40 33.55 -17.28
C ASP D 61 -43.50 33.69 -16.05
N SER D 62 -44.02 34.37 -15.04
CA SER D 62 -43.27 34.56 -13.81
C SER D 62 -43.20 33.26 -13.03
N PRO D 63 -42.26 33.16 -12.07
CA PRO D 63 -42.12 31.90 -11.34
C PRO D 63 -43.40 31.46 -10.65
N LEU D 64 -44.18 32.38 -10.09
CA LEU D 64 -45.42 31.99 -9.44
C LEU D 64 -46.41 31.39 -10.42
N ALA D 65 -46.50 31.96 -11.62
CA ALA D 65 -47.39 31.41 -12.63
C ALA D 65 -46.99 29.99 -12.99
N GLY D 66 -45.71 29.75 -13.20
CA GLY D 66 -45.25 28.41 -13.50
C GLY D 66 -45.44 27.46 -12.33
N MET D 67 -45.09 27.88 -11.12
CA MET D 67 -45.19 27.00 -9.97
C MET D 67 -46.63 26.56 -9.73
N ALA D 68 -47.57 27.49 -9.84
CA ALA D 68 -48.96 27.17 -9.52
C ALA D 68 -49.64 26.34 -10.60
N LYS D 69 -49.07 26.25 -11.80
CA LYS D 69 -49.72 25.59 -12.92
C LYS D 69 -49.01 24.32 -13.37
N PHE D 70 -47.68 24.37 -13.53
CA PHE D 70 -46.96 23.26 -14.15
C PHE D 70 -46.01 22.53 -13.21
N ALA D 71 -45.62 23.12 -12.09
CA ALA D 71 -44.57 22.52 -11.27
C ALA D 71 -44.94 21.11 -10.83
N VAL D 72 -46.12 20.95 -10.24
CA VAL D 72 -46.52 19.64 -9.75
C VAL D 72 -46.72 18.67 -10.91
N ARG D 73 -47.34 19.14 -11.99
CA ARG D 73 -47.53 18.27 -13.15
C ARG D 73 -46.19 17.85 -13.74
N TYR D 74 -45.24 18.79 -13.86
CA TYR D 74 -43.93 18.44 -14.36
C TYR D 74 -43.19 17.53 -13.40
N HIS D 75 -43.28 17.82 -12.10
CA HIS D 75 -42.58 17.02 -11.11
C HIS D 75 -43.13 15.60 -11.07
N GLU D 76 -44.44 15.45 -11.17
CA GLU D 76 -45.07 14.12 -11.09
C GLU D 76 -44.88 13.30 -12.36
N ASN D 77 -44.51 13.93 -13.47
CA ASN D 77 -44.30 13.23 -14.73
C ASN D 77 -42.83 12.97 -15.01
N SER D 78 -41.96 13.22 -14.04
CA SER D 78 -40.54 12.94 -14.18
C SER D 78 -40.24 11.50 -13.75
N LEU D 79 -39.26 10.90 -14.41
CA LEU D 79 -38.95 9.49 -14.22
C LEU D 79 -37.92 9.29 -13.12
N THR D 80 -38.26 8.49 -12.12
CA THR D 80 -37.23 7.96 -11.25
C THR D 80 -36.47 6.85 -11.97
N MET D 81 -35.25 6.59 -11.50
CA MET D 81 -34.40 5.62 -12.18
C MET D 81 -35.03 4.23 -12.15
N ASP D 82 -35.64 3.85 -11.04
CA ASP D 82 -36.27 2.54 -10.90
C ASP D 82 -37.72 2.55 -11.36
N SER D 83 -38.10 3.50 -12.20
CA SER D 83 -39.47 3.59 -12.68
C SER D 83 -39.73 2.56 -13.76
N PRO D 84 -41.00 2.16 -13.94
CA PRO D 84 -41.32 1.27 -15.07
C PRO D 84 -41.02 1.90 -16.41
N HIS D 85 -41.13 3.23 -16.52
CA HIS D 85 -40.86 3.89 -17.79
C HIS D 85 -39.41 3.68 -18.22
N VAL D 86 -38.46 3.82 -17.29
CA VAL D 86 -37.06 3.61 -17.64
C VAL D 86 -36.83 2.18 -18.07
N GLN D 87 -37.52 1.23 -17.43
CA GLN D 87 -37.36 -0.16 -17.81
C GLN D 87 -37.84 -0.39 -19.24
N ARG D 88 -38.90 0.30 -19.65
CA ARG D 88 -39.39 0.15 -21.02
C ARG D 88 -38.36 0.68 -22.02
N LEU D 89 -37.68 1.77 -21.69
CA LEU D 89 -36.63 2.26 -22.57
C LEU D 89 -35.49 1.26 -22.66
N LEU D 90 -35.12 0.64 -21.54
CA LEU D 90 -34.09 -0.40 -21.58
C LEU D 90 -34.55 -1.60 -22.39
N ASP D 91 -35.81 -2.01 -22.20
CA ASP D 91 -36.34 -3.14 -22.97
C ASP D 91 -36.34 -2.83 -24.46
N ALA D 92 -36.77 -1.63 -24.84
CA ALA D 92 -36.79 -1.26 -26.24
C ALA D 92 -35.40 -1.30 -26.85
N ALA D 93 -34.40 -0.79 -26.12
CA ALA D 93 -33.04 -0.85 -26.63
C ALA D 93 -32.57 -2.29 -26.78
N ARG D 94 -32.93 -3.15 -25.85
CA ARG D 94 -32.57 -4.56 -25.96
C ARG D 94 -33.28 -5.21 -27.14
N ASP D 95 -34.59 -4.98 -27.25
CA ASP D 95 -35.38 -5.66 -28.28
C ASP D 95 -34.92 -5.28 -29.68
N HIS D 96 -34.66 -3.99 -29.90
CA HIS D 96 -34.28 -3.50 -31.21
C HIS D 96 -32.77 -3.48 -31.44
N ASN D 97 -31.99 -3.86 -30.43
CA ASN D 97 -30.54 -3.96 -30.56
C ASN D 97 -29.94 -2.65 -31.06
N ILE D 98 -30.37 -1.55 -30.44
CA ILE D 98 -29.93 -0.22 -30.79
C ILE D 98 -29.57 0.53 -29.52
N ALA D 99 -28.41 1.20 -29.53
CA ALA D 99 -28.02 2.01 -28.39
C ALA D 99 -28.78 3.32 -28.39
N VAL D 100 -29.36 3.67 -27.25
CA VAL D 100 -30.23 4.83 -27.13
C VAL D 100 -29.59 5.82 -26.17
N VAL D 101 -29.67 7.10 -26.52
CA VAL D 101 -29.21 8.19 -25.67
C VAL D 101 -30.39 9.15 -25.57
N VAL D 102 -31.21 8.99 -24.54
CA VAL D 102 -32.44 9.75 -24.38
C VAL D 102 -32.28 10.66 -23.16
N GLY D 103 -32.66 11.92 -23.34
CA GLY D 103 -32.67 12.86 -22.23
C GLY D 103 -33.98 12.79 -21.47
N ILE D 104 -33.88 12.66 -20.16
CA ILE D 104 -35.04 12.62 -19.28
C ILE D 104 -34.83 13.63 -18.16
N SER D 105 -35.92 13.99 -17.51
CA SER D 105 -35.86 14.78 -16.28
C SER D 105 -35.93 13.77 -15.14
N GLU D 106 -34.77 13.31 -14.70
CA GLU D 106 -34.72 12.35 -13.61
C GLU D 106 -35.23 12.98 -12.33
N ARG D 107 -35.91 12.18 -11.52
CA ARG D 107 -36.35 12.58 -10.20
C ARG D 107 -35.60 11.79 -9.15
N ASP D 108 -35.00 12.48 -8.20
CA ASP D 108 -34.30 11.86 -7.06
C ASP D 108 -34.90 12.48 -5.81
N GLY D 109 -35.77 11.73 -5.14
CA GLY D 109 -36.49 12.28 -4.01
C GLY D 109 -37.45 13.35 -4.47
N GLY D 110 -37.14 14.61 -4.15
CA GLY D 110 -38.00 15.71 -4.53
C GLY D 110 -37.31 16.72 -5.43
N SER D 111 -36.15 16.35 -5.97
CA SER D 111 -35.39 17.22 -6.85
C SER D 111 -35.34 16.60 -8.24
N LEU D 112 -35.27 17.45 -9.25
CA LEU D 112 -35.20 17.04 -10.64
C LEU D 112 -33.83 17.35 -11.21
N TYR D 113 -33.39 16.53 -12.16
CA TYR D 113 -32.11 16.72 -12.83
C TYR D 113 -32.28 16.49 -14.32
N MET D 114 -31.59 17.30 -15.11
CA MET D 114 -31.56 17.11 -16.56
C MET D 114 -30.64 15.95 -16.89
N THR D 115 -31.13 14.73 -16.72
CA THR D 115 -30.33 13.53 -16.93
C THR D 115 -30.36 13.12 -18.39
N GLN D 116 -29.28 12.47 -18.83
CA GLN D 116 -29.24 11.76 -20.09
C GLN D 116 -28.96 10.30 -19.80
N LEU D 117 -29.87 9.42 -20.23
CA LEU D 117 -29.68 7.99 -20.10
C LEU D 117 -28.95 7.48 -21.34
N ILE D 118 -27.84 6.78 -21.12
CA ILE D 118 -27.08 6.16 -22.19
C ILE D 118 -27.26 4.66 -22.08
N ILE D 119 -27.91 4.07 -23.07
CA ILE D 119 -28.34 2.69 -23.05
C ILE D 119 -27.70 1.97 -24.23
N ASP D 120 -27.03 0.86 -23.95
CA ASP D 120 -26.37 0.12 -25.02
C ASP D 120 -27.36 -0.81 -25.72
N ALA D 121 -26.91 -1.42 -26.81
CA ALA D 121 -27.77 -2.31 -27.58
C ALA D 121 -28.17 -3.54 -26.77
N ASP D 122 -27.48 -3.83 -25.68
CA ASP D 122 -27.79 -5.00 -24.86
C ASP D 122 -28.88 -4.72 -23.83
N GLY D 123 -29.40 -3.49 -23.78
CA GLY D 123 -30.44 -3.17 -22.84
C GLY D 123 -29.97 -2.77 -21.46
N GLN D 124 -28.67 -2.60 -21.27
CA GLN D 124 -28.12 -2.18 -19.99
C GLN D 124 -28.06 -0.66 -19.93
N LEU D 125 -28.15 -0.11 -18.73
CA LEU D 125 -27.97 1.32 -18.52
C LEU D 125 -26.49 1.59 -18.40
N VAL D 126 -25.86 1.99 -19.51
CA VAL D 126 -24.42 2.24 -19.48
C VAL D 126 -24.10 3.39 -18.55
N ALA D 127 -24.90 4.46 -18.58
CA ALA D 127 -24.61 5.62 -17.76
C ALA D 127 -25.87 6.43 -17.57
N ARG D 128 -25.90 7.19 -16.48
CA ARG D 128 -26.99 8.11 -16.16
C ARG D 128 -26.33 9.41 -15.69
N ARG D 129 -26.03 10.29 -16.63
CA ARG D 129 -25.32 11.53 -16.34
C ARG D 129 -26.30 12.68 -16.19
N ARG D 130 -26.03 13.54 -15.21
CA ARG D 130 -26.83 14.72 -14.96
C ARG D 130 -26.12 15.95 -15.50
N LYS D 131 -26.91 16.93 -15.93
CA LYS D 131 -26.33 18.17 -16.43
C LYS D 131 -25.50 18.82 -15.33
N LEU D 132 -24.28 19.24 -15.68
CA LEU D 132 -23.37 19.76 -14.68
C LEU D 132 -23.92 21.02 -14.03
N LYS D 133 -24.48 21.92 -14.84
CA LYS D 133 -25.12 23.12 -14.30
C LYS D 133 -26.23 23.57 -15.24
N PRO D 134 -27.47 23.69 -14.78
CA PRO D 134 -28.53 24.18 -15.67
C PRO D 134 -28.28 25.60 -16.15
N THR D 135 -29.15 26.11 -17.01
CA THR D 135 -28.97 27.40 -17.65
C THR D 135 -30.00 28.38 -17.12
N HIS D 136 -29.55 29.54 -16.65
CA HIS D 136 -30.43 30.63 -16.25
C HIS D 136 -31.55 30.11 -15.36
N VAL D 137 -32.81 30.35 -15.73
CA VAL D 137 -33.93 29.99 -14.86
C VAL D 137 -34.15 28.49 -14.79
N GLU D 138 -33.44 27.68 -15.58
CA GLU D 138 -33.49 26.24 -15.39
C GLU D 138 -32.99 25.86 -14.01
N ARG D 139 -32.10 26.68 -13.44
CA ARG D 139 -31.55 26.39 -12.12
C ARG D 139 -32.63 26.41 -11.05
N SER D 140 -33.77 27.03 -11.32
CA SER D 140 -34.88 27.01 -10.39
C SER D 140 -35.69 25.72 -10.44
N VAL D 141 -35.50 24.89 -11.46
CA VAL D 141 -36.23 23.64 -11.58
C VAL D 141 -35.33 22.42 -11.55
N TYR D 142 -34.02 22.57 -11.71
CA TYR D 142 -33.12 21.42 -11.79
C TYR D 142 -31.92 21.61 -10.86
N GLY D 143 -31.39 20.49 -10.40
CA GLY D 143 -30.16 20.49 -9.63
C GLY D 143 -28.95 20.27 -10.52
N GLU D 144 -27.79 20.23 -9.88
CA GLU D 144 -26.52 20.10 -10.57
C GLU D 144 -25.99 18.67 -10.46
N GLY D 145 -25.04 18.36 -11.33
CA GLY D 145 -24.34 17.10 -11.29
C GLY D 145 -22.94 17.24 -10.71
N ASN D 146 -22.19 16.15 -10.80
CA ASN D 146 -20.82 16.09 -10.31
C ASN D 146 -19.86 16.10 -11.49
N GLY D 147 -18.57 15.93 -11.19
CA GLY D 147 -17.60 15.64 -12.24
C GLY D 147 -17.68 14.22 -12.75
N SER D 148 -18.33 13.33 -12.00
CA SER D 148 -18.58 11.98 -12.47
C SER D 148 -19.58 11.96 -13.61
N ASP D 149 -20.33 13.04 -13.81
CA ASP D 149 -21.26 13.13 -14.92
C ASP D 149 -20.60 13.60 -16.21
N ILE D 150 -19.36 14.06 -16.15
CA ILE D 150 -18.57 14.35 -17.34
C ILE D 150 -17.74 13.10 -17.62
N SER D 151 -18.19 12.30 -18.59
CA SER D 151 -17.49 11.06 -18.89
C SER D 151 -17.75 10.67 -20.33
N VAL D 152 -16.86 9.84 -20.86
CA VAL D 152 -16.97 9.28 -22.20
C VAL D 152 -16.99 7.77 -22.06
N TYR D 153 -18.01 7.14 -22.65
CA TYR D 153 -18.28 5.72 -22.45
C TYR D 153 -17.90 4.94 -23.68
N ASP D 154 -17.16 3.86 -23.49
CA ASP D 154 -16.66 3.04 -24.58
C ASP D 154 -17.75 2.07 -25.01
N MET D 155 -18.58 2.52 -25.95
CA MET D 155 -19.61 1.67 -26.50
C MET D 155 -18.99 0.70 -27.51
N PRO D 156 -19.69 -0.39 -27.84
CA PRO D 156 -19.13 -1.34 -28.80
C PRO D 156 -18.80 -0.70 -30.14
N PHE D 157 -19.55 0.30 -30.57
CA PHE D 157 -19.35 0.90 -31.88
C PHE D 157 -18.37 2.07 -31.86
N ALA D 158 -18.30 2.81 -30.78
CA ALA D 158 -17.38 3.94 -30.67
C ALA D 158 -17.35 4.41 -29.23
N ARG D 159 -16.43 5.34 -28.94
CA ARG D 159 -16.36 5.99 -27.64
C ARG D 159 -17.35 7.14 -27.63
N LEU D 160 -18.45 6.96 -26.90
CA LEU D 160 -19.57 7.89 -26.93
C LEU D 160 -19.54 8.77 -25.70
N GLY D 161 -19.71 10.07 -25.91
CA GLY D 161 -19.99 10.98 -24.82
C GLY D 161 -21.21 11.82 -25.18
N ALA D 162 -21.82 12.40 -24.15
CA ALA D 162 -23.07 13.13 -24.33
C ALA D 162 -23.12 14.31 -23.37
N LEU D 163 -23.32 15.50 -23.94
CA LEU D 163 -23.65 16.69 -23.19
C LEU D 163 -24.99 17.19 -23.73
N ASN D 164 -25.63 18.08 -22.98
CA ASN D 164 -26.92 18.59 -23.42
C ASN D 164 -26.97 20.10 -23.20
N CYS D 165 -27.70 20.76 -24.10
CA CYS D 165 -27.98 22.19 -23.97
C CYS D 165 -26.66 22.95 -23.93
N TRP D 166 -26.53 23.96 -23.06
CA TRP D 166 -25.41 24.88 -23.11
C TRP D 166 -24.17 24.36 -22.38
N GLU D 167 -24.10 23.05 -22.15
CA GLU D 167 -22.84 22.46 -21.73
C GLU D 167 -21.81 22.50 -22.85
N HIS D 168 -22.24 22.83 -24.06
CA HIS D 168 -21.31 23.06 -25.16
C HIS D 168 -20.69 24.44 -25.11
N PHE D 169 -21.27 25.35 -24.34
CA PHE D 169 -20.65 26.65 -24.10
C PHE D 169 -19.70 26.63 -22.91
N GLN D 170 -19.73 25.57 -22.11
CA GLN D 170 -18.78 25.38 -21.02
C GLN D 170 -17.47 24.92 -21.64
N THR D 171 -16.53 25.86 -21.79
CA THR D 171 -15.31 25.56 -22.53
C THR D 171 -14.42 24.56 -21.80
N LEU D 172 -14.40 24.62 -20.47
CA LEU D 172 -13.61 23.63 -19.73
C LEU D 172 -14.26 22.25 -19.76
N THR D 173 -15.59 22.19 -19.79
CA THR D 173 -16.26 20.90 -19.93
C THR D 173 -15.93 20.24 -21.25
N LYS D 174 -15.85 21.03 -22.33
CA LYS D 174 -15.48 20.47 -23.62
C LYS D 174 -14.10 19.85 -23.57
N TYR D 175 -13.13 20.55 -22.98
CA TYR D 175 -11.77 20.04 -22.94
C TYR D 175 -11.70 18.72 -22.18
N ALA D 176 -12.42 18.63 -21.06
CA ALA D 176 -12.46 17.36 -20.33
C ALA D 176 -12.98 16.25 -21.22
N MET D 177 -13.97 16.53 -22.06
CA MET D 177 -14.48 15.51 -22.96
C MET D 177 -13.44 15.11 -23.99
N TYR D 178 -12.73 16.09 -24.56
CA TYR D 178 -11.70 15.78 -25.54
C TYR D 178 -10.60 14.95 -24.91
N SER D 179 -10.24 15.25 -23.67
CA SER D 179 -9.15 14.53 -23.01
C SER D 179 -9.46 13.05 -22.89
N MET D 180 -10.73 12.67 -22.86
CA MET D 180 -11.14 11.27 -22.78
C MET D 180 -11.33 10.65 -24.15
N HIS D 181 -10.99 11.36 -25.22
CA HIS D 181 -10.97 10.80 -26.57
C HIS D 181 -12.38 10.46 -27.05
N GLU D 182 -13.31 11.36 -26.77
CA GLU D 182 -14.63 11.26 -27.37
C GLU D 182 -14.53 11.24 -28.89
N GLN D 183 -15.31 10.37 -29.52
CA GLN D 183 -15.34 10.35 -30.98
C GLN D 183 -16.75 10.27 -31.56
N VAL D 184 -17.78 10.02 -30.78
CA VAL D 184 -19.16 10.24 -31.19
C VAL D 184 -19.84 10.99 -30.07
N HIS D 185 -20.36 12.18 -30.36
CA HIS D 185 -20.95 13.05 -29.36
C HIS D 185 -22.43 13.20 -29.65
N VAL D 186 -23.24 13.14 -28.60
CA VAL D 186 -24.68 13.35 -28.69
C VAL D 186 -24.99 14.66 -27.99
N ALA D 187 -25.48 15.63 -28.75
CA ALA D 187 -25.81 16.96 -28.22
C ALA D 187 -27.33 17.09 -28.17
N SER D 188 -27.87 17.08 -26.96
CA SER D 188 -29.31 17.16 -26.75
C SER D 188 -29.69 18.60 -26.41
N TRP D 189 -30.63 19.14 -27.17
CA TRP D 189 -31.11 20.50 -26.99
C TRP D 189 -32.62 20.48 -26.86
N PRO D 190 -33.19 21.51 -26.27
CA PRO D 190 -34.64 21.73 -26.38
C PRO D 190 -34.94 22.48 -27.67
N GLY D 191 -36.21 22.82 -27.86
CA GLY D 191 -36.57 23.68 -28.97
C GLY D 191 -36.07 25.08 -28.73
N MET D 192 -35.03 25.48 -29.47
CA MET D 192 -34.38 26.77 -29.24
C MET D 192 -35.08 27.83 -30.07
N SER D 193 -36.21 28.31 -29.53
CA SER D 193 -37.00 29.34 -30.19
C SER D 193 -37.45 30.43 -29.23
N LEU D 194 -36.92 30.45 -28.01
CA LEU D 194 -37.34 31.45 -27.03
C LEU D 194 -36.77 32.82 -27.40
N TYR D 195 -37.59 33.85 -27.20
CA TYR D 195 -37.12 35.24 -27.24
C TYR D 195 -36.37 35.53 -28.53
N GLN D 196 -36.87 35.00 -29.64
CA GLN D 196 -36.13 35.09 -30.89
C GLN D 196 -35.90 36.52 -31.36
N PRO D 197 -36.90 37.40 -31.40
CA PRO D 197 -36.63 38.78 -31.81
C PRO D 197 -35.63 39.50 -30.91
N GLU D 198 -35.64 39.21 -29.61
CA GLU D 198 -34.91 40.02 -28.63
C GLU D 198 -33.56 39.42 -28.24
N VAL D 199 -33.50 38.12 -27.98
CA VAL D 199 -32.28 37.48 -27.52
C VAL D 199 -31.74 36.57 -28.63
N PRO D 200 -30.82 37.03 -29.47
CA PRO D 200 -30.31 36.17 -30.54
C PRO D 200 -29.46 35.03 -30.05
N ALA D 201 -28.94 35.09 -28.82
CA ALA D 201 -28.12 33.99 -28.32
C ALA D 201 -28.93 32.71 -28.14
N PHE D 202 -30.25 32.81 -28.07
CA PHE D 202 -31.12 31.65 -27.93
C PHE D 202 -31.60 31.10 -29.28
N GLY D 203 -31.18 31.72 -30.39
CA GLY D 203 -31.64 31.27 -31.68
C GLY D 203 -30.87 30.06 -32.19
N VAL D 204 -31.52 29.31 -33.08
CA VAL D 204 -30.91 28.09 -33.59
C VAL D 204 -29.59 28.39 -34.29
N ASP D 205 -29.42 29.60 -34.82
CA ASP D 205 -28.15 29.96 -35.44
C ASP D 205 -27.02 29.93 -34.43
N ALA D 206 -27.27 30.45 -33.23
CA ALA D 206 -26.24 30.43 -32.19
C ALA D 206 -25.91 29.01 -31.77
N GLN D 207 -26.92 28.15 -31.64
CA GLN D 207 -26.69 26.80 -31.14
C GLN D 207 -26.12 25.89 -32.22
N LEU D 208 -26.22 26.28 -33.49
CA LEU D 208 -25.56 25.49 -34.53
C LEU D 208 -24.07 25.76 -34.57
N THR D 209 -23.66 27.01 -34.29
CA THR D 209 -22.23 27.30 -34.20
C THR D 209 -21.62 26.60 -32.98
N ALA D 210 -22.40 26.46 -31.91
CA ALA D 210 -21.90 25.76 -30.73
C ALA D 210 -21.65 24.30 -31.04
N THR D 211 -22.64 23.62 -31.63
CA THR D 211 -22.46 22.21 -31.95
C THR D 211 -21.43 22.00 -33.05
N ARG D 212 -21.44 22.86 -34.08
CA ARG D 212 -20.46 22.73 -35.14
C ARG D 212 -19.06 22.96 -34.60
N MET D 213 -18.88 23.96 -33.74
CA MET D 213 -17.58 24.23 -33.15
C MET D 213 -17.12 23.08 -32.26
N TYR D 214 -18.07 22.39 -31.62
CA TYR D 214 -17.70 21.24 -30.81
C TYR D 214 -17.05 20.15 -31.66
N ALA D 215 -17.61 19.89 -32.84
CA ALA D 215 -17.02 18.90 -33.72
C ALA D 215 -15.65 19.34 -34.21
N LEU D 216 -15.51 20.62 -34.57
CA LEU D 216 -14.24 21.12 -35.08
C LEU D 216 -13.17 21.09 -34.00
N GLU D 217 -13.48 21.61 -32.81
CA GLU D 217 -12.50 21.61 -31.73
C GLU D 217 -12.08 20.19 -31.37
N GLY D 218 -13.05 19.31 -31.14
CA GLY D 218 -12.76 17.98 -30.67
C GLY D 218 -12.50 16.94 -31.74
N GLN D 219 -12.76 17.27 -33.00
CA GLN D 219 -12.67 16.29 -34.09
C GLN D 219 -13.50 15.06 -33.75
N THR D 220 -14.79 15.28 -33.61
CA THR D 220 -15.74 14.22 -33.27
C THR D 220 -16.98 14.39 -34.13
N PHE D 221 -17.77 13.32 -34.19
CA PHE D 221 -19.08 13.38 -34.80
C PHE D 221 -20.10 13.82 -33.77
N VAL D 222 -20.85 14.88 -34.08
CA VAL D 222 -21.84 15.43 -33.18
C VAL D 222 -23.22 15.06 -33.70
N VAL D 223 -23.95 14.27 -32.91
CA VAL D 223 -25.31 13.88 -33.23
C VAL D 223 -26.21 14.85 -32.47
N CYS D 224 -26.54 15.96 -33.10
CA CYS D 224 -27.38 16.97 -32.48
C CYS D 224 -28.84 16.58 -32.60
N THR D 225 -29.52 16.47 -31.47
CA THR D 225 -30.94 16.17 -31.43
C THR D 225 -31.65 17.26 -30.65
N THR D 226 -32.81 17.68 -31.15
CA THR D 226 -33.51 18.81 -30.57
C THR D 226 -35.00 18.54 -30.53
N GLN D 227 -35.70 19.30 -29.70
CA GLN D 227 -37.15 19.28 -29.69
C GLN D 227 -37.68 20.30 -30.70
N VAL D 228 -39.00 20.37 -30.83
CA VAL D 228 -39.66 21.32 -31.71
C VAL D 228 -40.81 21.94 -30.95
N VAL D 229 -41.00 23.25 -31.11
CA VAL D 229 -42.12 23.95 -30.47
C VAL D 229 -43.27 23.92 -31.47
N THR D 230 -44.05 22.86 -31.42
CA THR D 230 -45.20 22.65 -32.27
C THR D 230 -46.38 23.46 -31.74
N PRO D 231 -47.33 23.83 -32.60
CA PRO D 231 -48.56 24.47 -32.09
C PRO D 231 -49.17 23.78 -30.89
N GLU D 232 -48.99 22.45 -30.76
CA GLU D 232 -49.45 21.78 -29.55
C GLU D 232 -48.79 22.37 -28.31
N ALA D 233 -47.53 22.77 -28.43
CA ALA D 233 -46.86 23.40 -27.31
C ALA D 233 -47.51 24.73 -26.96
N HIS D 234 -47.92 25.50 -27.97
CA HIS D 234 -48.58 26.78 -27.70
C HIS D 234 -49.86 26.58 -26.90
N GLU D 235 -50.65 25.57 -27.27
CA GLU D 235 -51.87 25.29 -26.54
C GLU D 235 -51.61 24.84 -25.11
N PHE D 236 -50.42 24.32 -24.83
CA PHE D 236 -50.09 23.80 -23.51
C PHE D 236 -49.60 24.91 -22.58
N PHE D 237 -48.53 25.60 -22.97
CA PHE D 237 -47.91 26.60 -22.12
C PHE D 237 -48.58 27.96 -22.25
N CYS D 238 -48.71 28.47 -23.47
CA CYS D 238 -49.18 29.83 -23.68
C CYS D 238 -50.63 29.99 -23.24
N GLU D 239 -50.94 31.19 -22.74
CA GLU D 239 -52.30 31.56 -22.38
C GLU D 239 -52.78 32.81 -23.10
N ASN D 240 -51.90 33.56 -23.75
CA ASN D 240 -52.29 34.75 -24.48
C ASN D 240 -51.29 34.99 -25.60
N GLU D 241 -51.47 36.10 -26.32
CA GLU D 241 -50.63 36.38 -27.47
C GLU D 241 -49.21 36.75 -27.05
N GLU D 242 -49.06 37.45 -25.93
CA GLU D 242 -47.73 37.84 -25.48
C GLU D 242 -46.86 36.62 -25.20
N GLN D 243 -47.42 35.60 -24.53
CA GLN D 243 -46.66 34.41 -24.22
C GLN D 243 -46.35 33.60 -25.46
N ARG D 244 -47.24 33.60 -26.45
CA ARG D 244 -46.96 32.88 -27.69
C ARG D 244 -45.81 33.50 -28.46
N LYS D 245 -45.55 34.79 -28.27
CA LYS D 245 -44.39 35.42 -28.90
C LYS D 245 -43.10 35.00 -28.20
N LEU D 246 -43.13 34.93 -26.87
CA LEU D 246 -41.93 34.54 -26.13
C LEU D 246 -41.44 33.17 -26.55
N ILE D 247 -42.35 32.19 -26.59
CA ILE D 247 -42.02 30.83 -26.99
C ILE D 247 -42.36 30.72 -28.48
N GLY D 248 -41.39 31.01 -29.32
CA GLY D 248 -41.62 30.99 -30.74
C GLY D 248 -41.88 29.59 -31.26
N ARG D 249 -42.28 29.52 -32.52
CA ARG D 249 -42.59 28.26 -33.16
C ARG D 249 -41.31 27.57 -33.62
N GLY D 250 -41.43 26.26 -33.86
CA GLY D 250 -40.33 25.48 -34.40
C GLY D 250 -39.16 25.36 -33.44
N GLY D 251 -37.99 25.85 -33.87
CA GLY D 251 -36.81 25.82 -33.05
C GLY D 251 -36.02 24.53 -33.10
N GLY D 252 -36.42 23.56 -33.92
CA GLY D 252 -35.70 22.31 -34.03
C GLY D 252 -34.57 22.44 -35.05
N PHE D 253 -33.39 21.95 -34.67
CA PHE D 253 -32.23 22.02 -35.55
C PHE D 253 -31.38 20.77 -35.46
N ALA D 254 -32.00 19.60 -35.24
CA ALA D 254 -31.24 18.37 -35.14
C ALA D 254 -30.40 18.16 -36.39
N ARG D 255 -29.16 17.72 -36.19
CA ARG D 255 -28.21 17.57 -37.29
C ARG D 255 -27.19 16.51 -36.94
N ILE D 256 -26.53 16.00 -37.99
CA ILE D 256 -25.36 15.15 -37.84
C ILE D 256 -24.23 15.82 -38.61
N ILE D 257 -23.11 16.04 -37.93
CA ILE D 257 -21.97 16.75 -38.51
C ILE D 257 -20.71 15.98 -38.19
N GLY D 258 -19.80 15.92 -39.15
CA GLY D 258 -18.57 15.17 -38.99
C GLY D 258 -17.47 15.97 -38.36
N PRO D 259 -16.30 15.35 -38.17
CA PRO D 259 -15.19 16.06 -37.53
C PRO D 259 -14.72 17.27 -38.30
N ASP D 260 -15.01 17.36 -39.59
CA ASP D 260 -14.68 18.52 -40.39
C ASP D 260 -15.69 19.65 -40.25
N GLY D 261 -16.78 19.43 -39.52
CA GLY D 261 -17.80 20.44 -39.32
C GLY D 261 -18.89 20.47 -40.37
N ARG D 262 -18.76 19.68 -41.42
CA ARG D 262 -19.77 19.62 -42.48
C ARG D 262 -20.86 18.63 -42.12
N ASP D 263 -22.10 19.01 -42.39
CA ASP D 263 -23.24 18.17 -42.07
C ASP D 263 -23.22 16.90 -42.92
N LEU D 264 -23.43 15.75 -42.27
CA LEU D 264 -23.51 14.47 -42.95
C LEU D 264 -24.94 14.08 -43.28
N ALA D 265 -25.92 14.92 -42.95
CA ALA D 265 -27.32 14.62 -43.23
C ALA D 265 -28.05 15.92 -43.56
N THR D 266 -29.04 15.82 -44.43
CA THR D 266 -29.79 16.99 -44.85
C THR D 266 -30.69 17.45 -43.72
N PRO D 267 -30.56 18.69 -43.24
CA PRO D 267 -31.39 19.14 -42.12
C PRO D 267 -32.86 19.21 -42.50
N LEU D 268 -33.71 19.02 -41.50
CA LEU D 268 -35.15 19.18 -41.66
C LEU D 268 -35.48 20.66 -41.56
N ALA D 269 -36.76 20.98 -41.52
CA ALA D 269 -37.17 22.36 -41.26
C ALA D 269 -37.23 22.60 -39.75
N GLU D 270 -37.20 23.86 -39.36
CA GLU D 270 -37.25 24.20 -37.94
C GLU D 270 -38.53 23.69 -37.31
N ASP D 271 -39.66 23.86 -37.99
CA ASP D 271 -40.94 23.37 -37.50
C ASP D 271 -41.19 21.91 -37.86
N GLU D 272 -40.40 21.34 -38.76
CA GLU D 272 -40.60 19.96 -39.16
C GLU D 272 -40.16 19.01 -38.05
N GLU D 273 -40.72 17.81 -38.08
CA GLU D 273 -40.43 16.78 -37.10
C GLU D 273 -40.06 15.50 -37.82
N GLY D 274 -39.23 14.69 -37.19
CA GLY D 274 -38.85 13.41 -37.76
C GLY D 274 -37.49 12.98 -37.27
N ILE D 275 -36.86 12.12 -38.05
CA ILE D 275 -35.53 11.61 -37.75
C ILE D 275 -34.67 11.80 -38.99
N LEU D 276 -33.36 11.92 -38.78
CA LEU D 276 -32.40 11.99 -39.87
C LEU D 276 -31.23 11.07 -39.57
N TYR D 277 -30.59 10.59 -40.63
CA TYR D 277 -29.67 9.47 -40.59
C TYR D 277 -28.35 9.84 -41.24
N ALA D 278 -27.31 9.10 -40.90
CA ALA D 278 -26.01 9.30 -41.54
C ALA D 278 -25.14 8.09 -41.26
N ASP D 279 -24.11 7.93 -42.08
CA ASP D 279 -23.13 6.88 -41.92
C ASP D 279 -21.85 7.47 -41.36
N ILE D 280 -21.38 6.90 -40.25
CA ILE D 280 -20.24 7.43 -39.52
C ILE D 280 -19.05 6.52 -39.79
N ASP D 281 -17.98 7.10 -40.34
CA ASP D 281 -16.72 6.40 -40.53
C ASP D 281 -15.67 7.10 -39.67
N LEU D 282 -15.19 6.40 -38.64
CA LEU D 282 -14.26 7.02 -37.70
C LEU D 282 -12.93 7.37 -38.33
N SER D 283 -12.60 6.80 -39.50
CA SER D 283 -11.38 7.19 -40.19
C SER D 283 -11.40 8.66 -40.57
N ALA D 284 -12.58 9.26 -40.70
CA ALA D 284 -12.66 10.68 -41.00
C ALA D 284 -12.08 11.52 -39.87
N ILE D 285 -12.06 10.99 -38.65
CA ILE D 285 -11.49 11.72 -37.52
C ILE D 285 -9.98 11.88 -37.71
N THR D 286 -9.29 10.79 -38.06
CA THR D 286 -7.85 10.85 -38.19
C THR D 286 -7.43 11.86 -39.24
N LEU D 287 -8.31 12.18 -40.19
CA LEU D 287 -8.03 13.26 -41.11
C LEU D 287 -8.09 14.62 -40.42
N ALA D 288 -9.09 14.81 -39.57
CA ALA D 288 -9.19 16.06 -38.82
C ALA D 288 -8.08 16.18 -37.79
N LYS D 289 -7.66 15.07 -37.21
CA LYS D 289 -6.59 15.11 -36.21
C LYS D 289 -5.28 15.60 -36.79
N GLN D 290 -5.11 15.55 -38.11
CA GLN D 290 -3.88 16.02 -38.72
C GLN D 290 -3.67 17.51 -38.45
N ALA D 291 -4.71 18.31 -38.65
CA ALA D 291 -4.57 19.75 -38.50
C ALA D 291 -4.61 20.16 -37.04
N ALA D 292 -5.61 19.69 -36.30
CA ALA D 292 -5.82 20.11 -34.92
C ALA D 292 -6.03 18.89 -34.02
N ASP D 293 -5.54 19.01 -32.79
CA ASP D 293 -5.79 18.03 -31.75
C ASP D 293 -5.63 18.72 -30.41
N PRO D 294 -6.71 19.22 -29.80
CA PRO D 294 -6.56 20.10 -28.64
C PRO D 294 -5.83 19.46 -27.47
N VAL D 295 -5.95 18.14 -27.32
CA VAL D 295 -5.37 17.45 -26.17
C VAL D 295 -4.10 16.68 -26.54
N GLY D 296 -3.70 16.73 -27.80
CA GLY D 296 -2.54 15.99 -28.24
C GLY D 296 -1.43 16.88 -28.76
N HIS D 297 -1.14 16.77 -30.06
CA HIS D 297 -0.04 17.51 -30.65
C HIS D 297 -0.27 19.01 -30.66
N TYR D 298 -1.50 19.47 -30.41
CA TYR D 298 -1.79 20.88 -30.57
C TYR D 298 -2.09 21.46 -29.19
N SER D 299 -1.30 21.07 -28.20
CA SER D 299 -1.53 21.49 -26.82
C SER D 299 -0.20 21.93 -26.21
N ARG D 300 -0.31 22.77 -25.18
CA ARG D 300 0.85 23.28 -24.47
C ARG D 300 0.64 23.03 -22.98
N PRO D 301 0.79 21.77 -22.55
CA PRO D 301 0.53 21.46 -21.13
C PRO D 301 1.46 22.19 -20.18
N ASP D 302 2.62 22.64 -20.65
CA ASP D 302 3.50 23.44 -19.80
C ASP D 302 2.96 24.85 -19.58
N VAL D 303 2.01 25.29 -20.38
CA VAL D 303 1.41 26.61 -20.25
C VAL D 303 0.00 26.51 -19.66
N LEU D 304 -0.84 25.67 -20.26
CA LEU D 304 -2.23 25.54 -19.85
C LEU D 304 -2.53 24.08 -19.58
N SER D 305 -3.15 23.81 -18.43
CA SER D 305 -3.53 22.47 -18.04
C SER D 305 -4.91 22.54 -17.40
N LEU D 306 -5.52 21.38 -17.23
CA LEU D 306 -6.87 21.27 -16.68
C LEU D 306 -6.82 20.45 -15.40
N ASN D 307 -7.45 20.96 -14.35
CA ASN D 307 -7.69 20.20 -13.12
C ASN D 307 -9.09 19.63 -13.19
N PHE D 308 -9.19 18.33 -13.34
CA PHE D 308 -10.47 17.64 -13.51
C PHE D 308 -10.71 16.76 -12.30
N ASN D 309 -11.79 17.06 -11.56
CA ASN D 309 -12.17 16.32 -10.36
C ASN D 309 -13.39 15.48 -10.70
N GLN D 310 -13.19 14.17 -10.82
CA GLN D 310 -14.25 13.23 -11.17
C GLN D 310 -14.85 12.54 -9.97
N ARG D 311 -14.58 13.04 -8.76
CA ARG D 311 -15.16 12.45 -7.57
C ARG D 311 -16.68 12.55 -7.62
N ARG D 312 -17.34 11.52 -7.10
CA ARG D 312 -18.80 11.44 -7.09
C ARG D 312 -19.28 11.86 -5.71
N THR D 313 -19.53 13.15 -5.55
CA THR D 313 -19.93 13.69 -4.26
C THR D 313 -21.43 13.50 -4.03
N THR D 314 -21.78 13.14 -2.80
CA THR D 314 -23.17 12.93 -2.40
C THR D 314 -23.44 13.66 -1.10
N PRO D 315 -24.69 14.08 -0.86
CA PRO D 315 -24.98 14.82 0.37
C PRO D 315 -24.71 14.02 1.64
N VAL D 316 -24.94 12.71 1.61
CA VAL D 316 -24.68 11.83 2.74
C VAL D 316 -23.73 10.74 2.26
N ASN D 317 -22.65 10.53 3.00
CA ASN D 317 -21.62 9.58 2.59
C ASN D 317 -21.89 8.18 3.15
N THR D 318 -21.99 8.07 4.47
CA THR D 318 -22.25 6.79 5.14
C THR D 318 -21.48 5.64 4.49
N VAL E 2 55.53 43.38 -14.28
CA VAL E 2 55.43 43.61 -15.75
C VAL E 2 56.57 42.91 -16.47
N GLU E 3 57.81 43.27 -16.12
CA GLU E 3 59.00 42.70 -16.73
C GLU E 3 59.78 41.92 -15.67
N TYR E 4 60.23 40.72 -16.05
CA TYR E 4 60.88 39.79 -15.14
C TYR E 4 62.23 39.36 -15.69
N THR E 5 63.04 40.32 -16.12
CA THR E 5 64.34 40.03 -16.72
C THR E 5 65.51 40.69 -16.02
N ASN E 6 65.31 41.86 -15.41
CA ASN E 6 66.42 42.62 -14.86
C ASN E 6 67.12 41.82 -13.76
N THR E 7 68.41 42.10 -13.60
CA THR E 7 69.23 41.50 -12.54
C THR E 7 70.02 42.59 -11.86
N PHE E 8 70.27 42.43 -10.57
CA PHE E 8 70.93 43.46 -9.77
C PHE E 8 71.35 42.84 -8.44
N LYS E 9 71.99 43.66 -7.61
CA LYS E 9 72.47 43.24 -6.30
C LYS E 9 71.86 44.13 -5.23
N VAL E 10 71.41 43.52 -4.14
CA VAL E 10 70.76 44.22 -3.04
C VAL E 10 71.53 43.93 -1.77
N ALA E 11 71.35 44.81 -0.78
CA ALA E 11 72.04 44.72 0.50
C ALA E 11 71.02 44.82 1.64
N ALA E 12 71.10 43.90 2.58
CA ALA E 12 70.27 43.90 3.78
C ALA E 12 71.12 44.25 4.98
N VAL E 13 70.59 45.09 5.86
CA VAL E 13 71.33 45.63 6.99
C VAL E 13 70.82 44.98 8.27
N GLN E 14 71.74 44.42 9.05
CA GLN E 14 71.47 43.92 10.39
C GLN E 14 72.29 44.80 11.33
N ALA E 15 71.72 45.94 11.71
CA ALA E 15 72.46 46.97 12.43
C ALA E 15 71.70 47.38 13.68
N GLN E 16 72.42 48.05 14.57
CA GLN E 16 71.87 48.58 15.81
C GLN E 16 71.95 50.10 15.77
N PRO E 17 70.89 50.81 16.15
CA PRO E 17 70.93 52.26 16.11
C PRO E 17 71.57 52.86 17.35
N VAL E 18 71.93 54.13 17.25
CA VAL E 18 72.30 54.92 18.42
C VAL E 18 71.01 55.27 19.14
N TRP E 19 70.73 54.56 20.22
CA TRP E 19 69.38 54.53 20.77
C TRP E 19 68.87 55.93 21.10
N PHE E 20 67.75 56.28 20.49
CA PHE E 20 67.10 57.57 20.72
C PHE E 20 68.06 58.72 20.48
N ASP E 21 68.80 58.65 19.38
CA ASP E 21 69.70 59.72 18.95
C ASP E 21 69.59 59.81 17.43
N ALA E 22 68.75 60.71 16.94
CA ALA E 22 68.48 60.79 15.51
C ALA E 22 69.73 61.16 14.74
N ALA E 23 70.43 62.23 15.15
CA ALA E 23 71.59 62.69 14.40
C ALA E 23 72.67 61.63 14.37
N LYS E 24 72.99 61.03 15.53
CA LYS E 24 74.03 60.00 15.56
C LYS E 24 73.64 58.80 14.72
N THR E 25 72.38 58.37 14.81
CA THR E 25 71.94 57.19 14.08
C THR E 25 71.91 57.43 12.58
N VAL E 26 71.53 58.65 12.17
CA VAL E 26 71.52 58.96 10.74
C VAL E 26 72.91 58.79 10.15
N ASP E 27 73.94 59.18 10.91
CA ASP E 27 75.31 59.00 10.43
C ASP E 27 75.62 57.54 10.19
N LYS E 28 75.20 56.66 11.11
CA LYS E 28 75.38 55.22 10.90
C LYS E 28 74.65 54.77 9.64
N THR E 29 73.42 55.26 9.45
CA THR E 29 72.68 54.91 8.24
C THR E 29 73.40 55.39 6.99
N VAL E 30 73.89 56.63 7.01
CA VAL E 30 74.59 57.15 5.84
C VAL E 30 75.86 56.35 5.59
N SER E 31 76.59 56.01 6.65
CA SER E 31 77.78 55.19 6.50
C SER E 31 77.45 53.84 5.88
N ASN E 32 76.38 53.20 6.36
CA ASN E 32 75.96 51.93 5.77
C ASN E 32 75.49 52.12 4.34
N ILE E 33 74.80 53.23 4.06
CA ILE E 33 74.39 53.53 2.69
C ILE E 33 75.62 53.67 1.81
N ALA E 34 76.62 54.41 2.28
CA ALA E 34 77.85 54.56 1.51
C ALA E 34 78.57 53.23 1.33
N GLU E 35 78.62 52.42 2.39
CA GLU E 35 79.32 51.15 2.32
C GLU E 35 78.68 50.24 1.27
N ALA E 36 77.35 50.13 1.29
CA ALA E 36 76.67 49.24 0.36
C ALA E 36 76.89 49.67 -1.07
N ALA E 37 76.83 50.97 -1.34
CA ALA E 37 77.07 51.45 -2.70
C ALA E 37 78.47 51.10 -3.17
N ARG E 38 79.46 51.17 -2.27
CA ARG E 38 80.81 50.78 -2.63
C ARG E 38 80.86 49.32 -3.08
N ASN E 39 79.93 48.50 -2.58
CA ASN E 39 79.87 47.09 -2.91
C ASN E 39 79.08 46.81 -4.17
N GLY E 40 78.62 47.82 -4.90
CA GLY E 40 77.89 47.63 -6.14
C GLY E 40 76.41 47.40 -5.97
N CYS E 41 75.89 47.44 -4.75
CA CYS E 41 74.47 47.20 -4.53
C CYS E 41 73.67 48.47 -4.78
N GLU E 42 72.58 48.33 -5.51
CA GLU E 42 71.72 49.46 -5.86
C GLU E 42 70.43 49.48 -5.04
N LEU E 43 70.34 48.70 -3.98
CA LEU E 43 69.24 48.78 -3.04
C LEU E 43 69.75 48.35 -1.68
N VAL E 44 69.67 49.24 -0.69
CA VAL E 44 70.04 48.95 0.68
C VAL E 44 68.83 49.22 1.56
N ALA E 45 68.49 48.26 2.41
CA ALA E 45 67.35 48.36 3.30
C ALA E 45 67.82 48.40 4.75
N PHE E 46 67.02 49.02 5.59
CA PHE E 46 67.33 49.18 7.01
C PHE E 46 66.12 48.77 7.84
N PRO E 47 66.34 48.41 9.10
CA PRO E 47 65.23 47.96 9.95
C PRO E 47 64.19 49.05 10.12
N GLU E 48 63.07 48.68 10.73
CA GLU E 48 61.99 49.64 10.94
C GLU E 48 62.27 50.46 12.18
N VAL E 49 61.85 51.72 12.16
CA VAL E 49 62.08 52.62 13.28
C VAL E 49 63.55 52.55 13.62
N PHE E 50 64.40 52.63 12.61
CA PHE E 50 65.83 52.49 12.81
C PHE E 50 66.52 53.80 13.17
N ILE E 51 66.03 54.93 12.67
CA ILE E 51 66.70 56.20 12.90
C ILE E 51 66.70 56.53 14.39
N PRO E 52 65.56 56.49 15.08
CA PRO E 52 65.60 56.64 16.54
C PRO E 52 65.80 55.30 17.24
N GLY E 53 65.44 54.22 16.56
CA GLY E 53 65.51 52.90 17.15
C GLY E 53 64.18 52.46 17.74
N TYR E 54 63.97 51.16 17.75
CA TYR E 54 62.71 50.62 18.25
C TYR E 54 62.55 50.95 19.72
N PRO E 55 61.36 51.36 20.16
CA PRO E 55 61.15 51.69 21.58
C PRO E 55 60.79 50.48 22.45
N TYR E 56 61.80 49.68 22.79
CA TYR E 56 61.56 48.50 23.59
C TYR E 56 61.01 48.82 24.98
N HIS E 57 61.16 50.07 25.43
CA HIS E 57 60.77 50.41 26.80
C HIS E 57 59.30 50.09 27.06
N ILE E 58 58.47 50.07 26.03
CA ILE E 58 57.06 49.75 26.22
C ILE E 58 56.90 48.28 26.60
N TRP E 59 57.73 47.40 26.03
CA TRP E 59 57.63 45.97 26.31
C TRP E 59 58.22 45.62 27.66
N VAL E 60 59.28 46.33 28.08
CA VAL E 60 60.08 45.88 29.22
C VAL E 60 59.70 46.58 30.52
N ASP E 61 58.65 47.40 30.52
CA ASP E 61 58.31 48.15 31.72
C ASP E 61 56.85 48.55 31.66
N SER E 62 56.33 48.99 32.81
CA SER E 62 54.96 49.45 32.88
C SER E 62 54.80 50.72 32.02
N PRO E 63 53.59 51.00 31.55
CA PRO E 63 53.40 52.19 30.71
C PRO E 63 53.87 53.47 31.38
N LEU E 64 53.67 53.60 32.70
CA LEU E 64 54.14 54.80 33.38
C LEU E 64 55.67 54.90 33.35
N ALA E 65 56.35 53.76 33.54
CA ALA E 65 57.80 53.78 33.51
C ALA E 65 58.32 54.25 32.16
N GLY E 66 57.74 53.74 31.08
CA GLY E 66 58.16 54.19 29.76
C GLY E 66 57.83 55.63 29.50
N MET E 67 56.63 56.08 29.88
CA MET E 67 56.24 57.45 29.62
C MET E 67 57.17 58.43 30.32
N ALA E 68 57.50 58.15 31.58
CA ALA E 68 58.29 59.10 32.35
C ALA E 68 59.72 59.22 31.84
N LYS E 69 60.33 58.09 31.47
CA LYS E 69 61.76 58.08 31.19
C LYS E 69 62.08 58.27 29.71
N PHE E 70 61.29 57.69 28.81
CA PHE E 70 61.65 57.61 27.40
C PHE E 70 60.72 58.35 26.46
N ALA E 71 59.44 58.48 26.79
CA ALA E 71 58.47 59.00 25.83
C ALA E 71 58.89 60.35 25.30
N VAL E 72 59.21 61.28 26.19
CA VAL E 72 59.59 62.62 25.74
C VAL E 72 60.86 62.57 24.91
N ARG E 73 61.84 61.78 25.38
CA ARG E 73 63.08 61.66 24.62
C ARG E 73 62.84 60.99 23.27
N TYR E 74 62.06 59.91 23.25
CA TYR E 74 61.80 59.20 22.00
C TYR E 74 61.06 60.10 21.02
N HIS E 75 60.06 60.85 21.51
CA HIS E 75 59.33 61.75 20.64
C HIS E 75 60.23 62.83 20.08
N GLU E 76 61.10 63.39 20.92
CA GLU E 76 61.97 64.48 20.47
C GLU E 76 62.97 64.01 19.42
N ASN E 77 63.23 62.70 19.36
CA ASN E 77 64.18 62.15 18.40
C ASN E 77 63.51 61.56 17.17
N SER E 78 62.18 61.63 17.07
CA SER E 78 61.51 61.19 15.87
C SER E 78 61.74 62.18 14.73
N LEU E 79 61.81 61.67 13.52
CA LEU E 79 62.16 62.47 12.36
C LEU E 79 60.91 63.10 11.75
N THR E 80 60.93 64.42 11.62
CA THR E 80 59.91 65.13 10.86
C THR E 80 60.28 65.09 9.39
N MET E 81 59.26 64.92 8.54
CA MET E 81 59.52 64.77 7.11
C MET E 81 60.27 65.97 6.55
N ASP E 82 60.10 67.15 7.15
CA ASP E 82 60.79 68.35 6.72
C ASP E 82 62.09 68.59 7.47
N SER E 83 62.49 67.68 8.36
CA SER E 83 63.68 67.88 9.15
C SER E 83 64.93 67.72 8.27
N PRO E 84 66.04 68.33 8.68
CA PRO E 84 67.29 68.12 7.93
C PRO E 84 67.74 66.67 7.88
N HIS E 85 67.41 65.88 8.88
CA HIS E 85 67.86 64.48 8.90
C HIS E 85 67.37 63.75 7.66
N VAL E 86 66.11 63.93 7.30
CA VAL E 86 65.59 63.27 6.10
C VAL E 86 66.36 63.72 4.87
N GLN E 87 66.60 65.03 4.76
CA GLN E 87 67.35 65.54 3.62
C GLN E 87 68.74 64.93 3.54
N ARG E 88 69.34 64.65 4.70
CA ARG E 88 70.63 63.97 4.70
C ARG E 88 70.52 62.59 4.07
N LEU E 89 69.44 61.86 4.38
CA LEU E 89 69.23 60.56 3.77
C LEU E 89 69.00 60.68 2.27
N LEU E 90 68.24 61.69 1.84
CA LEU E 90 68.02 61.90 0.41
C LEU E 90 69.32 62.21 -0.30
N ASP E 91 70.15 63.08 0.29
CA ASP E 91 71.43 63.39 -0.32
C ASP E 91 72.34 62.17 -0.35
N ALA E 92 72.33 61.36 0.72
CA ALA E 92 73.16 60.17 0.74
C ALA E 92 72.80 59.23 -0.39
N ALA E 93 71.50 59.01 -0.61
CA ALA E 93 71.07 58.15 -1.71
C ALA E 93 71.49 58.74 -3.05
N ARG E 94 71.29 60.05 -3.24
CA ARG E 94 71.67 60.69 -4.50
C ARG E 94 73.18 60.57 -4.72
N ASP E 95 73.96 60.94 -3.71
CA ASP E 95 75.41 60.98 -3.88
C ASP E 95 75.98 59.60 -4.20
N HIS E 96 75.49 58.58 -3.51
CA HIS E 96 75.98 57.22 -3.71
C HIS E 96 75.24 56.48 -4.82
N ASN E 97 74.16 57.05 -5.34
CA ASN E 97 73.42 56.45 -6.46
C ASN E 97 72.88 55.07 -6.08
N ILE E 98 72.27 55.00 -4.90
CA ILE E 98 71.73 53.76 -4.36
C ILE E 98 70.33 54.02 -3.84
N ALA E 99 69.40 53.10 -4.11
CA ALA E 99 68.06 53.18 -3.55
C ALA E 99 68.09 52.74 -2.10
N VAL E 100 67.45 53.51 -1.23
CA VAL E 100 67.47 53.28 0.21
C VAL E 100 66.04 53.12 0.69
N VAL E 101 65.81 52.09 1.49
CA VAL E 101 64.52 51.85 2.13
C VAL E 101 64.80 51.80 3.63
N VAL E 102 64.69 52.94 4.30
CA VAL E 102 65.04 53.07 5.70
C VAL E 102 63.76 53.34 6.50
N GLY E 103 63.55 52.56 7.55
CA GLY E 103 62.42 52.75 8.43
C GLY E 103 62.73 53.76 9.51
N ILE E 104 61.89 54.78 9.61
CA ILE E 104 62.07 55.86 10.57
C ILE E 104 60.84 55.91 11.47
N SER E 105 60.84 56.87 12.39
CA SER E 105 59.69 57.15 13.24
C SER E 105 59.22 58.55 12.88
N GLU E 106 58.35 58.64 11.88
CA GLU E 106 57.85 59.93 11.45
C GLU E 106 57.13 60.63 12.59
N ARG E 107 57.30 61.94 12.66
CA ARG E 107 56.59 62.78 13.63
C ARG E 107 55.68 63.73 12.88
N ASP E 108 54.41 63.73 13.26
CA ASP E 108 53.42 64.66 12.69
C ASP E 108 52.68 65.28 13.87
N GLY E 109 53.03 66.52 14.19
CA GLY E 109 52.48 67.12 15.39
C GLY E 109 52.89 66.32 16.61
N GLY E 110 51.92 65.92 17.41
CA GLY E 110 52.19 65.12 18.59
C GLY E 110 52.18 63.63 18.38
N SER E 111 51.80 63.17 17.20
CA SER E 111 51.69 61.74 16.93
C SER E 111 52.97 61.21 16.28
N LEU E 112 53.13 59.89 16.35
CA LEU E 112 54.25 59.20 15.73
C LEU E 112 53.73 58.08 14.85
N TYR E 113 54.52 57.74 13.83
CA TYR E 113 54.15 56.69 12.89
C TYR E 113 55.39 55.91 12.49
N MET E 114 55.23 54.60 12.31
CA MET E 114 56.30 53.78 11.77
C MET E 114 56.35 53.99 10.26
N THR E 115 57.18 54.94 9.83
CA THR E 115 57.31 55.29 8.42
C THR E 115 58.51 54.57 7.82
N GLN E 116 58.35 54.10 6.59
CA GLN E 116 59.45 53.58 5.78
C GLN E 116 59.65 54.50 4.59
N LEU E 117 60.70 55.31 4.65
CA LEU E 117 61.07 56.14 3.50
C LEU E 117 61.66 55.28 2.41
N ILE E 118 61.26 55.54 1.18
CA ILE E 118 61.81 54.87 0.01
C ILE E 118 62.44 55.94 -0.87
N ILE E 119 63.74 55.82 -1.11
CA ILE E 119 64.52 56.82 -1.81
C ILE E 119 65.15 56.16 -3.02
N ASP E 120 64.99 56.77 -4.20
CA ASP E 120 65.55 56.21 -5.41
C ASP E 120 67.01 56.66 -5.58
N ALA E 121 67.65 56.12 -6.62
CA ALA E 121 69.01 56.55 -6.92
C ALA E 121 69.10 58.03 -7.25
N ASP E 122 67.97 58.65 -7.63
CA ASP E 122 67.96 60.07 -7.96
C ASP E 122 67.82 60.96 -6.73
N GLY E 123 67.68 60.37 -5.54
CA GLY E 123 67.63 61.16 -4.32
C GLY E 123 66.31 61.82 -4.04
N GLN E 124 65.21 61.28 -4.54
CA GLN E 124 63.88 61.82 -4.31
C GLN E 124 63.06 60.85 -3.48
N LEU E 125 62.21 61.39 -2.61
CA LEU E 125 61.39 60.55 -1.74
C LEU E 125 60.32 59.88 -2.58
N VAL E 126 60.56 58.64 -2.98
CA VAL E 126 59.58 57.92 -3.80
C VAL E 126 58.31 57.67 -3.00
N ALA E 127 58.45 57.29 -1.73
CA ALA E 127 57.32 56.92 -0.90
C ALA E 127 57.59 57.34 0.54
N ARG E 128 56.51 57.49 1.29
CA ARG E 128 56.57 57.83 2.70
C ARG E 128 55.62 56.90 3.46
N ARG E 129 55.74 55.61 3.17
CA ARG E 129 54.81 54.62 3.68
C ARG E 129 54.69 54.71 5.19
N ARG E 130 53.54 54.25 5.70
CA ARG E 130 53.27 54.21 7.14
C ARG E 130 52.70 52.84 7.49
N LYS E 131 52.99 52.37 8.70
CA LYS E 131 52.47 51.08 9.12
C LYS E 131 50.96 51.15 9.27
N LEU E 132 50.26 50.17 8.69
CA LEU E 132 48.81 50.19 8.69
C LEU E 132 48.26 50.09 10.12
N LYS E 133 48.83 49.22 10.93
CA LYS E 133 48.38 49.08 12.31
C LYS E 133 49.49 48.53 13.18
N PRO E 134 49.96 49.26 14.18
CA PRO E 134 51.04 48.75 15.04
C PRO E 134 50.63 47.48 15.77
N THR E 135 51.59 46.91 16.48
CA THR E 135 51.46 45.61 17.13
C THR E 135 51.33 45.78 18.63
N HIS E 136 50.27 45.22 19.20
CA HIS E 136 50.08 45.12 20.66
C HIS E 136 50.35 46.50 21.27
N VAL E 137 51.23 46.61 22.26
CA VAL E 137 51.45 47.87 22.94
C VAL E 137 52.06 48.93 22.04
N GLU E 138 52.56 48.56 20.87
CA GLU E 138 53.04 49.58 19.94
C GLU E 138 51.93 50.54 19.56
N ARG E 139 50.68 50.08 19.63
CA ARG E 139 49.55 50.93 19.28
C ARG E 139 49.41 52.11 20.23
N SER E 140 50.03 52.05 21.40
CA SER E 140 50.04 53.20 22.29
C SER E 140 51.02 54.27 21.84
N VAL E 141 52.09 53.88 21.15
CA VAL E 141 53.13 54.81 20.75
C VAL E 141 52.83 55.42 19.39
N TYR E 142 52.39 54.61 18.43
CA TYR E 142 52.26 55.03 17.04
C TYR E 142 50.80 55.08 16.61
N GLY E 143 50.53 55.89 15.59
CA GLY E 143 49.24 55.95 14.98
C GLY E 143 49.13 54.99 13.81
N GLU E 144 47.92 54.92 13.25
CA GLU E 144 47.63 53.99 12.17
C GLU E 144 47.81 54.66 10.81
N GLY E 145 48.07 53.83 9.81
CA GLY E 145 48.14 54.28 8.44
C GLY E 145 46.78 54.20 7.77
N ASN E 146 46.81 54.11 6.44
CA ASN E 146 45.58 53.95 5.67
C ASN E 146 45.90 53.15 4.42
N GLY E 147 44.94 53.10 3.50
CA GLY E 147 45.12 52.31 2.29
C GLY E 147 46.25 52.82 1.43
N SER E 148 46.48 54.13 1.42
CA SER E 148 47.54 54.71 0.59
C SER E 148 48.91 54.17 0.97
N ASP E 149 49.05 53.61 2.17
CA ASP E 149 50.33 53.09 2.63
C ASP E 149 50.64 51.70 2.09
N ILE E 150 49.67 51.00 1.52
CA ILE E 150 49.89 49.71 0.91
C ILE E 150 50.03 49.95 -0.59
N SER E 151 51.27 49.96 -1.08
CA SER E 151 51.51 50.24 -2.48
C SER E 151 52.79 49.57 -2.92
N VAL E 152 52.92 49.40 -4.24
CA VAL E 152 54.12 48.88 -4.87
C VAL E 152 54.65 49.95 -5.81
N TYR E 153 55.91 50.33 -5.63
CA TYR E 153 56.51 51.43 -6.36
C TYR E 153 57.43 50.89 -7.44
N ASP E 154 57.27 51.41 -8.65
CA ASP E 154 58.01 50.93 -9.82
C ASP E 154 59.38 51.58 -9.82
N MET E 155 60.26 51.06 -8.98
CA MET E 155 61.64 51.50 -9.00
C MET E 155 62.30 51.09 -10.31
N PRO E 156 63.32 51.83 -10.76
CA PRO E 156 63.93 51.48 -12.05
C PRO E 156 64.45 50.06 -12.11
N PHE E 157 65.01 49.55 -11.01
CA PHE E 157 65.57 48.20 -11.04
C PHE E 157 64.50 47.13 -10.96
N ALA E 158 63.43 47.37 -10.19
CA ALA E 158 62.36 46.38 -10.06
C ALA E 158 61.18 47.05 -9.36
N ARG E 159 60.10 46.28 -9.18
CA ARG E 159 58.90 46.76 -8.52
C ARG E 159 59.04 46.48 -7.02
N LEU E 160 59.14 47.54 -6.23
CA LEU E 160 59.53 47.45 -4.84
C LEU E 160 58.33 47.66 -3.92
N GLY E 161 58.17 46.75 -2.96
CA GLY E 161 57.21 46.92 -1.90
C GLY E 161 57.89 46.73 -0.55
N ALA E 162 57.30 47.34 0.47
CA ALA E 162 57.90 47.32 1.80
C ALA E 162 56.82 47.22 2.86
N LEU E 163 57.07 46.38 3.85
CA LEU E 163 56.15 46.22 4.98
C LEU E 163 56.97 46.12 6.26
N ASN E 164 56.31 46.37 7.37
CA ASN E 164 56.95 46.41 8.68
C ASN E 164 56.72 45.11 9.43
N CYS E 165 57.13 45.10 10.70
CA CYS E 165 56.97 43.93 11.56
C CYS E 165 55.51 43.52 11.66
N TRP E 166 55.27 42.22 11.52
CA TRP E 166 53.97 41.59 11.72
C TRP E 166 52.90 42.12 10.77
N GLU E 167 53.28 42.91 9.77
CA GLU E 167 52.40 43.15 8.64
C GLU E 167 52.48 42.01 7.64
N HIS E 168 53.44 41.10 7.81
CA HIS E 168 53.48 39.86 7.05
C HIS E 168 52.54 38.80 7.62
N PHE E 169 51.95 39.07 8.78
CA PHE E 169 50.94 38.19 9.36
C PHE E 169 49.53 38.54 8.89
N GLN E 170 49.38 39.62 8.13
CA GLN E 170 48.07 40.10 7.70
C GLN E 170 47.83 39.58 6.29
N THR E 171 47.01 38.53 6.19
CA THR E 171 46.84 37.86 4.90
C THR E 171 46.27 38.81 3.86
N LEU E 172 45.31 39.64 4.25
CA LEU E 172 44.71 40.56 3.29
C LEU E 172 45.72 41.62 2.84
N THR E 173 46.58 42.08 3.75
CA THR E 173 47.62 43.03 3.36
C THR E 173 48.59 42.39 2.37
N LYS E 174 48.93 41.12 2.58
CA LYS E 174 49.78 40.43 1.62
C LYS E 174 49.12 40.37 0.25
N TYR E 175 47.86 39.95 0.20
CA TYR E 175 47.20 39.78 -1.09
C TYR E 175 47.14 41.10 -1.85
N ALA E 176 46.87 42.20 -1.16
CA ALA E 176 46.93 43.50 -1.81
C ALA E 176 48.31 43.74 -2.41
N MET E 177 49.36 43.39 -1.67
CA MET E 177 50.71 43.56 -2.19
C MET E 177 50.98 42.63 -3.37
N TYR E 178 50.51 41.39 -3.28
CA TYR E 178 50.67 40.47 -4.41
C TYR E 178 49.93 40.98 -5.63
N SER E 179 48.73 41.53 -5.43
CA SER E 179 47.90 41.97 -6.55
C SER E 179 48.56 43.08 -7.34
N MET E 180 49.49 43.82 -6.75
CA MET E 180 50.20 44.88 -7.44
C MET E 180 51.48 44.39 -8.09
N HIS E 181 51.77 43.10 -8.01
CA HIS E 181 52.87 42.48 -8.75
C HIS E 181 54.23 43.01 -8.28
N GLU E 182 54.44 43.06 -6.97
CA GLU E 182 55.75 43.41 -6.46
C GLU E 182 56.73 42.27 -6.72
N GLN E 183 57.98 42.64 -6.96
CA GLN E 183 59.04 41.69 -7.29
C GLN E 183 60.12 41.62 -6.22
N VAL E 184 60.48 42.75 -5.63
CA VAL E 184 61.44 42.81 -4.53
C VAL E 184 60.72 43.40 -3.33
N HIS E 185 60.74 42.69 -2.21
CA HIS E 185 60.06 43.10 -1.00
C HIS E 185 61.11 43.37 0.08
N VAL E 186 60.95 44.49 0.77
CA VAL E 186 61.83 44.86 1.88
C VAL E 186 61.04 44.67 3.16
N ALA E 187 61.40 43.65 3.94
CA ALA E 187 60.76 43.37 5.22
C ALA E 187 61.63 43.96 6.31
N SER E 188 61.07 44.91 7.06
CA SER E 188 61.78 45.59 8.14
C SER E 188 61.29 45.07 9.47
N TRP E 189 62.22 44.70 10.34
CA TRP E 189 61.91 44.13 11.64
C TRP E 189 62.72 44.82 12.73
N PRO E 190 62.22 44.82 13.96
CA PRO E 190 63.06 45.23 15.08
C PRO E 190 63.86 44.04 15.62
N GLY E 191 64.59 44.25 16.71
CA GLY E 191 65.24 43.13 17.36
C GLY E 191 64.22 42.21 17.97
N MET E 192 64.05 41.03 17.38
CA MET E 192 63.02 40.08 17.82
C MET E 192 63.63 39.15 18.85
N SER E 193 63.83 39.71 20.06
CA SER E 193 64.35 38.94 21.18
C SER E 193 63.53 39.16 22.44
N LEU E 194 62.32 39.71 22.32
CA LEU E 194 61.49 39.99 23.47
C LEU E 194 60.80 38.73 23.97
N TYR E 195 60.74 38.58 25.27
CA TYR E 195 59.91 37.57 25.91
C TYR E 195 60.23 36.17 25.39
N GLN E 196 61.52 35.92 25.14
CA GLN E 196 61.91 34.77 24.32
C GLN E 196 61.42 33.45 24.90
N PRO E 197 61.82 33.04 26.10
CA PRO E 197 61.40 31.71 26.58
C PRO E 197 59.91 31.54 26.73
N GLU E 198 59.16 32.63 26.93
CA GLU E 198 57.73 32.54 27.24
C GLU E 198 56.83 32.67 26.02
N VAL E 199 57.09 33.63 25.15
CA VAL E 199 56.23 33.86 23.97
C VAL E 199 56.99 33.44 22.73
N PRO E 200 56.81 32.21 22.24
CA PRO E 200 57.54 31.79 21.04
C PRO E 200 57.17 32.59 19.81
N ALA E 201 55.98 33.20 19.78
CA ALA E 201 55.56 33.97 18.60
C ALA E 201 56.49 35.13 18.32
N PHE E 202 57.23 35.61 19.31
CA PHE E 202 58.15 36.72 19.13
C PHE E 202 59.56 36.26 18.80
N GLY E 203 59.81 34.96 18.74
CA GLY E 203 61.15 34.48 18.42
C GLY E 203 61.48 34.67 16.96
N VAL E 204 62.78 34.72 16.67
CA VAL E 204 63.23 34.91 15.29
C VAL E 204 62.79 33.74 14.42
N ASP E 205 62.62 32.56 15.00
CA ASP E 205 62.12 31.42 14.22
C ASP E 205 60.72 31.70 13.71
N ALA E 206 59.86 32.26 14.56
CA ALA E 206 58.51 32.60 14.12
C ALA E 206 58.53 33.67 13.04
N GLN E 207 59.39 34.68 13.20
CA GLN E 207 59.44 35.77 12.23
C GLN E 207 60.10 35.34 10.92
N LEU E 208 60.92 34.30 10.96
CA LEU E 208 61.55 33.82 9.73
C LEU E 208 60.54 33.12 8.85
N THR E 209 59.65 32.32 9.44
CA THR E 209 58.61 31.67 8.65
C THR E 209 57.71 32.72 8.01
N ALA E 210 57.43 33.80 8.72
CA ALA E 210 56.60 34.86 8.16
C ALA E 210 57.24 35.46 6.92
N THR E 211 58.51 35.86 7.02
CA THR E 211 59.19 36.44 5.87
C THR E 211 59.40 35.40 4.78
N ARG E 212 59.78 34.18 5.16
CA ARG E 212 59.98 33.12 4.17
C ARG E 212 58.68 32.81 3.43
N MET E 213 57.57 32.72 4.17
CA MET E 213 56.31 32.37 3.54
C MET E 213 55.82 33.50 2.64
N TYR E 214 56.18 34.74 2.95
CA TYR E 214 55.84 35.86 2.09
C TYR E 214 56.48 35.69 0.71
N ALA E 215 57.76 35.28 0.69
CA ALA E 215 58.41 35.01 -0.58
C ALA E 215 57.74 33.86 -1.31
N LEU E 216 57.36 32.82 -0.59
CA LEU E 216 56.75 31.66 -1.20
C LEU E 216 55.39 31.99 -1.80
N GLU E 217 54.54 32.68 -1.03
CA GLU E 217 53.21 33.02 -1.52
C GLU E 217 53.29 33.96 -2.72
N GLY E 218 54.01 35.07 -2.58
CA GLY E 218 54.01 36.09 -3.60
C GLY E 218 55.07 35.94 -4.66
N GLN E 219 55.91 34.92 -4.57
CA GLN E 219 57.00 34.73 -5.53
C GLN E 219 57.81 36.01 -5.66
N THR E 220 58.18 36.57 -4.51
CA THR E 220 58.94 37.80 -4.43
C THR E 220 60.31 37.52 -3.82
N PHE E 221 61.26 38.41 -4.11
CA PHE E 221 62.50 38.44 -3.36
C PHE E 221 62.29 39.26 -2.11
N VAL E 222 62.48 38.65 -0.94
CA VAL E 222 62.30 39.32 0.34
C VAL E 222 63.67 39.72 0.85
N VAL E 223 63.83 41.01 1.14
CA VAL E 223 65.07 41.55 1.69
C VAL E 223 64.76 41.89 3.14
N CYS E 224 65.03 40.95 4.03
CA CYS E 224 64.69 41.10 5.44
C CYS E 224 65.82 41.81 6.17
N THR E 225 65.49 42.91 6.85
CA THR E 225 66.43 43.68 7.64
C THR E 225 65.91 43.79 9.06
N THR E 226 66.82 43.73 10.04
CA THR E 226 66.42 43.63 11.43
C THR E 226 67.34 44.49 12.28
N GLN E 227 66.86 44.85 13.47
CA GLN E 227 67.69 45.45 14.49
C GLN E 227 68.24 44.36 15.40
N VAL E 228 69.33 44.67 16.08
CA VAL E 228 69.98 43.74 16.99
C VAL E 228 69.97 44.33 18.39
N VAL E 229 69.70 43.47 19.36
CA VAL E 229 69.71 43.86 20.76
C VAL E 229 71.05 43.48 21.38
N THR E 230 71.97 44.42 21.42
CA THR E 230 73.28 44.21 21.98
C THR E 230 73.34 44.74 23.40
N PRO E 231 74.46 44.53 24.12
CA PRO E 231 74.54 45.05 25.49
C PRO E 231 74.35 46.55 25.56
N GLU E 232 74.74 47.26 24.50
CA GLU E 232 74.51 48.70 24.46
C GLU E 232 73.03 49.01 24.66
N ALA E 233 72.15 48.13 24.18
CA ALA E 233 70.72 48.28 24.44
C ALA E 233 70.37 48.02 25.90
N HIS E 234 71.05 47.06 26.52
CA HIS E 234 70.76 46.75 27.91
C HIS E 234 71.05 47.93 28.81
N GLU E 235 72.16 48.64 28.56
CA GLU E 235 72.51 49.80 29.36
C GLU E 235 71.54 50.96 29.15
N PHE E 236 70.68 50.88 28.13
CA PHE E 236 69.71 51.94 27.86
C PHE E 236 68.32 51.61 28.39
N PHE E 237 67.76 50.48 28.02
CA PHE E 237 66.40 50.12 28.41
C PHE E 237 66.36 49.41 29.76
N CYS E 238 67.14 48.36 29.92
CA CYS E 238 67.08 47.54 31.12
C CYS E 238 67.55 48.34 32.35
N GLU E 239 66.85 48.14 33.47
CA GLU E 239 67.23 48.73 34.73
C GLU E 239 67.52 47.70 35.81
N ASN E 240 67.22 46.43 35.58
CA ASN E 240 67.49 45.37 36.54
C ASN E 240 67.59 44.05 35.79
N GLU E 241 67.75 42.96 36.55
CA GLU E 241 67.89 41.64 35.94
C GLU E 241 66.61 41.21 35.24
N GLU E 242 65.46 41.49 35.84
CA GLU E 242 64.19 41.07 35.24
C GLU E 242 63.99 41.74 33.88
N GLN E 243 64.25 43.04 33.81
CA GLN E 243 64.12 43.74 32.53
C GLN E 243 65.11 43.20 31.51
N ARG E 244 66.32 42.85 31.96
CA ARG E 244 67.30 42.28 31.04
C ARG E 244 66.81 40.97 30.45
N LYS E 245 66.16 40.14 31.28
CA LYS E 245 65.63 38.87 30.78
C LYS E 245 64.55 39.10 29.74
N LEU E 246 63.67 40.08 29.97
CA LEU E 246 62.56 40.30 29.04
C LEU E 246 63.08 40.65 27.65
N ILE E 247 63.96 41.64 27.57
CA ILE E 247 64.53 42.07 26.29
C ILE E 247 65.81 41.27 26.09
N GLY E 248 65.65 40.06 25.55
CA GLY E 248 66.81 39.20 25.35
C GLY E 248 67.78 39.80 24.38
N ARG E 249 69.04 39.39 24.50
CA ARG E 249 70.08 39.88 23.61
C ARG E 249 69.97 39.23 22.24
N GLY E 250 70.47 39.94 21.23
CA GLY E 250 70.47 39.42 19.87
C GLY E 250 69.22 39.78 19.10
N GLY E 251 68.56 38.77 18.54
CA GLY E 251 67.32 38.97 17.82
C GLY E 251 67.47 39.38 16.37
N GLY E 252 68.69 39.35 15.83
CA GLY E 252 68.90 39.73 14.44
C GLY E 252 68.76 38.54 13.52
N PHE E 253 67.90 38.67 12.51
CA PHE E 253 67.66 37.60 11.54
C PHE E 253 67.55 38.17 10.14
N ALA E 254 68.44 39.10 9.78
CA ALA E 254 68.43 39.64 8.43
C ALA E 254 68.68 38.53 7.41
N ARG E 255 67.89 38.53 6.34
CA ARG E 255 67.95 37.49 5.34
C ARG E 255 67.69 38.09 3.97
N ILE E 256 68.12 37.37 2.93
CA ILE E 256 67.72 37.63 1.56
C ILE E 256 67.17 36.34 1.00
N ILE E 257 65.91 36.35 0.62
CA ILE E 257 65.16 35.14 0.28
C ILE E 257 64.63 35.28 -1.14
N GLY E 258 64.79 34.22 -1.93
CA GLY E 258 64.30 34.20 -3.28
C GLY E 258 62.85 33.73 -3.35
N PRO E 259 62.28 33.74 -4.55
CA PRO E 259 60.89 33.28 -4.70
C PRO E 259 60.68 31.86 -4.23
N ASP E 260 61.68 31.00 -4.37
CA ASP E 260 61.59 29.62 -3.91
C ASP E 260 61.64 29.51 -2.38
N GLY E 261 61.91 30.59 -1.68
CA GLY E 261 62.01 30.57 -0.23
C GLY E 261 63.40 30.26 0.30
N ARG E 262 64.34 29.91 -0.57
CA ARG E 262 65.70 29.61 -0.13
C ARG E 262 66.49 30.90 0.01
N ASP E 263 67.33 30.96 1.05
CA ASP E 263 68.14 32.14 1.29
C ASP E 263 69.22 32.29 0.21
N LEU E 264 69.40 33.52 -0.25
CA LEU E 264 70.40 33.82 -1.28
C LEU E 264 71.70 34.34 -0.68
N ALA E 265 71.76 34.54 0.63
CA ALA E 265 72.97 35.02 1.28
C ALA E 265 73.13 34.31 2.62
N THR E 266 74.37 34.12 3.03
CA THR E 266 74.64 33.44 4.29
C THR E 266 74.18 34.32 5.46
N PRO E 267 73.30 33.83 6.32
CA PRO E 267 72.83 34.67 7.42
C PRO E 267 73.94 34.98 8.42
N LEU E 268 73.83 36.14 9.07
CA LEU E 268 74.74 36.51 10.14
C LEU E 268 74.29 35.88 11.45
N ALA E 269 75.04 36.14 12.51
CA ALA E 269 74.67 35.64 13.82
C ALA E 269 73.53 36.46 14.39
N GLU E 270 72.78 35.83 15.31
CA GLU E 270 71.65 36.52 15.92
C GLU E 270 72.09 37.72 16.74
N ASP E 271 73.37 37.81 17.09
CA ASP E 271 73.89 38.94 17.86
C ASP E 271 74.91 39.77 17.09
N GLU E 272 75.35 39.32 15.92
CA GLU E 272 76.34 40.05 15.15
C GLU E 272 75.68 41.18 14.38
N GLU E 273 76.51 41.95 13.68
CA GLU E 273 76.05 43.08 12.88
C GLU E 273 76.77 43.06 11.54
N GLY E 274 76.15 43.66 10.53
CA GLY E 274 76.79 43.77 9.24
C GLY E 274 75.76 43.93 8.14
N ILE E 275 76.26 43.89 6.91
CA ILE E 275 75.46 43.99 5.70
C ILE E 275 75.73 42.77 4.86
N LEU E 276 74.68 42.04 4.49
CA LEU E 276 74.80 40.85 3.67
C LEU E 276 74.16 41.11 2.30
N TYR E 277 74.88 40.74 1.26
CA TYR E 277 74.52 41.06 -0.11
C TYR E 277 74.08 39.80 -0.86
N ALA E 278 73.35 40.01 -1.94
CA ALA E 278 72.92 38.91 -2.79
C ALA E 278 72.61 39.46 -4.18
N ASP E 279 72.64 38.57 -5.16
CA ASP E 279 72.35 38.91 -6.55
C ASP E 279 70.92 38.49 -6.87
N ILE E 280 70.11 39.45 -7.31
CA ILE E 280 68.70 39.23 -7.58
C ILE E 280 68.52 39.11 -9.08
N ASP E 281 67.98 37.98 -9.53
CA ASP E 281 67.64 37.75 -10.93
C ASP E 281 66.13 37.58 -11.02
N LEU E 282 65.46 38.56 -11.63
CA LEU E 282 64.00 38.53 -11.65
C LEU E 282 63.46 37.33 -12.43
N SER E 283 64.27 36.71 -13.28
CA SER E 283 63.81 35.51 -13.98
C SER E 283 63.52 34.38 -13.01
N ALA E 284 64.07 34.42 -11.80
CA ALA E 284 63.76 33.40 -10.80
C ALA E 284 62.31 33.48 -10.39
N ILE E 285 61.73 34.69 -10.41
CA ILE E 285 60.31 34.82 -10.09
C ILE E 285 59.47 34.07 -11.13
N THR E 286 59.83 34.23 -12.41
CA THR E 286 59.07 33.57 -13.46
C THR E 286 59.05 32.06 -13.25
N LEU E 287 60.14 31.49 -12.73
CA LEU E 287 60.17 30.06 -12.46
C LEU E 287 59.21 29.68 -11.34
N ALA E 288 59.16 30.49 -10.28
CA ALA E 288 58.26 30.20 -9.17
C ALA E 288 56.80 30.38 -9.57
N LYS E 289 56.51 31.36 -10.43
CA LYS E 289 55.13 31.60 -10.84
C LYS E 289 54.52 30.41 -11.55
N GLN E 290 55.34 29.49 -12.06
CA GLN E 290 54.80 28.32 -12.73
C GLN E 290 53.99 27.47 -11.77
N ALA E 291 54.54 27.20 -10.58
CA ALA E 291 53.84 26.35 -9.62
C ALA E 291 52.63 27.05 -9.03
N ALA E 292 52.79 28.30 -8.59
CA ALA E 292 51.73 29.02 -7.90
C ALA E 292 51.75 30.48 -8.30
N ASP E 293 50.57 31.11 -8.25
CA ASP E 293 50.41 32.54 -8.48
C ASP E 293 49.13 32.99 -7.80
N PRO E 294 49.21 33.52 -6.59
CA PRO E 294 47.97 33.74 -5.82
C PRO E 294 46.98 34.66 -6.50
N VAL E 295 47.45 35.63 -7.28
CA VAL E 295 46.58 36.63 -7.89
C VAL E 295 46.38 36.38 -9.37
N GLY E 296 46.95 35.31 -9.91
CA GLY E 296 46.86 35.03 -11.33
C GLY E 296 46.18 33.70 -11.63
N HIS E 297 46.95 32.77 -12.20
CA HIS E 297 46.39 31.52 -12.66
C HIS E 297 45.89 30.64 -11.52
N TYR E 298 46.23 30.97 -10.28
CA TYR E 298 45.94 30.13 -9.13
C TYR E 298 45.02 30.85 -8.15
N SER E 299 43.99 31.50 -8.69
CA SER E 299 43.02 32.26 -7.91
C SER E 299 41.62 31.88 -8.35
N ARG E 300 40.65 32.14 -7.48
CA ARG E 300 39.25 31.84 -7.73
C ARG E 300 38.42 33.10 -7.45
N PRO E 301 38.53 34.11 -8.34
CA PRO E 301 37.82 35.38 -8.08
C PRO E 301 36.32 35.22 -7.99
N ASP E 302 35.75 34.17 -8.57
CA ASP E 302 34.33 33.90 -8.40
C ASP E 302 34.00 33.46 -6.98
N VAL E 303 34.97 32.91 -6.27
CA VAL E 303 34.77 32.45 -4.89
C VAL E 303 35.27 33.46 -3.89
N LEU E 304 36.51 33.94 -4.07
CA LEU E 304 37.15 34.84 -3.12
C LEU E 304 37.78 36.00 -3.88
N SER E 305 37.48 37.22 -3.45
CA SER E 305 38.11 38.42 -3.99
C SER E 305 38.37 39.38 -2.84
N LEU E 306 39.12 40.43 -3.14
CA LEU E 306 39.58 41.38 -2.14
C LEU E 306 39.01 42.77 -2.43
N ASN E 307 38.40 43.38 -1.43
CA ASN E 307 38.04 44.78 -1.48
C ASN E 307 39.19 45.60 -0.91
N PHE E 308 39.82 46.41 -1.75
CA PHE E 308 41.00 47.17 -1.37
C PHE E 308 40.70 48.65 -1.58
N ASN E 309 40.50 49.37 -0.48
CA ASN E 309 40.22 50.81 -0.51
C ASN E 309 41.52 51.55 -0.31
N GLN E 310 42.06 52.10 -1.42
CA GLN E 310 43.36 52.73 -1.41
C GLN E 310 43.27 54.25 -1.33
N ARG E 311 42.17 54.78 -0.80
CA ARG E 311 42.02 56.22 -0.63
C ARG E 311 42.86 56.70 0.55
N ARG E 312 43.34 57.93 0.43
CA ARG E 312 44.21 58.55 1.45
C ARG E 312 43.34 59.42 2.35
N THR E 313 42.77 58.79 3.38
CA THR E 313 41.92 59.52 4.30
C THR E 313 42.74 60.48 5.14
N THR E 314 42.17 61.64 5.44
CA THR E 314 42.81 62.67 6.25
C THR E 314 41.83 63.17 7.31
N PRO E 315 42.33 63.67 8.44
CA PRO E 315 41.42 64.15 9.49
C PRO E 315 40.73 65.44 9.14
N VAL E 316 41.37 66.32 8.37
CA VAL E 316 40.79 67.58 7.92
C VAL E 316 40.94 67.65 6.41
N ASN E 317 39.87 68.04 5.73
CA ASN E 317 39.85 68.11 4.27
C ASN E 317 39.67 69.56 3.83
N THR E 318 40.52 70.00 2.91
CA THR E 318 40.48 71.37 2.41
C THR E 318 40.56 72.36 3.56
N VAL F 2 34.49 30.25 19.18
CA VAL F 2 33.46 30.69 20.17
C VAL F 2 34.02 30.57 21.59
N GLU F 3 34.29 29.35 22.03
CA GLU F 3 34.80 29.08 23.37
C GLU F 3 36.13 28.37 23.26
N TYR F 4 37.14 28.90 23.95
CA TYR F 4 38.48 28.31 23.99
C TYR F 4 38.76 27.82 25.40
N THR F 5 38.26 26.64 25.73
CA THR F 5 38.54 26.02 27.02
C THR F 5 38.79 24.52 26.96
N ASN F 6 38.46 23.84 25.87
CA ASN F 6 38.49 22.39 25.85
C ASN F 6 39.92 21.87 25.76
N THR F 7 40.09 20.60 26.13
CA THR F 7 41.36 19.90 26.02
C THR F 7 41.09 18.52 25.45
N PHE F 8 41.97 18.06 24.56
CA PHE F 8 41.79 16.77 23.90
C PHE F 8 43.13 16.36 23.30
N LYS F 9 43.16 15.15 22.75
CA LYS F 9 44.36 14.57 22.18
C LYS F 9 44.11 14.29 20.70
N VAL F 10 45.06 14.69 19.86
CA VAL F 10 44.93 14.57 18.42
C VAL F 10 46.14 13.83 17.88
N ALA F 11 45.95 13.17 16.74
CA ALA F 11 47.00 12.35 16.13
C ALA F 11 47.14 12.70 14.65
N ALA F 12 48.38 12.81 14.20
CA ALA F 12 48.70 13.05 12.80
C ALA F 12 49.40 11.83 12.23
N VAL F 13 48.88 11.32 11.12
CA VAL F 13 49.37 10.08 10.52
C VAL F 13 50.33 10.43 9.39
N GLN F 14 51.51 9.85 9.44
CA GLN F 14 52.52 9.98 8.38
C GLN F 14 52.74 8.59 7.81
N ALA F 15 51.91 8.20 6.84
CA ALA F 15 51.94 6.86 6.30
C ALA F 15 51.73 6.89 4.80
N GLN F 16 52.29 5.91 4.13
CA GLN F 16 52.07 5.71 2.70
C GLN F 16 50.86 4.81 2.48
N PRO F 17 50.21 4.92 1.33
CA PRO F 17 49.09 4.03 1.02
C PRO F 17 49.55 2.81 0.25
N VAL F 18 48.65 1.82 0.17
CA VAL F 18 48.82 0.72 -0.76
C VAL F 18 48.49 1.28 -2.13
N TRP F 19 49.52 1.60 -2.91
CA TRP F 19 49.37 2.50 -4.05
C TRP F 19 48.29 2.03 -5.01
N PHE F 20 47.30 2.89 -5.22
CA PHE F 20 46.21 2.65 -6.16
C PHE F 20 45.48 1.34 -5.84
N ASP F 21 45.29 1.08 -4.54
CA ASP F 21 44.51 -0.06 -4.07
C ASP F 21 43.57 0.48 -2.99
N ALA F 22 42.33 0.80 -3.40
CA ALA F 22 41.38 1.38 -2.46
C ALA F 22 41.07 0.42 -1.32
N ALA F 23 40.79 -0.84 -1.64
CA ALA F 23 40.39 -1.80 -0.63
C ALA F 23 41.48 -2.02 0.40
N LYS F 24 42.73 -2.17 -0.06
CA LYS F 24 43.82 -2.38 0.88
C LYS F 24 44.13 -1.12 1.67
N THR F 25 44.12 0.03 1.01
CA THR F 25 44.45 1.27 1.70
C THR F 25 43.39 1.65 2.72
N VAL F 26 42.14 1.28 2.47
CA VAL F 26 41.10 1.50 3.48
C VAL F 26 41.40 0.65 4.71
N ASP F 27 41.85 -0.59 4.50
CA ASP F 27 42.21 -1.44 5.63
C ASP F 27 43.38 -0.85 6.41
N LYS F 28 44.38 -0.33 5.71
CA LYS F 28 45.47 0.36 6.39
C LYS F 28 44.96 1.57 7.15
N THR F 29 44.02 2.30 6.56
CA THR F 29 43.45 3.46 7.23
C THR F 29 42.70 3.05 8.49
N VAL F 30 41.89 1.99 8.40
CA VAL F 30 41.12 1.56 9.57
C VAL F 30 42.06 1.07 10.66
N SER F 31 43.16 0.42 10.29
CA SER F 31 44.16 0.03 11.26
C SER F 31 44.74 1.25 11.96
N ASN F 32 45.04 2.30 11.20
CA ASN F 32 45.54 3.53 11.80
C ASN F 32 44.48 4.18 12.67
N ILE F 33 43.21 4.15 12.25
CA ILE F 33 42.15 4.70 13.08
C ILE F 33 42.08 3.96 14.41
N ALA F 34 42.16 2.62 14.36
CA ALA F 34 42.13 1.84 15.58
C ALA F 34 43.31 2.16 16.47
N GLU F 35 44.50 2.30 15.89
CA GLU F 35 45.69 2.56 16.68
C GLU F 35 45.58 3.89 17.42
N ALA F 36 45.10 4.93 16.74
CA ALA F 36 44.98 6.24 17.38
C ALA F 36 43.96 6.21 18.52
N ALA F 37 42.84 5.50 18.31
CA ALA F 37 41.83 5.42 19.35
C ALA F 37 42.35 4.70 20.59
N ARG F 38 43.27 3.75 20.40
CA ARG F 38 43.88 3.09 21.56
C ARG F 38 44.65 4.07 22.41
N ASN F 39 45.16 5.15 21.81
CA ASN F 39 45.89 6.18 22.53
C ASN F 39 44.99 7.29 23.04
N GLY F 40 43.67 7.16 22.89
CA GLY F 40 42.75 8.14 23.42
C GLY F 40 42.73 9.45 22.67
N CYS F 41 42.78 9.42 21.34
CA CYS F 41 42.75 10.63 20.54
C CYS F 41 41.33 10.89 20.06
N GLU F 42 40.88 12.14 20.19
CA GLU F 42 39.56 12.53 19.72
C GLU F 42 39.55 12.85 18.23
N LEU F 43 40.72 12.94 17.59
CA LEU F 43 40.80 13.28 16.18
C LEU F 43 42.03 12.63 15.59
N VAL F 44 41.86 11.91 14.48
CA VAL F 44 42.95 11.32 13.73
C VAL F 44 42.85 11.79 12.28
N ALA F 45 43.96 12.28 11.74
CA ALA F 45 44.01 12.83 10.40
C ALA F 45 44.90 11.98 9.52
N PHE F 46 44.61 11.98 8.22
CA PHE F 46 45.35 11.21 7.24
C PHE F 46 45.77 12.10 6.08
N PRO F 47 46.79 11.69 5.32
CA PRO F 47 47.34 12.58 4.29
C PRO F 47 46.38 12.86 3.14
N GLU F 48 46.86 13.64 2.16
CA GLU F 48 46.05 14.07 1.04
C GLU F 48 45.88 12.93 0.04
N VAL F 49 44.65 12.74 -0.43
CA VAL F 49 44.34 11.67 -1.37
C VAL F 49 45.00 10.40 -0.87
N PHE F 50 44.75 10.06 0.38
CA PHE F 50 45.42 8.91 0.99
C PHE F 50 44.89 7.60 0.42
N ILE F 51 43.56 7.45 0.35
CA ILE F 51 42.98 6.12 0.11
C ILE F 51 43.44 5.52 -1.21
N PRO F 52 43.35 6.21 -2.35
CA PRO F 52 43.96 5.67 -3.56
C PRO F 52 45.45 5.97 -3.62
N GLY F 53 45.83 7.08 -3.00
CA GLY F 53 47.21 7.53 -3.02
C GLY F 53 47.41 8.66 -4.02
N TYR F 54 48.39 9.51 -3.73
CA TYR F 54 48.63 10.65 -4.60
C TYR F 54 49.09 10.16 -5.97
N PRO F 55 48.62 10.77 -7.06
CA PRO F 55 49.04 10.31 -8.39
C PRO F 55 50.39 10.89 -8.80
N TYR F 56 51.48 10.27 -8.34
CA TYR F 56 52.80 10.77 -8.68
C TYR F 56 53.14 10.58 -10.16
N HIS F 57 52.41 9.73 -10.87
CA HIS F 57 52.78 9.45 -12.25
C HIS F 57 52.69 10.68 -13.13
N ILE F 58 51.90 11.68 -12.72
CA ILE F 58 51.76 12.89 -13.53
C ILE F 58 53.02 13.74 -13.44
N TRP F 59 53.84 13.53 -12.42
CA TRP F 59 55.03 14.35 -12.21
C TRP F 59 56.29 13.72 -12.80
N VAL F 60 56.32 12.39 -12.90
CA VAL F 60 57.55 11.70 -13.26
C VAL F 60 57.72 11.54 -14.76
N ASP F 61 56.63 11.47 -15.51
CA ASP F 61 56.70 11.22 -16.96
C ASP F 61 55.72 12.13 -17.67
N SER F 62 55.72 12.05 -18.99
CA SER F 62 54.83 12.87 -19.80
C SER F 62 53.39 12.42 -19.62
N PRO F 63 52.42 13.27 -19.97
CA PRO F 63 51.01 12.90 -19.76
C PRO F 63 50.62 11.60 -20.46
N LEU F 64 51.12 11.35 -21.66
CA LEU F 64 50.74 10.14 -22.36
C LEU F 64 51.21 8.90 -21.62
N ALA F 65 52.43 8.93 -21.08
CA ALA F 65 52.91 7.81 -20.29
C ALA F 65 52.01 7.57 -19.08
N GLY F 66 51.63 8.63 -18.39
CA GLY F 66 50.74 8.49 -17.25
C GLY F 66 49.36 7.99 -17.65
N MET F 67 48.81 8.54 -18.74
CA MET F 67 47.46 8.14 -19.15
C MET F 67 47.41 6.66 -19.48
N ALA F 68 48.39 6.17 -20.23
CA ALA F 68 48.34 4.78 -20.68
C ALA F 68 48.55 3.81 -19.51
N LYS F 69 49.39 4.20 -18.54
CA LYS F 69 49.80 3.26 -17.50
C LYS F 69 48.93 3.32 -16.25
N PHE F 70 48.54 4.53 -15.81
CA PHE F 70 47.92 4.68 -14.49
C PHE F 70 46.53 5.31 -14.52
N ALA F 71 46.16 6.06 -15.55
CA ALA F 71 44.93 6.84 -15.49
C ALA F 71 43.73 5.96 -15.18
N VAL F 72 43.53 4.89 -15.93
CA VAL F 72 42.36 4.04 -15.73
C VAL F 72 42.43 3.37 -14.36
N ARG F 73 43.61 2.87 -13.98
CA ARG F 73 43.74 2.21 -12.69
C ARG F 73 43.47 3.18 -11.55
N TYR F 74 44.02 4.39 -11.64
CA TYR F 74 43.76 5.39 -10.61
C TYR F 74 42.29 5.78 -10.57
N HIS F 75 41.68 5.93 -11.75
CA HIS F 75 40.26 6.26 -11.80
C HIS F 75 39.41 5.16 -11.20
N GLU F 76 39.76 3.90 -11.47
CA GLU F 76 38.96 2.79 -10.99
C GLU F 76 39.09 2.61 -9.48
N ASN F 77 40.21 3.06 -8.90
CA ASN F 77 40.44 2.93 -7.47
C ASN F 77 40.04 4.17 -6.68
N SER F 78 39.43 5.15 -7.32
CA SER F 78 38.87 6.30 -6.62
C SER F 78 37.53 5.93 -6.00
N LEU F 79 37.25 6.51 -4.85
CA LEU F 79 36.05 6.18 -4.10
C LEU F 79 34.87 7.02 -4.56
N THR F 80 33.73 6.38 -4.74
CA THR F 80 32.47 7.08 -4.83
C THR F 80 31.94 7.36 -3.43
N MET F 81 31.22 8.47 -3.29
CA MET F 81 30.83 8.93 -1.96
C MET F 81 29.91 7.95 -1.25
N ASP F 82 29.27 7.04 -1.97
CA ASP F 82 28.42 6.02 -1.37
C ASP F 82 29.01 4.63 -1.48
N SER F 83 30.29 4.51 -1.80
CA SER F 83 30.91 3.23 -1.99
C SER F 83 31.06 2.50 -0.65
N PRO F 84 31.21 1.17 -0.68
CA PRO F 84 31.44 0.44 0.57
C PRO F 84 32.70 0.89 1.30
N HIS F 85 33.73 1.31 0.56
CA HIS F 85 34.95 1.77 1.21
C HIS F 85 34.67 2.99 2.09
N VAL F 86 33.87 3.93 1.60
CA VAL F 86 33.51 5.08 2.42
C VAL F 86 32.72 4.63 3.64
N GLN F 87 31.85 3.65 3.46
CA GLN F 87 31.06 3.16 4.59
C GLN F 87 31.96 2.51 5.64
N ARG F 88 33.02 1.84 5.21
CA ARG F 88 33.94 1.24 6.17
C ARG F 88 34.59 2.30 7.03
N LEU F 89 35.02 3.42 6.43
CA LEU F 89 35.59 4.51 7.20
C LEU F 89 34.57 5.07 8.18
N LEU F 90 33.33 5.24 7.73
CA LEU F 90 32.29 5.71 8.63
C LEU F 90 32.06 4.73 9.77
N ASP F 91 32.00 3.44 9.46
CA ASP F 91 31.84 2.43 10.50
C ASP F 91 33.01 2.45 11.47
N ALA F 92 34.23 2.54 10.94
CA ALA F 92 35.41 2.55 11.80
C ALA F 92 35.39 3.74 12.76
N ALA F 93 35.02 4.92 12.25
CA ALA F 93 34.94 6.08 13.11
C ALA F 93 33.89 5.89 14.20
N ARG F 94 32.76 5.27 13.87
CA ARG F 94 31.73 5.02 14.86
C ARG F 94 32.22 4.05 15.93
N ASP F 95 32.82 2.95 15.51
CA ASP F 95 33.20 1.90 16.46
C ASP F 95 34.22 2.41 17.47
N HIS F 96 35.22 3.15 17.01
CA HIS F 96 36.30 3.60 17.87
C HIS F 96 36.05 4.98 18.46
N ASN F 97 34.91 5.60 18.16
CA ASN F 97 34.53 6.87 18.77
C ASN F 97 35.62 7.93 18.59
N ILE F 98 36.13 8.03 17.36
CA ILE F 98 37.21 8.94 17.03
C ILE F 98 36.82 9.70 15.75
N ALA F 99 37.01 11.02 15.77
CA ALA F 99 36.76 11.83 14.59
C ALA F 99 37.89 11.65 13.58
N VAL F 100 37.53 11.44 12.32
CA VAL F 100 38.49 11.12 11.28
C VAL F 100 38.44 12.21 10.21
N VAL F 101 39.61 12.59 9.71
CA VAL F 101 39.74 13.53 8.61
C VAL F 101 40.69 12.88 7.60
N VAL F 102 40.12 12.21 6.60
CA VAL F 102 40.89 11.43 5.65
C VAL F 102 40.72 12.03 4.26
N GLY F 103 41.82 12.21 3.55
CA GLY F 103 41.78 12.68 2.19
C GLY F 103 41.62 11.53 1.22
N ILE F 104 40.62 11.63 0.36
CA ILE F 104 40.34 10.62 -0.66
C ILE F 104 40.25 11.31 -2.01
N SER F 105 40.31 10.51 -3.07
CA SER F 105 40.07 10.99 -4.43
C SER F 105 38.62 10.63 -4.75
N GLU F 106 37.71 11.54 -4.46
CA GLU F 106 36.31 11.31 -4.75
C GLU F 106 36.11 11.13 -6.24
N ARG F 107 35.16 10.27 -6.60
CA ARG F 107 34.76 10.07 -7.99
C ARG F 107 33.30 10.45 -8.12
N ASP F 108 33.03 11.56 -8.79
CA ASP F 108 31.67 11.98 -9.12
C ASP F 108 31.48 11.74 -10.61
N GLY F 109 30.67 10.75 -10.95
CA GLY F 109 30.56 10.38 -12.34
C GLY F 109 31.89 9.88 -12.86
N GLY F 110 32.39 10.52 -13.91
CA GLY F 110 33.66 10.15 -14.49
C GLY F 110 34.76 11.15 -14.21
N SER F 111 34.63 11.90 -13.12
CA SER F 111 35.57 12.94 -12.76
C SER F 111 36.08 12.70 -11.34
N LEU F 112 37.30 13.15 -11.09
CA LEU F 112 37.97 12.98 -9.80
C LEU F 112 38.12 14.32 -9.12
N TYR F 113 38.00 14.31 -7.78
CA TYR F 113 38.20 15.50 -6.98
C TYR F 113 39.03 15.15 -5.76
N MET F 114 39.97 16.01 -5.40
CA MET F 114 40.75 15.83 -4.18
C MET F 114 39.86 16.20 -3.00
N THR F 115 39.19 15.20 -2.44
CA THR F 115 38.23 15.41 -1.38
C THR F 115 38.87 15.09 -0.03
N GLN F 116 38.38 15.74 1.02
CA GLN F 116 38.71 15.42 2.39
C GLN F 116 37.43 15.10 3.13
N LEU F 117 37.26 13.83 3.50
CA LEU F 117 36.12 13.44 4.31
C LEU F 117 36.37 13.84 5.76
N ILE F 118 35.35 14.38 6.40
CA ILE F 118 35.41 14.77 7.80
C ILE F 118 34.31 14.00 8.52
N ILE F 119 34.72 13.00 9.30
CA ILE F 119 33.80 12.08 9.96
C ILE F 119 33.92 12.30 11.46
N ASP F 120 32.79 12.53 12.12
CA ASP F 120 32.81 12.74 13.56
C ASP F 120 32.86 11.40 14.29
N ALA F 121 33.03 11.49 15.61
CA ALA F 121 33.09 10.29 16.44
C ALA F 121 31.77 9.54 16.44
N ASP F 122 30.68 10.17 16.01
CA ASP F 122 29.37 9.52 15.96
C ASP F 122 29.22 8.65 14.72
N GLY F 123 30.18 8.66 13.80
CA GLY F 123 30.09 7.87 12.59
C GLY F 123 29.39 8.54 11.44
N GLN F 124 29.03 9.82 11.58
CA GLN F 124 28.37 10.55 10.51
C GLN F 124 29.40 11.27 9.64
N LEU F 125 29.03 11.51 8.40
CA LEU F 125 29.87 12.28 7.48
C LEU F 125 29.57 13.75 7.69
N VAL F 126 30.38 14.42 8.51
CA VAL F 126 30.13 15.82 8.81
C VAL F 126 30.28 16.67 7.56
N ALA F 127 31.27 16.35 6.73
CA ALA F 127 31.53 17.18 5.55
C ALA F 127 32.25 16.37 4.50
N ARG F 128 32.00 16.70 3.24
CA ARG F 128 32.74 16.22 2.09
C ARG F 128 33.29 17.45 1.39
N ARG F 129 34.61 17.63 1.46
CA ARG F 129 35.25 18.88 1.09
C ARG F 129 36.19 18.64 -0.08
N ARG F 130 35.94 19.32 -1.20
CA ARG F 130 36.78 19.20 -2.38
C ARG F 130 37.78 20.34 -2.44
N LYS F 131 38.97 20.04 -2.95
CA LYS F 131 40.00 21.06 -3.06
C LYS F 131 39.55 22.16 -4.01
N LEU F 132 39.79 23.40 -3.62
CA LEU F 132 39.33 24.53 -4.41
C LEU F 132 39.99 24.56 -5.78
N LYS F 133 41.29 24.31 -5.83
CA LYS F 133 42.00 24.33 -7.11
C LYS F 133 43.24 23.46 -7.04
N PRO F 134 43.32 22.39 -7.83
CA PRO F 134 44.51 21.55 -7.80
C PRO F 134 45.76 22.30 -8.23
N THR F 135 46.90 21.80 -7.79
CA THR F 135 48.19 22.45 -8.00
C THR F 135 48.82 22.01 -9.32
N HIS F 136 49.15 22.98 -10.17
CA HIS F 136 49.94 22.74 -11.36
C HIS F 136 49.39 21.57 -12.17
N VAL F 137 50.18 20.49 -12.31
CA VAL F 137 49.78 19.38 -13.17
C VAL F 137 48.61 18.60 -12.61
N GLU F 138 48.34 18.71 -11.30
CA GLU F 138 47.20 18.01 -10.73
C GLU F 138 45.90 18.41 -11.39
N ARG F 139 45.85 19.61 -11.97
CA ARG F 139 44.63 20.08 -12.62
C ARG F 139 44.24 19.19 -13.79
N SER F 140 45.19 18.45 -14.36
CA SER F 140 44.85 17.47 -15.37
C SER F 140 44.14 16.26 -14.79
N VAL F 141 44.33 15.98 -13.50
CA VAL F 141 43.77 14.79 -12.88
C VAL F 141 42.44 15.12 -12.19
N TYR F 142 42.39 16.20 -11.43
CA TYR F 142 41.25 16.51 -10.58
C TYR F 142 40.51 17.75 -11.06
N GLY F 143 39.23 17.82 -10.71
CA GLY F 143 38.44 19.00 -10.91
C GLY F 143 38.50 19.92 -9.71
N GLU F 144 37.78 21.03 -9.82
CA GLU F 144 37.80 22.08 -8.82
C GLU F 144 36.58 21.99 -7.92
N GLY F 145 36.73 22.48 -6.69
CA GLY F 145 35.63 22.69 -5.79
C GLY F 145 35.06 24.09 -5.94
N ASN F 146 34.16 24.43 -5.02
CA ASN F 146 33.54 25.76 -5.03
C ASN F 146 33.60 26.38 -3.65
N GLY F 147 32.95 27.53 -3.47
CA GLY F 147 33.05 28.25 -2.21
C GLY F 147 32.48 27.47 -1.04
N SER F 148 31.51 26.58 -1.30
CA SER F 148 30.93 25.78 -0.24
C SER F 148 31.92 24.78 0.33
N ASP F 149 33.04 24.54 -0.34
CA ASP F 149 34.07 23.63 0.13
C ASP F 149 35.09 24.31 1.05
N ILE F 150 34.93 25.59 1.32
CA ILE F 150 35.76 26.31 2.29
C ILE F 150 34.86 26.55 3.50
N SER F 151 34.96 25.70 4.50
CA SER F 151 34.10 25.79 5.66
C SER F 151 34.85 25.32 6.90
N VAL F 152 34.34 25.74 8.06
CA VAL F 152 34.83 25.29 9.35
C VAL F 152 33.66 24.64 10.08
N TYR F 153 33.87 23.42 10.55
CA TYR F 153 32.81 22.61 11.12
C TYR F 153 32.98 22.54 12.63
N ASP F 154 31.89 22.80 13.35
CA ASP F 154 31.92 22.85 14.81
C ASP F 154 31.79 21.43 15.35
N MET F 155 32.93 20.76 15.46
CA MET F 155 32.96 19.42 16.01
C MET F 155 32.74 19.47 17.52
N PRO F 156 32.40 18.34 18.14
CA PRO F 156 32.18 18.35 19.59
C PRO F 156 33.36 18.89 20.37
N PHE F 157 34.58 18.59 19.94
CA PHE F 157 35.77 18.96 20.69
C PHE F 157 36.27 20.36 20.34
N ALA F 158 36.17 20.77 19.08
CA ALA F 158 36.64 22.10 18.67
C ALA F 158 36.07 22.40 17.30
N ARG F 159 36.18 23.67 16.91
CA ARG F 159 35.85 24.10 15.56
C ARG F 159 36.96 23.66 14.62
N LEU F 160 36.66 22.72 13.74
CA LEU F 160 37.67 22.06 12.92
C LEU F 160 37.51 22.47 11.47
N GLY F 161 38.62 22.87 10.85
CA GLY F 161 38.66 23.10 9.43
C GLY F 161 39.83 22.36 8.83
N ALA F 162 39.74 22.09 7.54
CA ALA F 162 40.74 21.29 6.85
C ALA F 162 40.98 21.83 5.45
N LEU F 163 42.24 21.82 5.04
CA LEU F 163 42.64 22.24 3.71
C LEU F 163 43.66 21.26 3.18
N ASN F 164 43.86 21.29 1.86
CA ASN F 164 44.73 20.36 1.16
C ASN F 164 46.09 20.98 0.87
N CYS F 165 46.87 20.28 0.06
CA CYS F 165 48.29 20.53 -0.09
C CYS F 165 48.67 22.01 -0.19
N TRP F 166 48.26 22.70 -1.26
CA TRP F 166 48.69 24.07 -1.48
C TRP F 166 47.56 25.06 -1.39
N GLU F 167 46.46 24.70 -0.73
CA GLU F 167 45.51 25.70 -0.29
C GLU F 167 46.04 26.53 0.87
N HIS F 168 47.21 26.16 1.40
CA HIS F 168 47.87 26.94 2.43
C HIS F 168 48.64 28.12 1.86
N PHE F 169 48.89 28.14 0.56
CA PHE F 169 49.54 29.25 -0.10
C PHE F 169 48.55 30.27 -0.65
N GLN F 170 47.25 30.05 -0.46
CA GLN F 170 46.22 30.98 -0.90
C GLN F 170 45.87 31.89 0.27
N THR F 171 46.31 33.14 0.22
CA THR F 171 46.07 34.04 1.34
C THR F 171 44.58 34.27 1.55
N LEU F 172 43.82 34.42 0.47
CA LEU F 172 42.38 34.65 0.62
C LEU F 172 41.68 33.44 1.21
N THR F 173 42.06 32.23 0.78
CA THR F 173 41.46 31.04 1.37
C THR F 173 41.77 30.92 2.85
N LYS F 174 42.99 31.28 3.23
CA LYS F 174 43.34 31.29 4.66
C LYS F 174 42.46 32.27 5.41
N TYR F 175 42.37 33.51 4.92
CA TYR F 175 41.57 34.51 5.61
C TYR F 175 40.12 34.07 5.74
N ALA F 176 39.56 33.50 4.67
CA ALA F 176 38.20 32.98 4.74
C ALA F 176 38.07 31.98 5.88
N MET F 177 39.12 31.19 6.13
CA MET F 177 39.07 30.22 7.21
C MET F 177 39.18 30.92 8.57
N TYR F 178 40.05 31.92 8.69
CA TYR F 178 40.16 32.65 9.93
C TYR F 178 38.86 33.36 10.27
N SER F 179 38.18 33.89 9.24
CA SER F 179 36.93 34.60 9.47
C SER F 179 35.90 33.73 10.17
N MET F 180 36.00 32.41 10.06
CA MET F 180 35.07 31.49 10.68
C MET F 180 35.57 30.95 12.02
N HIS F 181 36.67 31.49 12.53
CA HIS F 181 37.17 31.15 13.86
C HIS F 181 37.54 29.67 13.93
N GLU F 182 38.44 29.27 13.04
CA GLU F 182 38.97 27.92 13.06
C GLU F 182 39.89 27.74 14.26
N GLN F 183 39.84 26.57 14.88
CA GLN F 183 40.65 26.27 16.06
C GLN F 183 41.63 25.13 15.84
N VAL F 184 41.18 24.03 15.26
CA VAL F 184 42.04 22.90 14.93
C VAL F 184 42.04 22.76 13.41
N HIS F 185 43.22 22.80 12.82
CA HIS F 185 43.37 22.72 11.38
C HIS F 185 44.07 21.43 11.00
N VAL F 186 43.55 20.76 9.98
CA VAL F 186 44.13 19.54 9.45
C VAL F 186 44.71 19.86 8.09
N ALA F 187 46.03 19.75 7.95
CA ALA F 187 46.73 20.10 6.73
C ALA F 187 47.24 18.81 6.09
N SER F 188 46.47 18.28 5.15
CA SER F 188 46.87 17.07 4.45
C SER F 188 47.81 17.40 3.30
N TRP F 189 48.92 16.69 3.23
CA TRP F 189 49.94 16.87 2.20
C TRP F 189 50.26 15.51 1.59
N PRO F 190 50.76 15.50 0.37
CA PRO F 190 51.34 14.26 -0.16
C PRO F 190 52.81 14.14 0.22
N GLY F 191 53.47 13.08 -0.22
CA GLY F 191 54.90 13.00 0.01
C GLY F 191 55.61 14.08 -0.77
N MET F 192 56.06 15.13 -0.09
CA MET F 192 56.61 16.30 -0.76
C MET F 192 58.12 16.10 -0.90
N SER F 193 58.49 15.29 -1.90
CA SER F 193 59.87 14.99 -2.21
C SER F 193 60.16 15.15 -3.69
N LEU F 194 59.23 15.68 -4.47
CA LEU F 194 59.43 15.85 -5.89
C LEU F 194 60.51 16.86 -6.17
N TYR F 195 61.31 16.60 -7.19
CA TYR F 195 62.07 17.64 -7.88
C TYR F 195 63.00 18.36 -6.91
N GLN F 196 63.51 17.63 -5.92
CA GLN F 196 64.22 18.29 -4.83
C GLN F 196 65.47 19.03 -5.28
N PRO F 197 66.38 18.42 -6.06
CA PRO F 197 67.57 19.17 -6.48
C PRO F 197 67.24 20.43 -7.28
N GLU F 198 66.14 20.44 -8.02
CA GLU F 198 65.81 21.53 -8.94
C GLU F 198 64.85 22.55 -8.36
N VAL F 199 63.74 22.11 -7.77
CA VAL F 199 62.68 23.02 -7.34
C VAL F 199 62.63 23.06 -5.82
N PRO F 200 63.15 24.10 -5.18
CA PRO F 200 63.03 24.18 -3.71
C PRO F 200 61.61 24.33 -3.23
N ALA F 201 60.73 24.89 -4.06
CA ALA F 201 59.36 25.17 -3.61
C ALA F 201 58.61 23.89 -3.25
N PHE F 202 59.02 22.75 -3.81
CA PHE F 202 58.38 21.48 -3.52
C PHE F 202 58.99 20.76 -2.33
N GLY F 203 60.07 21.28 -1.75
CA GLY F 203 60.73 20.60 -0.66
C GLY F 203 59.94 20.70 0.63
N VAL F 204 60.21 19.74 1.53
CA VAL F 204 59.51 19.70 2.80
C VAL F 204 59.77 20.97 3.60
N ASP F 205 60.93 21.61 3.38
CA ASP F 205 61.23 22.84 4.10
C ASP F 205 60.22 23.93 3.78
N ALA F 206 59.87 24.08 2.50
CA ALA F 206 58.88 25.09 2.11
C ALA F 206 57.51 24.75 2.70
N GLN F 207 57.14 23.47 2.69
CA GLN F 207 55.81 23.09 3.17
C GLN F 207 55.70 23.28 4.67
N LEU F 208 56.80 23.16 5.40
CA LEU F 208 56.75 23.35 6.83
C LEU F 208 56.55 24.83 7.19
N THR F 209 57.14 25.73 6.41
CA THR F 209 56.90 27.14 6.63
C THR F 209 55.45 27.49 6.36
N ALA F 210 54.85 26.85 5.35
CA ALA F 210 53.44 27.10 5.04
C ALA F 210 52.55 26.68 6.20
N THR F 211 52.72 25.45 6.68
CA THR F 211 51.89 24.97 7.78
C THR F 211 52.17 25.77 9.06
N ARG F 212 53.44 26.07 9.33
CA ARG F 212 53.76 26.86 10.52
C ARG F 212 53.13 28.25 10.44
N MET F 213 53.25 28.90 9.28
CA MET F 213 52.71 30.24 9.13
C MET F 213 51.19 30.24 9.28
N TYR F 214 50.53 29.16 8.85
CA TYR F 214 49.09 29.07 9.02
C TYR F 214 48.72 29.11 10.50
N ALA F 215 49.45 28.37 11.33
CA ALA F 215 49.19 28.42 12.77
C ALA F 215 49.46 29.81 13.32
N LEU F 216 50.56 30.43 12.89
CA LEU F 216 50.91 31.74 13.42
C LEU F 216 49.88 32.80 13.02
N GLU F 217 49.50 32.82 11.74
CA GLU F 217 48.51 33.79 11.29
C GLU F 217 47.17 33.57 11.96
N GLY F 218 46.66 32.35 11.89
CA GLY F 218 45.33 32.08 12.39
C GLY F 218 45.23 31.76 13.85
N GLN F 219 46.35 31.59 14.53
CA GLN F 219 46.37 31.17 15.93
C GLN F 219 45.52 29.91 16.10
N THR F 220 45.96 28.84 15.46
CA THR F 220 45.25 27.58 15.46
C THR F 220 46.25 26.44 15.61
N PHE F 221 45.73 25.27 15.97
CA PHE F 221 46.53 24.05 16.02
C PHE F 221 46.47 23.39 14.65
N VAL F 222 47.63 23.21 14.03
CA VAL F 222 47.73 22.65 12.69
C VAL F 222 48.16 21.19 12.82
N VAL F 223 47.28 20.29 12.44
CA VAL F 223 47.57 18.85 12.46
C VAL F 223 48.03 18.49 11.04
N CYS F 224 49.32 18.61 10.81
CA CYS F 224 49.88 18.33 9.49
C CYS F 224 50.09 16.83 9.33
N THR F 225 49.46 16.25 8.31
CA THR F 225 49.64 14.85 7.96
C THR F 225 50.18 14.76 6.55
N THR F 226 51.00 13.75 6.29
CA THR F 226 51.74 13.68 5.04
C THR F 226 51.95 12.23 4.65
N GLN F 227 52.00 11.97 3.34
CA GLN F 227 52.38 10.67 2.85
C GLN F 227 53.90 10.52 2.87
N VAL F 228 54.39 9.36 2.48
CA VAL F 228 55.81 9.08 2.44
C VAL F 228 56.13 8.36 1.13
N VAL F 229 57.19 8.78 0.47
CA VAL F 229 57.63 8.16 -0.79
C VAL F 229 58.65 7.10 -0.40
N THR F 230 58.18 5.88 -0.20
CA THR F 230 59.01 4.78 0.26
C THR F 230 59.57 4.02 -0.94
N PRO F 231 60.43 3.02 -0.72
CA PRO F 231 60.89 2.21 -1.86
C PRO F 231 59.76 1.53 -2.61
N GLU F 232 58.68 1.15 -1.91
CA GLU F 232 57.53 0.58 -2.60
C GLU F 232 56.98 1.55 -3.63
N ALA F 233 57.00 2.85 -3.32
CA ALA F 233 56.55 3.85 -4.28
C ALA F 233 57.44 3.85 -5.52
N HIS F 234 58.76 3.71 -5.32
CA HIS F 234 59.67 3.69 -6.46
C HIS F 234 59.35 2.54 -7.41
N GLU F 235 59.06 1.36 -6.86
CA GLU F 235 58.73 0.22 -7.68
C GLU F 235 57.44 0.44 -8.46
N PHE F 236 56.53 1.25 -7.93
CA PHE F 236 55.23 1.44 -8.57
C PHE F 236 55.31 2.44 -9.72
N PHE F 237 55.76 3.65 -9.44
CA PHE F 237 55.71 4.73 -10.43
C PHE F 237 56.93 4.75 -11.34
N CYS F 238 58.12 4.53 -10.79
CA CYS F 238 59.35 4.74 -11.53
C CYS F 238 59.68 3.55 -12.41
N GLU F 239 60.30 3.83 -13.55
CA GLU F 239 60.84 2.80 -14.42
C GLU F 239 62.24 3.14 -14.91
N ASN F 240 62.88 4.16 -14.35
CA ASN F 240 64.21 4.59 -14.79
C ASN F 240 64.95 5.17 -13.62
N GLU F 241 66.27 5.30 -13.78
CA GLU F 241 67.06 6.05 -12.82
C GLU F 241 66.67 7.52 -12.82
N GLU F 242 66.37 8.06 -14.00
CA GLU F 242 65.95 9.45 -14.09
C GLU F 242 64.64 9.67 -13.35
N GLN F 243 63.67 8.78 -13.54
CA GLN F 243 62.39 8.92 -12.87
C GLN F 243 62.54 8.80 -11.36
N ARG F 244 63.36 7.85 -10.90
CA ARG F 244 63.56 7.69 -9.47
C ARG F 244 64.24 8.91 -8.86
N LYS F 245 64.88 9.74 -9.68
CA LYS F 245 65.45 10.98 -9.20
C LYS F 245 64.41 12.10 -9.19
N LEU F 246 63.51 12.12 -10.19
CA LEU F 246 62.44 13.10 -10.19
C LEU F 246 61.60 13.01 -8.92
N ILE F 247 61.21 11.79 -8.55
CA ILE F 247 60.47 11.56 -7.32
C ILE F 247 61.47 11.12 -6.27
N GLY F 248 61.62 11.93 -5.22
CA GLY F 248 62.62 11.68 -4.21
C GLY F 248 62.25 10.49 -3.35
N ARG F 249 62.84 10.49 -2.15
CA ARG F 249 62.55 9.49 -1.13
C ARG F 249 61.90 10.14 0.08
N GLY F 250 61.01 9.40 0.72
CA GLY F 250 60.39 9.88 1.94
C GLY F 250 59.45 11.03 1.72
N GLY F 251 59.85 12.22 2.15
CA GLY F 251 59.05 13.40 1.99
C GLY F 251 57.97 13.60 3.04
N GLY F 252 57.91 12.75 4.05
CA GLY F 252 56.91 12.89 5.10
C GLY F 252 57.36 13.91 6.13
N PHE F 253 56.50 14.87 6.43
CA PHE F 253 56.81 15.91 7.40
C PHE F 253 55.60 16.19 8.29
N ALA F 254 54.92 15.14 8.73
CA ALA F 254 53.77 15.33 9.60
C ALA F 254 54.20 16.01 10.89
N ARG F 255 53.35 16.92 11.37
CA ARG F 255 53.64 17.70 12.56
C ARG F 255 52.36 17.92 13.34
N ILE F 256 52.51 18.55 14.50
CA ILE F 256 51.40 19.10 15.26
C ILE F 256 51.87 20.44 15.80
N ILE F 257 51.48 21.52 15.14
CA ILE F 257 51.96 22.86 15.45
C ILE F 257 50.90 23.57 16.28
N GLY F 258 51.33 24.24 17.34
CA GLY F 258 50.43 25.02 18.17
C GLY F 258 50.27 26.42 17.64
N PRO F 259 49.39 27.20 18.26
CA PRO F 259 49.19 28.58 17.80
C PRO F 259 50.44 29.42 17.86
N ASP F 260 51.39 29.07 18.74
CA ASP F 260 52.65 29.79 18.82
C ASP F 260 53.65 29.36 17.75
N GLY F 261 53.30 28.36 16.94
CA GLY F 261 54.18 27.90 15.89
C GLY F 261 55.17 26.84 16.30
N ARG F 262 55.20 26.44 17.57
CA ARG F 262 56.11 25.43 18.04
C ARG F 262 55.48 24.05 17.94
N ASP F 263 56.29 23.06 17.58
CA ASP F 263 55.78 21.71 17.43
C ASP F 263 55.38 21.13 18.79
N LEU F 264 54.18 20.57 18.86
CA LEU F 264 53.70 19.92 20.07
C LEU F 264 53.95 18.42 20.08
N ALA F 265 54.58 17.88 19.03
CA ALA F 265 54.91 16.47 18.97
C ALA F 265 56.30 16.32 18.38
N THR F 266 56.95 15.21 18.70
CA THR F 266 58.30 14.96 18.21
C THR F 266 58.26 14.61 16.73
N PRO F 267 58.90 15.39 15.86
CA PRO F 267 58.87 15.04 14.43
C PRO F 267 59.47 13.67 14.17
N LEU F 268 58.90 12.98 13.20
CA LEU F 268 59.44 11.70 12.74
C LEU F 268 60.53 11.97 11.70
N ALA F 269 61.07 10.90 11.13
CA ALA F 269 62.03 11.04 10.05
C ALA F 269 61.30 11.23 8.72
N GLU F 270 62.00 11.83 7.76
CA GLU F 270 61.37 12.11 6.48
C GLU F 270 60.91 10.84 5.79
N ASP F 271 61.75 9.81 5.81
CA ASP F 271 61.41 8.53 5.19
C ASP F 271 60.73 7.57 6.15
N GLU F 272 60.51 7.96 7.40
CA GLU F 272 59.88 7.09 8.37
C GLU F 272 58.36 7.09 8.18
N GLU F 273 57.69 6.22 8.93
CA GLU F 273 56.25 6.08 8.87
C GLU F 273 55.73 5.80 10.27
N GLY F 274 54.61 6.42 10.62
CA GLY F 274 54.06 6.23 11.96
C GLY F 274 52.93 7.17 12.24
N ILE F 275 52.73 7.46 13.52
CA ILE F 275 51.68 8.37 13.98
C ILE F 275 52.26 9.29 15.04
N LEU F 276 51.88 10.55 14.98
CA LEU F 276 52.24 11.53 15.99
C LEU F 276 51.05 11.75 16.92
N TYR F 277 51.34 12.21 18.14
CA TYR F 277 50.32 12.47 19.13
C TYR F 277 50.63 13.76 19.87
N ALA F 278 49.61 14.39 20.40
CA ALA F 278 49.78 15.60 21.20
C ALA F 278 48.50 15.88 21.94
N ASP F 279 48.62 16.69 22.99
CA ASP F 279 47.48 17.16 23.77
C ASP F 279 47.21 18.61 23.41
N ILE F 280 45.99 18.90 23.00
CA ILE F 280 45.61 20.21 22.49
C ILE F 280 44.84 20.93 23.58
N ASP F 281 45.31 22.11 23.97
CA ASP F 281 44.64 22.96 24.94
C ASP F 281 44.25 24.26 24.24
N LEU F 282 42.96 24.44 23.99
CA LEU F 282 42.51 25.61 23.26
C LEU F 282 42.81 26.91 24.00
N SER F 283 43.05 26.85 25.31
CA SER F 283 43.43 28.05 26.04
C SER F 283 44.70 28.67 25.46
N ALA F 284 45.55 27.85 24.84
CA ALA F 284 46.74 28.40 24.19
C ALA F 284 46.37 29.34 23.07
N ILE F 285 45.23 29.11 22.40
CA ILE F 285 44.80 29.99 21.32
C ILE F 285 44.60 31.41 21.83
N THR F 286 43.93 31.55 22.98
CA THR F 286 43.69 32.88 23.52
C THR F 286 45.00 33.58 23.86
N LEU F 287 46.02 32.82 24.24
CA LEU F 287 47.32 33.43 24.51
C LEU F 287 47.93 34.01 23.25
N ALA F 288 47.81 33.29 22.12
CA ALA F 288 48.31 33.81 20.86
C ALA F 288 47.43 34.94 20.33
N LYS F 289 46.13 34.89 20.62
CA LYS F 289 45.21 35.92 20.14
C LYS F 289 45.54 37.29 20.72
N GLN F 290 46.28 37.35 21.83
CA GLN F 290 46.63 38.64 22.42
C GLN F 290 47.50 39.46 21.47
N ALA F 291 48.44 38.80 20.78
CA ALA F 291 49.37 39.51 19.92
C ALA F 291 48.88 39.59 18.47
N ALA F 292 48.25 38.54 17.97
CA ALA F 292 47.83 38.47 16.58
C ALA F 292 46.36 38.08 16.51
N ASP F 293 45.62 38.74 15.62
CA ASP F 293 44.24 38.36 15.36
C ASP F 293 43.83 38.92 14.01
N PRO F 294 44.06 38.20 12.91
CA PRO F 294 43.87 38.81 11.58
C PRO F 294 42.46 39.29 11.34
N VAL F 295 41.45 38.60 11.87
CA VAL F 295 40.06 38.96 11.65
C VAL F 295 39.47 39.70 12.84
N GLY F 296 40.30 40.08 13.81
CA GLY F 296 39.81 40.75 15.00
C GLY F 296 40.33 42.16 15.13
N HIS F 297 41.27 42.38 16.05
CA HIS F 297 41.76 43.72 16.31
C HIS F 297 42.83 44.16 15.31
N TYR F 298 43.39 43.25 14.53
CA TYR F 298 44.27 43.64 13.43
C TYR F 298 43.52 43.94 12.15
N SER F 299 42.26 43.57 12.05
CA SER F 299 41.52 43.81 10.83
C SER F 299 41.39 45.31 10.59
N ARG F 300 41.41 45.69 9.33
CA ARG F 300 41.17 47.07 8.90
C ARG F 300 40.09 47.02 7.83
N PRO F 301 38.87 46.63 8.21
CA PRO F 301 37.83 46.43 7.20
C PRO F 301 37.50 47.70 6.42
N ASP F 302 37.83 48.87 6.94
CA ASP F 302 37.70 50.10 6.17
C ASP F 302 38.79 50.24 5.11
N VAL F 303 39.79 49.37 5.12
CA VAL F 303 40.86 49.38 4.13
C VAL F 303 40.84 48.11 3.29
N LEU F 304 40.81 46.94 3.92
CA LEU F 304 40.83 45.66 3.24
C LEU F 304 39.70 44.79 3.77
N SER F 305 38.90 44.25 2.86
CA SER F 305 37.83 43.33 3.21
C SER F 305 37.91 42.14 2.27
N LEU F 306 37.05 41.15 2.52
CA LEU F 306 37.01 39.92 1.73
C LEU F 306 35.60 39.69 1.21
N ASN F 307 35.50 39.38 -0.08
CA ASN F 307 34.23 38.94 -0.68
C ASN F 307 34.26 37.42 -0.77
N PHE F 308 33.40 36.77 0.01
CA PHE F 308 33.40 35.32 0.14
C PHE F 308 32.04 34.80 -0.31
N ASN F 309 32.01 34.10 -1.44
CA ASN F 309 30.79 33.56 -2.02
C ASN F 309 30.77 32.06 -1.78
N GLN F 310 29.88 31.62 -0.89
CA GLN F 310 29.82 30.23 -0.46
C GLN F 310 28.71 29.44 -1.15
N ARG F 311 28.14 29.97 -2.22
CA ARG F 311 27.07 29.26 -2.91
C ARG F 311 27.59 27.99 -3.56
N ARG F 312 26.74 26.96 -3.57
CA ARG F 312 27.06 25.68 -4.19
C ARG F 312 26.68 25.76 -5.66
N THR F 313 27.69 25.87 -6.52
CA THR F 313 27.45 25.91 -7.97
C THR F 313 27.52 24.49 -8.53
N THR F 314 26.52 24.14 -9.32
CA THR F 314 26.45 22.83 -9.95
C THR F 314 26.17 22.99 -11.44
N PRO F 315 26.63 22.04 -12.26
CA PRO F 315 26.36 22.16 -13.70
C PRO F 315 24.89 22.19 -14.06
N VAL F 316 24.07 21.42 -13.34
CA VAL F 316 22.63 21.41 -13.55
C VAL F 316 21.97 21.80 -12.24
N ASN F 317 21.02 22.73 -12.31
CA ASN F 317 20.40 23.27 -11.10
C ASN F 317 19.10 22.55 -10.76
N THR F 318 18.22 22.35 -11.74
CA THR F 318 16.93 21.74 -11.49
C THR F 318 16.15 22.53 -10.45
N VAL G 2 6.34 -31.26 0.50
CA VAL G 2 6.27 -31.03 -0.97
C VAL G 2 7.31 -31.88 -1.68
N GLU G 3 8.57 -31.51 -1.55
CA GLU G 3 9.68 -32.20 -2.19
C GLU G 3 10.58 -32.80 -1.12
N TYR G 4 10.89 -34.09 -1.27
CA TYR G 4 11.78 -34.80 -0.36
C TYR G 4 13.03 -35.21 -1.14
N THR G 5 13.96 -34.26 -1.29
CA THR G 5 15.23 -34.54 -1.95
C THR G 5 16.43 -33.88 -1.30
N ASN G 6 16.26 -32.89 -0.45
CA ASN G 6 17.37 -32.10 0.04
C ASN G 6 18.21 -32.90 1.03
N THR G 7 19.45 -32.44 1.22
CA THR G 7 20.36 -33.00 2.19
C THR G 7 21.03 -31.87 2.94
N PHE G 8 21.19 -32.03 4.25
CA PHE G 8 21.78 -30.98 5.08
C PHE G 8 22.19 -31.60 6.40
N LYS G 9 22.91 -30.80 7.19
CA LYS G 9 23.40 -31.21 8.50
C LYS G 9 22.73 -30.36 9.57
N VAL G 10 22.31 -31.00 10.66
CA VAL G 10 21.61 -30.35 11.75
C VAL G 10 22.34 -30.64 13.05
N ALA G 11 22.14 -29.78 14.03
CA ALA G 11 22.79 -29.90 15.32
C ALA G 11 21.77 -29.84 16.44
N ALA G 12 21.93 -30.72 17.43
CA ALA G 12 21.08 -30.76 18.61
C ALA G 12 21.92 -30.42 19.82
N VAL G 13 21.47 -29.48 20.63
CA VAL G 13 22.24 -28.95 21.75
C VAL G 13 21.71 -29.56 23.04
N GLN G 14 22.61 -30.16 23.81
CA GLN G 14 22.31 -30.67 25.14
C GLN G 14 23.15 -29.83 26.11
N ALA G 15 22.59 -28.72 26.56
CA ALA G 15 23.34 -27.77 27.37
C ALA G 15 22.45 -27.21 28.46
N GLN G 16 23.08 -26.79 29.54
CA GLN G 16 22.36 -26.07 30.57
C GLN G 16 22.59 -24.57 30.42
N PRO G 17 21.65 -23.75 30.87
CA PRO G 17 21.84 -22.30 30.81
C PRO G 17 22.49 -21.76 32.07
N VAL G 18 22.85 -20.49 32.03
CA VAL G 18 23.23 -19.76 33.23
C VAL G 18 21.93 -19.41 33.94
N TRP G 19 21.61 -20.14 35.01
CA TRP G 19 20.24 -20.19 35.51
C TRP G 19 19.72 -18.81 35.85
N PHE G 20 18.58 -18.46 35.26
CA PHE G 20 17.91 -17.19 35.48
C PHE G 20 18.88 -16.03 35.27
N ASP G 21 19.59 -16.08 34.14
CA ASP G 21 20.45 -14.97 33.72
C ASP G 21 20.38 -14.91 32.20
N ALA G 22 19.59 -13.96 31.68
CA ALA G 22 19.37 -13.88 30.24
C ALA G 22 20.63 -13.48 29.51
N ALA G 23 21.32 -12.45 30.01
CA ALA G 23 22.48 -11.92 29.28
C ALA G 23 23.56 -12.98 29.12
N LYS G 24 23.83 -13.73 30.17
CA LYS G 24 24.88 -14.75 30.09
C LYS G 24 24.43 -15.94 29.26
N THR G 25 23.16 -16.34 29.39
CA THR G 25 22.68 -17.48 28.63
C THR G 25 22.57 -17.15 27.14
N VAL G 26 22.27 -15.90 26.80
CA VAL G 26 22.32 -15.51 25.40
C VAL G 26 23.74 -15.58 24.88
N ASP G 27 24.72 -15.24 25.72
CA ASP G 27 26.11 -15.42 25.34
C ASP G 27 26.43 -16.90 25.14
N LYS G 28 25.97 -17.75 26.06
CA LYS G 28 26.18 -19.18 25.91
C LYS G 28 25.53 -19.71 24.65
N THR G 29 24.34 -19.21 24.31
CA THR G 29 23.66 -19.65 23.10
C THR G 29 24.44 -19.25 21.86
N VAL G 30 24.92 -18.02 21.79
CA VAL G 30 25.61 -17.56 20.60
C VAL G 30 26.89 -18.35 20.37
N SER G 31 27.59 -18.69 21.44
CA SER G 31 28.76 -19.55 21.31
C SER G 31 28.38 -20.92 20.77
N ASN G 32 27.26 -21.48 21.24
CA ASN G 32 26.78 -22.74 20.71
C ASN G 32 26.37 -22.59 19.24
N ILE G 33 25.74 -21.47 18.90
CA ILE G 33 25.39 -21.22 17.50
C ILE G 33 26.64 -21.20 16.64
N ALA G 34 27.69 -20.50 17.11
CA ALA G 34 28.92 -20.41 16.35
C ALA G 34 29.56 -21.78 16.18
N GLU G 35 29.58 -22.58 17.24
CA GLU G 35 30.21 -23.90 17.15
C GLU G 35 29.52 -24.77 16.11
N ALA G 36 28.20 -24.78 16.08
CA ALA G 36 27.47 -25.58 15.11
C ALA G 36 27.74 -25.11 13.69
N ALA G 37 27.78 -23.79 13.48
CA ALA G 37 28.02 -23.27 12.14
C ALA G 37 29.41 -23.65 11.64
N ARG G 38 30.39 -23.78 12.54
CA ARG G 38 31.71 -24.23 12.13
C ARG G 38 31.67 -25.65 11.57
N ASN G 39 30.75 -26.47 12.06
CA ASN G 39 30.60 -27.84 11.57
C ASN G 39 29.77 -27.93 10.31
N GLY G 40 29.25 -26.80 9.80
CA GLY G 40 28.49 -26.81 8.57
C GLY G 40 27.03 -27.15 8.73
N CYS G 41 26.46 -26.96 9.91
CA CYS G 41 25.06 -27.30 10.15
C CYS G 41 24.16 -26.17 9.67
N GLU G 42 23.12 -26.52 8.92
CA GLU G 42 22.15 -25.54 8.48
C GLU G 42 21.06 -25.27 9.52
N LEU G 43 21.03 -26.03 10.60
CA LEU G 43 20.05 -25.83 11.66
C LEU G 43 20.65 -26.25 12.99
N VAL G 44 20.58 -25.38 13.98
CA VAL G 44 20.97 -25.69 15.34
C VAL G 44 19.78 -25.41 16.24
N ALA G 45 19.42 -26.38 17.08
CA ALA G 45 18.29 -26.28 17.98
C ALA G 45 18.79 -26.24 19.43
N PHE G 46 18.00 -25.61 20.29
CA PHE G 46 18.35 -25.42 21.69
C PHE G 46 17.22 -25.89 22.58
N PRO G 47 17.51 -26.18 23.85
CA PRO G 47 16.49 -26.78 24.73
C PRO G 47 15.30 -25.88 25.00
N GLU G 48 14.38 -26.39 25.80
CA GLU G 48 13.13 -25.69 26.10
C GLU G 48 13.38 -24.60 27.14
N VAL G 49 12.81 -23.42 26.88
CA VAL G 49 12.98 -22.27 27.76
C VAL G 49 14.46 -22.18 28.14
N PHE G 50 15.32 -22.10 27.12
CA PHE G 50 16.75 -22.17 27.38
C PHE G 50 17.27 -20.88 27.98
N ILE G 51 16.89 -19.73 27.41
CA ILE G 51 17.59 -18.48 27.69
C ILE G 51 17.57 -18.18 29.19
N PRO G 52 16.42 -17.99 29.82
CA PRO G 52 16.43 -17.88 31.29
C PRO G 52 16.63 -19.22 31.97
N GLY G 53 16.24 -20.31 31.32
CA GLY G 53 16.30 -21.63 31.90
C GLY G 53 14.94 -22.08 32.42
N TYR G 54 14.78 -23.39 32.51
CA TYR G 54 13.52 -23.93 32.97
C TYR G 54 13.29 -23.58 34.43
N PRO G 55 12.07 -23.21 34.83
CA PRO G 55 11.80 -22.89 36.23
C PRO G 55 11.58 -24.13 37.09
N TYR G 56 12.69 -24.75 37.51
CA TYR G 56 12.59 -25.95 38.32
C TYR G 56 12.05 -25.65 39.72
N HIS G 57 12.06 -24.39 40.14
CA HIS G 57 11.65 -24.08 41.50
C HIS G 57 10.18 -24.41 41.74
N ILE G 58 9.39 -24.55 40.67
CA ILE G 58 7.98 -24.83 40.84
C ILE G 58 7.75 -26.28 41.20
N TRP G 59 8.73 -27.14 40.92
CA TRP G 59 8.60 -28.56 41.19
C TRP G 59 9.20 -28.97 42.53
N VAL G 60 10.14 -28.20 43.05
CA VAL G 60 10.91 -28.64 44.21
C VAL G 60 10.23 -28.22 45.51
N ASP G 61 9.64 -27.03 45.55
CA ASP G 61 9.07 -26.48 46.78
C ASP G 61 7.63 -26.08 46.53
N SER G 62 6.98 -25.58 47.57
CA SER G 62 5.60 -25.14 47.47
C SER G 62 5.53 -23.84 46.67
N PRO G 63 4.34 -23.50 46.17
CA PRO G 63 4.23 -22.27 45.37
C PRO G 63 4.73 -21.03 46.09
N LEU G 64 4.47 -20.90 47.39
CA LEU G 64 4.92 -19.71 48.11
C LEU G 64 6.44 -19.64 48.13
N ALA G 65 7.10 -20.79 48.33
CA ALA G 65 8.56 -20.79 48.32
C ALA G 65 9.10 -20.33 46.98
N GLY G 66 8.53 -20.84 45.88
CA GLY G 66 8.97 -20.40 44.58
C GLY G 66 8.67 -18.94 44.31
N MET G 67 7.46 -18.49 44.66
CA MET G 67 7.09 -17.11 44.40
C MET G 67 8.00 -16.14 45.13
N ALA G 68 8.30 -16.43 46.39
CA ALA G 68 9.07 -15.49 47.20
C ALA G 68 10.52 -15.41 46.76
N LYS G 69 11.07 -16.50 46.23
CA LYS G 69 12.50 -16.58 45.94
C LYS G 69 12.84 -16.41 44.47
N PHE G 70 12.07 -17.00 43.55
CA PHE G 70 12.46 -17.09 42.16
C PHE G 70 11.56 -16.36 41.18
N ALA G 71 10.31 -16.07 41.55
CA ALA G 71 9.36 -15.54 40.57
C ALA G 71 9.85 -14.24 39.96
N VAL G 72 10.21 -13.26 40.80
CA VAL G 72 10.63 -11.97 40.28
C VAL G 72 11.92 -12.11 39.49
N ARG G 73 12.88 -12.88 40.00
CA ARG G 73 14.12 -13.08 39.27
C ARG G 73 13.86 -13.76 37.93
N TYR G 74 13.00 -14.77 37.92
CA TYR G 74 12.68 -15.45 36.66
C TYR G 74 11.95 -14.52 35.71
N HIS G 75 10.98 -13.77 36.23
CA HIS G 75 10.21 -12.88 35.37
C HIS G 75 11.08 -11.77 34.80
N GLU G 76 11.98 -11.21 35.62
CA GLU G 76 12.83 -10.13 35.16
C GLU G 76 13.88 -10.58 34.16
N ASN G 77 14.20 -11.87 34.12
CA ASN G 77 15.19 -12.40 33.20
C ASN G 77 14.56 -13.01 31.95
N SER G 78 13.25 -12.86 31.77
CA SER G 78 12.59 -13.33 30.56
C SER G 78 12.69 -12.27 29.47
N LEU G 79 12.73 -12.74 28.22
CA LEU G 79 12.97 -11.87 27.08
C LEU G 79 11.65 -11.39 26.49
N THR G 80 11.55 -10.09 26.28
CA THR G 80 10.52 -9.54 25.41
C THR G 80 11.00 -9.57 23.98
N MET G 81 10.05 -9.69 23.05
CA MET G 81 10.42 -9.81 21.64
C MET G 81 11.17 -8.58 21.14
N ASP G 82 10.97 -7.44 21.78
CA ASP G 82 11.69 -6.22 21.43
C ASP G 82 12.99 -6.07 22.20
N SER G 83 13.37 -7.08 22.98
CA SER G 83 14.55 -6.98 23.81
C SER G 83 15.82 -7.00 22.96
N PRO G 84 16.90 -6.38 23.45
CA PRO G 84 18.19 -6.52 22.74
C PRO G 84 18.67 -7.95 22.67
N HIS G 85 18.33 -8.78 23.66
CA HIS G 85 18.77 -10.16 23.66
C HIS G 85 18.26 -10.91 22.43
N VAL G 86 16.99 -10.72 22.08
CA VAL G 86 16.44 -11.38 20.91
C VAL G 86 17.17 -10.91 19.65
N GLN G 87 17.51 -9.61 19.60
CA GLN G 87 18.24 -9.09 18.46
C GLN G 87 19.61 -9.75 18.35
N ARG G 88 20.23 -10.06 19.48
CA ARG G 88 21.52 -10.75 19.46
C ARG G 88 21.38 -12.14 18.84
N LEU G 89 20.31 -12.85 19.18
CA LEU G 89 20.09 -14.16 18.58
C LEU G 89 19.87 -14.06 17.08
N LEU G 90 19.10 -13.04 16.65
CA LEU G 90 18.89 -12.83 15.23
C LEU G 90 20.20 -12.47 14.53
N ASP G 91 21.00 -11.60 15.16
CA ASP G 91 22.28 -11.22 14.57
C ASP G 91 23.21 -12.43 14.45
N ALA G 92 23.26 -13.26 15.50
CA ALA G 92 24.11 -14.44 15.47
C ALA G 92 23.70 -15.38 14.34
N ALA G 93 22.40 -15.59 14.18
CA ALA G 93 21.93 -16.46 13.10
C ALA G 93 22.30 -15.88 11.74
N ARG G 94 22.20 -14.56 11.58
CA ARG G 94 22.60 -13.93 10.33
C ARG G 94 24.10 -14.06 10.11
N ASP G 95 24.90 -13.78 11.14
CA ASP G 95 26.34 -13.78 10.98
C ASP G 95 26.86 -15.15 10.62
N HIS G 96 26.36 -16.18 11.27
CA HIS G 96 26.84 -17.55 11.06
C HIS G 96 26.06 -18.29 10.00
N ASN G 97 25.04 -17.66 9.40
CA ASN G 97 24.28 -18.26 8.31
C ASN G 97 23.73 -19.63 8.69
N ILE G 98 23.16 -19.70 9.90
CA ILE G 98 22.60 -20.93 10.44
C ILE G 98 21.22 -20.63 11.00
N ALA G 99 20.26 -21.49 10.67
CA ALA G 99 18.91 -21.35 11.21
C ALA G 99 18.88 -21.86 12.64
N VAL G 100 18.30 -21.07 13.53
CA VAL G 100 18.32 -21.35 14.96
C VAL G 100 16.87 -21.53 15.42
N VAL G 101 16.65 -22.55 16.26
CA VAL G 101 15.37 -22.78 16.90
C VAL G 101 15.66 -22.83 18.39
N VAL G 102 15.50 -21.71 19.08
CA VAL G 102 15.85 -21.58 20.49
C VAL G 102 14.57 -21.34 21.28
N GLY G 103 14.39 -22.11 22.36
CA GLY G 103 13.28 -21.88 23.25
C GLY G 103 13.62 -20.81 24.27
N ILE G 104 12.77 -19.79 24.34
CA ILE G 104 12.94 -18.69 25.29
C ILE G 104 11.71 -18.64 26.18
N SER G 105 11.82 -17.88 27.28
CA SER G 105 10.68 -17.55 28.12
C SER G 105 10.24 -16.15 27.70
N GLU G 106 9.35 -16.10 26.72
CA GLU G 106 8.87 -14.81 26.23
C GLU G 106 8.06 -14.11 27.31
N ARG G 107 8.22 -12.81 27.40
CA ARG G 107 7.43 -11.98 28.31
C ARG G 107 6.58 -11.03 27.49
N ASP G 108 5.27 -11.04 27.75
CA ASP G 108 4.33 -10.13 27.12
C ASP G 108 3.59 -9.39 28.23
N GLY G 109 3.94 -8.15 28.45
CA GLY G 109 3.39 -7.44 29.60
C GLY G 109 3.86 -8.12 30.87
N GLY G 110 2.91 -8.58 31.67
CA GLY G 110 3.20 -9.23 32.92
C GLY G 110 3.07 -10.74 32.90
N SER G 111 2.95 -11.36 31.72
CA SER G 111 2.78 -12.80 31.60
C SER G 111 3.96 -13.39 30.85
N LEU G 112 4.29 -14.63 31.19
CA LEU G 112 5.35 -15.38 30.55
C LEU G 112 4.76 -16.46 29.66
N TYR G 113 5.47 -16.77 28.59
CA TYR G 113 5.05 -17.80 27.64
C TYR G 113 6.23 -18.68 27.28
N MET G 114 5.94 -19.95 27.02
CA MET G 114 6.97 -20.91 26.65
C MET G 114 7.19 -20.84 25.14
N THR G 115 7.78 -19.73 24.73
CA THR G 115 7.95 -19.44 23.31
C THR G 115 9.13 -20.22 22.74
N GLN G 116 9.04 -20.52 21.45
CA GLN G 116 10.16 -21.00 20.66
C GLN G 116 10.37 -20.05 19.51
N LEU G 117 11.58 -19.48 19.42
CA LEU G 117 11.93 -18.60 18.32
C LEU G 117 12.52 -19.44 17.19
N ILE G 118 11.98 -19.29 16.01
CA ILE G 118 12.47 -19.97 14.82
C ILE G 118 13.09 -18.91 13.92
N ILE G 119 14.40 -18.99 13.74
CA ILE G 119 15.18 -17.96 13.07
C ILE G 119 15.88 -18.60 11.89
N ASP G 120 15.75 -17.99 10.71
CA ASP G 120 16.37 -18.53 9.51
C ASP G 120 17.81 -18.05 9.39
N ALA G 121 18.52 -18.62 8.43
CA ALA G 121 19.92 -18.24 8.20
C ALA G 121 20.06 -16.79 7.77
N ASP G 122 18.97 -16.16 7.33
CA ASP G 122 19.01 -14.77 6.90
C ASP G 122 18.87 -13.79 8.06
N GLY G 123 18.72 -14.28 9.29
CA GLY G 123 18.60 -13.42 10.43
C GLY G 123 17.21 -12.92 10.72
N GLN G 124 16.20 -13.38 9.98
CA GLN G 124 14.82 -12.97 10.22
C GLN G 124 14.18 -13.89 11.25
N LEU G 125 13.19 -13.34 11.95
CA LEU G 125 12.39 -14.14 12.87
C LEU G 125 11.28 -14.81 12.07
N VAL G 126 11.50 -16.07 11.70
CA VAL G 126 10.51 -16.77 10.87
C VAL G 126 9.21 -16.94 11.62
N ALA G 127 9.29 -17.18 12.93
CA ALA G 127 8.08 -17.41 13.70
C ALA G 127 8.39 -17.38 15.19
N ARG G 128 7.45 -16.87 15.97
CA ARG G 128 7.51 -16.87 17.42
C ARG G 128 6.36 -17.75 17.90
N ARG G 129 6.69 -18.96 18.30
CA ARG G 129 5.71 -19.99 18.60
C ARG G 129 5.58 -20.17 20.10
N ARG G 130 4.36 -20.11 20.62
CA ARG G 130 4.08 -20.27 22.04
C ARG G 130 3.51 -21.66 22.30
N LYS G 131 3.93 -22.26 23.41
CA LYS G 131 3.42 -23.57 23.78
C LYS G 131 1.90 -23.50 23.93
N LEU G 132 1.21 -24.47 23.32
CA LEU G 132 -0.24 -24.42 23.30
C LEU G 132 -0.82 -24.52 24.71
N LYS G 133 -0.26 -25.38 25.53
CA LYS G 133 -0.72 -25.50 26.91
C LYS G 133 0.41 -26.05 27.79
N PRO G 134 0.84 -25.33 28.80
CA PRO G 134 1.86 -25.88 29.71
C PRO G 134 1.35 -27.13 30.41
N THR G 135 2.27 -27.80 31.09
CA THR G 135 1.98 -29.08 31.74
C THR G 135 2.04 -28.93 33.25
N HIS G 136 1.01 -29.44 33.93
CA HIS G 136 0.93 -29.48 35.39
C HIS G 136 1.27 -28.09 35.93
N VAL G 137 2.20 -27.96 36.87
CA VAL G 137 2.40 -26.70 37.58
C VAL G 137 3.07 -25.63 36.74
N GLU G 138 3.50 -25.95 35.52
CA GLU G 138 3.94 -24.88 34.64
C GLU G 138 2.80 -23.95 34.28
N ARG G 139 1.56 -24.42 34.40
CA ARG G 139 0.41 -23.58 34.12
C ARG G 139 0.30 -22.41 35.08
N SER G 140 0.90 -22.53 36.25
CA SER G 140 0.98 -21.42 37.19
C SER G 140 2.03 -20.39 36.79
N VAL G 141 2.94 -20.74 35.90
CA VAL G 141 4.03 -19.85 35.48
C VAL G 141 3.75 -19.25 34.12
N TYR G 142 3.33 -20.07 33.17
CA TYR G 142 3.19 -19.65 31.78
C TYR G 142 1.74 -19.62 31.35
N GLY G 143 1.45 -18.78 30.36
CA GLY G 143 0.17 -18.75 29.70
C GLY G 143 0.13 -19.71 28.53
N GLU G 144 -1.00 -19.69 27.84
CA GLU G 144 -1.25 -20.60 26.73
C GLU G 144 -1.11 -19.88 25.39
N GLY G 145 -0.85 -20.66 24.35
CA GLY G 145 -0.92 -20.20 22.99
C GLY G 145 -2.29 -20.46 22.39
N ASN G 146 -2.35 -20.35 21.07
CA ASN G 146 -3.59 -20.57 20.33
C ASN G 146 -3.26 -21.41 19.10
N GLY G 147 -4.24 -21.55 18.21
CA GLY G 147 -4.05 -22.40 17.04
C GLY G 147 -2.99 -21.88 16.10
N SER G 148 -2.77 -20.57 16.07
CA SER G 148 -1.75 -20.00 15.21
C SER G 148 -0.36 -20.42 15.63
N ASP G 149 -0.20 -20.98 16.84
CA ASP G 149 1.09 -21.44 17.31
C ASP G 149 1.38 -22.89 16.92
N ILE G 150 0.45 -23.56 16.26
CA ILE G 150 0.68 -24.87 15.67
C ILE G 150 0.87 -24.65 14.18
N SER G 151 2.13 -24.64 13.74
CA SER G 151 2.41 -24.38 12.33
C SER G 151 3.71 -25.05 11.93
N VAL G 152 3.85 -25.29 10.63
CA VAL G 152 5.05 -25.83 10.03
C VAL G 152 5.56 -24.80 9.03
N TYR G 153 6.82 -24.41 9.18
CA TYR G 153 7.40 -23.30 8.43
C TYR G 153 8.31 -23.84 7.34
N ASP G 154 8.16 -23.31 6.13
CA ASP G 154 8.92 -23.75 4.97
C ASP G 154 10.26 -23.04 4.95
N MET G 155 11.21 -23.61 5.68
CA MET G 155 12.57 -23.10 5.64
C MET G 155 13.23 -23.50 4.32
N PRO G 156 14.27 -22.78 3.91
CA PRO G 156 14.92 -23.14 2.64
C PRO G 156 15.42 -24.57 2.61
N PHE G 157 15.92 -25.07 3.74
CA PHE G 157 16.48 -26.42 3.76
C PHE G 157 15.41 -27.50 3.86
N ALA G 158 14.30 -27.24 4.54
CA ALA G 158 13.23 -28.20 4.68
C ALA G 158 12.04 -27.50 5.33
N ARG G 159 10.93 -28.23 5.42
CA ARG G 159 9.73 -27.75 6.12
C ARG G 159 9.88 -28.06 7.59
N LEU G 160 10.08 -27.02 8.40
CA LEU G 160 10.42 -27.16 9.80
C LEU G 160 9.21 -26.82 10.66
N GLY G 161 8.95 -27.65 11.66
CA GLY G 161 8.08 -27.29 12.75
C GLY G 161 8.71 -27.69 14.07
N ALA G 162 8.18 -27.14 15.14
CA ALA G 162 8.78 -27.31 16.45
C ALA G 162 7.70 -27.39 17.52
N LEU G 163 7.90 -28.24 18.51
CA LEU G 163 6.98 -28.39 19.62
C LEU G 163 7.77 -28.46 20.92
N ASN G 164 7.11 -28.09 22.00
CA ASN G 164 7.74 -28.02 23.32
C ASN G 164 7.60 -29.35 24.06
N CYS G 165 7.92 -29.30 25.36
CA CYS G 165 8.16 -30.50 26.16
C CYS G 165 7.10 -31.59 25.97
N TRP G 166 5.88 -31.36 26.44
CA TRP G 166 4.84 -32.39 26.39
C TRP G 166 3.76 -32.10 25.37
N GLU G 167 4.10 -31.36 24.31
CA GLU G 167 3.23 -31.24 23.16
C GLU G 167 3.30 -32.45 22.27
N HIS G 168 4.21 -33.38 22.54
CA HIS G 168 4.27 -34.65 21.82
C HIS G 168 3.35 -35.71 22.43
N PHE G 169 2.87 -35.49 23.64
CA PHE G 169 1.88 -36.37 24.25
C PHE G 169 0.46 -35.97 23.87
N GLN G 170 0.30 -34.93 23.06
CA GLN G 170 -1.01 -34.47 22.61
C GLN G 170 -1.24 -34.99 21.20
N THR G 171 -2.13 -35.98 21.06
CA THR G 171 -2.29 -36.65 19.78
C THR G 171 -2.84 -35.71 18.72
N LEU G 172 -3.80 -34.86 19.07
CA LEU G 172 -4.38 -33.97 18.07
C LEU G 172 -3.37 -32.95 17.60
N THR G 173 -2.53 -32.44 18.51
CA THR G 173 -1.47 -31.53 18.09
C THR G 173 -0.49 -32.25 17.17
N LYS G 174 -0.19 -33.50 17.46
CA LYS G 174 0.65 -34.29 16.57
C LYS G 174 0.07 -34.35 15.17
N TYR G 175 -1.21 -34.72 15.06
CA TYR G 175 -1.83 -34.89 13.76
C TYR G 175 -1.84 -33.58 12.97
N ALA G 176 -2.16 -32.47 13.64
CA ALA G 176 -2.16 -31.19 12.95
C ALA G 176 -0.81 -30.90 12.34
N MET G 177 0.27 -31.30 13.02
CA MET G 177 1.60 -31.09 12.46
C MET G 177 1.83 -31.98 11.25
N TYR G 178 1.41 -33.24 11.33
CA TYR G 178 1.57 -34.14 10.19
C TYR G 178 0.79 -33.63 8.98
N SER G 179 -0.39 -33.09 9.21
CA SER G 179 -1.21 -32.61 8.11
C SER G 179 -0.53 -31.50 7.32
N MET G 180 0.42 -30.79 7.94
CA MET G 180 1.15 -29.73 7.28
C MET G 180 2.46 -30.21 6.68
N HIS G 181 2.70 -31.52 6.68
CA HIS G 181 3.81 -32.12 5.94
C HIS G 181 5.16 -31.71 6.52
N GLU G 182 5.28 -31.84 7.84
CA GLU G 182 6.56 -31.72 8.50
C GLU G 182 7.54 -32.76 7.96
N GLN G 183 8.80 -32.37 7.82
CA GLN G 183 9.87 -33.35 7.68
C GLN G 183 11.12 -33.06 8.49
N VAL G 184 11.22 -31.92 9.17
CA VAL G 184 12.24 -31.73 10.20
C VAL G 184 11.55 -31.16 11.42
N HIS G 185 11.64 -31.87 12.54
CA HIS G 185 10.97 -31.48 13.77
C HIS G 185 12.00 -31.20 14.84
N VAL G 186 11.81 -30.11 15.58
CA VAL G 186 12.66 -29.76 16.70
C VAL G 186 11.85 -29.94 17.97
N ALA G 187 12.29 -30.86 18.82
CA ALA G 187 11.60 -31.18 20.07
C ALA G 187 12.45 -30.66 21.22
N SER G 188 12.02 -29.56 21.83
CA SER G 188 12.74 -28.96 22.94
C SER G 188 12.19 -29.48 24.26
N TRP G 189 13.08 -29.91 25.13
CA TRP G 189 12.74 -30.46 26.43
C TRP G 189 13.55 -29.77 27.51
N PRO G 190 13.08 -29.80 28.74
CA PRO G 190 13.96 -29.43 29.85
C PRO G 190 14.73 -30.64 30.35
N GLY G 191 15.54 -30.49 31.38
CA GLY G 191 16.18 -31.64 31.97
C GLY G 191 15.15 -32.54 32.62
N MET G 192 14.90 -33.69 32.01
CA MET G 192 13.86 -34.59 32.50
C MET G 192 14.44 -35.53 33.55
N SER G 193 14.67 -34.95 34.74
CA SER G 193 15.19 -35.69 35.88
C SER G 193 14.35 -35.50 37.13
N LEU G 194 13.14 -34.96 36.99
CA LEU G 194 12.31 -34.68 38.15
C LEU G 194 11.67 -35.97 38.66
N TYR G 195 11.64 -36.13 39.98
CA TYR G 195 10.86 -37.17 40.63
C TYR G 195 11.17 -38.55 40.06
N GLN G 196 12.42 -38.80 39.71
CA GLN G 196 12.79 -40.04 39.03
C GLN G 196 12.43 -41.28 39.84
N PRO G 197 12.76 -41.33 41.13
CA PRO G 197 12.38 -42.51 41.92
C PRO G 197 10.88 -42.80 41.94
N GLU G 198 10.03 -41.78 41.89
CA GLU G 198 8.61 -41.95 42.18
C GLU G 198 7.75 -41.91 40.92
N VAL G 199 7.95 -40.90 40.08
CA VAL G 199 7.13 -40.71 38.89
C VAL G 199 7.90 -41.20 37.67
N PRO G 200 7.55 -42.34 37.07
CA PRO G 200 8.30 -42.80 35.90
C PRO G 200 8.02 -42.03 34.63
N ALA G 201 6.85 -41.39 34.52
CA ALA G 201 6.51 -40.68 33.30
C ALA G 201 7.40 -39.47 33.07
N PHE G 202 8.07 -38.98 34.10
CA PHE G 202 8.97 -37.84 33.98
C PHE G 202 10.41 -38.25 33.64
N GLY G 203 10.68 -39.54 33.52
CA GLY G 203 12.03 -39.99 33.24
C GLY G 203 12.36 -39.98 31.77
N VAL G 204 13.66 -39.83 31.47
CA VAL G 204 14.09 -39.71 30.08
C VAL G 204 13.63 -40.90 29.24
N ASP G 205 13.40 -42.05 29.87
CA ASP G 205 12.92 -43.21 29.12
C ASP G 205 11.56 -42.93 28.51
N ALA G 206 10.67 -42.32 29.28
CA ALA G 206 9.34 -41.99 28.76
C ALA G 206 9.44 -40.96 27.64
N GLN G 207 10.29 -39.96 27.81
CA GLN G 207 10.35 -38.88 26.83
C GLN G 207 11.11 -39.29 25.57
N LEU G 208 11.88 -40.37 25.63
CA LEU G 208 12.49 -40.87 24.41
C LEU G 208 11.49 -41.65 23.57
N THR G 209 10.57 -42.36 24.21
CA THR G 209 9.51 -43.02 23.46
C THR G 209 8.59 -41.99 22.81
N ALA G 210 8.36 -40.85 23.48
CA ALA G 210 7.53 -39.81 22.91
C ALA G 210 8.17 -39.23 21.66
N THR G 211 9.42 -38.81 21.76
CA THR G 211 10.10 -38.22 20.60
C THR G 211 10.30 -39.26 19.51
N ARG G 212 10.67 -40.48 19.87
CA ARG G 212 10.88 -41.51 18.86
C ARG G 212 9.57 -41.82 18.14
N MET G 213 8.47 -41.90 18.88
CA MET G 213 7.18 -42.17 18.26
C MET G 213 6.77 -41.04 17.33
N TYR G 214 7.14 -39.81 17.66
CA TYR G 214 6.81 -38.69 16.80
C TYR G 214 7.44 -38.87 15.42
N ALA G 215 8.70 -39.32 15.39
CA ALA G 215 9.36 -39.59 14.12
C ALA G 215 8.70 -40.75 13.39
N LEU G 216 8.50 -41.87 14.10
CA LEU G 216 7.87 -43.03 13.48
C LEU G 216 6.46 -42.73 13.04
N GLU G 217 5.66 -42.13 13.93
CA GLU G 217 4.26 -41.87 13.63
C GLU G 217 4.12 -40.88 12.47
N GLY G 218 4.95 -39.85 12.44
CA GLY G 218 4.85 -38.82 11.42
C GLY G 218 5.83 -38.91 10.28
N GLN G 219 6.78 -39.84 10.33
CA GLN G 219 7.81 -39.97 9.31
C GLN G 219 8.55 -38.65 9.10
N THR G 220 9.21 -38.20 10.18
CA THR G 220 9.96 -36.97 10.16
C THR G 220 11.26 -37.16 10.92
N PHE G 221 12.20 -36.26 10.70
CA PHE G 221 13.41 -36.19 11.50
C PHE G 221 13.14 -35.37 12.74
N VAL G 222 13.43 -35.92 13.91
CA VAL G 222 13.20 -35.26 15.18
C VAL G 222 14.54 -34.84 15.76
N VAL G 223 14.76 -33.53 15.82
CA VAL G 223 15.97 -32.97 16.43
C VAL G 223 15.62 -32.69 17.89
N CYS G 224 15.79 -33.68 18.73
CA CYS G 224 15.49 -33.52 20.16
C CYS G 224 16.63 -32.80 20.85
N THR G 225 16.31 -31.72 21.55
CA THR G 225 17.28 -30.98 22.33
C THR G 225 16.78 -30.89 23.76
N THR G 226 17.71 -30.95 24.71
CA THR G 226 17.34 -31.06 26.11
C THR G 226 18.31 -30.22 26.95
N GLN G 227 17.83 -29.80 28.12
CA GLN G 227 18.70 -29.21 29.12
C GLN G 227 19.32 -30.32 29.95
N VAL G 228 20.20 -29.94 30.88
CA VAL G 228 20.83 -30.88 31.80
C VAL G 228 20.78 -30.29 33.20
N VAL G 229 20.41 -31.11 34.17
CA VAL G 229 20.35 -30.67 35.57
C VAL G 229 21.69 -31.05 36.19
N THR G 230 22.63 -30.11 36.15
CA THR G 230 23.99 -30.33 36.64
C THR G 230 24.09 -29.92 38.10
N PRO G 231 25.26 -30.09 38.74
CA PRO G 231 25.39 -29.61 40.12
C PRO G 231 25.15 -28.12 40.27
N GLU G 232 25.45 -27.32 39.25
CA GLU G 232 25.17 -25.90 39.32
C GLU G 232 23.69 -25.65 39.56
N ALA G 233 22.83 -26.47 38.94
CA ALA G 233 21.40 -26.35 39.19
C ALA G 233 21.06 -26.63 40.65
N HIS G 234 21.70 -27.63 41.24
CA HIS G 234 21.43 -27.95 42.64
C HIS G 234 21.77 -26.77 43.54
N GLU G 235 22.90 -26.11 43.29
CA GLU G 235 23.28 -24.96 44.11
C GLU G 235 22.33 -23.78 43.91
N PHE G 236 21.56 -23.77 42.83
CA PHE G 236 20.66 -22.66 42.52
C PHE G 236 19.27 -22.88 43.12
N PHE G 237 18.66 -24.03 42.84
CA PHE G 237 17.29 -24.28 43.27
C PHE G 237 17.24 -24.93 44.64
N CYS G 238 17.98 -26.03 44.82
CA CYS G 238 17.88 -26.81 46.04
C CYS G 238 18.39 -26.05 47.25
N GLU G 239 17.76 -26.31 48.40
CA GLU G 239 18.19 -25.76 49.67
C GLU G 239 18.51 -26.83 50.71
N ASN G 240 18.12 -28.08 50.47
CA ASN G 240 18.41 -29.16 51.41
C ASN G 240 18.51 -30.46 50.63
N GLU G 241 18.59 -31.58 51.35
CA GLU G 241 18.78 -32.86 50.71
C GLU G 241 17.49 -33.37 50.07
N GLU G 242 16.34 -33.09 50.68
CA GLU G 242 15.08 -33.54 50.11
C GLU G 242 14.84 -32.91 48.74
N GLN G 243 15.12 -31.61 48.61
CA GLN G 243 14.91 -30.93 47.34
C GLN G 243 15.87 -31.44 46.28
N ARG G 244 17.09 -31.78 46.67
CA ARG G 244 18.05 -32.31 45.70
C ARG G 244 17.59 -33.66 45.16
N LYS G 245 16.91 -34.46 46.00
CA LYS G 245 16.35 -35.71 45.51
C LYS G 245 15.26 -35.47 44.48
N LEU G 246 14.40 -34.47 44.72
CA LEU G 246 13.30 -34.19 43.80
C LEU G 246 13.82 -33.85 42.42
N ILE G 247 14.80 -32.94 42.35
CA ILE G 247 15.39 -32.52 41.09
C ILE G 247 16.66 -33.35 40.91
N GLY G 248 16.51 -34.50 40.26
CA GLY G 248 17.63 -35.38 40.06
C GLY G 248 18.70 -34.77 39.17
N ARG G 249 19.83 -35.45 39.10
CA ARG G 249 20.93 -34.99 38.27
C ARG G 249 20.74 -35.40 36.82
N GLY G 250 21.48 -34.72 35.94
CA GLY G 250 21.46 -35.06 34.53
C GLY G 250 20.15 -34.74 33.85
N GLY G 251 19.52 -35.75 33.27
CA GLY G 251 18.25 -35.60 32.60
C GLY G 251 18.33 -35.22 31.14
N GLY G 252 19.52 -34.95 30.61
CA GLY G 252 19.65 -34.58 29.21
C GLY G 252 19.58 -35.82 28.34
N PHE G 253 18.79 -35.73 27.27
CA PHE G 253 18.66 -36.85 26.34
C PHE G 253 18.57 -36.38 24.89
N ALA G 254 19.24 -35.28 24.55
CA ALA G 254 19.19 -34.76 23.19
C ALA G 254 19.59 -35.84 22.19
N ARG G 255 18.87 -35.90 21.09
CA ARG G 255 19.08 -36.95 20.09
C ARG G 255 18.64 -36.45 18.73
N ILE G 256 19.08 -37.16 17.69
CA ILE G 256 18.59 -36.96 16.33
C ILE G 256 18.05 -38.29 15.86
N ILE G 257 16.80 -38.29 15.43
CA ILE G 257 16.06 -39.51 15.10
C ILE G 257 15.55 -39.40 13.67
N GLY G 258 15.71 -40.46 12.91
CA GLY G 258 15.23 -40.49 11.54
C GLY G 258 13.78 -40.91 11.45
N PRO G 259 13.25 -40.89 10.24
CA PRO G 259 11.85 -41.28 10.04
C PRO G 259 11.56 -42.70 10.47
N ASP G 260 12.56 -43.57 10.47
CA ASP G 260 12.39 -44.95 10.89
C ASP G 260 12.57 -45.12 12.39
N GLY G 261 12.82 -44.04 13.13
CA GLY G 261 12.93 -44.10 14.57
C GLY G 261 14.31 -44.44 15.09
N ARG G 262 15.26 -44.74 14.22
CA ARG G 262 16.61 -45.08 14.65
C ARG G 262 17.47 -43.83 14.74
N ASP G 263 18.25 -43.74 15.81
CA ASP G 263 19.04 -42.55 16.06
C ASP G 263 20.11 -42.36 15.00
N LEU G 264 20.27 -41.12 14.55
CA LEU G 264 21.30 -40.76 13.58
C LEU G 264 22.55 -40.20 14.22
N ALA G 265 22.59 -40.08 15.55
CA ALA G 265 23.74 -39.56 16.26
C ALA G 265 23.96 -40.36 17.52
N THR G 266 25.21 -40.46 17.93
CA THR G 266 25.54 -41.19 19.16
C THR G 266 25.12 -40.35 20.35
N PRO G 267 24.21 -40.83 21.20
CA PRO G 267 23.77 -40.00 22.33
C PRO G 267 24.87 -39.74 23.33
N LEU G 268 24.80 -38.58 23.97
CA LEU G 268 25.71 -38.23 25.04
C LEU G 268 25.28 -38.92 26.32
N ALA G 269 25.96 -38.61 27.42
CA ALA G 269 25.54 -39.10 28.72
C ALA G 269 24.40 -38.24 29.26
N GLU G 270 23.59 -38.82 30.13
CA GLU G 270 22.48 -38.07 30.71
C GLU G 270 22.95 -36.86 31.49
N ASP G 271 24.21 -36.84 31.93
CA ASP G 271 24.78 -35.71 32.64
C ASP G 271 25.78 -34.91 31.81
N GLU G 272 26.19 -35.43 30.65
CA GLU G 272 27.13 -34.71 29.80
C GLU G 272 26.40 -33.60 29.04
N GLU G 273 27.18 -32.63 28.59
CA GLU G 273 26.67 -31.47 27.86
C GLU G 273 27.49 -31.28 26.61
N GLY G 274 26.84 -30.93 25.50
CA GLY G 274 27.56 -30.73 24.26
C GLY G 274 26.63 -30.44 23.10
N ILE G 275 26.96 -31.02 21.95
CA ILE G 275 26.17 -30.86 20.73
C ILE G 275 26.26 -32.15 19.95
N LEU G 276 25.16 -32.52 19.28
CA LEU G 276 25.10 -33.67 18.41
C LEU G 276 24.90 -33.19 16.98
N TYR G 277 25.53 -33.89 16.03
CA TYR G 277 25.42 -33.56 14.62
C TYR G 277 25.00 -34.80 13.84
N ALA G 278 24.30 -34.57 12.74
CA ALA G 278 23.90 -35.67 11.87
C ALA G 278 23.59 -35.11 10.48
N ASP G 279 23.63 -36.00 9.50
CA ASP G 279 23.33 -35.66 8.12
C ASP G 279 21.90 -36.09 7.81
N ILE G 280 21.07 -35.14 7.39
CA ILE G 280 19.66 -35.39 7.13
C ILE G 280 19.45 -35.50 5.63
N ASP G 281 18.94 -36.65 5.19
CA ASP G 281 18.57 -36.86 3.79
C ASP G 281 17.08 -37.09 3.72
N LEU G 282 16.34 -36.14 3.17
CA LEU G 282 14.89 -36.22 3.15
C LEU G 282 14.37 -37.40 2.34
N SER G 283 15.20 -37.97 1.45
CA SER G 283 14.77 -39.16 0.74
C SER G 283 14.49 -40.32 1.68
N ALA G 284 15.09 -40.32 2.87
CA ALA G 284 14.80 -41.37 3.84
C ALA G 284 13.34 -41.36 4.26
N ILE G 285 12.70 -40.19 4.21
CA ILE G 285 11.28 -40.10 4.55
C ILE G 285 10.43 -40.82 3.51
N THR G 286 10.70 -40.56 2.23
CA THR G 286 9.95 -41.22 1.18
C THR G 286 9.98 -42.72 1.36
N LEU G 287 11.10 -43.25 1.84
CA LEU G 287 11.20 -44.68 2.09
C LEU G 287 10.33 -45.08 3.28
N ALA G 288 10.27 -44.22 4.29
CA ALA G 288 9.48 -44.53 5.48
C ALA G 288 7.99 -44.38 5.24
N LYS G 289 7.59 -43.50 4.31
CA LYS G 289 6.19 -43.26 4.03
C LYS G 289 5.56 -44.34 3.16
N GLN G 290 6.34 -45.29 2.67
CA GLN G 290 5.76 -46.43 1.97
C GLN G 290 4.85 -47.23 2.88
N ALA G 291 5.28 -47.43 4.13
CA ALA G 291 4.51 -48.25 5.06
C ALA G 291 3.40 -47.45 5.72
N ALA G 292 3.72 -46.29 6.28
CA ALA G 292 2.78 -45.51 7.06
C ALA G 292 2.74 -44.07 6.57
N ASP G 293 1.54 -43.50 6.59
CA ASP G 293 1.34 -42.09 6.31
C ASP G 293 0.05 -41.65 6.98
N PRO G 294 0.11 -41.10 8.19
CA PRO G 294 -1.13 -40.89 8.95
C PRO G 294 -2.12 -39.97 8.27
N VAL G 295 -1.66 -39.00 7.49
CA VAL G 295 -2.53 -38.01 6.88
C VAL G 295 -2.75 -38.28 5.40
N GLY G 296 -2.17 -39.34 4.86
CA GLY G 296 -2.29 -39.62 3.44
C GLY G 296 -2.94 -40.95 3.15
N HIS G 297 -2.17 -41.86 2.56
CA HIS G 297 -2.70 -43.13 2.09
C HIS G 297 -3.17 -44.04 3.21
N TYR G 298 -2.82 -43.73 4.46
CA TYR G 298 -3.11 -44.64 5.56
C TYR G 298 -3.98 -43.91 6.58
N SER G 299 -5.00 -43.23 6.07
CA SER G 299 -5.96 -42.48 6.87
C SER G 299 -7.37 -42.81 6.39
N ARG G 300 -8.34 -42.55 7.26
CA ARG G 300 -9.75 -42.80 6.97
C ARG G 300 -10.54 -41.53 7.27
N PRO G 301 -10.45 -40.53 6.39
CA PRO G 301 -11.16 -39.27 6.67
C PRO G 301 -12.66 -39.40 6.75
N ASP G 302 -13.23 -40.46 6.17
CA ASP G 302 -14.66 -40.71 6.30
C ASP G 302 -15.04 -41.21 7.69
N VAL G 303 -14.08 -41.65 8.49
CA VAL G 303 -14.31 -42.11 9.84
C VAL G 303 -13.81 -41.11 10.87
N LEU G 304 -12.57 -40.66 10.72
CA LEU G 304 -11.94 -39.75 11.66
C LEU G 304 -11.31 -38.59 10.89
N SER G 305 -11.63 -37.37 11.28
CA SER G 305 -10.97 -36.20 10.76
C SER G 305 -10.68 -35.25 11.92
N LEU G 306 -10.01 -34.15 11.61
CA LEU G 306 -9.56 -33.20 12.60
C LEU G 306 -10.16 -31.83 12.31
N ASN G 307 -10.70 -31.19 13.34
CA ASN G 307 -11.13 -29.80 13.27
C ASN G 307 -10.01 -28.94 13.82
N PHE G 308 -9.32 -28.22 12.93
CA PHE G 308 -8.16 -27.43 13.29
C PHE G 308 -8.51 -25.95 13.14
N ASN G 309 -8.64 -25.25 14.26
CA ASN G 309 -8.93 -23.82 14.27
C ASN G 309 -7.61 -23.09 14.45
N GLN G 310 -7.12 -22.50 13.36
CA GLN G 310 -5.80 -21.88 13.33
C GLN G 310 -5.86 -20.37 13.47
N ARG G 311 -6.99 -19.83 13.89
CA ARG G 311 -7.13 -18.38 14.04
C ARG G 311 -6.31 -17.89 15.21
N ARG G 312 -5.89 -16.63 15.12
CA ARG G 312 -5.07 -15.97 16.13
C ARG G 312 -5.97 -15.11 17.00
N THR G 313 -6.16 -15.52 18.25
CA THR G 313 -7.07 -14.85 19.18
C THR G 313 -6.28 -13.99 20.15
N THR G 314 -6.74 -12.77 20.37
CA THR G 314 -6.10 -11.82 21.26
C THR G 314 -7.12 -11.29 22.25
N PRO G 315 -6.67 -10.90 23.45
CA PRO G 315 -7.64 -10.39 24.44
C PRO G 315 -8.38 -9.15 23.98
N VAL G 316 -7.72 -8.25 23.25
CA VAL G 316 -8.33 -7.07 22.69
C VAL G 316 -8.24 -7.18 21.18
N ASN G 317 -9.38 -7.13 20.50
CA ASN G 317 -9.45 -7.38 19.06
C ASN G 317 -9.71 -6.10 18.27
N THR G 318 -9.34 -4.94 18.82
CA THR G 318 -9.53 -3.68 18.12
C THR G 318 -10.99 -3.47 17.73
N VAL H 2 -14.83 -44.41 33.95
CA VAL H 2 -15.81 -44.00 34.98
C VAL H 2 -15.24 -44.20 36.37
N GLU H 3 -14.94 -45.45 36.72
CA GLU H 3 -14.39 -45.80 38.02
C GLU H 3 -12.98 -46.34 37.85
N TYR H 4 -12.10 -45.95 38.78
CA TYR H 4 -10.69 -46.31 38.70
C TYR H 4 -10.22 -46.97 39.98
N THR H 5 -10.96 -47.96 40.47
CA THR H 5 -10.66 -48.63 41.72
C THR H 5 -10.31 -50.10 41.57
N ASN H 6 -10.89 -50.78 40.57
CA ASN H 6 -10.77 -52.23 40.50
C ASN H 6 -9.31 -52.66 40.41
N THR H 7 -9.04 -53.87 40.90
CA THR H 7 -7.74 -54.51 40.81
C THR H 7 -7.94 -55.95 40.33
N PHE H 8 -7.12 -56.37 39.38
CA PHE H 8 -7.28 -57.69 38.77
C PHE H 8 -5.96 -58.10 38.13
N LYS H 9 -5.98 -59.27 37.49
CA LYS H 9 -4.80 -59.88 36.90
C LYS H 9 -5.08 -60.21 35.45
N VAL H 10 -4.09 -59.93 34.59
CA VAL H 10 -4.22 -60.13 33.15
C VAL H 10 -3.05 -60.99 32.68
N ALA H 11 -3.23 -61.58 31.50
CA ALA H 11 -2.22 -62.41 30.88
C ALA H 11 -2.02 -61.99 29.44
N ALA H 12 -0.77 -61.94 29.01
CA ALA H 12 -0.41 -61.66 27.62
C ALA H 12 0.26 -62.90 27.03
N VAL H 13 -0.14 -63.25 25.82
CA VAL H 13 0.29 -64.49 25.19
C VAL H 13 1.31 -64.16 24.10
N GLN H 14 2.48 -64.77 24.20
CA GLN H 14 3.51 -64.70 23.17
C GLN H 14 3.62 -66.11 22.60
N ALA H 15 2.78 -66.41 21.61
CA ALA H 15 2.65 -67.76 21.09
C ALA H 15 2.64 -67.71 19.57
N GLN H 16 3.02 -68.82 18.96
CA GLN H 16 2.90 -68.99 17.53
C GLN H 16 1.81 -70.00 17.22
N PRO H 17 1.09 -69.85 16.11
CA PRO H 17 0.00 -70.77 15.80
C PRO H 17 0.45 -71.92 14.92
N VAL H 18 -0.39 -72.96 14.90
CA VAL H 18 -0.21 -74.03 13.93
C VAL H 18 -0.56 -73.44 12.58
N TRP H 19 0.45 -73.16 11.77
CA TRP H 19 0.31 -72.21 10.68
C TRP H 19 -0.75 -72.65 9.68
N PHE H 20 -1.69 -71.76 9.42
CA PHE H 20 -2.81 -71.98 8.50
C PHE H 20 -3.50 -73.31 8.82
N ASP H 21 -3.84 -73.48 10.09
CA ASP H 21 -4.62 -74.64 10.54
C ASP H 21 -5.50 -74.17 11.69
N ALA H 22 -6.74 -73.81 11.36
CA ALA H 22 -7.65 -73.25 12.37
C ALA H 22 -7.94 -74.25 13.47
N ALA H 23 -8.21 -75.51 13.11
CA ALA H 23 -8.58 -76.50 14.12
C ALA H 23 -7.46 -76.69 15.13
N LYS H 24 -6.22 -76.81 14.65
CA LYS H 24 -5.10 -76.98 15.55
C LYS H 24 -4.86 -75.74 16.40
N THR H 25 -4.94 -74.56 15.77
CA THR H 25 -4.66 -73.33 16.51
C THR H 25 -5.73 -73.02 17.53
N VAL H 26 -6.98 -73.38 17.24
CA VAL H 26 -8.04 -73.18 18.23
C VAL H 26 -7.77 -74.04 19.46
N ASP H 27 -7.32 -75.27 19.25
CA ASP H 27 -6.92 -76.11 20.38
C ASP H 27 -5.79 -75.47 21.16
N LYS H 28 -4.79 -74.95 20.46
CA LYS H 28 -3.69 -74.28 21.14
C LYS H 28 -4.19 -73.06 21.92
N THR H 29 -5.12 -72.31 21.35
CA THR H 29 -5.66 -71.14 22.02
C THR H 29 -6.42 -71.54 23.29
N VAL H 30 -7.24 -72.59 23.21
CA VAL H 30 -8.02 -72.99 24.38
C VAL H 30 -7.10 -73.43 25.51
N SER H 31 -6.03 -74.15 25.19
CA SER H 31 -5.06 -74.54 26.21
C SER H 31 -4.43 -73.31 26.85
N ASN H 32 -4.07 -72.31 26.03
CA ASN H 32 -3.54 -71.07 26.59
C ASN H 32 -4.59 -70.36 27.44
N ILE H 33 -5.85 -70.40 27.01
CA ILE H 33 -6.93 -69.82 27.81
C ILE H 33 -7.02 -70.54 29.15
N ALA H 34 -6.96 -71.88 29.12
CA ALA H 34 -7.06 -72.65 30.35
C ALA H 34 -5.89 -72.38 31.27
N GLU H 35 -4.68 -72.28 30.71
CA GLU H 35 -3.50 -72.04 31.53
C GLU H 35 -3.61 -70.71 32.26
N ALA H 36 -4.02 -69.65 31.55
CA ALA H 36 -4.13 -68.35 32.18
C ALA H 36 -5.18 -68.36 33.29
N ALA H 37 -6.31 -69.01 33.03
CA ALA H 37 -7.37 -69.07 34.04
C ALA H 37 -6.89 -69.79 35.29
N ARG H 38 -6.06 -70.82 35.12
CA ARG H 38 -5.49 -71.50 36.27
C ARG H 38 -4.67 -70.57 37.15
N ASN H 39 -4.19 -69.46 36.59
CA ASN H 39 -3.42 -68.47 37.33
C ASN H 39 -4.29 -67.36 37.91
N GLY H 40 -5.61 -67.46 37.78
CA GLY H 40 -6.51 -66.46 38.32
C GLY H 40 -6.64 -65.20 37.50
N CYS H 41 -6.24 -65.23 36.23
CA CYS H 41 -6.34 -64.04 35.38
C CYS H 41 -7.79 -63.78 35.02
N GLU H 42 -8.14 -62.50 34.94
CA GLU H 42 -9.48 -62.09 34.50
C GLU H 42 -9.54 -61.78 33.02
N LEU H 43 -8.40 -61.58 32.38
CA LEU H 43 -8.34 -61.31 30.95
C LEU H 43 -7.11 -61.99 30.38
N VAL H 44 -7.28 -62.66 29.24
CA VAL H 44 -6.17 -63.23 28.48
C VAL H 44 -6.29 -62.74 27.05
N ALA H 45 -5.18 -62.27 26.50
CA ALA H 45 -5.15 -61.72 25.15
C ALA H 45 -4.23 -62.57 24.28
N PHE H 46 -4.53 -62.60 22.99
CA PHE H 46 -3.80 -63.41 22.03
C PHE H 46 -3.36 -62.54 20.85
N PRO H 47 -2.32 -62.97 20.13
CA PRO H 47 -1.76 -62.12 19.07
C PRO H 47 -2.74 -61.81 17.95
N GLU H 48 -2.29 -61.03 16.98
CA GLU H 48 -3.13 -60.61 15.87
C GLU H 48 -3.25 -61.71 14.84
N VAL H 49 -4.47 -61.92 14.35
CA VAL H 49 -4.75 -62.98 13.38
C VAL H 49 -4.08 -64.24 13.87
N PHE H 50 -4.34 -64.59 15.13
CA PHE H 50 -3.65 -65.73 15.74
C PHE H 50 -4.17 -67.04 15.19
N ILE H 51 -5.48 -67.18 15.09
CA ILE H 51 -6.10 -68.50 14.86
C ILE H 51 -5.56 -69.10 13.57
N PRO H 52 -5.81 -68.51 12.39
CA PRO H 52 -5.17 -69.05 11.19
C PRO H 52 -3.69 -68.77 11.12
N GLY H 53 -3.22 -67.71 11.76
CA GLY H 53 -1.84 -67.28 11.68
C GLY H 53 -1.68 -66.11 10.74
N TYR H 54 -0.66 -65.30 11.01
CA TYR H 54 -0.42 -64.14 10.17
C TYR H 54 0.01 -64.59 8.77
N PRO H 55 -0.46 -63.93 7.71
CA PRO H 55 -0.04 -64.30 6.35
C PRO H 55 1.31 -63.71 5.96
N TYR H 56 2.38 -64.33 6.45
CA TYR H 56 3.71 -63.85 6.12
C TYR H 56 4.04 -64.02 4.65
N HIS H 57 3.32 -64.88 3.94
CA HIS H 57 3.67 -65.16 2.55
C HIS H 57 3.56 -63.92 1.68
N ILE H 58 2.86 -62.88 2.14
CA ILE H 58 2.72 -61.67 1.35
C ILE H 58 3.93 -60.77 1.46
N TRP H 59 4.81 -61.01 2.42
CA TRP H 59 6.01 -60.20 2.60
C TRP H 59 7.26 -60.87 2.05
N VAL H 60 7.24 -62.19 1.85
CA VAL H 60 8.45 -62.92 1.51
C VAL H 60 8.54 -63.26 0.03
N ASP H 61 7.49 -63.03 -0.75
CA ASP H 61 7.50 -63.38 -2.16
C ASP H 61 6.54 -62.47 -2.92
N SER H 62 6.55 -62.58 -4.24
CA SER H 62 5.70 -61.77 -5.07
C SER H 62 4.24 -62.21 -4.91
N PRO H 63 3.29 -61.36 -5.27
CA PRO H 63 1.88 -61.71 -5.06
C PRO H 63 1.49 -63.02 -5.71
N LEU H 64 1.99 -63.31 -6.92
CA LEU H 64 1.61 -64.55 -7.58
C LEU H 64 2.09 -65.77 -6.80
N ALA H 65 3.31 -65.71 -6.27
CA ALA H 65 3.81 -66.82 -5.48
C ALA H 65 2.94 -67.05 -4.25
N GLY H 66 2.57 -65.98 -3.55
CA GLY H 66 1.69 -66.12 -2.40
C GLY H 66 0.31 -66.60 -2.80
N MET H 67 -0.26 -66.01 -3.86
CA MET H 67 -1.60 -66.40 -4.28
C MET H 67 -1.65 -67.86 -4.68
N ALA H 68 -0.65 -68.32 -5.45
CA ALA H 68 -0.69 -69.67 -5.99
C ALA H 68 -0.62 -70.71 -4.87
N LYS H 69 0.23 -70.48 -3.87
CA LYS H 69 0.55 -71.51 -2.89
C LYS H 69 -0.19 -71.34 -1.57
N PHE H 70 -0.57 -70.13 -1.20
CA PHE H 70 -1.10 -69.87 0.14
C PHE H 70 -2.50 -69.27 0.18
N ALA H 71 -2.92 -68.55 -0.85
CA ALA H 71 -4.17 -67.80 -0.76
C ALA H 71 -5.35 -68.72 -0.47
N VAL H 72 -5.46 -69.81 -1.21
CA VAL H 72 -6.61 -70.71 -1.02
C VAL H 72 -6.54 -71.36 0.37
N ARG H 73 -5.36 -71.83 0.76
CA ARG H 73 -5.23 -72.44 2.07
C ARG H 73 -5.53 -71.45 3.18
N TYR H 74 -5.01 -70.23 3.07
CA TYR H 74 -5.24 -69.23 4.10
C TYR H 74 -6.71 -68.87 4.19
N HIS H 75 -7.36 -68.66 3.05
CA HIS H 75 -8.77 -68.32 3.05
C HIS H 75 -9.62 -69.45 3.62
N GLU H 76 -9.31 -70.69 3.27
CA GLU H 76 -10.09 -71.83 3.74
C GLU H 76 -9.95 -72.05 5.24
N ASN H 77 -8.92 -71.51 5.86
CA ASN H 77 -8.69 -71.67 7.29
C ASN H 77 -9.10 -70.44 8.09
N SER H 78 -9.76 -69.47 7.46
CA SER H 78 -10.26 -68.31 8.17
C SER H 78 -11.59 -68.64 8.83
N LEU H 79 -11.79 -68.13 10.03
CA LEU H 79 -12.99 -68.44 10.80
C LEU H 79 -14.16 -67.59 10.33
N THR H 80 -15.31 -68.23 10.16
CA THR H 80 -16.57 -67.53 10.03
C THR H 80 -17.14 -67.27 11.40
N MET H 81 -17.82 -66.14 11.57
CA MET H 81 -18.29 -65.75 12.89
C MET H 81 -19.27 -66.77 13.47
N ASP H 82 -19.92 -67.54 12.61
CA ASP H 82 -20.86 -68.56 13.05
C ASP H 82 -20.27 -69.97 13.01
N SER H 83 -18.97 -70.08 12.75
CA SER H 83 -18.34 -71.38 12.65
C SER H 83 -18.20 -72.04 14.01
N PRO H 84 -18.06 -73.36 14.06
CA PRO H 84 -17.85 -74.02 15.36
C PRO H 84 -16.58 -73.58 16.06
N HIS H 85 -15.54 -73.22 15.33
CA HIS H 85 -14.30 -72.80 15.98
C HIS H 85 -14.53 -71.62 16.90
N VAL H 86 -15.31 -70.62 16.45
CA VAL H 86 -15.61 -69.49 17.30
C VAL H 86 -16.38 -69.95 18.53
N GLN H 87 -17.31 -70.87 18.36
CA GLN H 87 -18.09 -71.36 19.50
C GLN H 87 -17.21 -72.04 20.52
N ARG H 88 -16.17 -72.74 20.07
CA ARG H 88 -15.23 -73.35 21.00
C ARG H 88 -14.51 -72.29 21.82
N LEU H 89 -14.13 -71.19 21.19
CA LEU H 89 -13.51 -70.09 21.93
C LEU H 89 -14.49 -69.49 22.93
N LEU H 90 -15.75 -69.31 22.52
CA LEU H 90 -16.75 -68.80 23.46
C LEU H 90 -16.99 -69.78 24.59
N ASP H 91 -17.09 -71.07 24.27
CA ASP H 91 -17.26 -72.07 25.32
C ASP H 91 -16.06 -72.13 26.24
N ALA H 92 -14.86 -72.01 25.68
CA ALA H 92 -13.65 -72.03 26.51
C ALA H 92 -13.66 -70.89 27.50
N ALA H 93 -14.04 -69.69 27.07
CA ALA H 93 -14.10 -68.55 27.97
C ALA H 93 -15.14 -68.78 29.07
N ARG H 94 -16.30 -69.34 28.71
CA ARG H 94 -17.33 -69.60 29.70
C ARG H 94 -16.85 -70.60 30.74
N ASP H 95 -16.28 -71.71 30.28
CA ASP H 95 -15.88 -72.77 31.21
C ASP H 95 -14.85 -72.27 32.21
N HIS H 96 -13.85 -71.54 31.74
CA HIS H 96 -12.77 -71.05 32.58
C HIS H 96 -13.05 -69.68 33.18
N ASN H 97 -14.18 -69.06 32.83
CA ASN H 97 -14.60 -67.80 33.44
C ASN H 97 -13.51 -66.73 33.30
N ILE H 98 -12.98 -66.59 32.09
CA ILE H 98 -11.91 -65.66 31.79
C ILE H 98 -12.26 -64.90 30.51
N ALA H 99 -12.08 -63.59 30.53
CA ALA H 99 -12.31 -62.79 29.33
C ALA H 99 -11.18 -63.01 28.34
N VAL H 100 -11.53 -63.17 27.07
CA VAL H 100 -10.60 -63.52 26.01
C VAL H 100 -10.66 -62.46 24.93
N VAL H 101 -9.49 -62.00 24.49
CA VAL H 101 -9.37 -61.08 23.38
C VAL H 101 -8.42 -61.75 22.38
N VAL H 102 -8.99 -62.50 21.43
CA VAL H 102 -8.23 -63.27 20.47
C VAL H 102 -8.44 -62.68 19.09
N GLY H 103 -7.34 -62.50 18.36
CA GLY H 103 -7.41 -61.98 17.01
C GLY H 103 -7.52 -63.13 16.01
N ILE H 104 -8.54 -63.04 15.14
CA ILE H 104 -8.78 -64.03 14.11
C ILE H 104 -8.75 -63.33 12.76
N SER H 105 -8.79 -64.12 11.69
CA SER H 105 -9.01 -63.59 10.35
C SER H 105 -10.43 -63.98 9.98
N GLU H 106 -11.37 -63.12 10.35
CA GLU H 106 -12.77 -63.39 10.04
C GLU H 106 -12.96 -63.52 8.54
N ARG H 107 -13.81 -64.46 8.15
CA ARG H 107 -14.19 -64.63 6.75
C ARG H 107 -15.66 -64.23 6.60
N ASP H 108 -15.93 -63.36 5.62
CA ASP H 108 -17.28 -62.90 5.33
C ASP H 108 -17.46 -63.01 3.82
N GLY H 109 -18.16 -64.04 3.38
CA GLY H 109 -18.23 -64.30 1.96
C GLY H 109 -16.85 -64.67 1.46
N GLY H 110 -16.38 -63.95 0.46
CA GLY H 110 -15.08 -64.16 -0.12
C GLY H 110 -13.99 -63.22 0.35
N SER H 111 -14.24 -62.44 1.39
CA SER H 111 -13.28 -61.47 1.88
C SER H 111 -12.91 -61.79 3.32
N LEU H 112 -11.70 -61.38 3.70
CA LEU H 112 -11.17 -61.60 5.03
C LEU H 112 -10.97 -60.26 5.72
N TYR H 113 -11.03 -60.28 7.05
CA TYR H 113 -10.79 -59.10 7.86
C TYR H 113 -9.95 -59.49 9.07
N MET H 114 -9.11 -58.57 9.50
CA MET H 114 -8.33 -58.76 10.73
C MET H 114 -9.23 -58.42 11.90
N THR H 115 -10.00 -59.40 12.34
CA THR H 115 -10.95 -59.22 13.43
C THR H 115 -10.28 -59.49 14.76
N GLN H 116 -10.78 -58.81 15.80
CA GLN H 116 -10.44 -59.13 17.18
C GLN H 116 -11.74 -59.49 17.90
N LEU H 117 -11.89 -60.76 18.26
CA LEU H 117 -13.01 -61.18 19.07
C LEU H 117 -12.76 -60.79 20.52
N ILE H 118 -13.78 -60.24 21.16
CA ILE H 118 -13.71 -59.89 22.58
C ILE H 118 -14.79 -60.71 23.28
N ILE H 119 -14.38 -61.63 24.13
CA ILE H 119 -15.27 -62.57 24.78
C ILE H 119 -15.20 -62.33 26.28
N ASP H 120 -16.36 -62.17 26.91
CA ASP H 120 -16.42 -61.96 28.34
C ASP H 120 -16.38 -63.29 29.09
N ALA H 121 -16.29 -63.19 30.41
CA ALA H 121 -16.24 -64.40 31.24
C ALA H 121 -17.51 -65.23 31.11
N ASP H 122 -18.61 -64.64 30.68
CA ASP H 122 -19.86 -65.37 30.49
C ASP H 122 -19.90 -66.12 29.17
N GLY H 123 -18.83 -66.08 28.39
CA GLY H 123 -18.83 -66.73 27.09
C GLY H 123 -19.76 -66.08 26.09
N GLN H 124 -19.88 -64.76 26.13
CA GLN H 124 -20.68 -64.00 25.20
C GLN H 124 -19.78 -63.14 24.33
N LEU H 125 -20.06 -63.09 23.04
CA LEU H 125 -19.24 -62.27 22.14
C LEU H 125 -19.53 -60.80 22.38
N VAL H 126 -18.72 -60.15 23.20
CA VAL H 126 -18.94 -58.75 23.51
C VAL H 126 -18.80 -57.90 22.25
N ALA H 127 -17.80 -58.19 21.43
CA ALA H 127 -17.55 -57.38 20.24
C ALA H 127 -16.81 -58.21 19.21
N ARG H 128 -16.91 -57.76 17.97
CA ARG H 128 -16.19 -58.35 16.83
C ARG H 128 -15.75 -57.17 15.97
N ARG H 129 -14.56 -56.64 16.26
CA ARG H 129 -14.07 -55.44 15.60
C ARG H 129 -13.06 -55.81 14.53
N ARG H 130 -13.19 -55.17 13.37
CA ARG H 130 -12.27 -55.36 12.26
C ARG H 130 -11.27 -54.21 12.20
N LYS H 131 -10.06 -54.53 11.77
CA LYS H 131 -9.03 -53.50 11.67
C LYS H 131 -9.49 -52.40 10.71
N LEU H 132 -9.30 -51.15 11.14
CA LEU H 132 -9.81 -50.04 10.36
C LEU H 132 -9.15 -49.97 8.99
N LYS H 133 -7.85 -50.21 8.93
CA LYS H 133 -7.14 -50.22 7.66
C LYS H 133 -5.87 -51.05 7.77
N PRO H 134 -5.71 -52.11 6.99
CA PRO H 134 -4.48 -52.90 7.05
C PRO H 134 -3.26 -52.10 6.63
N THR H 135 -2.10 -52.71 6.76
CA THR H 135 -0.82 -52.04 6.57
C THR H 135 -0.13 -52.55 5.32
N HIS H 136 0.14 -51.65 4.38
CA HIS H 136 0.96 -51.92 3.20
C HIS H 136 0.36 -53.13 2.46
N VAL H 137 1.15 -54.12 2.05
CA VAL H 137 0.64 -55.24 1.28
C VAL H 137 -0.42 -56.04 2.03
N GLU H 138 -0.52 -55.85 3.34
CA GLU H 138 -1.59 -56.46 4.10
C GLU H 138 -2.96 -56.09 3.55
N ARG H 139 -3.06 -54.95 2.87
CA ARG H 139 -4.32 -54.50 2.28
C ARG H 139 -4.76 -55.35 1.11
N SER H 140 -3.87 -56.16 0.54
CA SER H 140 -4.23 -57.06 -0.53
C SER H 140 -4.91 -58.33 -0.04
N VAL H 141 -4.84 -58.61 1.26
CA VAL H 141 -5.45 -59.79 1.84
C VAL H 141 -6.76 -59.46 2.55
N TYR H 142 -6.77 -58.37 3.33
CA TYR H 142 -7.87 -58.05 4.21
C TYR H 142 -8.61 -56.82 3.73
N GLY H 143 -9.88 -56.73 4.12
CA GLY H 143 -10.68 -55.55 3.91
C GLY H 143 -10.60 -54.63 5.10
N GLU H 144 -11.39 -53.56 5.04
CA GLU H 144 -11.36 -52.51 6.03
C GLU H 144 -12.63 -52.53 6.88
N GLY H 145 -12.53 -51.97 8.08
CA GLY H 145 -13.66 -51.85 8.97
C GLY H 145 -14.26 -50.45 8.96
N ASN H 146 -15.24 -50.25 9.82
CA ASN H 146 -15.98 -49.01 9.94
C ASN H 146 -15.50 -48.25 11.18
N GLY H 147 -16.17 -47.14 11.48
CA GLY H 147 -15.95 -46.48 12.74
C GLY H 147 -16.60 -47.19 13.91
N SER H 148 -17.52 -48.11 13.63
CA SER H 148 -18.07 -48.95 14.68
C SER H 148 -17.05 -49.93 15.21
N ASP H 149 -15.98 -50.19 14.47
CA ASP H 149 -14.91 -51.07 14.91
C ASP H 149 -13.95 -50.38 15.87
N ILE H 150 -14.05 -49.06 16.03
CA ILE H 150 -13.32 -48.32 17.04
C ILE H 150 -14.30 -48.12 18.20
N SER H 151 -14.11 -48.90 19.27
CA SER H 151 -15.02 -48.81 20.40
C SER H 151 -14.31 -49.28 21.65
N VAL H 152 -14.88 -48.91 22.79
CA VAL H 152 -14.40 -49.32 24.10
C VAL H 152 -15.56 -49.98 24.82
N TYR H 153 -15.31 -51.18 25.36
CA TYR H 153 -16.35 -52.02 25.92
C TYR H 153 -16.22 -52.07 27.42
N ASP H 154 -17.33 -51.84 28.13
CA ASP H 154 -17.34 -51.77 29.58
C ASP H 154 -17.42 -53.18 30.14
N MET H 155 -16.27 -53.83 30.18
CA MET H 155 -16.20 -55.17 30.75
C MET H 155 -16.38 -55.11 32.26
N PRO H 156 -16.73 -56.22 32.89
CA PRO H 156 -16.95 -56.20 34.35
C PRO H 156 -15.76 -55.70 35.13
N PHE H 157 -14.54 -55.96 34.66
CA PHE H 157 -13.34 -55.62 35.41
C PHE H 157 -12.81 -54.23 35.08
N ALA H 158 -12.92 -53.82 33.82
CA ALA H 158 -12.46 -52.48 33.42
C ALA H 158 -12.99 -52.20 32.02
N ARG H 159 -12.90 -50.94 31.63
CA ARG H 159 -13.23 -50.54 30.27
C ARG H 159 -12.12 -50.99 29.33
N LEU H 160 -12.45 -51.87 28.40
CA LEU H 160 -11.46 -52.55 27.58
C LEU H 160 -11.52 -52.05 26.15
N GLY H 161 -10.35 -51.76 25.60
CA GLY H 161 -10.21 -51.51 24.17
C GLY H 161 -9.17 -52.44 23.58
N ALA H 162 -9.17 -52.53 22.27
CA ALA H 162 -8.26 -53.44 21.58
C ALA H 162 -8.01 -52.96 20.16
N LEU H 163 -6.75 -52.88 19.77
CA LEU H 163 -6.36 -52.44 18.45
C LEU H 163 -5.33 -53.40 17.88
N ASN H 164 -5.27 -53.46 16.55
CA ASN H 164 -4.42 -54.40 15.84
C ASN H 164 -3.05 -53.79 15.56
N CYS H 165 -2.28 -54.45 14.70
CA CYS H 165 -0.85 -54.18 14.56
C CYS H 165 -0.48 -52.72 14.51
N TRP H 166 -0.87 -52.00 13.45
CA TRP H 166 -0.41 -50.63 13.29
C TRP H 166 -1.52 -49.60 13.43
N GLU H 167 -2.60 -49.91 14.14
CA GLU H 167 -3.52 -48.87 14.56
C GLU H 167 -2.98 -48.04 15.69
N HIS H 168 -1.82 -48.39 16.23
CA HIS H 168 -1.13 -47.59 17.23
C HIS H 168 -0.28 -46.50 16.62
N PHE H 169 -0.18 -46.45 15.30
CA PHE H 169 0.49 -45.35 14.61
C PHE H 169 -0.51 -44.33 14.10
N GLN H 170 -1.78 -44.45 14.49
CA GLN H 170 -2.85 -43.57 14.05
C GLN H 170 -3.20 -42.64 15.19
N THR H 171 -2.79 -41.38 15.09
CA THR H 171 -3.07 -40.43 16.15
C THR H 171 -4.55 -40.23 16.35
N LEU H 172 -5.33 -40.24 15.27
CA LEU H 172 -6.77 -40.03 15.38
C LEU H 172 -7.47 -41.25 15.98
N THR H 173 -7.06 -42.45 15.56
CA THR H 173 -7.63 -43.65 16.15
C THR H 173 -7.27 -43.75 17.63
N LYS H 174 -6.08 -43.30 18.01
CA LYS H 174 -5.73 -43.21 19.42
C LYS H 174 -6.70 -42.29 20.15
N TYR H 175 -6.87 -41.07 19.64
CA TYR H 175 -7.70 -40.09 20.35
C TYR H 175 -9.12 -40.58 20.49
N ALA H 176 -9.67 -41.19 19.44
CA ALA H 176 -11.00 -41.76 19.56
C ALA H 176 -11.07 -42.78 20.69
N MET H 177 -9.98 -43.52 20.91
CA MET H 177 -9.97 -44.52 21.98
C MET H 177 -9.80 -43.87 23.34
N TYR H 178 -8.99 -42.81 23.42
CA TYR H 178 -8.89 -42.07 24.68
C TYR H 178 -10.21 -41.40 25.03
N SER H 179 -10.90 -40.87 24.02
CA SER H 179 -12.16 -40.17 24.27
C SER H 179 -13.17 -41.05 24.98
N MET H 180 -13.11 -42.36 24.75
CA MET H 180 -14.04 -43.30 25.36
C MET H 180 -13.53 -43.85 26.68
N HIS H 181 -12.37 -43.38 27.15
CA HIS H 181 -11.87 -43.69 28.49
C HIS H 181 -11.56 -45.17 28.67
N GLU H 182 -10.74 -45.71 27.76
CA GLU H 182 -10.30 -47.09 27.92
C GLU H 182 -9.24 -47.16 29.01
N GLN H 183 -9.37 -48.16 29.86
CA GLN H 183 -8.45 -48.36 30.99
C GLN H 183 -7.47 -49.48 30.76
N VAL H 184 -7.90 -50.57 30.12
CA VAL H 184 -7.02 -51.67 29.72
C VAL H 184 -7.11 -51.80 28.22
N HIS H 185 -5.96 -51.83 27.56
CA HIS H 185 -5.87 -51.89 26.11
C HIS H 185 -5.11 -53.14 25.72
N VAL H 186 -5.66 -53.89 24.77
CA VAL H 186 -5.02 -55.09 24.24
C VAL H 186 -4.47 -54.76 22.87
N ALA H 187 -3.15 -54.80 22.74
CA ALA H 187 -2.46 -54.47 21.49
C ALA H 187 -1.96 -55.78 20.89
N SER H 188 -2.62 -56.23 19.83
CA SER H 188 -2.25 -57.47 19.16
C SER H 188 -1.27 -57.17 18.04
N TRP H 189 -0.17 -57.91 18.00
CA TRP H 189 0.87 -57.76 17.00
C TRP H 189 1.19 -59.10 16.38
N PRO H 190 1.71 -59.11 15.15
CA PRO H 190 2.31 -60.34 14.63
C PRO H 190 3.79 -60.41 14.97
N GLY H 191 4.47 -61.46 14.56
CA GLY H 191 5.91 -61.50 14.76
C GLY H 191 6.59 -60.43 13.95
N MET H 192 7.10 -59.40 14.64
CA MET H 192 7.67 -58.24 13.95
C MET H 192 9.16 -58.46 13.73
N SER H 193 9.45 -59.43 12.85
CA SER H 193 10.81 -59.74 12.45
C SER H 193 11.05 -59.51 10.96
N LEU H 194 10.07 -59.01 10.23
CA LEU H 194 10.21 -58.86 8.79
C LEU H 194 11.24 -57.80 8.44
N TYR H 195 12.06 -58.08 7.43
CA TYR H 195 12.97 -57.10 6.86
C TYR H 195 13.80 -56.44 7.96
N GLN H 196 14.25 -57.26 8.92
CA GLN H 196 14.70 -56.71 10.20
C GLN H 196 15.82 -55.71 10.05
N PRO H 197 16.90 -55.97 9.31
CA PRO H 197 17.97 -54.96 9.21
C PRO H 197 17.65 -53.84 8.24
N GLU H 198 16.98 -54.18 7.13
CA GLU H 198 16.76 -53.20 6.08
C GLU H 198 15.74 -52.14 6.51
N VAL H 199 14.62 -52.58 7.07
CA VAL H 199 13.55 -51.65 7.46
C VAL H 199 13.45 -51.65 8.98
N PRO H 200 14.13 -50.73 9.67
CA PRO H 200 14.04 -50.73 11.14
C PRO H 200 12.67 -50.40 11.67
N ALA H 201 11.80 -49.79 10.85
CA ALA H 201 10.45 -49.49 11.32
C ALA H 201 9.65 -50.73 11.63
N PHE H 202 10.07 -51.89 11.15
CA PHE H 202 9.39 -53.14 11.41
C PHE H 202 9.98 -53.91 12.60
N GLY H 203 11.04 -53.41 13.20
CA GLY H 203 11.66 -54.11 14.30
C GLY H 203 10.93 -53.92 15.60
N VAL H 204 11.08 -54.89 16.51
CA VAL H 204 10.36 -54.85 17.77
C VAL H 204 10.67 -53.58 18.54
N ASP H 205 11.82 -52.96 18.29
CA ASP H 205 12.13 -51.70 18.95
C ASP H 205 11.14 -50.62 18.54
N ALA H 206 10.83 -50.54 17.24
CA ALA H 206 9.88 -49.54 16.77
C ALA H 206 8.49 -49.82 17.31
N GLN H 207 8.09 -51.09 17.36
CA GLN H 207 6.74 -51.42 17.81
C GLN H 207 6.63 -51.36 19.32
N LEU H 208 7.74 -51.36 20.05
CA LEU H 208 7.66 -51.19 21.50
C LEU H 208 7.41 -49.74 21.88
N THR H 209 7.94 -48.80 21.09
CA THR H 209 7.62 -47.40 21.34
C THR H 209 6.15 -47.13 21.07
N ALA H 210 5.59 -47.75 20.03
CA ALA H 210 4.19 -47.55 19.71
C ALA H 210 3.30 -48.00 20.86
N THR H 211 3.60 -49.15 21.45
CA THR H 211 2.79 -49.65 22.55
C THR H 211 3.06 -48.86 23.84
N ARG H 212 4.33 -48.55 24.10
CA ARG H 212 4.64 -47.76 25.29
C ARG H 212 4.03 -46.38 25.20
N MET H 213 4.16 -45.72 24.04
CA MET H 213 3.58 -44.40 23.88
C MET H 213 2.07 -44.43 24.02
N TYR H 214 1.44 -45.52 23.59
CA TYR H 214 -0.01 -45.63 23.76
C TYR H 214 -0.40 -45.58 25.22
N ALA H 215 0.36 -46.28 26.07
CA ALA H 215 0.09 -46.23 27.51
C ALA H 215 0.35 -44.84 28.07
N LEU H 216 1.53 -44.27 27.77
CA LEU H 216 1.86 -42.96 28.29
C LEU H 216 0.91 -41.89 27.75
N GLU H 217 0.64 -41.93 26.46
CA GLU H 217 -0.21 -40.91 25.85
C GLU H 217 -1.63 -41.00 26.39
N GLY H 218 -2.17 -42.20 26.52
CA GLY H 218 -3.54 -42.40 26.94
C GLY H 218 -3.73 -42.74 28.40
N GLN H 219 -2.66 -42.90 29.16
CA GLN H 219 -2.73 -43.27 30.57
C GLN H 219 -3.64 -44.49 30.75
N THR H 220 -3.21 -45.59 30.13
CA THR H 220 -3.96 -46.84 30.18
C THR H 220 -2.98 -48.00 30.27
N PHE H 221 -3.43 -49.09 30.86
CA PHE H 221 -2.65 -50.31 30.84
C PHE H 221 -2.74 -50.95 29.46
N VAL H 222 -1.59 -51.32 28.91
CA VAL H 222 -1.51 -51.93 27.59
C VAL H 222 -1.08 -53.38 27.76
N VAL H 223 -1.89 -54.30 27.23
CA VAL H 223 -1.56 -55.72 27.23
C VAL H 223 -1.13 -56.10 25.82
N CYS H 224 0.18 -56.07 25.58
CA CYS H 224 0.73 -56.33 24.26
C CYS H 224 0.95 -57.82 24.09
N THR H 225 0.33 -58.39 23.07
CA THR H 225 0.48 -59.80 22.73
C THR H 225 1.00 -59.90 21.30
N THR H 226 1.86 -60.88 21.06
CA THR H 226 2.59 -60.94 19.80
C THR H 226 2.79 -62.39 19.38
N GLN H 227 2.95 -62.60 18.08
CA GLN H 227 3.33 -63.90 17.56
C GLN H 227 4.85 -64.01 17.49
N VAL H 228 5.33 -65.24 17.33
CA VAL H 228 6.76 -65.50 17.26
C VAL H 228 7.04 -66.24 15.97
N VAL H 229 8.05 -65.79 15.23
CA VAL H 229 8.52 -66.51 14.07
C VAL H 229 9.51 -67.58 14.53
N THR H 230 9.19 -68.83 14.24
CA THR H 230 9.86 -70.01 14.77
C THR H 230 10.32 -70.85 13.59
N PRO H 231 11.35 -71.69 13.78
CA PRO H 231 11.76 -72.57 12.67
C PRO H 231 10.60 -73.32 12.05
N GLU H 232 9.53 -73.57 12.81
CA GLU H 232 8.32 -74.11 12.20
C GLU H 232 7.77 -73.16 11.15
N ALA H 233 7.80 -71.86 11.43
CA ALA H 233 7.37 -70.87 10.44
C ALA H 233 8.26 -70.90 9.21
N HIS H 234 9.57 -71.04 9.42
CA HIS H 234 10.49 -71.08 8.28
C HIS H 234 10.18 -72.27 7.37
N GLU H 235 9.92 -73.43 7.96
CA GLU H 235 9.58 -74.60 7.15
C GLU H 235 8.27 -74.40 6.41
N PHE H 236 7.45 -73.43 6.82
CA PHE H 236 6.15 -73.23 6.20
C PHE H 236 6.23 -72.21 5.08
N PHE H 237 6.79 -71.04 5.34
CA PHE H 237 6.78 -69.94 4.38
C PHE H 237 8.03 -69.94 3.50
N CYS H 238 9.20 -70.00 4.10
CA CYS H 238 10.44 -69.84 3.37
C CYS H 238 10.69 -71.04 2.44
N GLU H 239 11.20 -70.75 1.25
CA GLU H 239 11.59 -71.76 0.29
C GLU H 239 13.07 -71.73 -0.05
N ASN H 240 13.81 -70.73 0.40
CA ASN H 240 15.24 -70.65 0.15
C ASN H 240 15.87 -69.72 1.19
N GLU H 241 17.17 -69.49 1.05
CA GLU H 241 17.89 -68.68 2.03
C GLU H 241 17.44 -67.22 1.99
N GLU H 242 17.16 -66.70 0.79
CA GLU H 242 16.76 -65.30 0.67
C GLU H 242 15.48 -65.03 1.44
N GLN H 243 14.49 -65.92 1.32
CA GLN H 243 13.22 -65.71 2.01
C GLN H 243 13.39 -65.85 3.52
N ARG H 244 14.29 -66.71 3.96
CA ARG H 244 14.51 -66.89 5.40
C ARG H 244 15.01 -65.61 6.03
N LYS H 245 15.89 -64.89 5.34
CA LYS H 245 16.36 -63.60 5.86
C LYS H 245 15.22 -62.60 5.93
N LEU H 246 14.33 -62.60 4.93
CA LEU H 246 13.23 -61.64 4.92
C LEU H 246 12.32 -61.85 6.12
N ILE H 247 11.84 -63.07 6.32
CA ILE H 247 10.88 -63.32 7.39
C ILE H 247 11.51 -63.12 8.76
N GLY H 248 12.83 -63.26 8.85
CA GLY H 248 13.52 -63.07 10.11
C GLY H 248 13.27 -64.20 11.09
N ARG H 249 13.59 -63.94 12.35
CA ARG H 249 13.47 -64.92 13.41
C ARG H 249 12.91 -64.25 14.66
N GLY H 250 12.12 -65.01 15.42
CA GLY H 250 11.56 -64.51 16.65
C GLY H 250 10.55 -63.40 16.42
N GLY H 251 10.84 -62.20 16.91
CA GLY H 251 9.97 -61.07 16.73
C GLY H 251 8.89 -60.92 17.78
N GLY H 252 8.85 -61.76 18.80
CA GLY H 252 7.83 -61.65 19.83
C GLY H 252 8.25 -60.65 20.89
N PHE H 253 7.35 -59.74 21.22
CA PHE H 253 7.60 -58.72 22.24
C PHE H 253 6.38 -58.52 23.11
N ALA H 254 5.73 -59.61 23.51
CA ALA H 254 4.58 -59.48 24.39
C ALA H 254 4.99 -58.80 25.69
N ARG H 255 4.14 -57.89 26.17
CA ARG H 255 4.45 -57.10 27.35
C ARG H 255 3.17 -56.64 28.00
N ILE H 256 3.28 -56.27 29.28
CA ILE H 256 2.23 -55.58 30.00
C ILE H 256 2.83 -54.27 30.49
N ILE H 257 2.21 -53.15 30.11
CA ILE H 257 2.75 -51.83 30.33
C ILE H 257 1.75 -51.03 31.15
N GLY H 258 2.23 -50.38 32.19
CA GLY H 258 1.38 -49.56 33.02
C GLY H 258 1.15 -48.20 32.41
N PRO H 259 0.26 -47.43 33.04
CA PRO H 259 -0.01 -46.07 32.53
C PRO H 259 1.20 -45.17 32.55
N ASP H 260 2.22 -45.49 33.35
CA ASP H 260 3.46 -44.73 33.36
C ASP H 260 4.46 -45.22 32.32
N GLY H 261 4.08 -46.22 31.52
CA GLY H 261 4.95 -46.75 30.50
C GLY H 261 5.93 -47.80 30.96
N ARG H 262 5.96 -48.10 32.26
CA ARG H 262 6.87 -49.10 32.80
C ARG H 262 6.25 -50.49 32.68
N ASP H 263 7.07 -51.46 32.28
CA ASP H 263 6.58 -52.82 32.12
C ASP H 263 6.27 -53.43 33.48
N LEU H 264 5.08 -54.02 33.59
CA LEU H 264 4.65 -54.66 34.83
C LEU H 264 4.98 -56.14 34.88
N ALA H 265 5.52 -56.71 33.80
CA ALA H 265 5.90 -58.10 33.76
C ALA H 265 7.25 -58.23 33.08
N THR H 266 8.05 -59.17 33.54
CA THR H 266 9.38 -59.37 32.95
C THR H 266 9.22 -59.92 31.54
N PRO H 267 9.72 -59.24 30.51
CA PRO H 267 9.49 -59.72 29.14
C PRO H 267 10.22 -61.02 28.86
N LEU H 268 9.66 -61.78 27.92
CA LEU H 268 10.28 -63.00 27.44
C LEU H 268 11.33 -62.66 26.38
N ALA H 269 11.97 -63.69 25.83
CA ALA H 269 12.91 -63.49 24.74
C ALA H 269 12.16 -63.37 23.42
N GLU H 270 12.80 -62.70 22.46
CA GLU H 270 12.16 -62.51 21.16
C GLU H 270 11.83 -63.84 20.51
N ASP H 271 12.64 -64.87 20.75
CA ASP H 271 12.37 -66.20 20.21
C ASP H 271 11.61 -67.08 21.17
N GLU H 272 11.57 -66.74 22.45
CA GLU H 272 10.89 -67.56 23.44
C GLU H 272 9.39 -67.56 23.17
N GLU H 273 8.66 -68.30 24.00
CA GLU H 273 7.24 -68.50 23.82
C GLU H 273 6.61 -68.81 25.16
N GLY H 274 5.42 -68.31 25.40
CA GLY H 274 4.72 -68.57 26.64
C GLY H 274 3.78 -67.43 26.96
N ILE H 275 3.44 -67.35 28.25
CA ILE H 275 2.52 -66.36 28.77
C ILE H 275 3.23 -65.59 29.87
N LEU H 276 2.86 -64.33 30.03
CA LEU H 276 3.36 -63.52 31.14
C LEU H 276 2.19 -62.80 31.79
N TYR H 277 2.30 -62.59 33.10
CA TYR H 277 1.18 -62.15 33.92
C TYR H 277 1.55 -60.85 34.64
N ALA H 278 0.52 -60.11 35.03
CA ALA H 278 0.72 -58.90 35.81
C ALA H 278 -0.56 -58.59 36.55
N ASP H 279 -0.43 -57.77 37.59
CA ASP H 279 -1.57 -57.34 38.39
C ASP H 279 -1.89 -55.88 38.05
N ILE H 280 -3.12 -55.63 37.62
CA ILE H 280 -3.55 -54.32 37.18
C ILE H 280 -4.32 -53.65 38.31
N ASP H 281 -3.84 -52.50 38.74
CA ASP H 281 -4.55 -51.66 39.72
C ASP H 281 -4.96 -50.39 39.01
N LEU H 282 -6.28 -50.19 38.86
CA LEU H 282 -6.78 -49.06 38.10
C LEU H 282 -6.49 -47.72 38.78
N SER H 283 -6.21 -47.71 40.08
CA SER H 283 -5.84 -46.46 40.73
C SER H 283 -4.51 -45.93 40.22
N ALA H 284 -3.71 -46.78 39.58
CA ALA H 284 -2.46 -46.30 38.99
C ALA H 284 -2.74 -45.38 37.81
N ILE H 285 -3.93 -45.47 37.21
CA ILE H 285 -4.27 -44.56 36.12
C ILE H 285 -4.48 -43.15 36.65
N THR H 286 -5.20 -43.01 37.77
CA THR H 286 -5.50 -41.68 38.28
C THR H 286 -4.23 -40.96 38.70
N LEU H 287 -3.14 -41.69 38.94
CA LEU H 287 -1.86 -41.04 39.18
C LEU H 287 -1.30 -40.43 37.91
N ALA H 288 -1.40 -41.17 36.80
CA ALA H 288 -0.91 -40.65 35.52
C ALA H 288 -1.80 -39.51 35.01
N LYS H 289 -3.10 -39.58 35.29
CA LYS H 289 -4.00 -38.53 34.84
C LYS H 289 -3.66 -37.18 35.46
N GLN H 290 -2.93 -37.16 36.58
CA GLN H 290 -2.50 -35.90 37.14
C GLN H 290 -1.58 -35.16 36.19
N ALA H 291 -0.64 -35.88 35.58
CA ALA H 291 0.34 -35.24 34.71
C ALA H 291 -0.21 -35.03 33.31
N ALA H 292 -0.70 -36.10 32.67
CA ALA H 292 -1.17 -36.06 31.29
C ALA H 292 -2.61 -36.52 31.22
N ASP H 293 -3.39 -35.91 30.33
CA ASP H 293 -4.75 -36.33 30.06
C ASP H 293 -5.20 -35.74 28.73
N PRO H 294 -4.98 -36.44 27.61
CA PRO H 294 -5.20 -35.80 26.31
C PRO H 294 -6.63 -35.34 26.08
N VAL H 295 -7.62 -36.08 26.58
CA VAL H 295 -9.02 -35.75 26.36
C VAL H 295 -9.60 -34.96 27.52
N GLY H 296 -8.79 -34.57 28.48
CA GLY H 296 -9.27 -33.87 29.66
C GLY H 296 -8.77 -32.43 29.72
N HIS H 297 -7.76 -32.19 30.53
CA HIS H 297 -7.26 -30.84 30.73
C HIS H 297 -6.14 -30.44 29.77
N TYR H 298 -5.61 -31.37 28.98
CA TYR H 298 -4.77 -31.04 27.83
C TYR H 298 -5.55 -30.92 26.54
N SER H 299 -6.86 -31.06 26.57
CA SER H 299 -7.65 -30.79 25.39
C SER H 299 -7.72 -29.29 25.18
N ARG H 300 -7.70 -28.87 23.91
CA ARG H 300 -7.94 -27.50 23.51
C ARG H 300 -9.02 -27.53 22.45
N PRO H 301 -10.24 -27.93 22.82
CA PRO H 301 -11.28 -28.13 21.81
C PRO H 301 -11.62 -26.87 21.05
N ASP H 302 -11.29 -25.69 21.59
CA ASP H 302 -11.36 -24.47 20.82
C ASP H 302 -10.36 -24.45 19.67
N VAL H 303 -9.27 -25.21 19.78
CA VAL H 303 -8.22 -25.24 18.78
C VAL H 303 -8.28 -26.51 17.95
N LEU H 304 -8.27 -27.66 18.61
CA LEU H 304 -8.24 -28.95 17.94
C LEU H 304 -9.31 -29.86 18.53
N SER H 305 -10.14 -30.42 17.66
CA SER H 305 -11.14 -31.39 18.07
C SER H 305 -11.18 -32.50 17.02
N LEU H 306 -11.94 -33.54 17.31
CA LEU H 306 -11.99 -34.74 16.49
C LEU H 306 -13.41 -34.94 15.98
N ASN H 307 -13.53 -35.23 14.69
CA ASN H 307 -14.78 -35.68 14.10
C ASN H 307 -14.74 -37.19 14.01
N PHE H 308 -15.62 -37.85 14.76
CA PHE H 308 -15.61 -39.31 14.88
C PHE H 308 -16.95 -39.84 14.38
N ASN H 309 -16.96 -40.42 13.19
CA ASN H 309 -18.17 -40.99 12.60
C ASN H 309 -18.21 -42.46 12.97
N GLN H 310 -19.03 -42.79 13.97
CA GLN H 310 -19.09 -44.14 14.51
C GLN H 310 -20.25 -44.96 13.95
N ARG H 311 -20.65 -44.67 12.71
CA ARG H 311 -21.77 -45.37 12.09
C ARG H 311 -21.27 -46.62 11.37
N ARG H 312 -22.13 -47.64 11.35
CA ARG H 312 -21.82 -48.95 10.78
C ARG H 312 -22.33 -48.98 9.35
N THR H 313 -21.43 -48.76 8.40
CA THR H 313 -21.78 -48.75 7.00
C THR H 313 -21.67 -50.15 6.41
N THR H 314 -22.65 -50.53 5.60
CA THR H 314 -22.70 -51.83 4.96
C THR H 314 -22.93 -51.67 3.47
N PRO H 315 -22.47 -52.63 2.66
CA PRO H 315 -22.67 -52.49 1.21
C PRO H 315 -24.13 -52.45 0.79
N VAL H 316 -25.00 -53.19 1.47
CA VAL H 316 -26.43 -53.20 1.20
C VAL H 316 -27.15 -52.78 2.46
N ASN H 317 -28.06 -51.81 2.33
CA ASN H 317 -28.76 -51.22 3.47
C ASN H 317 -30.23 -51.59 3.51
N THR H 318 -30.63 -52.66 2.83
CA THR H 318 -32.01 -53.10 2.87
C THR H 318 -32.96 -52.00 2.44
N VAL I 2 -27.73 -35.11 -21.53
CA VAL I 2 -28.80 -34.11 -21.83
C VAL I 2 -29.20 -34.19 -23.30
N GLU I 3 -28.31 -33.75 -24.19
CA GLU I 3 -28.55 -33.73 -25.62
C GLU I 3 -27.59 -34.66 -26.32
N TYR I 4 -28.13 -35.56 -27.15
CA TYR I 4 -27.32 -36.50 -27.91
C TYR I 4 -27.46 -36.17 -29.40
N THR I 5 -26.68 -35.18 -29.85
CA THR I 5 -26.65 -34.83 -31.26
C THR I 5 -25.27 -34.50 -31.79
N ASN I 6 -24.27 -34.26 -30.95
CA ASN I 6 -22.99 -33.77 -31.42
C ASN I 6 -22.21 -34.87 -32.13
N THR I 7 -21.21 -34.45 -32.89
CA THR I 7 -20.31 -35.35 -33.59
C THR I 7 -18.90 -34.80 -33.48
N PHE I 8 -17.95 -35.68 -33.19
CA PHE I 8 -16.56 -35.25 -32.99
C PHE I 8 -15.65 -36.45 -33.20
N LYS I 9 -14.35 -36.19 -33.11
CA LYS I 9 -13.33 -37.21 -33.32
C LYS I 9 -12.46 -37.32 -32.07
N VAL I 10 -12.22 -38.56 -31.64
CA VAL I 10 -11.51 -38.82 -30.40
C VAL I 10 -10.34 -39.76 -30.70
N ALA I 11 -9.34 -39.72 -29.83
CA ALA I 11 -8.13 -40.51 -29.98
C ALA I 11 -7.84 -41.29 -28.71
N ALA I 12 -7.45 -42.55 -28.87
CA ALA I 12 -7.04 -43.41 -27.76
C ALA I 12 -5.58 -43.77 -27.95
N VAL I 13 -4.76 -43.44 -26.96
CA VAL I 13 -3.32 -43.60 -27.04
C VAL I 13 -2.93 -44.93 -26.42
N GLN I 14 -2.21 -45.75 -27.17
CA GLN I 14 -1.61 -46.99 -26.67
C GLN I 14 -0.11 -46.76 -26.68
N ALA I 15 0.42 -46.23 -25.59
CA ALA I 15 1.80 -45.79 -25.54
C ALA I 15 2.49 -46.28 -24.29
N GLN I 16 3.70 -46.77 -24.45
CA GLN I 16 4.59 -47.05 -23.33
C GLN I 16 5.19 -45.74 -22.84
N PRO I 17 5.37 -45.56 -21.53
CA PRO I 17 6.00 -44.36 -21.02
C PRO I 17 7.51 -44.54 -20.87
N VAL I 18 8.18 -43.41 -20.64
CA VAL I 18 9.59 -43.43 -20.26
C VAL I 18 9.62 -43.79 -18.77
N TRP I 19 9.98 -45.04 -18.47
CA TRP I 19 9.67 -45.61 -17.17
C TRP I 19 10.29 -44.80 -16.04
N PHE I 20 9.44 -44.37 -15.11
CA PHE I 20 9.83 -43.61 -13.93
C PHE I 20 10.72 -42.43 -14.32
N ASP I 21 10.19 -41.58 -15.18
CA ASP I 21 10.84 -40.31 -15.50
C ASP I 21 9.78 -39.34 -15.97
N ALA I 22 9.40 -38.40 -15.10
CA ALA I 22 8.30 -37.51 -15.41
C ALA I 22 8.63 -36.60 -16.59
N ALA I 23 9.82 -36.00 -16.59
CA ALA I 23 10.14 -34.99 -17.58
C ALA I 23 10.09 -35.56 -19.00
N LYS I 24 10.68 -36.74 -19.19
CA LYS I 24 10.69 -37.33 -20.52
C LYS I 24 9.30 -37.81 -20.93
N THR I 25 8.55 -38.38 -19.99
CA THR I 25 7.22 -38.88 -20.34
C THR I 25 6.23 -37.74 -20.57
N VAL I 26 6.42 -36.61 -19.90
CA VAL I 26 5.62 -35.44 -20.22
C VAL I 26 5.92 -34.96 -21.62
N ASP I 27 7.19 -35.02 -22.03
CA ASP I 27 7.54 -34.73 -23.42
C ASP I 27 6.89 -35.71 -24.36
N LYS I 28 6.89 -37.00 -24.01
CA LYS I 28 6.23 -38.00 -24.83
C LYS I 28 4.73 -37.73 -24.91
N THR I 29 4.12 -37.34 -23.78
CA THR I 29 2.69 -37.06 -23.79
C THR I 29 2.37 -35.85 -24.66
N VAL I 30 3.18 -34.79 -24.57
CA VAL I 30 2.91 -33.60 -25.37
C VAL I 30 3.07 -33.91 -26.85
N SER I 31 4.03 -34.76 -27.20
CA SER I 31 4.17 -35.19 -28.59
C SER I 31 2.93 -35.95 -29.04
N ASN I 32 2.41 -36.84 -28.19
CA ASN I 32 1.19 -37.55 -28.52
C ASN I 32 0.00 -36.60 -28.63
N ILE I 33 -0.06 -35.60 -27.74
CA ILE I 33 -1.14 -34.62 -27.80
C ILE I 33 -1.10 -33.89 -29.13
N ALA I 34 0.09 -33.47 -29.57
CA ALA I 34 0.21 -32.77 -30.83
C ALA I 34 -0.21 -33.64 -32.01
N GLU I 35 0.20 -34.91 -32.00
CA GLU I 35 -0.15 -35.81 -33.10
C GLU I 35 -1.65 -35.97 -33.22
N ALA I 36 -2.34 -36.14 -32.10
CA ALA I 36 -3.79 -36.30 -32.14
C ALA I 36 -4.46 -35.02 -32.64
N ALA I 37 -3.98 -33.86 -32.21
CA ALA I 37 -4.59 -32.61 -32.63
C ALA I 37 -4.43 -32.40 -34.13
N ARG I 38 -3.33 -32.88 -34.73
CA ARG I 38 -3.16 -32.77 -36.16
C ARG I 38 -4.23 -33.54 -36.92
N ASN I 39 -4.78 -34.59 -36.30
CA ASN I 39 -5.83 -35.39 -36.91
C ASN I 39 -7.22 -34.84 -36.63
N GLY I 40 -7.32 -33.67 -35.99
CA GLY I 40 -8.60 -33.06 -35.74
C GLY I 40 -9.38 -33.65 -34.59
N CYS I 41 -8.72 -34.30 -33.65
CA CYS I 41 -9.40 -34.92 -32.53
C CYS I 41 -9.74 -33.88 -31.46
N GLU I 42 -10.97 -33.93 -30.97
CA GLU I 42 -11.38 -33.06 -29.89
C GLU I 42 -11.02 -33.62 -28.52
N LEU I 43 -10.55 -34.87 -28.45
CA LEU I 43 -10.21 -35.50 -27.18
C LEU I 43 -9.15 -36.55 -27.42
N VAL I 44 -8.06 -36.50 -26.66
CA VAL I 44 -7.02 -37.53 -26.68
C VAL I 44 -6.88 -38.06 -25.27
N ALA I 45 -6.92 -39.39 -25.13
CA ALA I 45 -6.85 -40.06 -23.84
C ALA I 45 -5.54 -40.83 -23.73
N PHE I 46 -5.01 -40.90 -22.52
CA PHE I 46 -3.73 -41.53 -22.26
C PHE I 46 -3.89 -42.60 -21.19
N PRO I 47 -2.95 -43.54 -21.12
CA PRO I 47 -3.13 -44.69 -20.21
C PRO I 47 -3.08 -44.34 -18.74
N GLU I 48 -3.18 -45.36 -17.90
CA GLU I 48 -3.20 -45.17 -16.46
C GLU I 48 -1.80 -44.90 -15.91
N VAL I 49 -1.74 -44.04 -14.90
CA VAL I 49 -0.49 -43.58 -14.30
C VAL I 49 0.58 -43.52 -15.38
N PHE I 50 0.25 -42.86 -16.48
CA PHE I 50 1.12 -42.86 -17.65
C PHE I 50 2.42 -42.11 -17.38
N ILE I 51 2.34 -40.95 -16.75
CA ILE I 51 3.46 -40.00 -16.73
C ILE I 51 4.69 -40.67 -16.14
N PRO I 52 4.73 -41.06 -14.87
CA PRO I 52 5.89 -41.81 -14.38
C PRO I 52 5.86 -43.25 -14.87
N GLY I 53 4.67 -43.72 -15.20
CA GLY I 53 4.48 -45.10 -15.61
C GLY I 53 3.93 -45.96 -14.48
N TYR I 54 3.28 -47.06 -14.87
CA TYR I 54 2.71 -47.95 -13.88
C TYR I 54 3.80 -48.64 -13.08
N PRO I 55 3.65 -48.77 -11.76
CA PRO I 55 4.68 -49.44 -10.94
C PRO I 55 4.60 -50.96 -10.99
N TYR I 56 5.16 -51.54 -12.04
CA TYR I 56 5.13 -52.99 -12.17
C TYR I 56 6.01 -53.67 -11.14
N HIS I 57 6.91 -52.94 -10.50
CA HIS I 57 7.84 -53.56 -9.56
C HIS I 57 7.12 -54.17 -8.36
N ILE I 58 5.88 -53.77 -8.10
CA ILE I 58 5.16 -54.32 -6.97
C ILE I 58 4.59 -55.69 -7.27
N TRP I 59 4.54 -56.08 -8.55
CA TRP I 59 4.00 -57.36 -8.95
C TRP I 59 5.06 -58.42 -9.21
N VAL I 60 6.30 -58.01 -9.47
CA VAL I 60 7.30 -58.95 -9.93
C VAL I 60 8.12 -59.55 -8.79
N ASP I 61 8.34 -58.80 -7.72
CA ASP I 61 9.19 -59.23 -6.63
C ASP I 61 8.50 -58.96 -5.30
N SER I 62 9.19 -59.28 -4.21
CA SER I 62 8.66 -59.03 -2.88
C SER I 62 8.62 -57.53 -2.60
N PRO I 63 7.82 -57.12 -1.62
CA PRO I 63 7.72 -55.67 -1.33
C PRO I 63 9.06 -55.05 -0.98
N LEU I 64 9.93 -55.76 -0.27
CA LEU I 64 11.23 -55.19 0.08
C LEU I 64 12.04 -54.89 -1.17
N ALA I 65 12.01 -55.79 -2.14
CA ALA I 65 12.74 -55.54 -3.38
C ALA I 65 12.24 -54.28 -4.06
N GLY I 66 10.91 -54.11 -4.13
CA GLY I 66 10.37 -52.90 -4.72
C GLY I 66 10.67 -51.67 -3.91
N MET I 67 10.50 -51.75 -2.59
CA MET I 67 10.74 -50.58 -1.75
C MET I 67 12.19 -50.12 -1.84
N ALA I 68 13.13 -51.07 -1.81
CA ALA I 68 14.54 -50.70 -1.80
C ALA I 68 15.02 -50.15 -3.14
N LYS I 69 14.45 -50.64 -4.24
CA LYS I 69 14.97 -50.32 -5.56
C LYS I 69 14.17 -49.29 -6.33
N PHE I 70 12.85 -49.25 -6.16
CA PHE I 70 11.99 -48.42 -6.99
C PHE I 70 11.16 -47.39 -6.24
N ALA I 71 10.86 -47.60 -4.96
CA ALA I 71 9.90 -46.75 -4.28
C ALA I 71 10.31 -45.28 -4.32
N VAL I 72 11.54 -44.99 -3.92
CA VAL I 72 11.97 -43.59 -3.88
C VAL I 72 12.00 -43.00 -5.27
N ARG I 73 12.48 -43.75 -6.27
CA ARG I 73 12.51 -43.23 -7.63
C ARG I 73 11.11 -42.96 -8.15
N TYR I 74 10.17 -43.87 -7.88
CA TYR I 74 8.79 -43.64 -8.31
C TYR I 74 8.18 -42.45 -7.59
N HIS I 75 8.43 -42.34 -6.28
CA HIS I 75 7.87 -41.24 -5.51
C HIS I 75 8.37 -39.90 -6.01
N GLU I 76 9.67 -39.81 -6.30
CA GLU I 76 10.25 -38.54 -6.74
C GLU I 76 9.84 -38.18 -8.15
N ASN I 77 9.40 -39.15 -8.96
CA ASN I 77 8.95 -38.89 -10.32
C ASN I 77 7.45 -38.71 -10.41
N SER I 78 6.73 -38.68 -9.29
CA SER I 78 5.30 -38.44 -9.29
C SER I 78 5.04 -36.95 -9.29
N LEU I 79 3.98 -36.55 -9.99
CA LEU I 79 3.68 -35.14 -10.19
C LEU I 79 2.82 -34.59 -9.06
N THR I 80 3.18 -33.41 -8.58
CA THR I 80 2.29 -32.63 -7.74
C THR I 80 1.46 -31.70 -8.63
N MET I 81 0.24 -31.41 -8.19
CA MET I 81 -0.68 -30.67 -9.05
C MET I 81 -0.17 -29.28 -9.38
N ASP I 82 0.75 -28.73 -8.59
CA ASP I 82 1.35 -27.43 -8.87
C ASP I 82 2.71 -27.55 -9.57
N SER I 83 3.09 -28.76 -9.97
CA SER I 83 4.39 -28.97 -10.58
C SER I 83 4.44 -28.35 -11.97
N PRO I 84 5.64 -28.00 -12.45
CA PRO I 84 5.74 -27.51 -13.84
C PRO I 84 5.28 -28.53 -14.87
N HIS I 85 5.46 -29.82 -14.59
CA HIS I 85 5.04 -30.85 -15.53
C HIS I 85 3.53 -30.77 -15.80
N VAL I 86 2.74 -30.57 -14.75
CA VAL I 86 1.30 -30.44 -14.94
C VAL I 86 0.99 -29.21 -15.78
N GLN I 87 1.70 -28.11 -15.52
CA GLN I 87 1.48 -26.90 -16.31
C GLN I 87 1.82 -27.14 -17.78
N ARG I 88 2.85 -27.95 -18.05
CA ARG I 88 3.19 -28.28 -19.42
C ARG I 88 2.04 -28.97 -20.12
N LEU I 89 1.39 -29.92 -19.45
CA LEU I 89 0.24 -30.59 -20.04
C LEU I 89 -0.89 -29.61 -20.30
N LEU I 90 -1.15 -28.71 -19.36
CA LEU I 90 -2.20 -27.71 -19.57
C LEU I 90 -1.86 -26.80 -20.75
N ASP I 91 -0.61 -26.37 -20.84
CA ASP I 91 -0.21 -25.54 -21.98
C ASP I 91 -0.39 -26.29 -23.29
N ALA I 92 0.01 -27.56 -23.33
CA ALA I 92 -0.13 -28.34 -24.55
C ALA I 92 -1.59 -28.46 -24.96
N ALA I 93 -2.48 -28.71 -24.00
CA ALA I 93 -3.89 -28.80 -24.31
C ALA I 93 -4.42 -27.46 -24.82
N ARG I 94 -3.95 -26.36 -24.24
CA ARG I 94 -4.37 -25.05 -24.70
C ARG I 94 -3.88 -24.77 -26.12
N ASP I 95 -2.59 -24.97 -26.36
CA ASP I 95 -2.01 -24.62 -27.65
C ASP I 95 -2.64 -25.44 -28.78
N HIS I 96 -2.80 -26.73 -28.57
CA HIS I 96 -3.33 -27.62 -29.60
C HIS I 96 -4.86 -27.66 -29.58
N ASN I 97 -5.51 -26.97 -28.65
CA ASN I 97 -6.97 -26.87 -28.64
C ASN I 97 -7.61 -28.25 -28.61
N ILE I 98 -7.06 -29.15 -27.80
CA ILE I 98 -7.55 -30.52 -27.69
C ILE I 98 -7.75 -30.83 -26.22
N ALA I 99 -8.89 -31.44 -25.89
CA ALA I 99 -9.14 -31.88 -24.52
C ALA I 99 -8.34 -33.13 -24.22
N VAL I 100 -7.67 -33.16 -23.08
CA VAL I 100 -6.76 -34.23 -22.71
C VAL I 100 -7.27 -34.90 -21.45
N VAL I 101 -7.18 -36.22 -21.40
CA VAL I 101 -7.49 -37.00 -20.20
C VAL I 101 -6.27 -37.88 -19.96
N VAL I 102 -5.34 -37.41 -19.14
CA VAL I 102 -4.07 -38.07 -18.90
C VAL I 102 -4.05 -38.60 -17.48
N GLY I 103 -3.71 -39.87 -17.32
CA GLY I 103 -3.60 -40.47 -16.01
C GLY I 103 -2.20 -40.33 -15.43
N ILE I 104 -2.06 -39.47 -14.44
CA ILE I 104 -0.78 -39.25 -13.78
C ILE I 104 -0.79 -39.96 -12.43
N SER I 105 0.40 -40.04 -11.83
CA SER I 105 0.54 -40.53 -10.46
C SER I 105 0.69 -39.30 -9.57
N GLU I 106 -0.43 -38.75 -9.15
CA GLU I 106 -0.41 -37.54 -8.35
C GLU I 106 0.27 -37.78 -7.02
N ARG I 107 1.01 -36.79 -6.55
CA ARG I 107 1.65 -36.83 -5.24
C ARG I 107 1.07 -35.72 -4.39
N ASP I 108 0.54 -36.06 -3.23
CA ASP I 108 0.05 -35.10 -2.25
C ASP I 108 0.81 -35.33 -0.96
N GLY I 109 1.61 -34.36 -0.56
CA GLY I 109 2.49 -34.59 0.57
C GLY I 109 3.44 -35.73 0.23
N GLY I 110 3.43 -36.76 1.07
CA GLY I 110 4.27 -37.91 0.82
C GLY I 110 3.47 -39.14 0.43
N SER I 111 2.27 -38.93 -0.10
CA SER I 111 1.39 -40.00 -0.53
C SER I 111 1.16 -39.90 -2.02
N LEU I 112 0.88 -41.04 -2.64
CA LEU I 112 0.64 -41.14 -4.07
C LEU I 112 -0.81 -41.54 -4.33
N TYR I 113 -1.38 -41.01 -5.40
CA TYR I 113 -2.75 -41.30 -5.78
C TYR I 113 -2.82 -41.58 -7.27
N MET I 114 -3.72 -42.49 -7.65
CA MET I 114 -3.89 -42.89 -9.04
C MET I 114 -4.83 -41.91 -9.71
N THR I 115 -4.31 -40.71 -9.97
CA THR I 115 -5.11 -39.59 -10.43
C THR I 115 -5.29 -39.63 -11.94
N GLN I 116 -6.38 -39.02 -12.41
CA GLN I 116 -6.60 -38.74 -13.82
C GLN I 116 -6.85 -37.26 -13.99
N LEU I 117 -6.03 -36.60 -14.80
CA LEU I 117 -6.20 -35.19 -15.11
C LEU I 117 -7.11 -35.06 -16.33
N ILE I 118 -8.17 -34.27 -16.18
CA ILE I 118 -9.09 -33.99 -17.26
C ILE I 118 -8.91 -32.53 -17.63
N ILE I 119 -8.38 -32.28 -18.82
CA ILE I 119 -8.00 -30.96 -19.28
C ILE I 119 -8.81 -30.65 -20.52
N ASP I 120 -9.47 -29.50 -20.54
CA ASP I 120 -10.27 -29.11 -21.68
C ASP I 120 -9.42 -28.39 -22.72
N ALA I 121 -10.04 -28.12 -23.87
CA ALA I 121 -9.33 -27.49 -24.97
C ALA I 121 -8.84 -26.09 -24.61
N ASP I 122 -9.43 -25.46 -23.60
CA ASP I 122 -9.04 -24.11 -23.21
C ASP I 122 -7.82 -24.10 -22.29
N GLY I 123 -7.29 -25.26 -21.93
CA GLY I 123 -6.13 -25.32 -21.07
C GLY I 123 -6.41 -25.28 -19.59
N GLN I 124 -7.67 -25.39 -19.19
CA GLN I 124 -8.04 -25.40 -17.78
C GLN I 124 -8.13 -26.82 -17.27
N LEU I 125 -7.76 -27.00 -16.00
CA LEU I 125 -7.87 -28.29 -15.34
C LEU I 125 -9.32 -28.48 -14.91
N VAL I 126 -10.10 -29.16 -15.76
CA VAL I 126 -11.51 -29.37 -15.46
C VAL I 126 -11.67 -30.22 -14.21
N ALA I 127 -10.88 -31.28 -14.09
CA ALA I 127 -11.05 -32.21 -12.98
C ALA I 127 -9.74 -32.89 -12.67
N ARG I 128 -9.59 -33.31 -11.42
CA ARG I 128 -8.45 -34.12 -10.97
C ARG I 128 -9.03 -35.20 -10.06
N ARG I 129 -9.43 -36.32 -10.66
CA ARG I 129 -10.08 -37.40 -9.94
C ARG I 129 -9.05 -38.44 -9.53
N ARG I 130 -9.21 -38.98 -8.33
CA ARG I 130 -8.35 -40.04 -7.81
C ARG I 130 -9.11 -41.36 -7.84
N LYS I 131 -8.37 -42.44 -8.09
CA LYS I 131 -9.00 -43.75 -8.11
C LYS I 131 -9.63 -44.04 -6.75
N LEU I 132 -10.87 -44.53 -6.78
CA LEU I 132 -11.60 -44.72 -5.54
C LEU I 132 -10.94 -45.76 -4.66
N LYS I 133 -10.42 -46.82 -5.25
CA LYS I 133 -9.75 -47.87 -4.49
C LYS I 133 -8.77 -48.62 -5.38
N PRO I 134 -7.47 -48.57 -5.09
CA PRO I 134 -6.50 -49.31 -5.90
C PRO I 134 -6.78 -50.81 -5.87
N THR I 135 -6.02 -51.53 -6.69
CA THR I 135 -6.22 -52.97 -6.89
C THR I 135 -5.11 -53.77 -6.24
N HIS I 136 -5.50 -54.73 -5.40
CA HIS I 136 -4.58 -55.71 -4.81
C HIS I 136 -3.37 -54.96 -4.27
N VAL I 137 -2.15 -55.31 -4.68
CA VAL I 137 -0.95 -54.71 -4.09
C VAL I 137 -0.78 -53.24 -4.45
N GLU I 138 -1.59 -52.71 -5.38
CA GLU I 138 -1.54 -51.29 -5.63
C GLU I 138 -1.90 -50.49 -4.39
N ARG I 139 -2.64 -51.08 -3.47
CA ARG I 139 -3.03 -50.38 -2.25
C ARG I 139 -1.82 -50.09 -1.37
N SER I 140 -0.75 -50.88 -1.50
CA SER I 140 0.48 -50.57 -0.81
C SER I 140 1.13 -49.31 -1.36
N VAL I 141 0.89 -48.98 -2.62
CA VAL I 141 1.54 -47.85 -3.28
C VAL I 141 0.68 -46.61 -3.22
N TYR I 142 -0.62 -46.73 -3.49
CA TYR I 142 -1.50 -45.60 -3.71
C TYR I 142 -2.55 -45.50 -2.61
N GLY I 143 -3.05 -44.29 -2.41
CA GLY I 143 -4.16 -44.06 -1.52
C GLY I 143 -5.49 -44.12 -2.25
N GLU I 144 -6.55 -43.91 -1.48
CA GLU I 144 -7.91 -43.97 -1.99
C GLU I 144 -8.45 -42.56 -2.21
N GLY I 145 -9.39 -42.46 -3.14
CA GLY I 145 -10.17 -41.24 -3.32
C GLY I 145 -11.46 -41.30 -2.53
N ASN I 146 -12.33 -40.34 -2.81
CA ASN I 146 -13.63 -40.29 -2.16
C ASN I 146 -14.74 -40.11 -3.19
N GLY I 147 -15.98 -39.91 -2.72
CA GLY I 147 -17.09 -39.82 -3.64
C GLY I 147 -17.00 -38.65 -4.60
N SER I 148 -16.29 -37.60 -4.21
CA SER I 148 -16.13 -36.46 -5.10
C SER I 148 -15.34 -36.82 -6.35
N ASP I 149 -14.61 -37.95 -6.32
CA ASP I 149 -13.84 -38.39 -7.47
C ASP I 149 -14.67 -39.19 -8.47
N ILE I 150 -15.88 -39.60 -8.10
CA ILE I 150 -16.82 -40.21 -9.03
C ILE I 150 -17.69 -39.07 -9.57
N SER I 151 -17.41 -38.61 -10.78
CA SER I 151 -18.15 -37.49 -11.34
C SER I 151 -18.09 -37.56 -12.86
N VAL I 152 -19.04 -36.86 -13.48
CA VAL I 152 -19.13 -36.72 -14.92
C VAL I 152 -19.08 -35.24 -15.25
N TYR I 153 -18.22 -34.87 -16.19
CA TYR I 153 -17.92 -33.48 -16.49
C TYR I 153 -18.48 -33.13 -17.86
N ASP I 154 -19.19 -32.01 -17.92
CA ASP I 154 -19.86 -31.58 -19.14
C ASP I 154 -18.87 -30.80 -20.00
N MET I 155 -18.12 -31.53 -20.81
CA MET I 155 -17.18 -30.91 -21.72
C MET I 155 -17.94 -30.26 -22.88
N PRO I 156 -17.30 -29.34 -23.61
CA PRO I 156 -17.99 -28.71 -24.74
C PRO I 156 -18.50 -29.70 -25.76
N PHE I 157 -17.78 -30.79 -25.99
CA PHE I 157 -18.15 -31.75 -27.03
C PHE I 157 -19.13 -32.82 -26.54
N ALA I 158 -19.01 -33.26 -25.30
CA ALA I 158 -19.89 -34.28 -24.76
C ALA I 158 -19.77 -34.28 -23.24
N ARG I 159 -20.64 -35.05 -22.60
CA ARG I 159 -20.58 -35.25 -21.15
C ARG I 159 -19.58 -36.36 -20.88
N LEU I 160 -18.41 -36.00 -20.37
CA LEU I 160 -17.28 -36.90 -20.28
C LEU I 160 -17.12 -37.43 -18.87
N GLY I 161 -16.91 -38.74 -18.75
CA GLY I 161 -16.49 -39.34 -17.50
C GLY I 161 -15.24 -40.16 -17.73
N ALA I 162 -14.57 -40.48 -16.62
CA ALA I 162 -13.31 -41.20 -16.71
C ALA I 162 -13.13 -42.06 -15.47
N LEU I 163 -12.73 -43.31 -15.68
CA LEU I 163 -12.43 -44.24 -14.61
C LEU I 163 -11.13 -44.95 -14.94
N ASN I 164 -10.52 -45.56 -13.93
CA ASN I 164 -9.23 -46.20 -14.07
C ASN I 164 -9.39 -47.71 -14.18
N CYS I 165 -8.25 -48.40 -14.24
CA CYS I 165 -8.23 -49.85 -14.30
C CYS I 165 -9.01 -50.46 -13.15
N TRP I 166 -9.86 -51.43 -13.49
CA TRP I 166 -10.58 -52.25 -12.51
C TRP I 166 -11.50 -51.41 -11.63
N GLU I 167 -11.72 -50.16 -12.01
CA GLU I 167 -12.89 -49.43 -11.56
C GLU I 167 -14.12 -49.78 -12.37
N HIS I 168 -13.95 -50.54 -13.45
CA HIS I 168 -15.07 -51.04 -14.23
C HIS I 168 -15.59 -52.37 -13.70
N PHE I 169 -14.83 -53.03 -12.83
CA PHE I 169 -15.32 -54.20 -12.14
C PHE I 169 -16.12 -53.84 -10.90
N GLN I 170 -16.20 -52.56 -10.57
CA GLN I 170 -16.94 -52.10 -9.41
C GLN I 170 -18.34 -51.70 -9.85
N THR I 171 -19.34 -52.50 -9.46
CA THR I 171 -20.67 -52.35 -10.02
C THR I 171 -21.31 -51.02 -9.59
N LEU I 172 -21.15 -50.63 -8.33
CA LEU I 172 -21.83 -49.44 -7.85
C LEU I 172 -21.19 -48.16 -8.38
N THR I 173 -19.85 -48.11 -8.41
CA THR I 173 -19.19 -46.99 -9.06
C THR I 173 -19.61 -46.88 -10.51
N LYS I 174 -19.81 -48.02 -11.15
CA LYS I 174 -20.21 -48.05 -12.55
C LYS I 174 -21.61 -47.48 -12.72
N TYR I 175 -22.55 -47.87 -11.84
CA TYR I 175 -23.90 -47.35 -11.91
C TYR I 175 -23.95 -45.85 -11.62
N ALA I 176 -23.18 -45.40 -10.63
CA ALA I 176 -23.21 -43.99 -10.27
C ALA I 176 -22.84 -43.12 -11.47
N MET I 177 -21.92 -43.59 -12.31
CA MET I 177 -21.57 -42.84 -13.51
C MET I 177 -22.73 -42.79 -14.49
N TYR I 178 -23.45 -43.91 -14.64
CA TYR I 178 -24.62 -43.92 -15.51
C TYR I 178 -25.67 -42.93 -15.02
N SER I 179 -25.89 -42.88 -13.71
CA SER I 179 -26.87 -41.96 -13.16
C SER I 179 -26.56 -40.51 -13.50
N MET I 180 -25.32 -40.21 -13.82
CA MET I 180 -24.91 -38.86 -14.20
C MET I 180 -24.91 -38.65 -15.71
N HIS I 181 -25.37 -39.64 -16.47
CA HIS I 181 -25.54 -39.51 -17.92
C HIS I 181 -24.21 -39.27 -18.62
N GLU I 182 -23.34 -40.26 -18.52
CA GLU I 182 -22.13 -40.29 -19.34
C GLU I 182 -22.49 -40.42 -20.81
N GLN I 183 -21.66 -39.83 -21.65
CA GLN I 183 -21.74 -40.05 -23.09
C GLN I 183 -20.42 -40.57 -23.66
N VAL I 184 -19.29 -40.03 -23.20
CA VAL I 184 -17.97 -40.49 -23.59
C VAL I 184 -17.23 -40.90 -22.34
N HIS I 185 -16.72 -42.12 -22.32
CA HIS I 185 -15.99 -42.66 -21.19
C HIS I 185 -14.55 -42.92 -21.59
N VAL I 186 -13.62 -42.47 -20.75
CA VAL I 186 -12.20 -42.73 -20.94
C VAL I 186 -11.77 -43.75 -19.90
N ALA I 187 -11.35 -44.92 -20.37
CA ALA I 187 -10.99 -46.04 -19.50
C ALA I 187 -9.49 -46.24 -19.58
N SER I 188 -8.75 -45.68 -18.63
CA SER I 188 -7.31 -45.82 -18.61
C SER I 188 -6.92 -47.16 -17.98
N TRP I 189 -6.01 -47.87 -18.62
CA TRP I 189 -5.52 -49.16 -18.16
C TRP I 189 -4.00 -49.17 -18.20
N PRO I 190 -3.36 -50.02 -17.41
CA PRO I 190 -1.94 -50.26 -17.60
C PRO I 190 -1.70 -51.38 -18.60
N GLY I 191 -0.45 -51.71 -18.88
CA GLY I 191 -0.18 -52.86 -19.72
C GLY I 191 -0.59 -54.12 -18.99
N MET I 192 -1.69 -54.74 -19.43
CA MET I 192 -2.29 -55.85 -18.70
C MET I 192 -1.72 -57.16 -19.25
N SER I 193 -0.52 -57.46 -18.81
CA SER I 193 0.18 -58.68 -19.19
C SER I 193 0.68 -59.47 -17.98
N LEU I 194 0.27 -59.08 -16.77
CA LEU I 194 0.75 -59.74 -15.57
C LEU I 194 0.23 -61.17 -15.50
N TYR I 195 1.13 -62.09 -15.10
CA TYR I 195 0.73 -63.43 -14.71
C TYR I 195 -0.15 -64.09 -15.76
N GLN I 196 0.19 -63.86 -17.03
CA GLN I 196 -0.66 -64.37 -18.10
C GLN I 196 -0.86 -65.88 -18.04
N PRO I 197 0.16 -66.71 -17.84
CA PRO I 197 -0.08 -68.15 -17.78
C PRO I 197 -1.04 -68.56 -16.68
N GLU I 198 -0.99 -67.91 -15.52
CA GLU I 198 -1.61 -68.42 -14.31
C GLU I 198 -2.85 -67.66 -13.85
N VAL I 199 -2.97 -66.38 -14.17
CA VAL I 199 -4.11 -65.58 -13.70
C VAL I 199 -4.81 -64.98 -14.91
N PRO I 200 -5.79 -65.68 -15.50
CA PRO I 200 -6.48 -65.10 -16.67
C PRO I 200 -7.27 -63.84 -16.36
N ALA I 201 -7.63 -63.60 -15.09
CA ALA I 201 -8.36 -62.40 -14.76
C ALA I 201 -7.56 -61.14 -15.05
N PHE I 202 -6.23 -61.23 -15.09
CA PHE I 202 -5.39 -60.11 -15.43
C PHE I 202 -5.09 -60.01 -16.92
N GLY I 203 -5.57 -60.96 -17.72
CA GLY I 203 -5.27 -60.94 -19.14
C GLY I 203 -6.07 -59.89 -19.88
N VAL I 204 -5.56 -59.50 -21.05
CA VAL I 204 -6.21 -58.46 -21.83
C VAL I 204 -7.61 -58.88 -22.25
N ASP I 205 -7.85 -60.19 -22.37
CA ASP I 205 -9.17 -60.66 -22.76
C ASP I 205 -10.22 -60.26 -21.73
N ALA I 206 -9.91 -60.43 -20.45
CA ALA I 206 -10.85 -60.05 -19.40
C ALA I 206 -11.09 -58.54 -19.39
N GLN I 207 -10.03 -57.76 -19.58
CA GLN I 207 -10.16 -56.31 -19.52
C GLN I 207 -10.99 -55.78 -20.68
N LEU I 208 -11.01 -56.51 -21.80
CA LEU I 208 -11.80 -56.07 -22.94
C LEU I 208 -13.28 -56.30 -22.70
N THR I 209 -13.63 -57.39 -22.03
CA THR I 209 -15.03 -57.60 -21.67
C THR I 209 -15.51 -56.55 -20.69
N ALA I 210 -14.63 -56.15 -19.77
CA ALA I 210 -14.99 -55.12 -18.80
C ALA I 210 -15.32 -53.80 -19.49
N THR I 211 -14.48 -53.40 -20.44
CA THR I 211 -14.71 -52.14 -21.15
C THR I 211 -15.88 -52.25 -22.11
N ARG I 212 -16.00 -53.39 -22.81
CA ARG I 212 -17.14 -53.57 -23.70
C ARG I 212 -18.45 -53.54 -22.93
N MET I 213 -18.49 -54.21 -21.78
CA MET I 213 -19.72 -54.25 -20.99
C MET I 213 -20.08 -52.85 -20.49
N TYR I 214 -19.07 -52.02 -20.22
CA TYR I 214 -19.33 -50.65 -19.80
C TYR I 214 -20.06 -49.88 -20.89
N ALA I 215 -19.62 -50.02 -22.15
CA ALA I 215 -20.29 -49.36 -23.25
C ALA I 215 -21.70 -49.92 -23.44
N LEU I 216 -21.80 -51.25 -23.45
CA LEU I 216 -23.10 -51.88 -23.64
C LEU I 216 -24.06 -51.51 -22.52
N GLU I 217 -23.59 -51.57 -21.28
CA GLU I 217 -24.47 -51.45 -20.12
C GLU I 217 -24.80 -50.02 -19.80
N GLY I 218 -23.93 -49.07 -20.12
CA GLY I 218 -24.20 -47.67 -19.89
C GLY I 218 -24.59 -46.90 -21.13
N GLN I 219 -24.49 -47.55 -22.29
CA GLN I 219 -24.75 -46.91 -23.58
C GLN I 219 -23.91 -45.65 -23.73
N THR I 220 -22.59 -45.86 -23.71
CA THR I 220 -21.63 -44.78 -23.81
C THR I 220 -20.53 -45.18 -24.79
N PHE I 221 -19.80 -44.18 -25.27
CA PHE I 221 -18.59 -44.41 -26.03
C PHE I 221 -17.42 -44.55 -25.06
N VAL I 222 -16.68 -45.65 -25.19
CA VAL I 222 -15.57 -45.95 -24.29
C VAL I 222 -14.28 -45.76 -25.07
N VAL I 223 -13.49 -44.78 -24.66
CA VAL I 223 -12.17 -44.52 -25.23
C VAL I 223 -11.18 -45.24 -24.32
N CYS I 224 -10.93 -46.51 -24.62
CA CYS I 224 -10.01 -47.30 -23.81
C CYS I 224 -8.58 -47.04 -24.24
N THR I 225 -7.73 -46.71 -23.28
CA THR I 225 -6.31 -46.47 -23.53
C THR I 225 -5.50 -47.35 -22.60
N THR I 226 -4.30 -47.73 -23.05
CA THR I 226 -3.51 -48.71 -22.32
C THR I 226 -2.04 -48.42 -22.53
N GLN I 227 -1.24 -48.87 -21.57
CA GLN I 227 0.21 -48.90 -21.73
C GLN I 227 0.61 -50.19 -22.43
N VAL I 228 1.91 -50.37 -22.64
CA VAL I 228 2.43 -51.58 -23.26
C VAL I 228 3.69 -51.99 -22.50
N VAL I 229 3.82 -53.28 -22.23
CA VAL I 229 5.01 -53.83 -21.59
C VAL I 229 5.98 -54.28 -22.67
N THR I 230 6.89 -53.39 -23.05
CA THR I 230 7.82 -53.64 -24.13
C THR I 230 9.17 -54.11 -23.58
N PRO I 231 10.13 -54.46 -24.43
CA PRO I 231 11.44 -54.87 -23.91
C PRO I 231 12.12 -53.80 -23.06
N GLU I 232 11.88 -52.52 -23.34
CA GLU I 232 12.42 -51.48 -22.47
C GLU I 232 11.90 -51.65 -21.05
N ALA I 233 10.65 -52.05 -20.90
CA ALA I 233 10.10 -52.33 -19.57
C ALA I 233 10.82 -53.53 -18.94
N HIS I 234 11.11 -54.56 -19.73
CA HIS I 234 11.76 -55.74 -19.18
C HIS I 234 13.12 -55.40 -18.59
N GLU I 235 13.90 -54.57 -19.27
CA GLU I 235 15.19 -54.17 -18.73
C GLU I 235 15.04 -53.32 -17.47
N PHE I 236 13.95 -52.57 -17.36
CA PHE I 236 13.77 -51.68 -16.22
C PHE I 236 13.38 -52.44 -14.96
N PHE I 237 12.37 -53.30 -15.06
CA PHE I 237 11.82 -53.97 -13.88
C PHE I 237 12.46 -55.32 -13.62
N CYS I 238 12.51 -56.17 -14.63
CA CYS I 238 12.96 -57.55 -14.46
C CYS I 238 14.46 -57.62 -14.24
N GLU I 239 14.87 -58.58 -13.42
CA GLU I 239 16.28 -58.83 -13.15
C GLU I 239 16.71 -60.25 -13.48
N ASN I 240 15.78 -61.14 -13.79
CA ASN I 240 16.11 -62.51 -14.16
C ASN I 240 15.01 -63.05 -15.06
N GLU I 241 15.06 -64.36 -15.32
CA GLU I 241 14.08 -64.96 -16.22
C GLU I 241 12.71 -65.11 -15.54
N GLU I 242 12.70 -65.44 -14.25
CA GLU I 242 11.43 -65.63 -13.55
C GLU I 242 10.60 -64.35 -13.57
N GLN I 243 11.24 -63.21 -13.28
CA GLN I 243 10.52 -61.95 -13.27
C GLN I 243 10.02 -61.58 -14.66
N ARG I 244 10.83 -61.85 -15.69
CA ARG I 244 10.41 -61.51 -17.04
C ARG I 244 9.15 -62.28 -17.44
N LYS I 245 8.93 -63.45 -16.85
CA LYS I 245 7.71 -64.20 -17.11
C LYS I 245 6.52 -63.59 -16.37
N LEU I 246 6.77 -62.98 -15.21
CA LEU I 246 5.66 -62.40 -14.44
C LEU I 246 4.98 -61.29 -15.21
N ILE I 247 5.75 -60.42 -15.87
CA ILE I 247 5.20 -59.41 -16.76
C ILE I 247 5.55 -59.82 -18.19
N GLY I 248 4.55 -60.26 -18.93
CA GLY I 248 4.77 -60.64 -20.31
C GLY I 248 4.92 -59.45 -21.22
N ARG I 249 5.22 -59.73 -22.48
CA ARG I 249 5.35 -58.67 -23.46
C ARG I 249 3.98 -58.14 -23.86
N GLY I 250 3.96 -56.87 -24.28
CA GLY I 250 2.75 -56.28 -24.82
C GLY I 250 1.76 -55.84 -23.76
N GLY I 251 0.55 -56.39 -23.80
CA GLY I 251 -0.48 -56.07 -22.85
C GLY I 251 -1.35 -54.90 -23.22
N GLY I 252 -1.05 -54.19 -24.31
CA GLY I 252 -1.86 -53.06 -24.71
C GLY I 252 -3.09 -53.52 -25.46
N PHE I 253 -4.24 -52.92 -25.14
CA PHE I 253 -5.49 -53.26 -25.81
C PHE I 253 -6.36 -52.03 -26.03
N ALA I 254 -5.73 -50.88 -26.28
CA ALA I 254 -6.50 -49.66 -26.46
C ALA I 254 -7.51 -49.82 -27.60
N ARG I 255 -8.72 -49.30 -27.39
CA ARG I 255 -9.80 -49.46 -28.34
C ARG I 255 -10.78 -48.32 -28.16
N ILE I 256 -11.64 -48.15 -29.16
CA ILE I 256 -12.77 -47.24 -29.10
C ILE I 256 -14.03 -48.06 -29.34
N ILE I 257 -14.98 -47.98 -28.41
CA ILE I 257 -16.15 -48.83 -28.40
C ILE I 257 -17.39 -47.95 -28.39
N GLY I 258 -18.39 -48.31 -29.19
CA GLY I 258 -19.62 -47.57 -29.25
C GLY I 258 -20.65 -48.10 -28.29
N PRO I 259 -21.81 -47.43 -28.21
CA PRO I 259 -22.84 -47.88 -27.27
C PRO I 259 -23.31 -49.29 -27.51
N ASP I 260 -23.18 -49.80 -28.74
CA ASP I 260 -23.56 -51.15 -29.07
C ASP I 260 -22.45 -52.16 -28.78
N GLY I 261 -21.31 -51.72 -28.28
CA GLY I 261 -20.23 -52.60 -27.94
C GLY I 261 -19.31 -52.99 -29.08
N ARG I 262 -19.56 -52.48 -30.29
CA ARG I 262 -18.74 -52.79 -31.45
C ARG I 262 -17.65 -51.74 -31.59
N ASP I 263 -16.43 -52.19 -31.87
CA ASP I 263 -15.29 -51.29 -31.95
C ASP I 263 -15.43 -50.35 -33.13
N LEU I 264 -15.11 -49.08 -32.90
CA LEU I 264 -15.15 -48.06 -33.95
C LEU I 264 -13.79 -47.81 -34.57
N ALA I 265 -12.75 -48.49 -34.11
CA ALA I 265 -11.41 -48.32 -34.66
C ALA I 265 -10.74 -49.68 -34.77
N THR I 266 -9.83 -49.80 -35.72
CA THR I 266 -9.13 -51.05 -35.92
C THR I 266 -8.16 -51.28 -34.76
N PRO I 267 -8.28 -52.36 -34.00
CA PRO I 267 -7.36 -52.58 -32.89
C PRO I 267 -5.92 -52.66 -33.36
N LEU I 268 -5.02 -52.13 -32.54
CA LEU I 268 -3.59 -52.30 -32.77
C LEU I 268 -3.16 -53.68 -32.31
N ALA I 269 -1.87 -53.95 -32.37
CA ALA I 269 -1.33 -55.19 -31.83
C ALA I 269 -1.15 -55.06 -30.32
N GLU I 270 -1.12 -56.21 -29.65
CA GLU I 270 -0.94 -56.22 -28.21
C GLU I 270 0.43 -55.70 -27.79
N ASP I 271 1.37 -55.60 -28.72
CA ASP I 271 2.72 -55.11 -28.43
C ASP I 271 3.09 -53.86 -29.22
N GLU I 272 2.21 -53.37 -30.09
CA GLU I 272 2.48 -52.17 -30.87
C GLU I 272 1.99 -50.95 -30.10
N GLU I 273 2.77 -49.88 -30.19
CA GLU I 273 2.44 -48.61 -29.54
C GLU I 273 2.05 -47.59 -30.61
N GLY I 274 0.84 -47.05 -30.49
CA GLY I 274 0.36 -46.12 -31.48
C GLY I 274 -0.78 -45.29 -30.94
N ILE I 275 -1.61 -44.79 -31.86
CA ILE I 275 -2.78 -44.01 -31.54
C ILE I 275 -3.93 -44.47 -32.40
N LEU I 276 -5.11 -44.58 -31.80
CA LEU I 276 -6.33 -44.92 -32.53
C LEU I 276 -7.22 -43.68 -32.65
N TYR I 277 -8.01 -43.65 -33.70
CA TYR I 277 -8.92 -42.54 -33.96
C TYR I 277 -10.28 -43.09 -34.36
N ALA I 278 -11.32 -42.31 -34.10
CA ALA I 278 -12.66 -42.69 -34.52
C ALA I 278 -13.54 -41.45 -34.51
N ASP I 279 -14.65 -41.55 -35.23
CA ASP I 279 -15.65 -40.48 -35.30
C ASP I 279 -16.81 -40.85 -34.40
N ILE I 280 -17.11 -39.98 -33.43
CA ILE I 280 -18.14 -40.23 -32.44
C ILE I 280 -19.40 -39.50 -32.87
N ASP I 281 -20.52 -40.23 -32.97
CA ASP I 281 -21.82 -39.65 -33.25
C ASP I 281 -22.72 -39.97 -32.06
N LEU I 282 -23.04 -38.94 -31.27
CA LEU I 282 -23.83 -39.17 -30.07
C LEU I 282 -25.21 -39.69 -30.37
N SER I 283 -25.72 -39.48 -31.59
CA SER I 283 -27.01 -40.05 -31.95
C SER I 283 -27.01 -41.57 -31.85
N ALA I 284 -25.83 -42.20 -31.90
CA ALA I 284 -25.77 -43.64 -31.69
C ALA I 284 -26.22 -44.02 -30.29
N ILE I 285 -25.94 -43.16 -29.31
CA ILE I 285 -26.36 -43.43 -27.94
C ILE I 285 -27.88 -43.54 -27.87
N THR I 286 -28.58 -42.59 -28.50
CA THR I 286 -30.04 -42.62 -28.47
C THR I 286 -30.57 -43.92 -29.05
N LEU I 287 -29.88 -44.46 -30.06
CA LEU I 287 -30.33 -45.71 -30.65
C LEU I 287 -30.17 -46.86 -29.67
N ALA I 288 -29.07 -46.88 -28.91
CA ALA I 288 -28.88 -47.92 -27.91
C ALA I 288 -29.81 -47.75 -26.72
N LYS I 289 -30.14 -46.50 -26.38
CA LYS I 289 -31.03 -46.25 -25.25
C LYS I 289 -32.41 -46.87 -25.46
N GLN I 290 -32.77 -47.18 -26.71
CA GLN I 290 -34.07 -47.79 -26.96
C GLN I 290 -34.16 -49.15 -26.27
N ALA I 291 -33.12 -49.95 -26.34
CA ALA I 291 -33.13 -51.30 -25.81
C ALA I 291 -32.75 -51.36 -24.34
N ALA I 292 -31.77 -50.56 -23.91
CA ALA I 292 -31.25 -50.61 -22.56
C ALA I 292 -31.16 -49.21 -21.98
N ASP I 293 -31.48 -49.08 -20.70
CA ASP I 293 -31.29 -47.83 -19.98
C ASP I 293 -31.29 -48.10 -18.48
N PRO I 294 -30.13 -48.42 -17.90
CA PRO I 294 -30.14 -48.87 -16.49
C PRO I 294 -30.73 -47.86 -15.53
N VAL I 295 -30.55 -46.57 -15.77
CA VAL I 295 -31.04 -45.53 -14.89
C VAL I 295 -32.34 -44.93 -15.39
N GLY I 296 -32.92 -45.48 -16.45
CA GLY I 296 -34.15 -44.96 -17.01
C GLY I 296 -35.30 -45.93 -16.94
N HIS I 297 -35.68 -46.49 -18.08
CA HIS I 297 -36.85 -47.35 -18.15
C HIS I 297 -36.59 -48.77 -17.65
N TYR I 298 -35.34 -49.18 -17.46
CA TYR I 298 -35.04 -50.41 -16.75
C TYR I 298 -34.88 -50.23 -15.25
N SER I 299 -34.67 -49.02 -14.78
CA SER I 299 -34.55 -48.82 -13.35
C SER I 299 -35.84 -49.25 -12.66
N ARG I 300 -35.71 -49.87 -11.50
CA ARG I 300 -36.83 -50.21 -10.64
C ARG I 300 -36.51 -49.70 -9.25
N PRO I 301 -36.52 -48.38 -9.06
CA PRO I 301 -36.12 -47.82 -7.76
C PRO I 301 -37.00 -48.27 -6.62
N ASP I 302 -38.21 -48.75 -6.89
CA ASP I 302 -39.01 -49.37 -5.85
C ASP I 302 -38.36 -50.62 -5.30
N VAL I 303 -37.39 -51.19 -6.02
CA VAL I 303 -36.70 -52.40 -5.59
C VAL I 303 -35.23 -52.12 -5.28
N LEU I 304 -34.51 -51.54 -6.23
CA LEU I 304 -33.08 -51.32 -6.12
C LEU I 304 -32.77 -49.86 -6.41
N SER I 305 -32.12 -49.19 -5.46
CA SER I 305 -31.64 -47.84 -5.67
C SER I 305 -30.25 -47.71 -5.07
N LEU I 306 -29.60 -46.58 -5.35
CA LEU I 306 -28.21 -46.36 -4.98
C LEU I 306 -28.11 -45.22 -3.98
N ASN I 307 -27.29 -45.41 -2.95
CA ASN I 307 -26.92 -44.35 -2.01
C ASN I 307 -25.55 -43.83 -2.42
N PHE I 308 -25.50 -42.62 -2.95
CA PHE I 308 -24.28 -42.05 -3.49
C PHE I 308 -23.86 -40.86 -2.63
N ASN I 309 -22.80 -41.03 -1.87
CA ASN I 309 -22.26 -39.99 -1.00
C ASN I 309 -21.12 -39.29 -1.73
N GLN I 310 -21.39 -38.09 -2.22
CA GLN I 310 -20.45 -37.35 -3.06
C GLN I 310 -19.70 -36.28 -2.27
N ARG I 311 -19.70 -36.36 -0.95
CA ARG I 311 -19.01 -35.38 -0.13
C ARG I 311 -17.50 -35.53 -0.30
N ARG I 312 -16.80 -34.41 -0.13
CA ARG I 312 -15.36 -34.34 -0.30
C ARG I 312 -14.71 -34.37 1.08
N THR I 313 -14.31 -35.57 1.50
CA THR I 313 -13.73 -35.73 2.83
C THR I 313 -12.27 -35.31 2.84
N THR I 314 -11.84 -34.74 3.97
CA THR I 314 -10.47 -34.28 4.15
C THR I 314 -9.97 -34.75 5.50
N PRO I 315 -8.69 -35.14 5.61
CA PRO I 315 -8.18 -35.54 6.93
C PRO I 315 -8.27 -34.43 7.97
N VAL I 316 -8.05 -33.19 7.57
CA VAL I 316 -8.19 -32.03 8.45
C VAL I 316 -9.14 -31.06 7.78
N ASN I 317 -10.16 -30.62 8.52
CA ASN I 317 -11.23 -29.80 7.94
C ASN I 317 -10.91 -28.32 8.02
N THR I 318 -10.69 -27.81 9.23
CA THR I 318 -10.39 -26.39 9.45
C THR I 318 -11.25 -25.48 8.57
N VAL J 2 -20.58 -68.88 1.68
CA VAL J 2 -20.18 -69.33 3.04
C VAL J 2 -18.99 -70.28 2.97
N GLU J 3 -19.14 -71.36 2.22
CA GLU J 3 -18.10 -72.36 2.05
C GLU J 3 -17.73 -72.49 0.58
N TYR J 4 -16.44 -72.62 0.31
CA TYR J 4 -15.90 -72.62 -1.05
C TYR J 4 -15.02 -73.85 -1.27
N THR J 5 -15.55 -75.02 -0.91
CA THR J 5 -14.80 -76.27 -1.00
C THR J 5 -15.43 -77.29 -1.94
N ASN J 6 -16.75 -77.28 -2.09
CA ASN J 6 -17.43 -78.36 -2.81
C ASN J 6 -16.99 -78.41 -4.26
N THR J 7 -17.10 -79.60 -4.85
CA THR J 7 -16.79 -79.84 -6.26
C THR J 7 -17.91 -80.66 -6.85
N PHE J 8 -18.27 -80.38 -8.11
CA PHE J 8 -19.39 -81.06 -8.75
C PHE J 8 -19.34 -80.77 -10.25
N LYS J 9 -20.31 -81.33 -10.97
CA LYS J 9 -20.43 -81.18 -12.41
C LYS J 9 -21.79 -80.62 -12.76
N VAL J 10 -21.84 -79.72 -13.74
CA VAL J 10 -23.06 -79.06 -14.16
C VAL J 10 -23.20 -79.22 -15.66
N ALA J 11 -24.42 -78.99 -16.15
CA ALA J 11 -24.74 -79.13 -17.57
C ALA J 11 -25.52 -77.92 -18.04
N ALA J 12 -25.10 -77.35 -19.16
CA ALA J 12 -25.79 -76.24 -19.80
C ALA J 12 -26.46 -76.74 -21.07
N VAL J 13 -27.71 -76.36 -21.28
CA VAL J 13 -28.54 -76.88 -22.36
C VAL J 13 -28.65 -75.81 -23.43
N GLN J 14 -28.29 -76.18 -24.66
CA GLN J 14 -28.47 -75.33 -25.83
C GLN J 14 -29.42 -76.09 -26.75
N ALA J 15 -30.72 -75.80 -26.63
CA ALA J 15 -31.72 -76.54 -27.36
C ALA J 15 -32.87 -75.62 -27.71
N GLN J 16 -33.60 -75.99 -28.73
CA GLN J 16 -34.82 -75.29 -29.11
C GLN J 16 -36.05 -76.08 -28.68
N PRO J 17 -37.14 -75.42 -28.32
CA PRO J 17 -38.33 -76.14 -27.86
C PRO J 17 -39.27 -76.46 -29.02
N VAL J 18 -40.26 -77.29 -28.72
CA VAL J 18 -41.37 -77.52 -29.64
C VAL J 18 -42.24 -76.26 -29.55
N TRP J 19 -42.10 -75.39 -30.55
CA TRP J 19 -42.54 -74.01 -30.41
C TRP J 19 -44.01 -73.94 -30.03
N PHE J 20 -44.29 -73.18 -28.97
CA PHE J 20 -45.63 -72.99 -28.43
C PHE J 20 -46.35 -74.34 -28.30
N ASP J 21 -45.70 -75.24 -27.56
CA ASP J 21 -46.30 -76.55 -27.26
C ASP J 21 -45.72 -77.02 -25.93
N ALA J 22 -46.48 -76.80 -24.85
CA ALA J 22 -45.97 -77.13 -23.52
C ALA J 22 -45.79 -78.63 -23.35
N ALA J 23 -46.75 -79.43 -23.81
CA ALA J 23 -46.70 -80.87 -23.55
C ALA J 23 -45.47 -81.50 -24.18
N LYS J 24 -45.21 -81.19 -25.46
CA LYS J 24 -44.09 -81.81 -26.15
C LYS J 24 -42.76 -81.23 -25.67
N THR J 25 -42.72 -79.93 -25.39
CA THR J 25 -41.50 -79.32 -24.88
C THR J 25 -41.13 -79.88 -23.52
N VAL J 26 -42.11 -80.11 -22.65
CA VAL J 26 -41.81 -80.68 -21.34
C VAL J 26 -41.18 -82.04 -21.49
N ASP J 27 -41.68 -82.86 -22.43
CA ASP J 27 -41.05 -84.14 -22.69
C ASP J 27 -39.62 -83.96 -23.14
N LYS J 28 -39.38 -83.00 -24.03
CA LYS J 28 -38.01 -82.73 -24.47
C LYS J 28 -37.14 -82.30 -23.29
N THR J 29 -37.68 -81.47 -22.40
CA THR J 29 -36.94 -81.05 -21.22
C THR J 29 -36.62 -82.25 -20.32
N VAL J 30 -37.61 -83.12 -20.09
CA VAL J 30 -37.38 -84.27 -19.22
C VAL J 30 -36.31 -85.17 -19.80
N SER J 31 -36.32 -85.38 -21.12
CA SER J 31 -35.28 -86.17 -21.75
C SER J 31 -33.92 -85.52 -21.56
N ASN J 32 -33.83 -84.20 -21.71
CA ASN J 32 -32.58 -83.50 -21.44
C ASN J 32 -32.18 -83.64 -19.98
N ILE J 33 -33.14 -83.54 -19.07
CA ILE J 33 -32.84 -83.72 -17.65
C ILE J 33 -32.28 -85.11 -17.39
N ALA J 34 -32.91 -86.12 -17.98
CA ALA J 34 -32.44 -87.49 -17.81
C ALA J 34 -31.07 -87.68 -18.42
N GLU J 35 -30.84 -87.12 -19.61
CA GLU J 35 -29.55 -87.28 -20.26
C GLU J 35 -28.43 -86.69 -19.42
N ALA J 36 -28.65 -85.48 -18.88
CA ALA J 36 -27.62 -84.84 -18.06
C ALA J 36 -27.32 -85.64 -16.81
N ALA J 37 -28.35 -86.18 -16.17
CA ALA J 37 -28.14 -86.97 -14.96
C ALA J 37 -27.32 -88.21 -15.27
N ARG J 38 -27.50 -88.80 -16.46
CA ARG J 38 -26.70 -89.95 -16.84
C ARG J 38 -25.22 -89.63 -16.92
N ASN J 39 -24.86 -88.35 -17.01
CA ASN J 39 -23.47 -87.92 -17.10
C ASN J 39 -22.87 -87.58 -15.74
N GLY J 40 -23.58 -87.86 -14.65
CA GLY J 40 -23.08 -87.57 -13.33
C GLY J 40 -23.27 -86.15 -12.87
N CYS J 41 -23.92 -85.31 -13.67
CA CYS J 41 -24.16 -83.93 -13.27
C CYS J 41 -25.19 -83.87 -12.15
N GLU J 42 -25.13 -82.77 -11.39
CA GLU J 42 -26.15 -82.51 -10.38
C GLU J 42 -26.76 -81.13 -10.52
N LEU J 43 -26.59 -80.48 -11.67
CA LEU J 43 -27.29 -79.25 -12.00
C LEU J 43 -27.38 -79.16 -13.51
N VAL J 44 -28.60 -79.09 -14.03
CA VAL J 44 -28.85 -78.90 -15.45
C VAL J 44 -29.69 -77.64 -15.60
N ALA J 45 -29.22 -76.72 -16.43
CA ALA J 45 -29.90 -75.46 -16.68
C ALA J 45 -30.47 -75.45 -18.09
N PHE J 46 -31.60 -74.78 -18.27
CA PHE J 46 -32.32 -74.76 -19.52
C PHE J 46 -32.55 -73.32 -19.96
N PRO J 47 -32.79 -73.11 -21.25
CA PRO J 47 -32.89 -71.74 -21.77
C PRO J 47 -34.02 -70.92 -21.17
N GLU J 48 -34.11 -69.67 -21.58
CA GLU J 48 -35.11 -68.75 -21.05
C GLU J 48 -36.45 -68.96 -21.73
N VAL J 49 -37.50 -69.03 -20.91
CA VAL J 49 -38.85 -69.22 -21.43
C VAL J 49 -38.82 -70.42 -22.36
N PHE J 50 -38.24 -71.53 -21.88
CA PHE J 50 -38.02 -72.69 -22.72
C PHE J 50 -39.31 -73.45 -22.99
N ILE J 51 -40.16 -73.62 -21.98
CA ILE J 51 -41.25 -74.59 -22.08
C ILE J 51 -42.17 -74.29 -23.25
N PRO J 52 -42.74 -73.10 -23.39
CA PRO J 52 -43.48 -72.79 -24.63
C PRO J 52 -42.54 -72.26 -25.70
N GLY J 53 -41.42 -71.70 -25.28
CA GLY J 53 -40.45 -71.09 -26.17
C GLY J 53 -40.58 -69.58 -26.18
N TYR J 54 -39.49 -68.93 -26.57
CA TYR J 54 -39.47 -67.48 -26.59
C TYR J 54 -40.47 -66.95 -27.62
N PRO J 55 -41.25 -65.92 -27.28
CA PRO J 55 -42.21 -65.36 -28.25
C PRO J 55 -41.56 -64.41 -29.25
N TYR J 56 -40.94 -64.98 -30.27
CA TYR J 56 -40.27 -64.16 -31.28
C TYR J 56 -41.26 -63.38 -32.13
N HIS J 57 -42.54 -63.76 -32.13
CA HIS J 57 -43.51 -63.10 -32.98
C HIS J 57 -43.64 -61.62 -32.67
N ILE J 58 -43.23 -61.20 -31.47
CA ILE J 58 -43.30 -59.79 -31.12
C ILE J 58 -42.16 -58.99 -31.76
N TRP J 59 -41.11 -59.65 -32.21
CA TRP J 59 -39.98 -58.97 -32.83
C TRP J 59 -40.08 -58.96 -34.35
N VAL J 60 -40.70 -59.98 -34.95
CA VAL J 60 -40.67 -60.17 -36.39
C VAL J 60 -41.87 -59.58 -37.10
N ASP J 61 -42.82 -59.00 -36.36
CA ASP J 61 -44.04 -58.50 -37.00
C ASP J 61 -44.63 -57.40 -36.14
N SER J 62 -45.68 -56.78 -36.68
CA SER J 62 -46.41 -55.76 -35.94
C SER J 62 -47.09 -56.38 -34.72
N PRO J 63 -47.35 -55.58 -33.68
CA PRO J 63 -48.06 -56.13 -32.53
C PRO J 63 -49.41 -56.73 -32.88
N LEU J 64 -50.13 -56.15 -33.86
CA LEU J 64 -51.39 -56.74 -34.27
C LEU J 64 -51.19 -58.11 -34.89
N ALA J 65 -50.14 -58.27 -35.71
CA ALA J 65 -49.88 -59.56 -36.32
C ALA J 65 -49.61 -60.62 -35.26
N GLY J 66 -48.80 -60.29 -34.26
CA GLY J 66 -48.55 -61.25 -33.19
C GLY J 66 -49.79 -61.55 -32.37
N MET J 67 -50.54 -60.51 -32.02
CA MET J 67 -51.74 -60.73 -31.20
C MET J 67 -52.75 -61.60 -31.92
N ALA J 68 -52.96 -61.35 -33.22
CA ALA J 68 -53.99 -62.07 -33.94
C ALA J 68 -53.66 -63.55 -34.08
N LYS J 69 -52.39 -63.88 -34.33
CA LYS J 69 -52.01 -65.23 -34.71
C LYS J 69 -51.37 -66.03 -33.58
N PHE J 70 -50.73 -65.37 -32.62
CA PHE J 70 -49.90 -66.07 -31.63
C PHE J 70 -50.32 -65.87 -30.19
N ALA J 71 -50.97 -64.75 -29.85
CA ALA J 71 -51.21 -64.43 -28.45
C ALA J 71 -51.99 -65.54 -27.74
N VAL J 72 -53.13 -65.93 -28.31
CA VAL J 72 -53.95 -66.95 -27.65
C VAL J 72 -53.21 -68.28 -27.61
N ARG J 73 -52.55 -68.64 -28.71
CA ARG J 73 -51.79 -69.89 -28.74
C ARG J 73 -50.66 -69.87 -27.72
N TYR J 74 -49.94 -68.76 -27.64
CA TYR J 74 -48.85 -68.67 -26.67
C TYR J 74 -49.38 -68.68 -25.24
N HIS J 75 -50.43 -67.90 -24.98
CA HIS J 75 -50.98 -67.84 -23.64
C HIS J 75 -51.52 -69.20 -23.21
N GLU J 76 -52.19 -69.92 -24.12
CA GLU J 76 -52.77 -71.21 -23.79
C GLU J 76 -51.71 -72.26 -23.47
N ASN J 77 -50.47 -72.06 -23.92
CA ASN J 77 -49.39 -73.01 -23.68
C ASN J 77 -48.47 -72.61 -22.55
N SER J 78 -48.76 -71.51 -21.85
CA SER J 78 -47.95 -71.12 -20.71
C SER J 78 -48.33 -71.95 -19.49
N LEU J 79 -47.32 -72.30 -18.70
CA LEU J 79 -47.54 -73.16 -17.55
C LEU J 79 -48.04 -72.37 -16.35
N THR J 80 -49.02 -72.93 -15.66
CA THR J 80 -49.40 -72.44 -14.34
C THR J 80 -48.70 -73.30 -13.28
N MET J 81 -48.43 -72.69 -12.12
CA MET J 81 -47.70 -73.39 -11.08
C MET J 81 -48.44 -74.63 -10.59
N ASP J 82 -49.74 -74.69 -10.79
CA ASP J 82 -50.54 -75.85 -10.40
C ASP J 82 -50.74 -76.83 -11.55
N SER J 83 -50.20 -76.56 -12.73
CA SER J 83 -50.44 -77.42 -13.87
C SER J 83 -49.70 -78.74 -13.70
N PRO J 84 -50.18 -79.81 -14.34
CA PRO J 84 -49.44 -81.08 -14.30
C PRO J 84 -48.06 -80.99 -14.91
N HIS J 85 -47.85 -80.11 -15.89
CA HIS J 85 -46.54 -80.02 -16.53
C HIS J 85 -45.45 -79.71 -15.52
N VAL J 86 -45.70 -78.74 -14.63
CA VAL J 86 -44.70 -78.41 -13.61
C VAL J 86 -44.42 -79.62 -12.74
N GLN J 87 -45.45 -80.40 -12.43
CA GLN J 87 -45.26 -81.60 -11.62
C GLN J 87 -44.34 -82.59 -12.33
N ARG J 88 -44.48 -82.71 -13.65
CA ARG J 88 -43.60 -83.59 -14.40
C ARG J 88 -42.15 -83.14 -14.29
N LEU J 89 -41.91 -81.83 -14.35
CA LEU J 89 -40.56 -81.31 -14.15
C LEU J 89 -40.05 -81.64 -12.75
N LEU J 90 -40.91 -81.47 -11.74
CA LEU J 90 -40.50 -81.81 -10.38
C LEU J 90 -40.17 -83.30 -10.27
N ASP J 91 -41.02 -84.15 -10.83
CA ASP J 91 -40.79 -85.59 -10.76
C ASP J 91 -39.51 -85.98 -11.50
N ALA J 92 -39.26 -85.38 -12.65
CA ALA J 92 -38.04 -85.68 -13.40
C ALA J 92 -36.81 -85.35 -12.58
N ALA J 93 -36.81 -84.20 -11.91
CA ALA J 93 -35.67 -83.84 -11.07
C ALA J 93 -35.51 -84.82 -9.92
N ARG J 94 -36.62 -85.20 -9.29
CA ARG J 94 -36.55 -86.15 -8.18
C ARG J 94 -36.06 -87.51 -8.64
N ASP J 95 -36.65 -88.04 -9.71
CA ASP J 95 -36.31 -89.38 -10.15
C ASP J 95 -34.85 -89.50 -10.53
N HIS J 96 -34.34 -88.51 -11.26
CA HIS J 96 -32.95 -88.51 -11.71
C HIS J 96 -32.00 -87.90 -10.71
N ASN J 97 -32.51 -87.35 -9.61
CA ASN J 97 -31.66 -86.82 -8.53
C ASN J 97 -30.75 -85.71 -9.03
N ILE J 98 -31.29 -84.84 -9.88
CA ILE J 98 -30.53 -83.74 -10.46
C ILE J 98 -31.31 -82.44 -10.25
N ALA J 99 -30.59 -81.39 -9.87
CA ALA J 99 -31.20 -80.08 -9.71
C ALA J 99 -31.43 -79.46 -11.07
N VAL J 100 -32.63 -78.92 -11.30
CA VAL J 100 -33.03 -78.37 -12.59
C VAL J 100 -33.39 -76.91 -12.40
N VAL J 101 -32.87 -76.07 -13.27
CA VAL J 101 -33.23 -74.65 -13.33
C VAL J 101 -33.76 -74.41 -14.73
N VAL J 102 -35.08 -74.52 -14.89
CA VAL J 102 -35.73 -74.42 -16.20
C VAL J 102 -36.54 -73.14 -16.24
N GLY J 103 -36.32 -72.34 -17.27
CA GLY J 103 -37.08 -71.12 -17.46
C GLY J 103 -38.37 -71.37 -18.21
N ILE J 104 -39.50 -71.05 -17.58
CA ILE J 104 -40.81 -71.28 -18.14
C ILE J 104 -41.51 -69.95 -18.33
N SER J 105 -42.64 -69.99 -19.03
CA SER J 105 -43.52 -68.83 -19.18
C SER J 105 -44.69 -69.04 -18.21
N GLU J 106 -44.49 -68.64 -16.96
CA GLU J 106 -45.55 -68.81 -15.97
C GLU J 106 -46.79 -68.02 -16.38
N ARG J 107 -47.95 -68.61 -16.14
CA ARG J 107 -49.22 -67.96 -16.37
C ARG J 107 -49.94 -67.80 -15.04
N ASP J 108 -50.39 -66.58 -14.76
CA ASP J 108 -51.12 -66.27 -13.53
C ASP J 108 -52.34 -65.46 -13.93
N GLY J 109 -53.52 -66.08 -13.84
CA GLY J 109 -54.71 -65.42 -14.35
C GLY J 109 -54.57 -65.22 -15.85
N GLY J 110 -54.75 -63.97 -16.28
CA GLY J 110 -54.58 -63.61 -17.67
C GLY J 110 -53.24 -63.01 -18.01
N SER J 111 -52.28 -63.01 -17.09
CA SER J 111 -50.99 -62.39 -17.30
C SER J 111 -49.90 -63.46 -17.31
N LEU J 112 -48.81 -63.15 -18.01
CA LEU J 112 -47.70 -64.06 -18.19
C LEU J 112 -46.45 -63.48 -17.53
N TYR J 113 -45.59 -64.37 -17.04
CA TYR J 113 -44.35 -63.98 -16.40
C TYR J 113 -43.22 -64.87 -16.90
N MET J 114 -42.01 -64.33 -16.88
CA MET J 114 -40.83 -65.06 -17.34
C MET J 114 -40.19 -65.71 -16.13
N THR J 115 -40.79 -66.81 -15.69
CA THR J 115 -40.40 -67.48 -14.46
C THR J 115 -39.20 -68.40 -14.71
N GLN J 116 -38.38 -68.55 -13.69
CA GLN J 116 -37.34 -69.56 -13.65
C GLN J 116 -37.65 -70.49 -12.48
N LEU J 117 -38.03 -71.73 -12.79
CA LEU J 117 -38.25 -72.72 -11.76
C LEU J 117 -36.90 -73.30 -11.34
N ILE J 118 -36.67 -73.35 -10.03
CA ILE J 118 -35.46 -73.94 -9.47
C ILE J 118 -35.87 -75.16 -8.67
N ILE J 119 -35.42 -76.33 -9.11
CA ILE J 119 -35.83 -77.62 -8.56
C ILE J 119 -34.59 -78.32 -8.04
N ASP J 120 -34.67 -78.82 -6.82
CA ASP J 120 -33.53 -79.51 -6.21
C ASP J 120 -33.63 -81.01 -6.48
N ALA J 121 -32.60 -81.73 -6.03
CA ALA J 121 -32.54 -83.18 -6.27
C ALA J 121 -33.68 -83.92 -5.58
N ASP J 122 -34.31 -83.32 -4.57
CA ASP J 122 -35.42 -83.96 -3.87
C ASP J 122 -36.76 -83.73 -4.54
N GLY J 123 -36.79 -83.00 -5.66
CA GLY J 123 -38.03 -82.72 -6.35
C GLY J 123 -38.80 -81.53 -5.80
N GLN J 124 -38.33 -80.91 -4.73
CA GLN J 124 -39.02 -79.76 -4.18
C GLN J 124 -38.81 -78.54 -5.08
N LEU J 125 -39.83 -77.69 -5.15
CA LEU J 125 -39.73 -76.43 -5.87
C LEU J 125 -39.00 -75.45 -4.97
N VAL J 126 -37.68 -75.36 -5.14
CA VAL J 126 -36.88 -74.51 -4.28
C VAL J 126 -37.30 -73.05 -4.42
N ALA J 127 -37.53 -72.61 -5.65
CA ALA J 127 -37.83 -71.20 -5.87
C ALA J 127 -38.59 -71.06 -7.19
N ARG J 128 -39.23 -69.91 -7.34
CA ARG J 128 -39.96 -69.58 -8.56
C ARG J 128 -39.85 -68.06 -8.72
N ARG J 129 -38.84 -67.63 -9.47
CA ARG J 129 -38.51 -66.22 -9.60
C ARG J 129 -38.94 -65.70 -10.94
N ARG J 130 -39.55 -64.51 -10.94
CA ARG J 130 -40.00 -63.85 -12.16
C ARG J 130 -39.01 -62.78 -12.57
N LYS J 131 -38.86 -62.59 -13.87
CA LYS J 131 -37.96 -61.56 -14.36
C LYS J 131 -38.38 -60.20 -13.81
N LEU J 132 -37.40 -59.45 -13.31
CA LEU J 132 -37.71 -58.18 -12.66
C LEU J 132 -38.35 -57.20 -13.63
N LYS J 133 -37.85 -57.13 -14.86
CA LYS J 133 -38.40 -56.28 -15.88
C LYS J 133 -38.03 -56.78 -17.27
N PRO J 134 -39.00 -57.10 -18.13
CA PRO J 134 -38.65 -57.57 -19.48
C PRO J 134 -37.97 -56.51 -20.34
N THR J 135 -37.59 -56.88 -21.55
CA THR J 135 -36.76 -56.05 -22.43
C THR J 135 -37.56 -55.57 -23.62
N HIS J 136 -37.69 -54.26 -23.76
CA HIS J 136 -38.24 -53.61 -24.95
C HIS J 136 -39.63 -54.21 -25.21
N VAL J 137 -39.96 -54.60 -26.44
CA VAL J 137 -41.30 -55.07 -26.76
C VAL J 137 -41.69 -56.29 -25.94
N GLU J 138 -40.69 -57.01 -25.42
CA GLU J 138 -40.96 -58.12 -24.52
C GLU J 138 -41.72 -57.66 -23.29
N ARG J 139 -41.66 -56.38 -22.98
CA ARG J 139 -42.40 -55.80 -21.86
C ARG J 139 -43.90 -55.81 -22.09
N SER J 140 -44.36 -56.07 -23.31
CA SER J 140 -45.78 -56.09 -23.61
C SER J 140 -46.42 -57.47 -23.44
N VAL J 141 -45.61 -58.53 -23.38
CA VAL J 141 -46.13 -59.89 -23.27
C VAL J 141 -46.12 -60.34 -21.82
N TYR J 142 -45.19 -59.80 -21.04
CA TYR J 142 -44.92 -60.29 -19.70
C TYR J 142 -45.06 -59.18 -18.67
N GLY J 143 -45.30 -59.59 -17.43
CA GLY J 143 -45.33 -58.69 -16.30
C GLY J 143 -43.97 -58.59 -15.63
N GLU J 144 -43.96 -57.89 -14.50
CA GLU J 144 -42.75 -57.63 -13.75
C GLU J 144 -42.78 -58.36 -12.42
N GLY J 145 -41.62 -58.87 -12.00
CA GLY J 145 -41.46 -59.44 -10.69
C GLY J 145 -41.32 -58.37 -9.64
N ASN J 146 -40.66 -58.72 -8.53
CA ASN J 146 -40.42 -57.77 -7.46
C ASN J 146 -39.12 -58.17 -6.75
N GLY J 147 -38.87 -57.54 -5.61
CA GLY J 147 -37.62 -57.78 -4.91
C GLY J 147 -37.44 -59.21 -4.46
N SER J 148 -38.54 -59.89 -4.15
CA SER J 148 -38.44 -61.29 -3.74
C SER J 148 -37.93 -62.17 -4.86
N ASP J 149 -37.96 -61.69 -6.11
CA ASP J 149 -37.51 -62.47 -7.24
C ASP J 149 -35.99 -62.39 -7.45
N ILE J 150 -35.30 -61.56 -6.70
CA ILE J 150 -33.84 -61.50 -6.70
C ILE J 150 -33.38 -62.17 -5.42
N SER J 151 -32.91 -63.41 -5.54
CA SER J 151 -32.46 -64.14 -4.36
C SER J 151 -31.45 -65.19 -4.77
N VAL J 152 -30.66 -65.61 -3.80
CA VAL J 152 -29.68 -66.68 -3.96
C VAL J 152 -30.07 -67.80 -3.02
N TYR J 153 -30.16 -69.01 -3.56
CA TYR J 153 -30.69 -70.17 -2.84
C TYR J 153 -29.54 -71.10 -2.49
N ASP J 154 -29.51 -71.53 -1.23
CA ASP J 154 -28.42 -72.36 -0.71
C ASP J 154 -28.74 -73.82 -1.04
N MET J 155 -28.40 -74.22 -2.26
CA MET J 155 -28.57 -75.60 -2.66
C MET J 155 -27.54 -76.48 -1.97
N PRO J 156 -27.77 -77.80 -1.94
CA PRO J 156 -26.81 -78.68 -1.27
C PRO J 156 -25.40 -78.57 -1.85
N PHE J 157 -25.27 -78.27 -3.13
CA PHE J 157 -23.96 -78.25 -3.77
C PHE J 157 -23.33 -76.88 -3.79
N ALA J 158 -24.12 -75.81 -3.92
CA ALA J 158 -23.58 -74.46 -3.94
C ALA J 158 -24.73 -73.49 -3.74
N ARG J 159 -24.37 -72.22 -3.51
CA ARG J 159 -25.34 -71.14 -3.43
C ARG J 159 -25.71 -70.73 -4.84
N LEU J 160 -26.93 -71.02 -5.25
CA LEU J 160 -27.37 -70.87 -6.63
C LEU J 160 -28.29 -69.69 -6.77
N GLY J 161 -28.10 -68.91 -7.83
CA GLY J 161 -29.06 -67.92 -8.23
C GLY J 161 -29.17 -67.90 -9.75
N ALA J 162 -30.29 -67.40 -10.23
CA ALA J 162 -30.59 -67.41 -11.65
C ALA J 162 -31.16 -66.07 -12.08
N LEU J 163 -30.73 -65.61 -13.25
CA LEU J 163 -31.25 -64.40 -13.86
C LEU J 163 -31.56 -64.70 -15.33
N ASN J 164 -32.44 -63.89 -15.91
CA ASN J 164 -32.89 -64.10 -17.26
C ASN J 164 -32.15 -63.18 -18.22
N CYS J 165 -32.57 -63.21 -19.49
CA CYS J 165 -31.95 -62.39 -20.52
C CYS J 165 -31.98 -60.91 -20.15
N TRP J 166 -30.82 -60.27 -20.29
CA TRP J 166 -30.69 -58.82 -20.11
C TRP J 166 -31.02 -58.37 -18.69
N GLU J 167 -31.09 -59.32 -17.75
CA GLU J 167 -30.93 -58.99 -16.35
C GLU J 167 -29.48 -58.89 -15.96
N HIS J 168 -28.57 -59.26 -16.87
CA HIS J 168 -27.14 -59.11 -16.65
C HIS J 168 -26.64 -57.73 -17.08
N PHE J 169 -27.50 -56.91 -17.67
CA PHE J 169 -27.18 -55.53 -17.97
C PHE J 169 -27.61 -54.59 -16.86
N GLN J 170 -28.16 -55.12 -15.77
CA GLN J 170 -28.63 -54.33 -14.64
C GLN J 170 -27.55 -54.36 -13.57
N THR J 171 -26.84 -53.24 -13.41
CA THR J 171 -25.76 -53.22 -12.43
C THR J 171 -26.29 -53.41 -11.02
N LEU J 172 -27.41 -52.79 -10.68
CA LEU J 172 -27.93 -52.91 -9.33
C LEU J 172 -28.44 -54.32 -9.04
N THR J 173 -29.09 -54.95 -10.02
CA THR J 173 -29.52 -56.33 -9.84
C THR J 173 -28.31 -57.25 -9.66
N LYS J 174 -27.25 -57.02 -10.43
CA LYS J 174 -26.03 -57.80 -10.26
C LYS J 174 -25.45 -57.63 -8.87
N TYR J 175 -25.39 -56.39 -8.38
CA TYR J 175 -24.80 -56.14 -7.07
C TYR J 175 -25.61 -56.81 -5.98
N ALA J 176 -26.94 -56.80 -6.09
CA ALA J 176 -27.76 -57.51 -5.12
C ALA J 176 -27.41 -58.99 -5.11
N MET J 177 -27.22 -59.58 -6.28
CA MET J 177 -26.87 -60.99 -6.35
C MET J 177 -25.50 -61.24 -5.75
N TYR J 178 -24.54 -60.36 -6.01
CA TYR J 178 -23.23 -60.50 -5.38
C TYR J 178 -23.33 -60.38 -3.87
N SER J 179 -24.19 -59.47 -3.39
CA SER J 179 -24.32 -59.25 -1.97
C SER J 179 -24.72 -60.52 -1.23
N MET J 180 -25.46 -61.40 -1.90
CA MET J 180 -25.95 -62.62 -1.28
C MET J 180 -25.00 -63.80 -1.46
N HIS J 181 -23.80 -63.55 -1.97
CA HIS J 181 -22.72 -64.54 -2.00
C HIS J 181 -23.06 -65.70 -2.93
N GLU J 182 -23.44 -65.35 -4.16
CA GLU J 182 -23.59 -66.33 -5.22
C GLU J 182 -22.24 -66.94 -5.56
N GLN J 183 -22.23 -68.24 -5.88
CA GLN J 183 -21.10 -68.84 -6.55
C GLN J 183 -21.44 -69.77 -7.70
N VAL J 184 -22.72 -70.03 -7.97
CA VAL J 184 -23.13 -70.69 -9.22
C VAL J 184 -24.30 -69.91 -9.78
N HIS J 185 -24.16 -69.41 -11.00
CA HIS J 185 -25.17 -68.58 -11.64
C HIS J 185 -25.65 -69.26 -12.91
N VAL J 186 -26.96 -69.29 -13.09
CA VAL J 186 -27.58 -69.81 -14.31
C VAL J 186 -28.12 -68.63 -15.08
N ALA J 187 -27.57 -68.42 -16.28
CA ALA J 187 -27.93 -67.29 -17.13
C ALA J 187 -28.77 -67.83 -18.29
N SER J 188 -30.09 -67.71 -18.17
CA SER J 188 -30.98 -68.19 -19.21
C SER J 188 -31.13 -67.14 -20.29
N TRP J 189 -30.98 -67.56 -21.55
CA TRP J 189 -31.06 -66.68 -22.70
C TRP J 189 -31.98 -67.28 -23.75
N PRO J 190 -32.55 -66.45 -24.61
CA PRO J 190 -33.19 -66.98 -25.83
C PRO J 190 -32.21 -66.98 -26.99
N GLY J 191 -32.63 -67.48 -28.14
CA GLY J 191 -31.80 -67.40 -29.32
C GLY J 191 -31.55 -65.95 -29.70
N MET J 192 -30.29 -65.52 -29.59
CA MET J 192 -29.94 -64.12 -29.80
C MET J 192 -29.46 -63.94 -31.24
N SER J 193 -30.41 -64.03 -32.17
CA SER J 193 -30.14 -63.88 -33.59
C SER J 193 -31.05 -62.82 -34.22
N LEU J 194 -31.59 -61.93 -33.40
CA LEU J 194 -32.56 -60.95 -33.86
C LEU J 194 -31.85 -59.70 -34.35
N TYR J 195 -32.22 -59.22 -35.53
CA TYR J 195 -31.76 -57.92 -36.03
C TYR J 195 -30.25 -57.88 -36.13
N GLN J 196 -29.65 -59.01 -36.51
CA GLN J 196 -28.19 -59.14 -36.37
C GLN J 196 -27.43 -58.10 -37.17
N PRO J 197 -27.70 -57.88 -38.46
CA PRO J 197 -26.94 -56.85 -39.19
C PRO J 197 -27.07 -55.47 -38.57
N GLU J 198 -28.24 -55.12 -38.06
CA GLU J 198 -28.55 -53.74 -37.67
C GLU J 198 -28.28 -53.46 -36.20
N VAL J 199 -28.80 -54.29 -35.30
CA VAL J 199 -28.66 -54.07 -33.86
C VAL J 199 -27.59 -55.00 -33.32
N PRO J 200 -26.32 -54.62 -33.34
CA PRO J 200 -25.29 -55.52 -32.80
C PRO J 200 -25.41 -55.79 -31.31
N ALA J 201 -26.14 -54.95 -30.58
CA ALA J 201 -26.34 -55.20 -29.16
C ALA J 201 -27.09 -56.49 -28.90
N PHE J 202 -27.77 -57.03 -29.91
CA PHE J 202 -28.51 -58.27 -29.79
C PHE J 202 -27.71 -59.49 -30.22
N GLY J 203 -26.50 -59.30 -30.75
CA GLY J 203 -25.71 -60.43 -31.19
C GLY J 203 -25.11 -61.19 -30.02
N VAL J 204 -24.85 -62.48 -30.25
CA VAL J 204 -24.31 -63.32 -29.19
C VAL J 204 -22.99 -62.79 -28.70
N ASP J 205 -22.26 -62.05 -29.53
CA ASP J 205 -21.02 -61.42 -29.07
C ASP J 205 -21.29 -60.45 -27.93
N ALA J 206 -22.34 -59.63 -28.07
CA ALA J 206 -22.69 -58.69 -27.01
C ALA J 206 -23.18 -59.41 -25.77
N GLN J 207 -23.95 -60.48 -25.95
CA GLN J 207 -24.50 -61.20 -24.80
C GLN J 207 -23.47 -62.11 -24.15
N LEU J 208 -22.37 -62.40 -24.84
CA LEU J 208 -21.30 -63.19 -24.21
C LEU J 208 -20.49 -62.35 -23.25
N THR J 209 -20.26 -61.07 -23.57
CA THR J 209 -19.58 -60.19 -22.64
C THR J 209 -20.39 -60.02 -21.37
N ALA J 210 -21.71 -59.94 -21.50
CA ALA J 210 -22.57 -59.80 -20.32
C ALA J 210 -22.38 -60.99 -19.37
N THR J 211 -22.48 -62.20 -19.90
CA THR J 211 -22.30 -63.38 -19.06
C THR J 211 -20.87 -63.50 -18.57
N ARG J 212 -19.90 -63.24 -19.45
CA ARG J 212 -18.50 -63.30 -19.03
C ARG J 212 -18.20 -62.24 -17.99
N MET J 213 -18.70 -61.03 -18.19
CA MET J 213 -18.48 -59.96 -17.22
C MET J 213 -19.17 -60.28 -15.89
N TYR J 214 -20.30 -60.98 -15.93
CA TYR J 214 -20.96 -61.38 -14.71
C TYR J 214 -20.07 -62.31 -13.88
N ALA J 215 -19.39 -63.24 -14.55
CA ALA J 215 -18.47 -64.13 -13.84
C ALA J 215 -17.32 -63.35 -13.25
N LEU J 216 -16.75 -62.43 -14.01
CA LEU J 216 -15.63 -61.63 -13.52
C LEU J 216 -16.05 -60.75 -12.36
N GLU J 217 -17.21 -60.11 -12.47
CA GLU J 217 -17.77 -59.32 -11.38
C GLU J 217 -18.47 -60.25 -10.41
N GLY J 218 -17.95 -60.37 -9.20
CA GLY J 218 -18.55 -61.24 -8.21
C GLY J 218 -18.05 -62.66 -8.22
N GLN J 219 -17.18 -63.01 -9.16
CA GLN J 219 -16.46 -64.28 -9.13
C GLN J 219 -17.41 -65.45 -8.89
N THR J 220 -18.31 -65.65 -9.84
CA THR J 220 -19.26 -66.74 -9.81
C THR J 220 -19.00 -67.65 -11.01
N PHE J 221 -19.43 -68.90 -10.87
CA PHE J 221 -19.51 -69.80 -12.02
C PHE J 221 -20.82 -69.51 -12.74
N VAL J 222 -20.74 -69.19 -14.03
CA VAL J 222 -21.91 -68.85 -14.82
C VAL J 222 -22.21 -70.03 -15.74
N VAL J 223 -23.44 -70.53 -15.65
CA VAL J 223 -23.90 -71.61 -16.52
C VAL J 223 -24.86 -70.97 -17.51
N CYS J 224 -24.33 -70.57 -18.65
CA CYS J 224 -25.14 -69.89 -19.65
C CYS J 224 -25.83 -70.92 -20.54
N THR J 225 -27.15 -70.78 -20.65
CA THR J 225 -27.97 -71.65 -21.49
C THR J 225 -28.79 -70.80 -22.42
N THR J 226 -29.07 -71.34 -23.61
CA THR J 226 -29.66 -70.52 -24.66
C THR J 226 -30.56 -71.38 -25.54
N GLN J 227 -31.53 -70.72 -26.17
CA GLN J 227 -32.32 -71.33 -27.23
C GLN J 227 -31.64 -71.09 -28.56
N VAL J 228 -31.97 -71.92 -29.53
CA VAL J 228 -31.39 -71.85 -30.87
C VAL J 228 -32.51 -71.60 -31.86
N VAL J 229 -32.31 -70.62 -32.74
CA VAL J 229 -33.27 -70.30 -33.80
C VAL J 229 -32.88 -71.15 -35.00
N THR J 230 -33.48 -72.34 -35.10
CA THR J 230 -33.20 -73.27 -36.19
C THR J 230 -34.23 -73.08 -37.29
N PRO J 231 -34.10 -73.78 -38.42
CA PRO J 231 -35.11 -73.62 -39.48
C PRO J 231 -36.52 -73.95 -39.03
N GLU J 232 -36.68 -74.86 -38.06
CA GLU J 232 -38.02 -75.15 -37.56
C GLU J 232 -38.68 -73.91 -36.98
N ALA J 233 -37.89 -72.95 -36.50
CA ALA J 233 -38.46 -71.71 -36.01
C ALA J 233 -38.99 -70.86 -37.16
N HIS J 234 -38.28 -70.84 -38.29
CA HIS J 234 -38.72 -70.03 -39.42
C HIS J 234 -40.08 -70.50 -39.94
N GLU J 235 -40.29 -71.82 -40.00
CA GLU J 235 -41.57 -72.35 -40.42
C GLU J 235 -42.70 -72.00 -39.46
N PHE J 236 -42.38 -71.54 -38.26
CA PHE J 236 -43.37 -71.19 -37.26
C PHE J 236 -43.66 -69.69 -37.22
N PHE J 237 -42.62 -68.86 -37.16
CA PHE J 237 -42.78 -67.42 -37.01
C PHE J 237 -42.80 -66.68 -38.35
N CYS J 238 -41.87 -67.00 -39.23
CA CYS J 238 -41.65 -66.22 -40.44
C CYS J 238 -42.69 -66.56 -41.50
N GLU J 239 -43.28 -65.51 -42.09
CA GLU J 239 -44.23 -65.67 -43.18
C GLU J 239 -43.69 -65.20 -44.52
N ASN J 240 -42.53 -64.56 -44.54
CA ASN J 240 -41.94 -64.09 -45.80
C ASN J 240 -40.43 -63.93 -45.58
N GLU J 241 -39.74 -63.53 -46.65
CA GLU J 241 -38.29 -63.42 -46.59
C GLU J 241 -37.85 -62.31 -45.64
N GLU J 242 -38.59 -61.20 -45.61
CA GLU J 242 -38.21 -60.10 -44.73
C GLU J 242 -38.22 -60.52 -43.28
N GLN J 243 -39.25 -61.27 -42.86
CA GLN J 243 -39.31 -61.73 -41.47
C GLN J 243 -38.21 -62.72 -41.16
N ARG J 244 -37.80 -63.53 -42.13
CA ARG J 244 -36.70 -64.45 -41.90
C ARG J 244 -35.39 -63.72 -41.64
N LYS J 245 -35.18 -62.59 -42.31
CA LYS J 245 -33.99 -61.79 -42.04
C LYS J 245 -33.99 -61.27 -40.61
N LEU J 246 -35.15 -60.83 -40.12
CA LEU J 246 -35.22 -60.28 -38.76
C LEU J 246 -34.87 -61.33 -37.73
N ILE J 247 -35.50 -62.51 -37.80
CA ILE J 247 -35.29 -63.51 -36.76
C ILE J 247 -33.92 -64.15 -36.85
N GLY J 248 -33.22 -63.98 -37.98
CA GLY J 248 -31.90 -64.56 -38.11
C GLY J 248 -31.95 -66.07 -38.05
N ARG J 249 -30.84 -66.66 -37.63
CA ARG J 249 -30.75 -68.10 -37.48
C ARG J 249 -29.58 -68.43 -36.58
N GLY J 250 -29.76 -69.46 -35.77
CA GLY J 250 -28.72 -69.83 -34.80
C GLY J 250 -28.93 -69.10 -33.50
N GLY J 251 -27.91 -68.39 -33.05
CA GLY J 251 -28.01 -67.55 -31.88
C GLY J 251 -27.79 -68.25 -30.55
N GLY J 252 -27.43 -69.54 -30.55
CA GLY J 252 -27.16 -70.26 -29.32
C GLY J 252 -25.72 -70.05 -28.91
N PHE J 253 -25.52 -69.67 -27.65
CA PHE J 253 -24.19 -69.45 -27.11
C PHE J 253 -24.07 -70.00 -25.71
N ALA J 254 -24.64 -71.18 -25.46
CA ALA J 254 -24.53 -71.79 -24.15
C ALA J 254 -23.07 -72.02 -23.80
N ARG J 255 -22.70 -71.70 -22.56
CA ARG J 255 -21.33 -71.79 -22.11
C ARG J 255 -21.29 -71.98 -20.61
N ILE J 256 -20.14 -72.43 -20.12
CA ILE J 256 -19.85 -72.49 -18.69
C ILE J 256 -18.58 -71.68 -18.47
N ILE J 257 -18.67 -70.68 -17.60
CA ILE J 257 -17.61 -69.70 -17.40
C ILE J 257 -17.17 -69.76 -15.95
N GLY J 258 -15.87 -69.84 -15.73
CA GLY J 258 -15.34 -69.82 -14.40
C GLY J 258 -15.27 -68.42 -13.83
N PRO J 259 -14.96 -68.33 -12.54
CA PRO J 259 -14.89 -67.01 -11.90
C PRO J 259 -13.85 -66.11 -12.50
N ASP J 260 -12.87 -66.66 -13.22
CA ASP J 260 -11.86 -65.87 -13.90
C ASP J 260 -12.27 -65.48 -15.31
N GLY J 261 -13.48 -65.85 -15.74
CA GLY J 261 -13.97 -65.49 -17.05
C GLY J 261 -13.59 -66.46 -18.16
N ARG J 262 -12.79 -67.46 -17.88
CA ARG J 262 -12.39 -68.44 -18.88
C ARG J 262 -13.44 -69.53 -18.99
N ASP J 263 -13.75 -69.93 -20.22
CA ASP J 263 -14.74 -70.97 -20.44
C ASP J 263 -14.23 -72.32 -19.95
N LEU J 264 -15.11 -73.06 -19.27
CA LEU J 264 -14.77 -74.39 -18.76
C LEU J 264 -15.21 -75.51 -19.67
N ALA J 265 -15.92 -75.22 -20.75
CA ALA J 265 -16.38 -76.23 -21.69
C ALA J 265 -16.27 -75.68 -23.10
N THR J 266 -15.99 -76.56 -24.04
CA THR J 266 -15.87 -76.14 -25.44
C THR J 266 -17.23 -75.71 -25.95
N PRO J 267 -17.39 -74.49 -26.44
CA PRO J 267 -18.72 -74.04 -26.89
C PRO J 267 -19.18 -74.79 -28.13
N LEU J 268 -20.49 -74.92 -28.24
CA LEU J 268 -21.10 -75.49 -29.44
C LEU J 268 -21.15 -74.44 -30.53
N ALA J 269 -21.76 -74.79 -31.66
CA ALA J 269 -21.95 -73.83 -32.73
C ALA J 269 -23.23 -73.04 -32.52
N GLU J 270 -23.30 -71.86 -33.13
CA GLU J 270 -24.48 -71.03 -32.98
C GLU J 270 -25.72 -71.75 -33.46
N ASP J 271 -25.59 -72.62 -34.45
CA ASP J 271 -26.71 -73.38 -34.97
C ASP J 271 -26.82 -74.78 -34.36
N GLU J 272 -25.74 -75.29 -33.79
CA GLU J 272 -25.78 -76.62 -33.22
C GLU J 272 -26.62 -76.63 -31.93
N GLU J 273 -27.06 -77.82 -31.55
CA GLU J 273 -27.89 -78.03 -30.38
C GLU J 273 -27.35 -79.20 -29.58
N GLY J 274 -27.41 -79.10 -28.27
CA GLY J 274 -26.92 -80.16 -27.42
C GLY J 274 -26.71 -79.67 -26.00
N ILE J 275 -25.97 -80.47 -25.25
CA ILE J 275 -25.64 -80.19 -23.86
C ILE J 275 -24.13 -80.23 -23.71
N LEU J 276 -23.59 -79.31 -22.92
CA LEU J 276 -22.15 -79.27 -22.63
C LEU J 276 -21.93 -79.24 -21.13
N TYR J 277 -20.94 -79.99 -20.69
CA TYR J 277 -20.71 -80.25 -19.28
C TYR J 277 -19.38 -79.64 -18.83
N ALA J 278 -19.26 -79.43 -17.52
CA ALA J 278 -18.02 -78.93 -16.95
C ALA J 278 -17.98 -79.30 -15.48
N ASP J 279 -16.78 -79.27 -14.92
CA ASP J 279 -16.55 -79.60 -13.52
C ASP J 279 -16.29 -78.31 -12.74
N ILE J 280 -17.09 -78.09 -11.69
CA ILE J 280 -17.05 -76.87 -10.91
C ILE J 280 -16.30 -77.16 -9.62
N ASP J 281 -15.20 -76.46 -9.39
CA ASP J 281 -14.46 -76.49 -8.13
C ASP J 281 -14.60 -75.13 -7.49
N LEU J 282 -15.35 -75.06 -6.39
CA LEU J 282 -15.61 -73.77 -5.75
C LEU J 282 -14.34 -73.12 -5.24
N SER J 283 -13.27 -73.87 -5.02
CA SER J 283 -12.01 -73.27 -4.60
C SER J 283 -11.45 -72.33 -5.65
N ALA J 284 -11.88 -72.48 -6.91
CA ALA J 284 -11.42 -71.55 -7.94
C ALA J 284 -11.88 -70.14 -7.66
N ILE J 285 -13.01 -69.99 -6.97
CA ILE J 285 -13.51 -68.66 -6.62
C ILE J 285 -12.62 -68.01 -5.58
N THR J 286 -12.20 -68.78 -4.58
CA THR J 286 -11.34 -68.22 -3.54
C THR J 286 -10.09 -67.61 -4.16
N LEU J 287 -9.66 -68.12 -5.32
CA LEU J 287 -8.54 -67.51 -6.01
C LEU J 287 -8.95 -66.19 -6.65
N ALA J 288 -10.12 -66.15 -7.27
CA ALA J 288 -10.58 -64.90 -7.89
C ALA J 288 -10.90 -63.83 -6.86
N LYS J 289 -11.40 -64.23 -5.69
CA LYS J 289 -11.70 -63.26 -4.66
C LYS J 289 -10.46 -62.53 -4.17
N GLN J 290 -9.27 -63.07 -4.42
CA GLN J 290 -8.05 -62.37 -4.03
C GLN J 290 -7.92 -61.05 -4.77
N ALA J 291 -8.18 -61.05 -6.08
CA ALA J 291 -8.02 -59.83 -6.86
C ALA J 291 -9.15 -58.85 -6.62
N ALA J 292 -10.40 -59.31 -6.67
CA ALA J 292 -11.54 -58.43 -6.57
C ALA J 292 -12.64 -59.08 -5.73
N ASP J 293 -13.44 -58.24 -5.10
CA ASP J 293 -14.64 -58.66 -4.38
C ASP J 293 -15.55 -57.46 -4.25
N PRO J 294 -16.50 -57.27 -5.17
CA PRO J 294 -17.24 -56.00 -5.19
C PRO J 294 -17.95 -55.68 -3.89
N VAL J 295 -18.46 -56.69 -3.20
CA VAL J 295 -19.16 -56.48 -1.93
C VAL J 295 -18.27 -56.76 -0.73
N GLY J 296 -16.98 -57.01 -0.96
CA GLY J 296 -16.07 -57.33 0.12
C GLY J 296 -15.02 -56.26 0.35
N HIS J 297 -13.81 -56.50 -0.14
CA HIS J 297 -12.71 -55.58 0.09
C HIS J 297 -12.61 -54.48 -0.96
N TYR J 298 -13.41 -54.53 -2.01
CA TYR J 298 -13.51 -53.43 -2.96
C TYR J 298 -14.64 -52.47 -2.66
N SER J 299 -15.55 -52.82 -1.77
CA SER J 299 -16.67 -51.95 -1.47
C SER J 299 -16.17 -50.67 -0.80
N ARG J 300 -16.88 -49.57 -1.06
CA ARG J 300 -16.67 -48.30 -0.36
C ARG J 300 -18.02 -47.87 0.18
N PRO J 301 -18.57 -48.62 1.14
CA PRO J 301 -19.92 -48.32 1.62
C PRO J 301 -20.07 -46.93 2.19
N ASP J 302 -18.98 -46.31 2.62
CA ASP J 302 -19.03 -44.89 2.98
C ASP J 302 -19.31 -44.01 1.77
N VAL J 303 -19.06 -44.51 0.57
CA VAL J 303 -19.27 -43.76 -0.66
C VAL J 303 -20.48 -44.26 -1.43
N LEU J 304 -20.56 -45.57 -1.66
CA LEU J 304 -21.60 -46.17 -2.48
C LEU J 304 -22.15 -47.39 -1.78
N SER J 305 -23.47 -47.42 -1.57
CA SER J 305 -24.14 -48.58 -1.01
C SER J 305 -25.45 -48.78 -1.76
N LEU J 306 -26.09 -49.92 -1.50
CA LEU J 306 -27.27 -50.33 -2.23
C LEU J 306 -28.47 -50.38 -1.29
N ASN J 307 -29.61 -49.87 -1.77
CA ASN J 307 -30.89 -50.03 -1.10
C ASN J 307 -31.64 -51.15 -1.80
N PHE J 308 -31.76 -52.30 -1.11
CA PHE J 308 -32.38 -53.48 -1.68
C PHE J 308 -33.67 -53.75 -0.92
N ASN J 309 -34.80 -53.65 -1.61
CA ASN J 309 -36.12 -53.87 -1.01
C ASN J 309 -36.62 -55.24 -1.47
N GLN J 310 -36.37 -56.25 -0.65
CA GLN J 310 -36.65 -57.63 -0.99
C GLN J 310 -38.04 -58.08 -0.55
N ARG J 311 -38.98 -57.16 -0.40
CA ARG J 311 -40.34 -57.50 -0.02
C ARG J 311 -41.16 -57.88 -1.24
N ARG J 312 -42.00 -58.90 -1.08
CA ARG J 312 -42.90 -59.31 -2.15
C ARG J 312 -44.20 -58.54 -2.05
N THR J 313 -44.59 -57.90 -3.15
CA THR J 313 -45.78 -57.08 -3.21
C THR J 313 -46.82 -57.76 -4.09
N THR J 314 -48.08 -57.68 -3.68
CA THR J 314 -49.17 -58.29 -4.40
C THR J 314 -50.29 -57.27 -4.62
N PRO J 315 -51.06 -57.42 -5.70
CA PRO J 315 -52.15 -56.46 -5.94
C PRO J 315 -53.17 -56.42 -4.82
N VAL J 316 -53.46 -57.56 -4.19
CA VAL J 316 -54.38 -57.64 -3.07
C VAL J 316 -53.62 -58.18 -1.87
N ASN J 317 -53.68 -57.45 -0.75
CA ASN J 317 -52.93 -57.80 0.43
C ASN J 317 -53.72 -58.71 1.37
N THR J 318 -54.93 -58.31 1.74
CA THR J 318 -55.76 -59.10 2.65
C THR J 318 -55.11 -59.19 4.03
N VAL K 2 5.84 -3.03 30.33
CA VAL K 2 7.03 -3.42 29.53
C VAL K 2 8.19 -3.77 30.46
N GLU K 3 8.47 -2.89 31.43
CA GLU K 3 9.54 -3.10 32.39
C GLU K 3 8.99 -2.90 33.79
N TYR K 4 9.41 -3.76 34.71
CA TYR K 4 8.86 -3.81 36.06
C TYR K 4 9.97 -3.72 37.11
N THR K 5 10.86 -2.75 36.94
CA THR K 5 12.02 -2.60 37.81
C THR K 5 12.09 -1.26 38.53
N ASN K 6 11.61 -0.19 37.91
CA ASN K 6 11.86 1.15 38.44
C ASN K 6 11.22 1.32 39.82
N THR K 7 11.73 2.29 40.56
CA THR K 7 11.23 2.65 41.88
C THR K 7 11.15 4.16 41.97
N PHE K 8 10.15 4.67 42.69
CA PHE K 8 9.94 6.12 42.75
C PHE K 8 8.89 6.42 43.80
N LYS K 9 8.78 7.71 44.14
CA LYS K 9 7.78 8.21 45.07
C LYS K 9 6.65 8.89 44.32
N VAL K 10 5.44 8.76 44.88
CA VAL K 10 4.25 9.40 44.34
C VAL K 10 3.52 10.09 45.47
N ALA K 11 2.72 11.09 45.11
CA ALA K 11 1.95 11.87 46.08
C ALA K 11 0.49 11.89 45.67
N ALA K 12 -0.39 11.72 46.65
CA ALA K 12 -1.83 11.74 46.44
C ALA K 12 -2.41 12.89 47.27
N VAL K 13 -3.09 13.82 46.60
CA VAL K 13 -3.53 15.05 47.23
C VAL K 13 -4.99 14.89 47.64
N GLN K 14 -5.28 15.16 48.91
CA GLN K 14 -6.64 15.21 49.42
C GLN K 14 -6.90 16.66 49.83
N ALA K 15 -7.48 17.43 48.92
CA ALA K 15 -7.65 18.86 49.16
C ALA K 15 -8.95 19.32 48.54
N GLN K 16 -9.48 20.40 49.09
CA GLN K 16 -10.63 21.06 48.48
C GLN K 16 -10.18 22.26 47.68
N PRO K 17 -10.90 22.65 46.64
CA PRO K 17 -10.53 23.80 45.84
C PRO K 17 -11.18 25.08 46.38
N VAL K 18 -10.67 26.21 45.88
CA VAL K 18 -11.34 27.49 46.10
C VAL K 18 -12.56 27.49 45.19
N TRP K 19 -13.72 27.23 45.78
CA TRP K 19 -14.88 26.79 45.02
C TRP K 19 -15.23 27.75 43.89
N PHE K 20 -15.19 27.24 42.67
CA PHE K 20 -15.49 27.99 41.46
C PHE K 20 -14.63 29.25 41.38
N ASP K 21 -13.32 29.08 41.53
CA ASP K 21 -12.36 30.17 41.36
C ASP K 21 -11.11 29.57 40.74
N ALA K 22 -11.01 29.64 39.42
CA ALA K 22 -9.89 29.01 38.73
C ALA K 22 -8.56 29.62 39.14
N ALA K 23 -8.49 30.95 39.21
CA ALA K 23 -7.23 31.62 39.49
C ALA K 23 -6.70 31.23 40.86
N LYS K 24 -7.57 31.19 41.86
CA LYS K 24 -7.13 30.88 43.21
C LYS K 24 -6.85 29.38 43.36
N THR K 25 -7.64 28.53 42.71
CA THR K 25 -7.42 27.10 42.82
C THR K 25 -6.17 26.66 42.08
N VAL K 26 -5.81 27.36 41.00
CA VAL K 26 -4.55 27.06 40.34
C VAL K 26 -3.38 27.42 41.25
N ASP K 27 -3.51 28.52 42.00
CA ASP K 27 -2.49 28.85 42.99
C ASP K 27 -2.39 27.76 44.04
N LYS K 28 -3.52 27.26 44.52
CA LYS K 28 -3.52 26.18 45.49
C LYS K 28 -2.87 24.93 44.91
N THR K 29 -3.15 24.64 43.64
CA THR K 29 -2.57 23.46 43.01
C THR K 29 -1.05 23.58 42.91
N VAL K 30 -0.55 24.75 42.50
CA VAL K 30 0.89 24.91 42.35
C VAL K 30 1.60 24.78 43.68
N SER K 31 0.98 25.30 44.76
CA SER K 31 1.57 25.13 46.08
C SER K 31 1.61 23.66 46.46
N ASN K 32 0.56 22.91 46.15
CA ASN K 32 0.57 21.47 46.40
C ASN K 32 1.61 20.78 45.52
N ILE K 33 1.77 21.25 44.28
CA ILE K 33 2.79 20.68 43.41
C ILE K 33 4.17 20.90 44.01
N ALA K 34 4.43 22.11 44.50
CA ALA K 34 5.72 22.42 45.09
C ALA K 34 5.98 21.58 46.33
N GLU K 35 4.96 21.41 47.17
CA GLU K 35 5.14 20.62 48.40
C GLU K 35 5.55 19.19 48.07
N ALA K 36 4.88 18.58 47.09
CA ALA K 36 5.21 17.21 46.72
C ALA K 36 6.62 17.11 46.17
N ALA K 37 7.01 18.08 45.34
CA ALA K 37 8.35 18.04 44.75
C ALA K 37 9.42 18.15 45.82
N ARG K 38 9.18 18.95 46.86
CA ARG K 38 10.14 19.05 47.95
C ARG K 38 10.35 17.69 48.62
N ASN K 39 9.34 16.84 48.61
CA ASN K 39 9.44 15.51 49.20
C ASN K 39 10.07 14.50 48.26
N GLY K 40 10.45 14.90 47.06
CA GLY K 40 11.09 13.99 46.13
C GLY K 40 10.16 13.12 45.33
N CYS K 41 8.90 13.54 45.17
CA CYS K 41 7.93 12.72 44.47
C CYS K 41 8.04 12.91 42.97
N GLU K 42 8.08 11.79 42.24
CA GLU K 42 8.12 11.84 40.78
C GLU K 42 6.76 12.11 40.17
N LEU K 43 5.68 11.95 40.94
CA LEU K 43 4.33 12.14 40.44
C LEU K 43 3.44 12.64 41.56
N VAL K 44 2.61 13.63 41.26
CA VAL K 44 1.62 14.14 42.19
C VAL K 44 0.28 14.20 41.48
N ALA K 45 -0.77 13.71 42.13
CA ALA K 45 -2.09 13.63 41.54
C ALA K 45 -3.07 14.50 42.32
N PHE K 46 -4.07 15.03 41.62
CA PHE K 46 -5.04 15.94 42.20
C PHE K 46 -6.46 15.45 41.91
N PRO K 47 -7.43 15.87 42.72
CA PRO K 47 -8.78 15.31 42.60
C PRO K 47 -9.46 15.58 41.27
N GLU K 48 -10.68 15.07 41.13
CA GLU K 48 -11.46 15.23 39.91
C GLU K 48 -12.02 16.64 39.81
N VAL K 49 -11.94 17.22 38.62
CA VAL K 49 -12.46 18.56 38.36
C VAL K 49 -12.00 19.45 39.50
N PHE K 50 -10.70 19.42 39.78
CA PHE K 50 -10.19 20.12 40.96
C PHE K 50 -10.18 21.63 40.74
N ILE K 51 -9.73 22.09 39.57
CA ILE K 51 -9.39 23.50 39.43
C ILE K 51 -10.58 24.41 39.67
N PRO K 52 -11.73 24.23 39.04
CA PRO K 52 -12.90 25.00 39.46
C PRO K 52 -13.57 24.35 40.65
N GLY K 53 -13.44 23.03 40.75
CA GLY K 53 -14.07 22.26 41.80
C GLY K 53 -15.30 21.52 41.28
N TYR K 54 -15.63 20.44 41.97
CA TYR K 54 -16.75 19.62 41.54
C TYR K 54 -18.06 20.40 41.67
N PRO K 55 -18.94 20.32 40.68
CA PRO K 55 -20.21 21.05 40.77
C PRO K 55 -21.24 20.34 41.62
N TYR K 56 -21.16 20.49 42.95
CA TYR K 56 -22.12 19.82 43.82
C TYR K 56 -23.52 20.39 43.70
N HIS K 57 -23.68 21.59 43.11
CA HIS K 57 -25.00 22.21 43.06
C HIS K 57 -25.99 21.37 42.27
N ILE K 58 -25.50 20.50 41.38
CA ILE K 58 -26.41 19.67 40.61
C ILE K 58 -27.07 18.64 41.49
N TRP K 59 -26.43 18.26 42.60
CA TRP K 59 -26.96 17.23 43.47
C TRP K 59 -27.85 17.78 44.57
N VAL K 60 -27.63 19.02 44.99
CA VAL K 60 -28.29 19.51 46.20
C VAL K 60 -29.67 20.08 45.91
N ASP K 61 -29.88 20.63 44.71
CA ASP K 61 -31.14 21.31 44.39
C ASP K 61 -31.60 20.90 43.01
N SER K 62 -32.73 21.45 42.58
CA SER K 62 -33.27 21.16 41.28
C SER K 62 -32.41 21.80 40.18
N PRO K 63 -32.54 21.33 38.95
CA PRO K 63 -31.70 21.90 37.87
C PRO K 63 -31.87 23.39 37.71
N LEU K 64 -33.08 23.92 37.87
CA LEU K 64 -33.28 25.36 37.71
C LEU K 64 -32.50 26.14 38.75
N ALA K 65 -32.52 25.67 40.00
CA ALA K 65 -31.76 26.35 41.04
C ALA K 65 -30.28 26.37 40.73
N GLY K 66 -29.74 25.23 40.29
CA GLY K 66 -28.33 25.20 39.92
C GLY K 66 -28.03 26.07 38.71
N MET K 67 -28.87 25.97 37.68
CA MET K 67 -28.63 26.75 36.47
C MET K 67 -28.67 28.24 36.76
N ALA K 68 -29.66 28.68 37.54
CA ALA K 68 -29.83 30.11 37.79
C ALA K 68 -28.65 30.68 38.57
N LYS K 69 -28.13 29.93 39.53
CA LYS K 69 -27.15 30.47 40.48
C LYS K 69 -25.71 30.09 40.16
N PHE K 70 -25.46 28.86 39.70
CA PHE K 70 -24.10 28.36 39.59
C PHE K 70 -23.62 28.08 38.17
N ALA K 71 -24.53 27.87 37.22
CA ALA K 71 -24.11 27.42 35.90
C ALA K 71 -23.15 28.41 35.25
N VAL K 72 -23.51 29.68 35.21
CA VAL K 72 -22.67 30.67 34.53
C VAL K 72 -21.34 30.84 35.26
N ARG K 73 -21.39 30.92 36.60
CA ARG K 73 -20.16 31.07 37.36
C ARG K 73 -19.24 29.86 37.14
N TYR K 74 -19.80 28.65 37.21
CA TYR K 74 -18.99 27.46 37.03
C TYR K 74 -18.45 27.38 35.61
N HIS K 75 -19.28 27.71 34.63
CA HIS K 75 -18.84 27.66 33.23
C HIS K 75 -17.79 28.71 32.95
N GLU K 76 -17.88 29.88 33.58
CA GLU K 76 -16.90 30.94 33.36
C GLU K 76 -15.56 30.64 34.02
N ASN K 77 -15.55 29.79 35.04
CA ASN K 77 -14.33 29.42 35.73
C ASN K 77 -13.71 28.14 35.21
N SER K 78 -14.27 27.54 34.17
CA SER K 78 -13.68 26.36 33.57
C SER K 78 -12.50 26.75 32.69
N LEU K 79 -11.52 25.86 32.62
CA LEU K 79 -10.26 26.15 31.94
C LEU K 79 -10.33 25.77 30.47
N THR K 80 -9.99 26.71 29.61
CA THR K 80 -9.72 26.38 28.22
C THR K 80 -8.31 25.81 28.10
N MET K 81 -8.14 24.87 27.17
CA MET K 81 -6.89 24.14 27.09
C MET K 81 -5.71 25.03 26.74
N ASP K 82 -5.95 26.23 26.21
CA ASP K 82 -4.90 27.17 25.88
C ASP K 82 -4.94 28.40 26.79
N SER K 83 -5.52 28.26 27.97
CA SER K 83 -5.65 29.37 28.90
C SER K 83 -4.34 29.60 29.64
N PRO K 84 -4.15 30.79 30.21
CA PRO K 84 -2.97 31.00 31.06
C PRO K 84 -2.91 30.07 32.26
N HIS K 85 -4.06 29.69 32.80
CA HIS K 85 -4.08 28.80 33.95
C HIS K 85 -3.42 27.47 33.63
N VAL K 86 -3.74 26.90 32.47
CA VAL K 86 -3.12 25.64 32.07
C VAL K 86 -1.61 25.81 31.91
N GLN K 87 -1.19 26.95 31.35
CA GLN K 87 0.24 27.20 31.19
C GLN K 87 0.92 27.30 32.55
N ARG K 88 0.22 27.85 33.55
CA ARG K 88 0.79 27.92 34.89
C ARG K 88 1.03 26.52 35.45
N LEU K 89 0.07 25.60 35.24
CA LEU K 89 0.26 24.24 35.69
C LEU K 89 1.42 23.57 34.97
N LEU K 90 1.55 23.82 33.66
CA LEU K 90 2.68 23.26 32.92
C LEU K 90 3.99 23.84 33.42
N ASP K 91 4.03 25.16 33.68
CA ASP K 91 5.26 25.76 34.19
C ASP K 91 5.64 25.19 35.55
N ALA K 92 4.65 25.01 36.43
CA ALA K 92 4.94 24.46 37.75
C ALA K 92 5.52 23.07 37.65
N ALA K 93 4.98 22.25 36.75
CA ALA K 93 5.51 20.89 36.57
C ALA K 93 6.95 20.94 36.05
N ARG K 94 7.24 21.87 35.13
CA ARG K 94 8.60 21.99 34.61
C ARG K 94 9.54 22.50 35.70
N ASP K 95 9.16 23.57 36.39
CA ASP K 95 10.04 24.15 37.39
C ASP K 95 10.38 23.17 38.49
N HIS K 96 9.37 22.45 38.98
CA HIS K 96 9.58 21.50 40.07
C HIS K 96 9.99 20.12 39.59
N ASN K 97 10.02 19.89 38.27
CA ASN K 97 10.47 18.62 37.72
C ASN K 97 9.66 17.44 38.27
N ILE K 98 8.35 17.60 38.27
CA ILE K 98 7.43 16.62 38.82
C ILE K 98 6.28 16.41 37.84
N ALA K 99 5.88 15.16 37.65
CA ALA K 99 4.75 14.85 36.79
C ALA K 99 3.46 15.09 37.54
N VAL K 100 2.53 15.80 36.90
CA VAL K 100 1.27 16.22 37.54
C VAL K 100 0.12 15.61 36.76
N VAL K 101 -0.81 15.00 37.48
CA VAL K 101 -2.08 14.53 36.93
C VAL K 101 -3.15 15.29 37.68
N VAL K 102 -3.69 16.34 37.06
CA VAL K 102 -4.67 17.22 37.70
C VAL K 102 -5.95 17.17 36.91
N GLY K 103 -7.06 16.96 37.62
CA GLY K 103 -8.37 16.98 36.97
C GLY K 103 -8.90 18.39 36.88
N ILE K 104 -9.31 18.80 35.68
CA ILE K 104 -9.84 20.12 35.45
C ILE K 104 -11.21 19.98 34.80
N SER K 105 -11.97 21.07 34.83
CA SER K 105 -13.22 21.19 34.09
C SER K 105 -12.88 21.93 32.81
N GLU K 106 -12.45 21.18 31.79
CA GLU K 106 -12.09 21.79 30.53
C GLU K 106 -13.31 22.41 29.87
N ARG K 107 -13.10 23.52 29.19
CA ARG K 107 -14.14 24.17 28.39
C ARG K 107 -13.72 24.11 26.93
N ASP K 108 -14.64 23.73 26.06
CA ASP K 108 -14.39 23.66 24.62
C ASP K 108 -15.62 24.27 23.94
N GLY K 109 -15.54 25.56 23.64
CA GLY K 109 -16.70 26.28 23.17
C GLY K 109 -17.65 26.56 24.31
N GLY K 110 -18.89 26.09 24.20
CA GLY K 110 -19.88 26.22 25.25
C GLY K 110 -20.11 24.95 26.02
N SER K 111 -19.26 23.95 25.88
CA SER K 111 -19.41 22.66 26.56
C SER K 111 -18.24 22.43 27.50
N LEU K 112 -18.51 21.72 28.58
CA LEU K 112 -17.51 21.36 29.57
C LEU K 112 -17.25 19.86 29.52
N TYR K 113 -16.07 19.46 29.96
CA TYR K 113 -15.68 18.06 30.02
C TYR K 113 -14.87 17.83 31.27
N MET K 114 -15.05 16.65 31.89
CA MET K 114 -14.27 16.26 33.06
C MET K 114 -12.93 15.74 32.58
N THR K 115 -12.06 16.69 32.24
CA THR K 115 -10.74 16.38 31.71
C THR K 115 -9.78 16.04 32.84
N GLN K 116 -8.76 15.27 32.51
CA GLN K 116 -7.60 15.04 33.38
C GLN K 116 -6.36 15.36 32.56
N LEU K 117 -5.67 16.43 32.93
CA LEU K 117 -4.41 16.78 32.28
C LEU K 117 -3.30 15.93 32.86
N ILE K 118 -2.46 15.38 31.99
CA ILE K 118 -1.28 14.63 32.40
C ILE K 118 -0.06 15.41 31.91
N ILE K 119 0.75 15.86 32.86
CA ILE K 119 1.88 16.74 32.59
C ILE K 119 3.14 16.02 33.05
N ASP K 120 4.12 15.92 32.16
CA ASP K 120 5.36 15.25 32.49
C ASP K 120 6.31 16.22 33.19
N ALA K 121 7.43 15.67 33.68
CA ALA K 121 8.40 16.47 34.41
C ALA K 121 9.01 17.58 33.55
N ASP K 122 8.95 17.44 32.23
CA ASP K 122 9.49 18.45 31.34
C ASP K 122 8.51 19.58 31.07
N GLY K 123 7.32 19.53 31.63
CA GLY K 123 6.34 20.59 31.44
C GLY K 123 5.50 20.47 30.20
N GLN K 124 5.63 19.39 29.44
CA GLN K 124 4.80 19.17 28.27
C GLN K 124 3.48 18.54 28.67
N LEU K 125 2.46 18.77 27.86
CA LEU K 125 1.14 18.20 28.08
C LEU K 125 1.11 16.82 27.45
N VAL K 126 1.24 15.78 28.29
CA VAL K 126 1.26 14.42 27.77
C VAL K 126 -0.12 14.01 27.25
N ALA K 127 -1.17 14.38 27.97
CA ALA K 127 -2.50 13.88 27.64
C ALA K 127 -3.54 14.90 28.05
N ARG K 128 -4.72 14.78 27.43
CA ARG K 128 -5.85 15.65 27.68
C ARG K 128 -7.13 14.82 27.70
N ARG K 129 -7.09 13.68 28.40
CA ARG K 129 -8.20 12.74 28.34
C ARG K 129 -9.45 13.32 28.99
N ARG K 130 -10.60 13.01 28.41
CA ARG K 130 -11.90 13.43 28.92
C ARG K 130 -12.66 12.21 29.43
N LYS K 131 -13.47 12.42 30.46
CA LYS K 131 -14.27 11.33 31.00
C LYS K 131 -15.16 10.76 29.90
N LEU K 132 -15.15 9.44 29.77
CA LEU K 132 -15.89 8.79 28.69
C LEU K 132 -17.39 8.98 28.84
N LYS K 133 -17.89 8.90 30.08
CA LYS K 133 -19.31 9.06 30.32
C LYS K 133 -19.54 9.59 31.74
N PRO K 134 -20.06 10.80 31.90
CA PRO K 134 -20.31 11.31 33.26
C PRO K 134 -21.41 10.52 33.96
N THR K 135 -21.48 10.70 35.27
CA THR K 135 -22.30 9.87 36.16
C THR K 135 -23.60 10.57 36.52
N HIS K 136 -24.72 10.04 36.05
CA HIS K 136 -26.05 10.47 36.46
C HIS K 136 -26.21 11.95 36.12
N VAL K 137 -26.56 12.82 37.07
CA VAL K 137 -26.98 14.17 36.72
C VAL K 137 -25.81 15.04 36.26
N GLU K 138 -24.57 14.60 36.46
CA GLU K 138 -23.48 15.41 35.93
C GLU K 138 -23.33 15.20 34.43
N ARG K 139 -24.13 14.33 33.83
CA ARG K 139 -24.28 14.33 32.38
C ARG K 139 -24.94 15.60 31.88
N SER K 140 -25.66 16.30 32.75
CA SER K 140 -26.20 17.61 32.40
C SER K 140 -25.09 18.63 32.22
N VAL K 141 -24.08 18.57 33.07
CA VAL K 141 -23.02 19.58 33.05
C VAL K 141 -22.01 19.27 31.95
N TYR K 142 -21.54 18.04 31.90
CA TYR K 142 -20.38 17.67 31.09
C TYR K 142 -20.77 16.86 29.87
N GLY K 143 -19.96 16.99 28.82
CA GLY K 143 -20.05 16.14 27.65
C GLY K 143 -19.24 14.89 27.81
N GLU K 144 -19.10 14.17 26.71
CA GLU K 144 -18.50 12.84 26.71
C GLU K 144 -17.20 12.84 25.92
N GLY K 145 -16.29 11.96 26.33
CA GLY K 145 -15.09 11.68 25.57
C GLY K 145 -15.33 10.61 24.54
N ASN K 146 -14.23 10.09 23.98
CA ASN K 146 -14.29 9.04 22.99
C ASN K 146 -13.19 8.02 23.32
N GLY K 147 -13.02 7.04 22.44
CA GLY K 147 -12.08 5.98 22.71
C GLY K 147 -10.65 6.46 22.84
N SER K 148 -10.32 7.58 22.21
CA SER K 148 -8.98 8.14 22.34
C SER K 148 -8.70 8.63 23.75
N ASP K 149 -9.75 8.84 24.55
CA ASP K 149 -9.60 9.31 25.92
C ASP K 149 -9.34 8.17 26.90
N ILE K 150 -9.23 6.94 26.42
CA ILE K 150 -8.83 5.79 27.23
C ILE K 150 -7.47 5.37 26.71
N SER K 151 -6.42 5.72 27.43
CA SER K 151 -5.07 5.41 26.99
C SER K 151 -4.15 5.31 28.20
N VAL K 152 -3.01 4.66 27.98
CA VAL K 152 -1.96 4.52 28.98
C VAL K 152 -0.70 5.14 28.42
N TYR K 153 -0.10 6.04 29.18
CA TYR K 153 1.01 6.85 28.70
C TYR K 153 2.31 6.39 29.33
N ASP K 154 3.34 6.23 28.50
CA ASP K 154 4.63 5.71 28.95
C ASP K 154 5.47 6.88 29.45
N MET K 155 5.24 7.24 30.72
CA MET K 155 6.04 8.25 31.36
C MET K 155 7.43 7.71 31.68
N PRO K 156 8.40 8.59 31.91
CA PRO K 156 9.76 8.10 32.23
C PRO K 156 9.79 7.18 33.42
N PHE K 157 8.96 7.44 34.43
CA PHE K 157 8.99 6.65 35.65
C PHE K 157 8.18 5.36 35.53
N ALA K 158 7.08 5.38 34.79
CA ALA K 158 6.27 4.18 34.61
C ALA K 158 5.19 4.48 33.58
N ARG K 159 4.52 3.43 33.13
CA ARG K 159 3.35 3.56 32.25
C ARG K 159 2.17 4.01 33.10
N LEU K 160 1.68 5.21 32.85
CA LEU K 160 0.69 5.85 33.69
C LEU K 160 -0.66 5.88 32.98
N GLY K 161 -1.72 5.61 33.74
CA GLY K 161 -3.06 5.81 33.26
C GLY K 161 -3.87 6.54 34.31
N ALA K 162 -4.97 7.13 33.85
CA ALA K 162 -5.81 7.94 34.73
C ALA K 162 -7.26 7.80 34.33
N LEU K 163 -8.12 7.54 35.31
CA LEU K 163 -9.56 7.46 35.12
C LEU K 163 -10.22 8.29 36.20
N ASN K 164 -11.47 8.68 35.94
CA ASN K 164 -12.19 9.60 36.81
C ASN K 164 -13.16 8.82 37.70
N CYS K 165 -13.95 9.55 38.46
CA CYS K 165 -14.95 8.96 39.34
C CYS K 165 -15.90 8.05 38.56
N TRP K 166 -16.09 6.85 39.08
CA TRP K 166 -17.05 5.87 38.56
C TRP K 166 -16.74 5.44 37.13
N GLU K 167 -15.57 5.78 36.60
CA GLU K 167 -15.02 5.02 35.48
C GLU K 167 -14.38 3.73 35.96
N HIS K 168 -14.30 3.53 37.27
CA HIS K 168 -13.84 2.28 37.86
C HIS K 168 -14.97 1.29 38.04
N PHE K 169 -16.22 1.71 37.86
CA PHE K 169 -17.35 0.80 37.80
C PHE K 169 -17.66 0.36 36.38
N GLN K 170 -16.97 0.93 35.40
CA GLN K 170 -17.14 0.56 34.00
C GLN K 170 -16.22 -0.61 33.71
N THR K 171 -16.81 -1.79 33.54
CA THR K 171 -16.01 -3.01 33.49
C THR K 171 -15.12 -3.04 32.25
N LEU K 172 -15.64 -2.61 31.10
CA LEU K 172 -14.87 -2.69 29.87
C LEU K 172 -13.79 -1.62 29.80
N THR K 173 -14.05 -0.44 30.37
CA THR K 173 -13.04 0.60 30.40
C THR K 173 -11.81 0.14 31.17
N LYS K 174 -12.03 -0.58 32.28
CA LYS K 174 -10.91 -1.11 33.05
C LYS K 174 -10.11 -2.11 32.24
N TYR K 175 -10.79 -3.01 31.53
CA TYR K 175 -10.06 -4.03 30.76
C TYR K 175 -9.22 -3.39 29.67
N ALA K 176 -9.77 -2.39 28.99
CA ALA K 176 -8.98 -1.67 27.99
C ALA K 176 -7.70 -1.13 28.61
N MET K 177 -7.77 -0.69 29.87
CA MET K 177 -6.59 -0.14 30.52
C MET K 177 -5.61 -1.23 30.93
N TYR K 178 -6.11 -2.38 31.40
CA TYR K 178 -5.22 -3.49 31.69
C TYR K 178 -4.51 -3.97 30.45
N SER K 179 -5.22 -4.04 29.33
CA SER K 179 -4.62 -4.49 28.08
C SER K 179 -3.46 -3.61 27.66
N MET K 180 -3.42 -2.36 28.12
CA MET K 180 -2.33 -1.44 27.81
C MET K 180 -1.26 -1.43 28.88
N HIS K 181 -1.34 -2.33 29.87
CA HIS K 181 -0.28 -2.57 30.84
C HIS K 181 0.03 -1.31 31.65
N GLU K 182 -0.95 -0.89 32.43
CA GLU K 182 -0.71 0.14 33.42
C GLU K 182 0.28 -0.33 34.47
N GLN K 183 1.18 0.57 34.84
CA GLN K 183 1.98 0.41 36.05
C GLN K 183 1.33 1.14 37.22
N VAL K 184 1.10 2.43 37.05
CA VAL K 184 0.55 3.30 38.07
C VAL K 184 -0.73 3.93 37.54
N HIS K 185 -1.79 3.89 38.35
CA HIS K 185 -3.08 4.43 37.97
C HIS K 185 -3.44 5.56 38.92
N VAL K 186 -3.89 6.69 38.36
CA VAL K 186 -4.34 7.83 39.14
C VAL K 186 -5.86 7.86 39.06
N ALA K 187 -6.52 7.68 40.20
CA ALA K 187 -7.96 7.65 40.29
C ALA K 187 -8.43 8.94 40.95
N SER K 188 -8.96 9.86 40.16
CA SER K 188 -9.43 11.13 40.67
C SER K 188 -10.91 11.03 41.04
N TRP K 189 -11.24 11.47 42.24
CA TRP K 189 -12.58 11.42 42.78
C TRP K 189 -12.99 12.79 43.30
N PRO K 190 -14.27 13.07 43.37
CA PRO K 190 -14.73 14.23 44.16
C PRO K 190 -14.96 13.82 45.60
N GLY K 191 -15.40 14.74 46.45
CA GLY K 191 -15.71 14.38 47.80
C GLY K 191 -16.97 13.53 47.84
N MET K 192 -16.81 12.23 48.10
CA MET K 192 -17.92 11.29 48.03
C MET K 192 -18.64 11.25 49.37
N SER K 193 -19.44 12.29 49.59
CA SER K 193 -20.25 12.44 50.79
C SER K 193 -21.73 12.66 50.49
N LEU K 194 -22.11 12.73 49.21
CA LEU K 194 -23.48 13.04 48.86
C LEU K 194 -24.42 11.94 49.33
N TYR K 195 -25.58 12.35 49.83
CA TYR K 195 -26.68 11.42 50.12
C TYR K 195 -26.18 10.29 51.01
N GLN K 196 -25.36 10.63 51.98
CA GLN K 196 -24.52 9.61 52.62
C GLN K 196 -25.32 8.47 53.25
N PRO K 197 -26.36 8.73 54.03
CA PRO K 197 -27.12 7.62 54.62
C PRO K 197 -28.10 6.98 53.66
N GLU K 198 -28.71 7.81 52.79
CA GLU K 198 -29.78 7.32 51.94
C GLU K 198 -29.27 6.44 50.81
N VAL K 199 -28.16 6.86 50.19
CA VAL K 199 -27.61 6.11 49.05
C VAL K 199 -26.22 5.61 49.44
N PRO K 200 -26.10 4.38 49.93
CA PRO K 200 -24.77 3.90 50.36
C PRO K 200 -23.78 3.76 49.23
N ALA K 201 -24.23 3.69 47.98
CA ALA K 201 -23.31 3.53 46.86
C ALA K 201 -22.43 4.76 46.67
N PHE K 202 -22.82 5.91 47.22
CA PHE K 202 -22.04 7.14 47.11
C PHE K 202 -21.10 7.34 48.29
N GLY K 203 -21.08 6.42 49.24
CA GLY K 203 -20.20 6.58 50.39
C GLY K 203 -18.78 6.17 50.08
N VAL K 204 -17.83 6.74 50.83
CA VAL K 204 -16.42 6.45 50.59
C VAL K 204 -16.13 4.98 50.72
N ASP K 205 -16.96 4.24 51.46
CA ASP K 205 -16.75 2.80 51.57
C ASP K 205 -16.89 2.12 50.23
N ALA K 206 -17.93 2.48 49.47
CA ALA K 206 -18.13 1.88 48.16
C ALA K 206 -17.01 2.27 47.20
N GLN K 207 -16.60 3.55 47.22
CA GLN K 207 -15.59 4.00 46.28
C GLN K 207 -14.20 3.49 46.65
N LEU K 208 -14.02 3.03 47.89
CA LEU K 208 -12.74 2.45 48.26
C LEU K 208 -12.59 1.05 47.69
N THR K 209 -13.68 0.28 47.64
CA THR K 209 -13.61 -1.02 47.00
C THR K 209 -13.40 -0.89 45.50
N ALA K 210 -14.00 0.14 44.89
CA ALA K 210 -13.82 0.34 43.46
C ALA K 210 -12.36 0.59 43.13
N THR K 211 -11.68 1.43 43.91
CA THR K 211 -10.27 1.70 43.67
C THR K 211 -9.41 0.53 44.10
N ARG K 212 -9.72 -0.09 45.24
CA ARG K 212 -8.95 -1.23 45.69
C ARG K 212 -9.06 -2.38 44.71
N MET K 213 -10.25 -2.63 44.18
CA MET K 213 -10.41 -3.72 43.23
C MET K 213 -9.71 -3.42 41.91
N TYR K 214 -9.60 -2.15 41.55
CA TYR K 214 -8.85 -1.80 40.35
C TYR K 214 -7.40 -2.24 40.45
N ALA K 215 -6.79 -2.02 41.62
CA ALA K 215 -5.43 -2.47 41.82
C ALA K 215 -5.34 -4.00 41.77
N LEU K 216 -6.31 -4.67 42.39
CA LEU K 216 -6.26 -6.12 42.45
C LEU K 216 -6.44 -6.75 41.07
N GLU K 217 -7.44 -6.28 40.32
CA GLU K 217 -7.69 -6.86 39.00
C GLU K 217 -6.51 -6.63 38.06
N GLY K 218 -6.07 -5.39 37.92
CA GLY K 218 -5.03 -5.06 36.97
C GLY K 218 -3.63 -5.10 37.51
N GLN K 219 -3.46 -5.42 38.79
CA GLN K 219 -2.14 -5.44 39.42
C GLN K 219 -1.40 -4.14 39.14
N THR K 220 -2.05 -3.03 39.48
CA THR K 220 -1.50 -1.70 39.31
C THR K 220 -1.38 -1.02 40.66
N PHE K 221 -0.54 0.01 40.70
CA PHE K 221 -0.51 0.93 41.84
C PHE K 221 -1.55 2.00 41.59
N VAL K 222 -2.51 2.13 42.49
CA VAL K 222 -3.61 3.07 42.33
C VAL K 222 -3.35 4.26 43.25
N VAL K 223 -3.10 5.41 42.66
CA VAL K 223 -2.90 6.65 43.43
C VAL K 223 -4.27 7.32 43.49
N CYS K 224 -5.06 6.91 44.48
CA CYS K 224 -6.37 7.50 44.65
C CYS K 224 -6.25 8.94 45.12
N THR K 225 -7.14 9.79 44.63
CA THR K 225 -7.06 11.22 44.90
C THR K 225 -8.48 11.76 44.99
N THR K 226 -8.74 12.60 45.97
CA THR K 226 -10.12 12.93 46.31
C THR K 226 -10.19 14.35 46.84
N GLN K 227 -11.37 14.94 46.74
CA GLN K 227 -11.65 16.24 47.33
C GLN K 227 -12.19 16.05 48.75
N VAL K 228 -12.55 17.17 49.38
CA VAL K 228 -13.17 17.13 50.71
C VAL K 228 -14.27 18.18 50.74
N VAL K 229 -15.40 17.82 51.35
CA VAL K 229 -16.52 18.74 51.51
C VAL K 229 -16.31 19.43 52.86
N THR K 230 -15.55 20.50 52.84
CA THR K 230 -15.25 21.30 54.02
C THR K 230 -16.43 22.21 54.33
N PRO K 231 -16.57 22.66 55.59
CA PRO K 231 -17.58 23.70 55.88
C PRO K 231 -17.59 24.84 54.89
N GLU K 232 -16.44 25.20 54.30
CA GLU K 232 -16.45 26.21 53.26
C GLU K 232 -17.36 25.82 52.10
N ALA K 233 -17.43 24.52 51.80
CA ALA K 233 -18.33 24.05 50.76
C ALA K 233 -19.78 24.30 51.13
N HIS K 234 -20.13 24.07 52.41
CA HIS K 234 -21.50 24.32 52.86
C HIS K 234 -21.88 25.78 52.67
N GLU K 235 -20.97 26.70 53.01
CA GLU K 235 -21.24 28.12 52.85
C GLU K 235 -21.38 28.52 51.39
N PHE K 236 -20.99 27.65 50.46
CA PHE K 236 -21.03 27.95 49.03
C PHE K 236 -22.26 27.39 48.34
N PHE K 237 -22.52 26.09 48.50
CA PHE K 237 -23.60 25.42 47.79
C PHE K 237 -24.91 25.45 48.57
N CYS K 238 -24.83 25.21 49.88
CA CYS K 238 -26.04 24.95 50.67
C CYS K 238 -26.66 26.24 51.17
N GLU K 239 -27.99 26.30 51.09
CA GLU K 239 -28.75 27.41 51.64
C GLU K 239 -29.79 26.98 52.67
N ASN K 240 -30.00 25.68 52.85
CA ASN K 240 -30.97 25.14 53.79
C ASN K 240 -30.25 24.19 54.74
N GLU K 241 -31.00 23.70 55.73
CA GLU K 241 -30.50 22.60 56.54
C GLU K 241 -30.60 21.28 55.79
N GLU K 242 -31.63 21.12 54.95
CA GLU K 242 -31.77 19.91 54.17
C GLU K 242 -30.62 19.75 53.19
N GLN K 243 -30.25 20.82 52.49
CA GLN K 243 -29.16 20.74 51.52
C GLN K 243 -27.85 20.39 52.19
N ARG K 244 -27.59 20.94 53.38
CA ARG K 244 -26.39 20.57 54.11
C ARG K 244 -26.39 19.09 54.48
N LYS K 245 -27.58 18.49 54.61
CA LYS K 245 -27.63 17.05 54.82
C LYS K 245 -27.30 16.30 53.53
N LEU K 246 -27.79 16.80 52.39
CA LEU K 246 -27.51 16.13 51.12
C LEU K 246 -26.02 16.12 50.83
N ILE K 247 -25.38 17.29 50.90
CA ILE K 247 -23.97 17.37 50.51
C ILE K 247 -23.07 16.69 51.52
N GLY K 248 -23.56 16.42 52.73
CA GLY K 248 -22.75 15.71 53.69
C GLY K 248 -21.56 16.55 54.14
N ARG K 249 -20.58 15.85 54.69
CA ARG K 249 -19.35 16.48 55.16
C ARG K 249 -18.19 15.52 54.98
N GLY K 250 -17.00 16.07 54.77
CA GLY K 250 -15.82 15.26 54.57
C GLY K 250 -15.76 14.65 53.19
N GLY K 251 -15.77 13.32 53.12
CA GLY K 251 -15.80 12.62 51.86
C GLY K 251 -14.45 12.31 51.25
N GLY K 252 -13.35 12.76 51.86
CA GLY K 252 -12.04 12.50 51.30
C GLY K 252 -11.56 11.11 51.68
N PHE K 253 -11.04 10.38 50.70
CA PHE K 253 -10.49 9.05 50.95
C PHE K 253 -9.23 8.80 50.13
N ALA K 254 -8.43 9.83 49.89
CA ALA K 254 -7.21 9.66 49.10
C ALA K 254 -6.35 8.57 49.69
N ARG K 255 -5.77 7.75 48.81
CA ARG K 255 -5.01 6.59 49.24
C ARG K 255 -4.00 6.22 48.15
N ILE K 256 -3.01 5.43 48.54
CA ILE K 256 -2.09 4.81 47.61
C ILE K 256 -2.13 3.31 47.87
N ILE K 257 -2.43 2.54 46.83
CA ILE K 257 -2.72 1.12 46.94
C ILE K 257 -1.75 0.37 46.05
N GLY K 258 -1.27 -0.77 46.54
CA GLY K 258 -0.36 -1.61 45.80
C GLY K 258 -1.09 -2.63 44.95
N PRO K 259 -0.34 -3.39 44.15
CA PRO K 259 -0.97 -4.41 43.31
C PRO K 259 -1.75 -5.44 44.12
N ASP K 260 -1.36 -5.67 45.37
CA ASP K 260 -2.04 -6.60 46.24
C ASP K 260 -3.23 -5.98 46.96
N GLY K 261 -3.51 -4.70 46.73
CA GLY K 261 -4.65 -4.04 47.32
C GLY K 261 -4.41 -3.49 48.71
N ARG K 262 -3.24 -3.70 49.28
CA ARG K 262 -2.92 -3.17 50.61
C ARG K 262 -2.38 -1.75 50.48
N ASP K 263 -2.86 -0.86 51.35
CA ASP K 263 -2.48 0.54 51.26
C ASP K 263 -1.01 0.73 51.58
N LEU K 264 -0.35 1.59 50.80
CA LEU K 264 1.05 1.90 50.99
C LEU K 264 1.27 3.20 51.77
N ALA K 265 0.20 3.85 52.23
CA ALA K 265 0.30 5.08 52.98
C ALA K 265 -0.83 5.13 53.99
N THR K 266 -0.55 5.70 55.16
CA THR K 266 -1.56 5.80 56.20
C THR K 266 -2.63 6.78 55.76
N PRO K 267 -3.89 6.38 55.64
CA PRO K 267 -4.91 7.31 55.16
C PRO K 267 -5.15 8.45 56.13
N LEU K 268 -5.52 9.60 55.57
CA LEU K 268 -5.91 10.75 56.36
C LEU K 268 -7.33 10.56 56.89
N ALA K 269 -7.85 11.57 57.55
CA ALA K 269 -9.24 11.54 57.99
C ALA K 269 -10.16 11.93 56.84
N GLU K 270 -11.42 11.50 56.94
CA GLU K 270 -12.38 11.80 55.88
C GLU K 270 -12.63 13.29 55.74
N ASP K 271 -12.27 14.09 56.74
CA ASP K 271 -12.43 15.53 56.70
C ASP K 271 -11.10 16.28 56.63
N GLU K 272 -9.98 15.61 56.91
CA GLU K 272 -8.69 16.29 56.88
C GLU K 272 -8.23 16.52 55.45
N GLU K 273 -7.25 17.40 55.31
CA GLU K 273 -6.65 17.73 54.02
C GLU K 273 -5.16 17.52 54.11
N GLY K 274 -4.53 17.20 53.00
CA GLY K 274 -3.09 16.99 53.00
C GLY K 274 -2.65 16.24 51.77
N ILE K 275 -1.50 15.58 51.91
CA ILE K 275 -0.90 14.80 50.84
C ILE K 275 -0.41 13.49 51.43
N LEU K 276 -0.58 12.41 50.67
CA LEU K 276 -0.07 11.10 51.04
C LEU K 276 1.12 10.78 50.16
N TYR K 277 2.18 10.27 50.77
CA TYR K 277 3.40 9.91 50.07
C TYR K 277 3.66 8.42 50.22
N ALA K 278 4.15 7.80 49.15
CA ALA K 278 4.51 6.40 49.19
C ALA K 278 5.62 6.15 48.19
N ASP K 279 6.35 5.05 48.38
CA ASP K 279 7.41 4.63 47.49
C ASP K 279 6.91 3.45 46.68
N ILE K 280 6.91 3.60 45.35
CA ILE K 280 6.37 2.60 44.44
C ILE K 280 7.53 1.76 43.93
N ASP K 281 7.45 0.45 44.13
CA ASP K 281 8.41 -0.50 43.58
C ASP K 281 7.67 -1.36 42.55
N LEU K 282 7.98 -1.14 41.27
CA LEU K 282 7.25 -1.84 40.22
C LEU K 282 7.46 -3.35 40.26
N SER K 283 8.53 -3.83 40.90
CA SER K 283 8.69 -5.27 41.04
C SER K 283 7.58 -5.89 41.87
N ALA K 284 6.88 -5.09 42.68
CA ALA K 284 5.74 -5.60 43.42
C ALA K 284 4.62 -6.05 42.48
N ILE K 285 4.56 -5.45 41.29
CA ILE K 285 3.58 -5.88 40.30
C ILE K 285 3.86 -7.31 39.86
N THR K 286 5.14 -7.62 39.62
CA THR K 286 5.49 -8.97 39.16
C THR K 286 5.02 -10.03 40.15
N LEU K 287 5.04 -9.71 41.44
CA LEU K 287 4.52 -10.66 42.43
C LEU K 287 3.03 -10.86 42.25
N ALA K 288 2.29 -9.78 42.02
CA ALA K 288 0.85 -9.90 41.83
C ALA K 288 0.53 -10.65 40.54
N LYS K 289 1.33 -10.43 39.50
CA LYS K 289 1.09 -11.10 38.21
C LYS K 289 1.26 -12.60 38.29
N GLN K 290 1.86 -13.14 39.36
CA GLN K 290 1.96 -14.58 39.49
C GLN K 290 0.60 -15.23 39.61
N ALA K 291 -0.27 -14.64 40.43
CA ALA K 291 -1.57 -15.25 40.69
C ALA K 291 -2.56 -14.95 39.59
N ALA K 292 -2.77 -13.68 39.28
CA ALA K 292 -3.76 -13.24 38.31
C ALA K 292 -3.13 -12.31 37.29
N ASP K 293 -3.67 -12.37 36.07
CA ASP K 293 -3.31 -11.47 34.99
C ASP K 293 -4.47 -11.45 34.00
N PRO K 294 -5.43 -10.53 34.14
CA PRO K 294 -6.66 -10.63 33.36
C PRO K 294 -6.42 -10.57 31.86
N VAL K 295 -5.30 -10.02 31.43
CA VAL K 295 -5.01 -9.85 30.01
C VAL K 295 -4.04 -10.90 29.49
N GLY K 296 -3.32 -11.58 30.36
CA GLY K 296 -2.30 -12.51 29.91
C GLY K 296 -2.65 -13.95 30.18
N HIS K 297 -1.92 -14.58 31.08
CA HIS K 297 -2.01 -16.01 31.30
C HIS K 297 -3.37 -16.44 31.84
N TYR K 298 -4.15 -15.54 32.41
CA TYR K 298 -5.38 -15.89 33.10
C TYR K 298 -6.57 -15.29 32.38
N SER K 299 -6.54 -15.37 31.05
CA SER K 299 -7.59 -14.89 30.17
C SER K 299 -7.88 -15.96 29.13
N ARG K 300 -9.08 -15.88 28.55
CA ARG K 300 -9.53 -16.86 27.56
C ARG K 300 -10.09 -16.14 26.35
N PRO K 301 -9.21 -15.64 25.47
CA PRO K 301 -9.70 -14.90 24.29
C PRO K 301 -10.53 -15.74 23.36
N ASP K 302 -10.42 -17.07 23.43
CA ASP K 302 -11.31 -17.94 22.68
C ASP K 302 -12.77 -17.80 23.10
N VAL K 303 -13.01 -17.34 24.33
CA VAL K 303 -14.35 -17.22 24.88
C VAL K 303 -14.78 -15.76 24.97
N LEU K 304 -13.91 -14.91 25.53
CA LEU K 304 -14.24 -13.52 25.80
C LEU K 304 -13.10 -12.64 25.30
N SER K 305 -13.44 -11.62 24.52
CA SER K 305 -12.46 -10.65 24.07
C SER K 305 -13.15 -9.29 24.00
N LEU K 306 -12.35 -8.25 23.88
CA LEU K 306 -12.82 -6.88 23.90
C LEU K 306 -12.69 -6.24 22.52
N ASN K 307 -13.70 -5.48 22.13
CA ASN K 307 -13.66 -4.65 20.92
C ASN K 307 -13.40 -3.22 21.36
N PHE K 308 -12.17 -2.77 21.16
CA PHE K 308 -11.74 -1.45 21.60
C PHE K 308 -11.56 -0.57 20.37
N ASN K 309 -12.29 0.54 20.34
CA ASN K 309 -12.27 1.48 19.22
C ASN K 309 -11.64 2.78 19.70
N GLN K 310 -10.40 3.02 19.31
CA GLN K 310 -9.63 4.16 19.77
C GLN K 310 -9.66 5.34 18.81
N ARG K 311 -10.56 5.32 17.84
CA ARG K 311 -10.67 6.43 16.91
C ARG K 311 -11.05 7.70 17.65
N ARG K 312 -10.55 8.83 17.15
CA ARG K 312 -10.80 10.14 17.76
C ARG K 312 -11.89 10.83 16.93
N THR K 313 -13.13 10.68 17.38
CA THR K 313 -14.26 11.21 16.65
C THR K 313 -14.41 12.71 16.90
N THR K 314 -14.76 13.45 15.86
CA THR K 314 -14.94 14.89 15.91
C THR K 314 -16.26 15.25 15.24
N PRO K 315 -16.98 16.25 15.76
CA PRO K 315 -18.23 16.64 15.08
C PRO K 315 -18.03 17.09 13.65
N VAL K 316 -16.94 17.77 13.35
CA VAL K 316 -16.62 18.23 12.00
C VAL K 316 -15.36 17.50 11.57
N ASN K 317 -15.49 16.60 10.59
CA ASN K 317 -14.34 15.84 10.12
C ASN K 317 -13.42 16.71 9.27
N THR K 318 -13.99 17.53 8.39
CA THR K 318 -13.20 18.39 7.52
C THR K 318 -12.42 17.57 6.51
N VAL L 2 -35.21 -8.91 33.89
CA VAL L 2 -36.50 -8.62 33.21
C VAL L 2 -37.47 -7.98 34.20
N GLU L 3 -37.85 -8.71 35.23
CA GLU L 3 -38.76 -8.22 36.26
C GLU L 3 -38.00 -8.04 37.57
N TYR L 4 -38.19 -6.89 38.20
CA TYR L 4 -37.45 -6.54 39.40
C TYR L 4 -38.38 -6.29 40.58
N THR L 5 -39.34 -7.19 40.79
CA THR L 5 -40.34 -7.01 41.85
C THR L 5 -40.31 -8.09 42.92
N ASN L 6 -39.84 -9.29 42.61
CA ASN L 6 -39.97 -10.40 43.54
C ASN L 6 -39.18 -10.16 44.81
N THR L 7 -39.66 -10.77 45.90
CA THR L 7 -39.02 -10.72 47.21
C THR L 7 -38.93 -12.13 47.76
N PHE L 8 -37.78 -12.49 48.30
CA PHE L 8 -37.56 -13.85 48.80
C PHE L 8 -36.43 -13.82 49.82
N LYS L 9 -36.14 -15.00 50.36
CA LYS L 9 -35.14 -15.16 51.40
C LYS L 9 -34.08 -16.16 50.92
N VAL L 10 -32.82 -15.87 51.25
CA VAL L 10 -31.69 -16.67 50.82
C VAL L 10 -30.84 -17.02 52.03
N ALA L 11 -30.02 -18.05 51.87
CA ALA L 11 -29.13 -18.51 52.92
C ALA L 11 -27.74 -18.72 52.34
N ALA L 12 -26.73 -18.23 53.05
CA ALA L 12 -25.33 -18.42 52.68
C ALA L 12 -24.67 -19.32 53.72
N VAL L 13 -23.90 -20.28 53.25
CA VAL L 13 -23.32 -21.31 54.10
C VAL L 13 -21.83 -21.05 54.25
N GLN L 14 -21.36 -20.98 55.49
CA GLN L 14 -19.95 -20.89 55.82
C GLN L 14 -19.62 -22.18 56.54
N ALA L 15 -19.30 -23.22 55.79
CA ALA L 15 -19.14 -24.55 56.34
C ALA L 15 -17.87 -25.19 55.81
N GLN L 16 -17.31 -26.10 56.60
CA GLN L 16 -16.20 -26.90 56.12
C GLN L 16 -16.68 -28.31 55.78
N PRO L 17 -16.10 -28.94 54.78
CA PRO L 17 -16.51 -30.31 54.44
C PRO L 17 -15.71 -31.34 55.23
N VAL L 18 -16.23 -32.57 55.22
CA VAL L 18 -15.47 -33.69 55.76
C VAL L 18 -14.39 -33.98 54.74
N TRP L 19 -13.18 -33.53 55.02
CA TRP L 19 -12.14 -33.38 54.00
C TRP L 19 -11.95 -34.65 53.19
N PHE L 20 -12.21 -34.54 51.88
CA PHE L 20 -12.04 -35.64 50.93
C PHE L 20 -12.86 -36.84 51.36
N ASP L 21 -14.15 -36.61 51.60
CA ASP L 21 -15.10 -37.68 51.92
C ASP L 21 -16.43 -37.28 51.29
N ALA L 22 -16.70 -37.79 50.08
CA ALA L 22 -17.90 -37.38 49.37
C ALA L 22 -19.15 -37.81 50.10
N ALA L 23 -19.18 -39.06 50.59
CA ALA L 23 -20.38 -39.58 51.21
C ALA L 23 -20.74 -38.78 52.47
N LYS L 24 -19.75 -38.51 53.31
CA LYS L 24 -20.02 -37.81 54.56
C LYS L 24 -20.23 -36.32 54.35
N THR L 25 -19.61 -35.74 53.32
CA THR L 25 -19.83 -34.33 53.02
C THR L 25 -21.18 -34.11 52.36
N VAL L 26 -21.66 -35.07 51.57
CA VAL L 26 -23.00 -34.95 51.00
C VAL L 26 -24.03 -34.99 52.12
N ASP L 27 -23.81 -35.81 53.15
CA ASP L 27 -24.69 -35.81 54.30
C ASP L 27 -24.68 -34.45 54.98
N LYS L 28 -23.49 -33.86 55.15
CA LYS L 28 -23.40 -32.55 55.77
C LYS L 28 -24.11 -31.50 54.93
N THR L 29 -24.00 -31.60 53.61
CA THR L 29 -24.70 -30.67 52.73
C THR L 29 -26.20 -30.80 52.87
N VAL L 30 -26.72 -32.04 52.88
CA VAL L 30 -28.15 -32.24 52.93
C VAL L 30 -28.73 -31.70 54.23
N SER L 31 -28.00 -31.88 55.33
CA SER L 31 -28.43 -31.30 56.60
C SER L 31 -28.46 -29.78 56.52
N ASN L 32 -27.45 -29.18 55.89
CA ASN L 32 -27.44 -27.73 55.69
C ASN L 32 -28.60 -27.32 54.79
N ILE L 33 -28.88 -28.09 53.74
CA ILE L 33 -30.02 -27.78 52.88
C ILE L 33 -31.31 -27.82 53.68
N ALA L 34 -31.48 -28.85 54.50
CA ALA L 34 -32.70 -28.98 55.30
C ALA L 34 -32.81 -27.85 56.31
N GLU L 35 -31.69 -27.49 56.95
CA GLU L 35 -31.74 -26.44 57.96
C GLU L 35 -32.17 -25.11 57.35
N ALA L 36 -31.62 -24.77 56.19
CA ALA L 36 -31.98 -23.51 55.54
C ALA L 36 -33.45 -23.49 55.16
N ALA L 37 -33.96 -24.61 54.62
CA ALA L 37 -35.36 -24.65 54.21
C ALA L 37 -36.30 -24.47 55.40
N ARG L 38 -35.88 -24.91 56.59
CA ARG L 38 -36.68 -24.67 57.78
C ARG L 38 -36.83 -23.19 58.09
N ASN L 39 -35.93 -22.35 57.60
CA ASN L 39 -36.00 -20.91 57.78
C ASN L 39 -36.74 -20.20 56.65
N GLY L 40 -37.35 -20.95 55.74
CA GLY L 40 -38.10 -20.36 54.66
C GLY L 40 -37.27 -19.78 53.54
N CYS L 41 -36.04 -20.24 53.38
CA CYS L 41 -35.15 -19.72 52.34
C CYS L 41 -35.41 -20.43 51.02
N GLU L 42 -35.50 -19.65 49.95
CA GLU L 42 -35.72 -20.19 48.62
C GLU L 42 -34.44 -20.54 47.90
N LEU L 43 -33.28 -20.21 48.46
CA LEU L 43 -32.01 -20.52 47.84
C LEU L 43 -30.96 -20.70 48.94
N VAL L 44 -30.23 -21.80 48.87
CA VAL L 44 -29.09 -22.03 49.76
C VAL L 44 -27.88 -22.30 48.89
N ALA L 45 -26.79 -21.61 49.18
CA ALA L 45 -25.55 -21.73 48.42
C ALA L 45 -24.45 -22.30 49.30
N PHE L 46 -23.52 -23.03 48.70
CA PHE L 46 -22.47 -23.72 49.42
C PHE L 46 -21.12 -23.36 48.85
N PRO L 47 -20.06 -23.52 49.64
CA PRO L 47 -18.73 -23.06 49.20
C PRO L 47 -18.23 -23.72 47.93
N GLU L 48 -17.07 -23.28 47.46
CA GLU L 48 -16.49 -23.79 46.23
C GLU L 48 -15.87 -25.16 46.45
N VAL L 49 -16.14 -26.07 45.52
CA VAL L 49 -15.62 -27.43 45.60
C VAL L 49 -15.87 -27.94 47.00
N PHE L 50 -17.13 -27.87 47.43
CA PHE L 50 -17.45 -28.21 48.81
C PHE L 50 -17.44 -29.71 49.04
N ILE L 51 -18.03 -30.49 48.13
CA ILE L 51 -18.37 -31.87 48.46
C ILE L 51 -17.14 -32.70 48.82
N PRO L 52 -16.07 -32.72 48.03
CA PRO L 52 -14.84 -33.35 48.51
C PRO L 52 -14.03 -32.38 49.34
N GLY L 53 -14.19 -31.10 49.08
CA GLY L 53 -13.42 -30.06 49.75
C GLY L 53 -12.28 -29.55 48.89
N TYR L 54 -11.85 -28.34 49.19
CA TYR L 54 -10.81 -27.72 48.40
C TYR L 54 -9.50 -28.49 48.54
N PRO L 55 -8.76 -28.69 47.46
CA PRO L 55 -7.46 -29.40 47.57
C PRO L 55 -6.34 -28.49 48.04
N TYR L 56 -6.30 -28.24 49.36
CA TYR L 56 -5.25 -27.40 49.91
C TYR L 56 -3.87 -28.02 49.79
N HIS L 57 -3.79 -29.34 49.56
CA HIS L 57 -2.49 -29.99 49.51
C HIS L 57 -1.61 -29.45 48.39
N ILE L 58 -2.20 -28.78 47.40
CA ILE L 58 -1.41 -28.24 46.29
C ILE L 58 -0.73 -26.94 46.69
N TRP L 59 -1.14 -26.33 47.80
CA TRP L 59 -0.54 -25.08 48.24
C TRP L 59 0.49 -25.28 49.33
N VAL L 60 0.36 -26.36 50.13
CA VAL L 60 1.20 -26.51 51.31
C VAL L 60 2.53 -27.17 51.00
N ASP L 61 2.58 -28.07 50.01
CA ASP L 61 3.78 -28.85 49.77
C ASP L 61 4.12 -28.82 48.30
N SER L 62 5.19 -29.51 47.94
CA SER L 62 5.59 -29.59 46.54
C SER L 62 4.60 -30.49 45.79
N PRO L 63 4.56 -30.39 44.46
CA PRO L 63 3.60 -31.20 43.70
C PRO L 63 3.73 -32.69 43.96
N LEU L 64 4.95 -33.21 44.10
CA LEU L 64 5.11 -34.64 44.33
C LEU L 64 4.46 -35.04 45.64
N ALA L 65 4.62 -34.25 46.69
CA ALA L 65 4.02 -34.56 47.97
C ALA L 65 2.50 -34.63 47.85
N GLY L 66 1.90 -33.65 47.18
CA GLY L 66 0.45 -33.69 46.98
C GLY L 66 0.03 -34.86 46.10
N MET L 67 0.75 -35.10 45.01
CA MET L 67 0.40 -36.20 44.13
C MET L 67 0.44 -37.53 44.87
N ALA L 68 1.50 -37.76 45.63
CA ALA L 68 1.68 -39.06 46.28
C ALA L 68 0.62 -39.32 47.34
N LYS L 69 0.27 -38.31 48.11
CA LYS L 69 -0.57 -38.51 49.29
C LYS L 69 -2.05 -38.26 49.06
N PHE L 70 -2.41 -37.29 48.19
CA PHE L 70 -3.80 -36.85 48.09
C PHE L 70 -4.42 -37.01 46.71
N ALA L 71 -3.63 -37.09 45.64
CA ALA L 71 -4.21 -37.05 44.30
C ALA L 71 -5.21 -38.18 44.10
N VAL L 72 -4.81 -39.42 44.40
CA VAL L 72 -5.71 -40.55 44.20
C VAL L 72 -6.91 -40.44 45.11
N ARG L 73 -6.70 -40.07 46.37
CA ARG L 73 -7.81 -39.94 47.30
C ARG L 73 -8.76 -38.84 46.86
N TYR L 74 -8.22 -37.69 46.47
CA TYR L 74 -9.07 -36.59 46.03
C TYR L 74 -9.82 -36.95 44.75
N HIS L 75 -9.14 -37.62 43.82
CA HIS L 75 -9.79 -38.02 42.58
C HIS L 75 -10.91 -39.01 42.85
N GLU L 76 -10.68 -39.96 43.76
CA GLU L 76 -11.68 -40.99 44.03
C GLU L 76 -12.92 -40.41 44.69
N ASN L 77 -12.79 -39.31 45.42
CA ASN L 77 -13.90 -38.70 46.12
C ASN L 77 -14.58 -37.60 45.32
N SER L 78 -14.13 -37.34 44.11
CA SER L 78 -14.81 -36.37 43.25
C SER L 78 -16.07 -36.99 42.67
N LEU L 79 -17.12 -36.18 42.58
CA LEU L 79 -18.42 -36.67 42.16
C LEU L 79 -18.50 -36.78 40.64
N THR L 80 -19.12 -37.85 40.17
CA THR L 80 -19.52 -37.95 38.78
C THR L 80 -20.97 -37.50 38.66
N MET L 81 -21.28 -36.89 37.51
CA MET L 81 -22.58 -36.24 37.36
C MET L 81 -23.74 -37.21 37.44
N ASP L 82 -23.50 -38.50 37.20
CA ASP L 82 -24.52 -39.52 37.33
C ASP L 82 -24.37 -40.33 38.61
N SER L 83 -23.51 -39.90 39.53
CA SER L 83 -23.24 -40.64 40.73
C SER L 83 -24.45 -40.58 41.67
N PRO L 84 -24.57 -41.53 42.59
CA PRO L 84 -25.65 -41.45 43.59
C PRO L 84 -25.56 -40.20 44.45
N HIS L 85 -24.36 -39.70 44.70
CA HIS L 85 -24.22 -38.51 45.54
C HIS L 85 -24.96 -37.32 44.94
N VAL L 86 -24.77 -37.09 43.64
CA VAL L 86 -25.45 -35.97 43.00
C VAL L 86 -26.96 -36.14 43.08
N GLN L 87 -27.43 -37.39 42.96
CA GLN L 87 -28.87 -37.64 43.06
C GLN L 87 -29.39 -37.26 44.45
N ARG L 88 -28.60 -37.51 45.48
CA ARG L 88 -29.01 -37.15 46.84
C ARG L 88 -29.18 -35.65 46.97
N LEU L 89 -28.27 -34.87 46.36
CA LEU L 89 -28.42 -33.42 46.36
C LEU L 89 -29.70 -33.01 45.64
N LEU L 90 -29.99 -33.65 44.51
CA LEU L 90 -31.24 -33.37 43.81
C LEU L 90 -32.44 -33.73 44.67
N ASP L 91 -32.40 -34.90 45.32
CA ASP L 91 -33.50 -35.30 46.19
C ASP L 91 -33.68 -34.34 47.34
N ALA L 92 -32.57 -33.89 47.95
CA ALA L 92 -32.67 -32.94 49.05
C ALA L 92 -33.33 -31.65 48.61
N ALA L 93 -32.96 -31.15 47.44
CA ALA L 93 -33.58 -29.92 46.94
C ALA L 93 -35.07 -30.11 46.71
N ARG L 94 -35.47 -31.25 46.15
CA ARG L 94 -36.88 -31.50 45.89
C ARG L 94 -37.64 -31.67 47.20
N ASP L 95 -37.11 -32.45 48.13
CA ASP L 95 -37.81 -32.72 49.38
C ASP L 95 -38.07 -31.44 50.15
N HIS L 96 -37.05 -30.61 50.31
CA HIS L 96 -37.16 -29.39 51.08
C HIS L 96 -37.60 -28.19 50.23
N ASN L 97 -37.75 -28.38 48.92
CA ASN L 97 -38.29 -27.34 48.05
C ASN L 97 -37.45 -26.06 48.11
N ILE L 98 -36.13 -26.22 48.05
CA ILE L 98 -35.20 -25.10 48.13
C ILE L 98 -34.18 -25.24 47.01
N ALA L 99 -33.90 -24.13 46.34
CA ALA L 99 -32.89 -24.12 45.29
C ALA L 99 -31.51 -24.20 45.91
N VAL L 100 -30.65 -25.05 45.35
CA VAL L 100 -29.33 -25.31 45.88
C VAL L 100 -28.30 -24.97 44.82
N VAL L 101 -27.27 -24.23 45.21
CA VAL L 101 -26.13 -23.94 44.36
C VAL L 101 -24.91 -24.44 45.12
N VAL L 102 -24.50 -25.68 44.85
CA VAL L 102 -23.43 -26.34 45.59
C VAL L 102 -22.25 -26.55 44.66
N GLY L 103 -21.07 -26.13 45.11
CA GLY L 103 -19.86 -26.36 44.35
C GLY L 103 -19.30 -27.74 44.65
N ILE L 104 -19.09 -28.53 43.60
CA ILE L 104 -18.54 -29.88 43.73
C ILE L 104 -17.25 -29.95 42.93
N SER L 105 -16.58 -31.10 43.02
CA SER L 105 -15.45 -31.42 42.18
C SER L 105 -15.92 -32.49 41.20
N GLU L 106 -16.48 -32.05 40.08
CA GLU L 106 -16.96 -32.98 39.09
C GLU L 106 -15.79 -33.79 38.53
N ARG L 107 -16.04 -35.07 38.30
CA ARG L 107 -15.09 -35.95 37.63
C ARG L 107 -15.68 -36.36 36.29
N ASP L 108 -14.93 -36.14 35.22
CA ASP L 108 -15.34 -36.51 33.87
C ASP L 108 -14.21 -37.33 33.26
N GLY L 109 -14.34 -38.65 33.32
CA GLY L 109 -13.25 -39.51 32.90
C GLY L 109 -12.15 -39.50 33.94
N GLY L 110 -10.97 -39.02 33.55
CA GLY L 110 -9.84 -38.96 34.47
C GLY L 110 -9.44 -37.55 34.81
N SER L 111 -10.32 -36.59 34.57
CA SER L 111 -10.04 -35.18 34.82
C SER L 111 -11.08 -34.60 35.77
N LEU L 112 -10.66 -33.60 36.52
CA LEU L 112 -11.50 -32.95 37.51
C LEU L 112 -11.85 -31.54 37.06
N TYR L 113 -13.03 -31.07 37.45
CA TYR L 113 -13.49 -29.73 37.13
C TYR L 113 -14.12 -29.11 38.36
N MET L 114 -13.90 -27.81 38.55
CA MET L 114 -14.51 -27.07 39.64
C MET L 114 -15.93 -26.70 39.23
N THR L 115 -16.79 -27.72 39.22
CA THR L 115 -18.18 -27.57 38.81
C THR L 115 -18.99 -26.92 39.92
N GLN L 116 -20.06 -26.24 39.52
CA GLN L 116 -21.09 -25.77 40.44
C GLN L 116 -22.42 -26.29 39.97
N LEU L 117 -23.06 -27.13 40.78
CA LEU L 117 -24.39 -27.62 40.47
C LEU L 117 -25.43 -26.59 40.89
N ILE L 118 -26.31 -26.25 39.97
CA ILE L 118 -27.42 -25.35 40.26
C ILE L 118 -28.70 -26.18 40.17
N ILE L 119 -29.40 -26.30 41.30
CA ILE L 119 -30.53 -27.19 41.45
C ILE L 119 -31.74 -26.36 41.82
N ASP L 120 -32.84 -26.54 41.10
CA ASP L 120 -34.06 -25.81 41.40
C ASP L 120 -34.83 -26.50 42.51
N ALA L 121 -35.90 -25.83 42.96
CA ALA L 121 -36.72 -26.38 44.03
C ALA L 121 -37.43 -27.65 43.60
N ASP L 122 -37.49 -27.94 42.31
CA ASP L 122 -38.14 -29.14 41.81
C ASP L 122 -37.20 -30.34 41.76
N GLY L 123 -35.95 -30.18 42.19
CA GLY L 123 -34.99 -31.27 42.15
C GLY L 123 -34.38 -31.51 40.80
N GLN L 124 -34.60 -30.63 39.83
CA GLN L 124 -34.01 -30.76 38.51
C GLN L 124 -32.69 -30.01 38.46
N LEU L 125 -31.69 -30.63 37.83
CA LEU L 125 -30.39 -30.01 37.68
C LEU L 125 -30.50 -28.90 36.64
N VAL L 126 -30.62 -27.66 37.11
CA VAL L 126 -30.78 -26.54 36.18
C VAL L 126 -29.54 -26.37 35.33
N ALA L 127 -28.36 -26.45 35.94
CA ALA L 127 -27.13 -26.22 35.21
C ALA L 127 -25.97 -26.87 35.94
N ARG L 128 -24.93 -27.16 35.18
CA ARG L 128 -23.68 -27.75 35.69
C ARG L 128 -22.55 -26.98 35.03
N ARG L 129 -22.14 -25.88 35.65
CA ARG L 129 -21.15 -24.99 35.07
C ARG L 129 -19.78 -25.24 35.67
N ARG L 130 -18.77 -25.25 34.83
CA ARG L 130 -17.39 -25.46 35.24
C ARG L 130 -16.63 -24.13 35.27
N LYS L 131 -15.70 -24.02 36.19
CA LYS L 131 -14.89 -22.81 36.26
C LYS L 131 -14.17 -22.59 34.94
N LEU L 132 -14.24 -21.36 34.44
CA LEU L 132 -13.67 -21.07 33.13
C LEU L 132 -12.17 -21.32 33.10
N LYS L 133 -11.47 -20.91 34.15
CA LYS L 133 -10.04 -21.19 34.25
C LYS L 133 -9.62 -21.19 35.71
N PRO L 134 -9.10 -22.29 36.23
CA PRO L 134 -8.67 -22.31 37.64
C PRO L 134 -7.55 -21.32 37.89
N THR L 135 -7.23 -21.14 39.17
CA THR L 135 -6.31 -20.11 39.62
C THR L 135 -4.96 -20.72 39.96
N HIS L 136 -3.90 -20.17 39.35
CA HIS L 136 -2.53 -20.52 39.67
C HIS L 136 -2.35 -22.04 39.73
N VAL L 137 -1.97 -22.58 40.89
CA VAL L 137 -1.65 -24.00 40.99
C VAL L 137 -2.87 -24.90 40.85
N GLU L 138 -4.08 -24.35 40.95
CA GLU L 138 -5.27 -25.16 40.74
C GLU L 138 -5.26 -25.80 39.36
N ARG L 139 -4.59 -25.17 38.40
CA ARG L 139 -4.59 -25.67 37.03
C ARG L 139 -3.92 -27.02 36.92
N SER L 140 -3.08 -27.38 37.89
CA SER L 140 -2.51 -28.71 37.93
C SER L 140 -3.55 -29.76 38.33
N VAL L 141 -4.66 -29.34 38.92
CA VAL L 141 -5.68 -30.24 39.43
C VAL L 141 -6.90 -30.27 38.53
N TYR L 142 -7.37 -29.10 38.11
CA TYR L 142 -8.65 -28.96 37.44
C TYR L 142 -8.46 -28.57 35.97
N GLY L 143 -9.48 -28.87 35.17
CA GLY L 143 -9.54 -28.45 33.79
C GLY L 143 -10.33 -27.17 33.64
N GLU L 144 -10.51 -26.79 32.38
CA GLU L 144 -11.17 -25.54 32.03
C GLU L 144 -12.55 -25.81 31.46
N GLY L 145 -13.46 -24.86 31.68
CA GLY L 145 -14.76 -24.87 31.05
C GLY L 145 -14.71 -24.15 29.71
N ASN L 146 -15.87 -23.69 29.27
CA ASN L 146 -15.96 -22.94 28.03
C ASN L 146 -17.04 -21.88 28.19
N GLY L 147 -17.39 -21.22 27.08
CA GLY L 147 -18.34 -20.13 27.16
C GLY L 147 -19.72 -20.58 27.57
N SER L 148 -20.06 -21.84 27.33
CA SER L 148 -21.34 -22.37 27.78
C SER L 148 -21.44 -22.38 29.30
N ASP L 149 -20.32 -22.31 29.99
CA ASP L 149 -20.30 -22.33 31.46
C ASP L 149 -20.47 -20.95 32.07
N ILE L 150 -20.57 -19.90 31.24
CA ILE L 150 -20.89 -18.56 31.69
C ILE L 150 -22.32 -18.30 31.25
N SER L 151 -23.27 -18.43 32.17
CA SER L 151 -24.67 -18.24 31.83
C SER L 151 -25.44 -17.84 33.08
N VAL L 152 -26.60 -17.23 32.84
CA VAL L 152 -27.51 -16.80 33.89
C VAL L 152 -28.81 -17.55 33.70
N TYR L 153 -29.30 -18.17 34.76
CA TYR L 153 -30.43 -19.08 34.70
C TYR L 153 -31.65 -18.42 35.33
N ASP L 154 -32.76 -18.44 34.60
CA ASP L 154 -33.99 -17.75 35.02
C ASP L 154 -34.74 -18.65 35.99
N MET L 155 -34.29 -18.64 37.23
CA MET L 155 -34.94 -19.40 38.28
C MET L 155 -36.28 -18.77 38.63
N PRO L 156 -37.18 -19.52 39.27
CA PRO L 156 -38.51 -18.96 39.57
C PRO L 156 -38.46 -17.67 40.38
N PHE L 157 -37.50 -17.54 41.29
CA PHE L 157 -37.48 -16.40 42.19
C PHE L 157 -36.70 -15.22 41.63
N ALA L 158 -35.64 -15.48 40.88
CA ALA L 158 -34.83 -14.40 40.30
C ALA L 158 -33.94 -15.01 39.23
N ARG L 159 -33.30 -14.14 38.46
CA ARG L 159 -32.30 -14.55 37.48
C ARG L 159 -30.99 -14.78 38.20
N LEU L 160 -30.56 -16.03 38.27
CA LEU L 160 -29.46 -16.45 39.12
C LEU L 160 -28.22 -16.72 38.28
N GLY L 161 -27.07 -16.24 38.76
CA GLY L 161 -25.80 -16.61 38.21
C GLY L 161 -24.88 -17.07 39.32
N ALA L 162 -23.83 -17.79 38.93
CA ALA L 162 -22.89 -18.32 39.91
C ALA L 162 -21.49 -18.35 39.31
N LEU L 163 -20.51 -17.90 40.09
CA LEU L 163 -19.11 -17.92 39.68
C LEU L 163 -18.28 -18.40 40.86
N ASN L 164 -17.11 -18.95 40.55
CA ASN L 164 -16.23 -19.52 41.56
C ASN L 164 -15.15 -18.53 41.96
N CYS L 165 -14.36 -18.95 42.95
CA CYS L 165 -13.25 -18.16 43.44
C CYS L 165 -12.42 -17.58 42.32
N TRP L 166 -12.23 -16.26 42.37
CA TRP L 166 -11.31 -15.53 41.47
C TRP L 166 -11.80 -15.53 40.02
N GLU L 167 -13.04 -15.94 39.78
CA GLU L 167 -13.74 -15.54 38.58
C GLU L 167 -14.34 -14.15 38.71
N HIS L 168 -14.34 -13.58 39.91
CA HIS L 168 -14.75 -12.20 40.12
C HIS L 168 -13.63 -11.22 39.89
N PHE L 169 -12.43 -11.70 39.60
CA PHE L 169 -11.32 -10.86 39.20
C PHE L 169 -11.19 -10.77 37.68
N GLN L 170 -12.24 -11.15 36.95
CA GLN L 170 -12.25 -11.20 35.50
C GLN L 170 -13.27 -10.21 34.99
N THR L 171 -12.78 -9.07 34.50
CA THR L 171 -13.69 -8.04 34.03
C THR L 171 -14.54 -8.53 32.87
N LEU L 172 -13.97 -9.33 31.97
CA LEU L 172 -14.74 -9.79 30.82
C LEU L 172 -15.79 -10.81 31.24
N THR L 173 -15.44 -11.73 32.14
CA THR L 173 -16.44 -12.66 32.66
C THR L 173 -17.50 -11.90 33.46
N LYS L 174 -17.08 -10.92 34.25
CA LYS L 174 -18.04 -10.06 34.94
C LYS L 174 -19.02 -9.44 33.96
N TYR L 175 -18.49 -8.82 32.90
CA TYR L 175 -19.35 -8.13 31.95
C TYR L 175 -20.31 -9.09 31.26
N ALA L 176 -19.84 -10.29 30.93
CA ALA L 176 -20.71 -11.28 30.32
C ALA L 176 -21.90 -11.58 31.23
N MET L 177 -21.64 -11.69 32.54
CA MET L 177 -22.72 -11.98 33.47
C MET L 177 -23.67 -10.80 33.60
N TYR L 178 -23.15 -9.57 33.63
CA TYR L 178 -24.01 -8.41 33.68
C TYR L 178 -24.90 -8.32 32.46
N SER L 179 -24.33 -8.60 31.29
CA SER L 179 -25.10 -8.51 30.05
C SER L 179 -26.28 -9.45 30.03
N MET L 180 -26.23 -10.52 30.82
CA MET L 180 -27.33 -11.47 30.93
C MET L 180 -28.28 -11.12 32.07
N HIS L 181 -28.05 -9.99 32.74
CA HIS L 181 -28.97 -9.45 33.74
C HIS L 181 -29.14 -10.38 34.92
N GLU L 182 -28.04 -10.64 35.62
CA GLU L 182 -28.16 -11.29 36.93
C GLU L 182 -28.98 -10.43 37.87
N GLN L 183 -29.58 -11.09 38.82
CA GLN L 183 -30.23 -10.42 39.94
C GLN L 183 -29.74 -10.94 41.27
N VAL L 184 -29.44 -12.23 41.36
CA VAL L 184 -28.82 -12.84 42.52
C VAL L 184 -27.59 -13.60 42.04
N HIS L 185 -26.45 -13.34 42.66
CA HIS L 185 -25.19 -13.97 42.31
C HIS L 185 -24.70 -14.80 43.48
N VAL L 186 -24.27 -16.02 43.20
CA VAL L 186 -23.71 -16.91 44.20
C VAL L 186 -22.22 -16.98 43.94
N ALA L 187 -21.43 -16.46 44.87
CA ALA L 187 -19.98 -16.44 44.78
C ALA L 187 -19.42 -17.46 45.76
N SER L 188 -18.93 -18.58 45.23
CA SER L 188 -18.40 -19.65 46.05
C SER L 188 -16.89 -19.49 46.17
N TRP L 189 -16.39 -19.57 47.39
CA TRP L 189 -14.98 -19.42 47.69
C TRP L 189 -14.51 -20.58 48.54
N PRO L 190 -13.21 -20.89 48.51
CA PRO L 190 -12.65 -21.76 49.54
C PRO L 190 -12.23 -20.95 50.75
N GLY L 191 -11.66 -21.59 51.77
CA GLY L 191 -11.15 -20.84 52.88
C GLY L 191 -9.95 -20.01 52.46
N MET L 192 -10.14 -18.70 52.32
CA MET L 192 -9.08 -17.81 51.83
C MET L 192 -8.20 -17.44 53.01
N SER L 193 -7.34 -18.38 53.40
CA SER L 193 -6.45 -18.20 54.53
C SER L 193 -5.04 -18.66 54.21
N LEU L 194 -4.68 -18.71 52.92
CA LEU L 194 -3.39 -19.22 52.50
C LEU L 194 -2.37 -18.08 52.44
N TYR L 195 -1.14 -18.38 52.89
CA TYR L 195 -0.02 -17.46 52.72
C TYR L 195 -0.35 -16.07 53.24
N GLN L 196 -1.05 -16.02 54.38
CA GLN L 196 -1.61 -14.76 54.83
C GLN L 196 -0.58 -13.69 55.08
N PRO L 197 0.48 -13.91 55.86
CA PRO L 197 1.45 -12.83 56.05
C PRO L 197 2.09 -12.35 54.75
N GLU L 198 2.34 -13.26 53.81
CA GLU L 198 3.16 -12.94 52.65
C GLU L 198 2.33 -12.44 51.47
N VAL L 199 1.27 -13.15 51.12
CA VAL L 199 0.46 -12.82 49.94
C VAL L 199 -0.85 -12.19 50.39
N PRO L 200 -0.90 -10.87 50.58
CA PRO L 200 -2.16 -10.24 51.01
C PRO L 200 -3.28 -10.39 50.01
N ALA L 201 -2.98 -10.67 48.74
CA ALA L 201 -4.04 -10.86 47.75
C ALA L 201 -4.89 -12.09 48.03
N PHE L 202 -4.39 -13.02 48.84
CA PHE L 202 -5.12 -14.23 49.19
C PHE L 202 -5.90 -14.10 50.48
N GLY L 203 -5.87 -12.93 51.12
CA GLY L 203 -6.57 -12.76 52.38
C GLY L 203 -8.02 -12.34 52.21
N VAL L 204 -8.83 -12.65 53.21
CA VAL L 204 -10.27 -12.41 53.10
C VAL L 204 -10.57 -10.96 52.80
N ASP L 205 -9.67 -10.04 53.19
CA ASP L 205 -9.90 -8.63 52.89
C ASP L 205 -9.93 -8.39 51.38
N ALA L 206 -8.98 -8.99 50.65
CA ALA L 206 -8.94 -8.82 49.21
C ALA L 206 -10.16 -9.44 48.55
N GLN L 207 -10.57 -10.62 49.03
CA GLN L 207 -11.68 -11.32 48.40
C GLN L 207 -13.03 -10.73 48.76
N LEU L 208 -13.09 -9.91 49.82
CA LEU L 208 -14.33 -9.23 50.12
C LEU L 208 -14.56 -8.06 49.19
N THR L 209 -13.50 -7.37 48.79
CA THR L 209 -13.65 -6.30 47.79
C THR L 209 -14.11 -6.87 46.46
N ALA L 210 -13.60 -8.04 46.09
CA ALA L 210 -14.00 -8.64 44.82
C ALA L 210 -15.50 -8.91 44.80
N THR L 211 -16.02 -9.57 45.84
CA THR L 211 -17.45 -9.84 45.88
C THR L 211 -18.25 -8.56 46.05
N ARG L 212 -17.80 -7.66 46.93
CA ARG L 212 -18.52 -6.41 47.12
C ARG L 212 -18.51 -5.57 45.85
N MET L 213 -17.36 -5.50 45.18
CA MET L 213 -17.30 -4.77 43.92
C MET L 213 -18.20 -5.41 42.87
N TYR L 214 -18.30 -6.73 42.87
CA TYR L 214 -19.17 -7.40 41.92
C TYR L 214 -20.61 -6.92 42.07
N ALA L 215 -21.11 -6.86 43.30
CA ALA L 215 -22.46 -6.36 43.53
C ALA L 215 -22.57 -4.90 43.12
N LEU L 216 -21.56 -4.09 43.48
CA LEU L 216 -21.65 -2.65 43.23
C LEU L 216 -21.75 -2.35 41.74
N GLU L 217 -20.82 -2.90 40.95
CA GLU L 217 -20.77 -2.54 39.54
C GLU L 217 -21.72 -3.38 38.68
N GLY L 218 -22.27 -4.45 39.23
CA GLY L 218 -23.25 -5.23 38.50
C GLY L 218 -24.66 -5.03 38.99
N GLN L 219 -24.81 -4.35 40.12
CA GLN L 219 -26.11 -4.16 40.77
C GLN L 219 -26.84 -5.48 40.89
N THR L 220 -26.22 -6.39 41.63
CA THR L 220 -26.78 -7.70 41.91
C THR L 220 -26.66 -7.97 43.40
N PHE L 221 -27.56 -8.81 43.91
CA PHE L 221 -27.37 -9.39 45.23
C PHE L 221 -26.34 -10.50 45.13
N VAL L 222 -25.32 -10.44 45.97
CA VAL L 222 -24.24 -11.43 45.96
C VAL L 222 -24.37 -12.27 47.21
N VAL L 223 -24.48 -13.58 47.02
CA VAL L 223 -24.56 -14.54 48.12
C VAL L 223 -23.20 -15.21 48.18
N CYS L 224 -22.32 -14.66 49.02
CA CYS L 224 -20.97 -15.16 49.14
C CYS L 224 -20.93 -16.30 50.15
N THR L 225 -20.41 -17.44 49.73
CA THR L 225 -20.26 -18.61 50.59
C THR L 225 -18.81 -19.05 50.57
N THR L 226 -18.34 -19.60 51.68
CA THR L 226 -16.93 -19.88 51.85
C THR L 226 -16.74 -21.12 52.70
N GLN L 227 -15.63 -21.81 52.48
CA GLN L 227 -15.18 -22.85 53.39
C GLN L 227 -14.38 -22.22 54.52
N VAL L 228 -14.29 -22.95 55.63
CA VAL L 228 -13.53 -22.51 56.80
C VAL L 228 -12.43 -23.52 57.04
N VAL L 229 -11.22 -23.03 57.26
CA VAL L 229 -10.08 -23.91 57.51
C VAL L 229 -9.91 -24.07 59.01
N THR L 230 -10.62 -25.04 59.59
CA THR L 230 -10.61 -25.27 61.02
C THR L 230 -9.43 -26.16 61.41
N PRO L 231 -9.23 -26.46 62.69
CA PRO L 231 -8.14 -27.37 63.05
C PRO L 231 -8.25 -28.74 62.41
N GLU L 232 -9.47 -29.21 62.11
CA GLU L 232 -9.61 -30.49 61.43
C GLU L 232 -8.85 -30.51 60.12
N ALA L 233 -8.82 -29.36 59.42
CA ALA L 233 -8.03 -29.26 58.19
C ALA L 233 -6.55 -29.42 58.46
N HIS L 234 -6.06 -28.83 59.56
CA HIS L 234 -4.65 -28.94 59.89
C HIS L 234 -4.25 -30.40 60.11
N GLU L 235 -5.09 -31.16 60.81
CA GLU L 235 -4.81 -32.58 61.01
C GLU L 235 -4.89 -33.38 59.72
N PHE L 236 -5.40 -32.79 58.65
CA PHE L 236 -5.54 -33.48 57.37
C PHE L 236 -4.42 -33.13 56.40
N PHE L 237 -4.16 -31.84 56.18
CA PHE L 237 -3.17 -31.40 55.22
C PHE L 237 -1.80 -31.15 55.85
N CYS L 238 -1.73 -30.28 56.84
CA CYS L 238 -0.45 -29.87 57.40
C CYS L 238 0.22 -31.04 58.12
N GLU L 239 1.51 -31.22 57.87
CA GLU L 239 2.29 -32.27 58.50
C GLU L 239 3.36 -31.75 59.44
N ASN L 240 3.56 -30.43 59.51
CA ASN L 240 4.54 -29.85 60.41
C ASN L 240 4.18 -28.39 60.65
N GLU L 241 5.01 -27.70 61.44
CA GLU L 241 4.72 -26.33 61.80
C GLU L 241 4.77 -25.41 60.57
N GLU L 242 5.71 -25.65 59.66
CA GLU L 242 5.83 -24.80 58.49
C GLU L 242 4.57 -24.86 57.64
N GLN L 243 4.03 -26.06 57.44
CA GLN L 243 2.83 -26.20 56.61
C GLN L 243 1.60 -25.64 57.31
N ARG L 244 1.59 -25.62 58.65
CA ARG L 244 0.47 -25.02 59.35
C ARG L 244 0.46 -23.51 59.26
N LYS L 245 1.61 -22.90 58.97
CA LYS L 245 1.63 -21.46 58.71
C LYS L 245 1.12 -21.14 57.32
N LEU L 246 1.39 -22.00 56.33
CA LEU L 246 0.92 -21.75 54.97
C LEU L 246 -0.59 -21.70 54.93
N ILE L 247 -1.26 -22.62 55.62
CA ILE L 247 -2.70 -22.58 55.78
C ILE L 247 -3.01 -21.76 57.03
N GLY L 248 -3.93 -20.81 56.90
CA GLY L 248 -4.32 -20.00 58.04
C GLY L 248 -5.27 -20.75 58.96
N ARG L 249 -5.91 -19.99 59.84
CA ARG L 249 -6.79 -20.60 60.83
C ARG L 249 -8.26 -20.40 60.45
N GLY L 250 -8.57 -19.33 59.74
CA GLY L 250 -9.95 -19.01 59.42
C GLY L 250 -10.28 -19.12 57.95
N GLY L 251 -10.40 -17.99 57.28
CA GLY L 251 -10.67 -17.95 55.86
C GLY L 251 -12.12 -17.81 55.48
N GLY L 252 -13.04 -18.01 56.43
CA GLY L 252 -14.46 -17.95 56.11
C GLY L 252 -14.95 -16.52 56.12
N PHE L 253 -15.53 -16.09 55.01
CA PHE L 253 -16.10 -14.76 54.89
C PHE L 253 -17.43 -14.78 54.15
N ALA L 254 -18.26 -15.78 54.43
CA ALA L 254 -19.57 -15.83 53.80
C ALA L 254 -20.35 -14.57 54.13
N ARG L 255 -21.03 -14.02 53.13
CA ARG L 255 -21.74 -12.77 53.29
C ARG L 255 -22.88 -12.69 52.28
N ILE L 256 -23.82 -11.81 52.56
CA ILE L 256 -24.89 -11.46 51.62
C ILE L 256 -24.82 -9.96 51.42
N ILE L 257 -24.60 -9.55 50.17
CA ILE L 257 -24.32 -8.16 49.82
C ILE L 257 -25.43 -7.68 48.90
N GLY L 258 -25.94 -6.49 49.18
CA GLY L 258 -26.98 -5.91 48.36
C GLY L 258 -26.41 -5.25 47.12
N PRO L 259 -27.31 -4.80 46.25
CA PRO L 259 -26.85 -4.14 45.02
C PRO L 259 -26.08 -2.87 45.28
N ASP L 260 -26.21 -2.28 46.47
CA ASP L 260 -25.49 -1.08 46.84
C ASP L 260 -24.18 -1.39 47.56
N GLY L 261 -23.81 -2.66 47.71
CA GLY L 261 -22.59 -3.04 48.38
C GLY L 261 -22.71 -3.20 49.87
N ARG L 262 -23.85 -2.86 50.46
CA ARG L 262 -24.04 -3.03 51.89
C ARG L 262 -24.39 -4.47 52.22
N ASP L 263 -23.84 -4.97 53.32
CA ASP L 263 -24.11 -6.33 53.75
C ASP L 263 -25.48 -6.43 54.38
N LEU L 264 -26.28 -7.39 53.92
CA LEU L 264 -27.64 -7.58 54.39
C LEU L 264 -27.72 -8.56 55.56
N ALA L 265 -26.60 -9.13 55.99
CA ALA L 265 -26.58 -10.08 57.09
C ALA L 265 -25.31 -9.86 57.90
N THR L 266 -25.42 -10.01 59.21
CA THR L 266 -24.27 -9.83 60.08
C THR L 266 -23.27 -10.94 59.81
N PRO L 267 -22.03 -10.63 59.44
CA PRO L 267 -21.08 -11.70 59.10
C PRO L 267 -20.67 -12.49 60.33
N LEU L 268 -20.29 -13.75 60.09
CA LEU L 268 -19.77 -14.61 61.13
C LEU L 268 -18.30 -14.31 61.36
N ALA L 269 -17.67 -15.07 62.25
CA ALA L 269 -16.23 -14.95 62.45
C ALA L 269 -15.50 -15.74 61.38
N GLU L 270 -14.24 -15.36 61.14
CA GLU L 270 -13.45 -16.04 60.13
C GLU L 270 -13.28 -17.52 60.46
N ASP L 271 -13.32 -17.87 61.74
CA ASP L 271 -13.24 -19.26 62.16
C ASP L 271 -14.60 -19.87 62.46
N GLU L 272 -15.62 -19.06 62.70
CA GLU L 272 -16.93 -19.59 63.01
C GLU L 272 -17.53 -20.28 61.78
N GLU L 273 -18.46 -21.19 62.06
CA GLU L 273 -19.07 -22.03 61.03
C GLU L 273 -20.57 -22.00 61.20
N GLY L 274 -21.29 -21.74 60.12
CA GLY L 274 -22.73 -21.71 60.19
C GLY L 274 -23.34 -21.10 58.95
N ILE L 275 -24.64 -20.87 59.02
CA ILE L 275 -25.41 -20.28 57.93
C ILE L 275 -25.87 -18.89 58.36
N LEU L 276 -25.92 -17.98 57.40
CA LEU L 276 -26.47 -16.64 57.63
C LEU L 276 -27.49 -16.33 56.54
N TYR L 277 -28.60 -15.75 56.95
CA TYR L 277 -29.77 -15.57 56.10
C TYR L 277 -30.01 -14.09 55.84
N ALA L 278 -30.78 -13.81 54.80
CA ALA L 278 -31.16 -12.45 54.49
C ALA L 278 -32.39 -12.46 53.59
N ASP L 279 -33.08 -11.34 53.55
CA ASP L 279 -34.26 -11.16 52.72
C ASP L 279 -33.89 -10.31 51.52
N ILE L 280 -34.22 -10.79 50.33
CA ILE L 280 -33.84 -10.16 49.07
C ILE L 280 -35.08 -9.50 48.49
N ASP L 281 -34.98 -8.19 48.26
CA ASP L 281 -36.02 -7.43 47.56
C ASP L 281 -35.43 -6.92 46.26
N LEU L 282 -35.89 -7.47 45.14
CA LEU L 282 -35.31 -7.12 43.85
C LEU L 282 -35.54 -5.67 43.49
N SER L 283 -36.53 -5.01 44.08
CA SER L 283 -36.73 -3.59 43.82
C SER L 283 -35.55 -2.75 44.28
N ALA L 284 -34.71 -3.29 45.15
CA ALA L 284 -33.49 -2.58 45.53
C ALA L 284 -32.53 -2.47 44.37
N ILE L 285 -32.62 -3.39 43.40
CA ILE L 285 -31.75 -3.33 42.23
C ILE L 285 -32.10 -2.13 41.37
N THR L 286 -33.40 -1.94 41.08
CA THR L 286 -33.79 -0.83 40.22
C THR L 286 -33.40 0.50 40.83
N LEU L 287 -33.32 0.56 42.15
CA LEU L 287 -32.86 1.78 42.80
C LEU L 287 -31.37 1.99 42.55
N ALA L 288 -30.60 0.91 42.53
CA ALA L 288 -29.17 1.00 42.23
C ALA L 288 -28.91 1.24 40.74
N LYS L 289 -29.81 0.76 39.87
CA LYS L 289 -29.62 0.97 38.45
C LYS L 289 -29.70 2.44 38.06
N GLN L 290 -30.26 3.29 38.93
CA GLN L 290 -30.31 4.71 38.63
C GLN L 290 -28.91 5.30 38.52
N ALA L 291 -28.03 4.92 39.44
CA ALA L 291 -26.68 5.49 39.44
C ALA L 291 -25.81 4.84 38.37
N ALA L 292 -25.76 3.52 38.35
CA ALA L 292 -24.87 2.78 37.46
C ALA L 292 -25.64 1.68 36.74
N ASP L 293 -25.22 1.41 35.51
CA ASP L 293 -25.73 0.29 34.73
C ASP L 293 -24.72 -0.03 33.63
N PRO L 294 -23.73 -0.88 33.90
CA PRO L 294 -22.62 -1.01 32.95
C PRO L 294 -23.04 -1.43 31.56
N VAL L 295 -24.06 -2.27 31.44
CA VAL L 295 -24.54 -2.73 30.15
C VAL L 295 -25.72 -1.92 29.64
N GLY L 296 -26.12 -0.88 30.36
CA GLY L 296 -27.25 -0.07 29.96
C GLY L 296 -26.86 1.34 29.59
N HIS L 297 -27.11 2.29 30.49
CA HIS L 297 -26.88 3.69 30.19
C HIS L 297 -25.43 4.12 30.43
N TYR L 298 -24.57 3.22 30.91
CA TYR L 298 -23.14 3.49 31.01
C TYR L 298 -22.33 2.84 29.90
N SER L 299 -22.96 2.07 29.03
CA SER L 299 -22.23 1.42 27.95
C SER L 299 -21.88 2.45 26.89
N ARG L 300 -20.73 2.24 26.25
CA ARG L 300 -20.32 2.99 25.08
C ARG L 300 -20.00 1.99 23.99
N PRO L 301 -21.00 1.27 23.49
CA PRO L 301 -20.73 0.22 22.51
C PRO L 301 -20.09 0.73 21.23
N ASP L 302 -20.16 2.04 20.97
CA ASP L 302 -19.38 2.62 19.89
C ASP L 302 -17.90 2.66 20.23
N VAL L 303 -17.54 2.54 21.51
CA VAL L 303 -16.15 2.54 21.95
C VAL L 303 -15.73 1.16 22.42
N LEU L 304 -16.44 0.60 23.39
CA LEU L 304 -16.08 -0.67 24.02
C LEU L 304 -17.27 -1.61 23.96
N SER L 305 -17.05 -2.79 23.37
CA SER L 305 -18.05 -3.84 23.37
C SER L 305 -17.35 -5.16 23.62
N LEU L 306 -18.14 -6.19 23.90
CA LEU L 306 -17.63 -7.49 24.29
C LEU L 306 -17.92 -8.52 23.21
N ASN L 307 -16.92 -9.32 22.87
CA ASN L 307 -17.11 -10.51 22.04
C ASN L 307 -17.26 -11.71 22.97
N PHE L 308 -18.39 -12.40 22.87
CA PHE L 308 -18.71 -13.50 23.77
C PHE L 308 -19.04 -14.74 22.94
N ASN L 309 -18.12 -15.69 22.91
CA ASN L 309 -18.31 -16.95 22.20
C ASN L 309 -18.84 -17.96 23.20
N GLN L 310 -20.14 -18.20 23.16
CA GLN L 310 -20.82 -19.02 24.16
C GLN L 310 -21.05 -20.45 23.66
N ARG L 311 -20.36 -20.84 22.59
CA ARG L 311 -20.48 -22.19 22.07
C ARG L 311 -19.92 -23.22 23.03
N ARG L 312 -20.46 -24.43 22.97
CA ARG L 312 -20.11 -25.52 23.89
C ARG L 312 -19.14 -26.45 23.15
N THR L 313 -17.85 -26.20 23.31
CA THR L 313 -16.83 -26.97 22.62
C THR L 313 -16.61 -28.31 23.29
N THR L 314 -16.33 -29.34 22.47
CA THR L 314 -16.14 -30.70 22.93
C THR L 314 -14.87 -31.28 22.31
N PRO L 315 -14.12 -32.10 23.04
CA PRO L 315 -12.94 -32.73 22.42
C PRO L 315 -13.28 -33.58 21.22
N VAL L 316 -14.41 -34.26 21.24
CA VAL L 316 -14.88 -35.07 20.11
C VAL L 316 -16.25 -34.54 19.71
N ASN L 317 -16.36 -34.10 18.46
CA ASN L 317 -17.60 -33.54 17.95
C ASN L 317 -18.47 -34.58 17.27
N THR L 318 -18.01 -35.82 17.17
CA THR L 318 -18.75 -36.91 16.53
C THR L 318 -19.50 -36.44 15.30
N VAL M 2 -15.26 31.21 22.43
CA VAL M 2 -14.06 31.01 23.30
C VAL M 2 -14.26 31.72 24.64
N GLU M 3 -14.71 32.98 24.59
CA GLU M 3 -15.00 33.76 25.79
C GLU M 3 -16.44 34.25 25.71
N TYR M 4 -17.15 34.14 26.82
CA TYR M 4 -18.58 34.40 26.89
C TYR M 4 -18.89 35.41 27.98
N THR M 5 -18.15 36.52 28.00
CA THR M 5 -18.30 37.53 29.04
C THR M 5 -18.62 38.91 28.51
N ASN M 6 -18.22 39.26 27.29
CA ASN M 6 -18.32 40.64 26.83
C ASN M 6 -19.78 41.07 26.73
N THR M 7 -20.00 42.37 26.90
CA THR M 7 -21.32 42.98 26.79
C THR M 7 -21.20 44.20 25.88
N PHE M 8 -22.12 44.33 24.94
CA PHE M 8 -22.06 45.40 23.95
C PHE M 8 -23.46 45.66 23.43
N LYS M 9 -23.56 46.64 22.53
CA LYS M 9 -24.82 47.07 21.96
C LYS M 9 -24.77 46.95 20.44
N VAL M 10 -25.86 46.50 19.85
CA VAL M 10 -25.94 46.26 18.41
C VAL M 10 -27.17 46.97 17.86
N ALA M 11 -27.17 47.17 16.55
CA ALA M 11 -28.27 47.80 15.85
C ALA M 11 -28.64 46.96 14.63
N ALA M 12 -29.94 46.75 14.45
CA ALA M 12 -30.48 46.07 13.28
C ALA M 12 -31.25 47.08 12.45
N VAL M 13 -31.05 47.03 11.13
CA VAL M 13 -31.58 48.03 10.22
C VAL M 13 -32.68 47.40 9.39
N GLN M 14 -33.85 48.03 9.40
CA GLN M 14 -34.97 47.68 8.54
C GLN M 14 -35.13 48.85 7.58
N ALA M 15 -34.36 48.83 6.50
CA ALA M 15 -34.23 49.98 5.62
C ALA M 15 -34.73 49.65 4.23
N GLN M 16 -34.69 50.67 3.37
CA GLN M 16 -35.10 50.55 1.97
C GLN M 16 -34.02 51.21 1.12
N PRO M 17 -33.43 50.51 0.16
CA PRO M 17 -32.41 51.13 -0.68
C PRO M 17 -33.03 51.97 -1.77
N VAL M 18 -32.29 52.99 -2.19
CA VAL M 18 -32.66 53.75 -3.37
C VAL M 18 -32.51 52.79 -4.54
N TRP M 19 -33.63 52.30 -5.06
CA TRP M 19 -33.65 51.08 -5.84
C TRP M 19 -32.74 51.16 -7.06
N PHE M 20 -31.75 50.27 -7.08
CA PHE M 20 -30.79 50.15 -8.17
C PHE M 20 -30.04 51.46 -8.38
N ASP M 21 -29.57 52.05 -7.28
CA ASP M 21 -28.71 53.23 -7.34
C ASP M 21 -27.65 53.09 -6.25
N ALA M 22 -26.44 52.70 -6.66
CA ALA M 22 -25.38 52.48 -5.68
C ALA M 22 -25.00 53.77 -4.98
N ALA M 23 -24.88 54.87 -5.73
CA ALA M 23 -24.41 56.12 -5.15
C ALA M 23 -25.35 56.61 -4.06
N LYS M 24 -26.65 56.66 -4.34
CA LYS M 24 -27.58 57.19 -3.37
C LYS M 24 -27.83 56.19 -2.23
N THR M 25 -27.74 54.90 -2.53
CA THR M 25 -27.94 53.90 -1.48
C THR M 25 -26.74 53.83 -0.54
N VAL M 26 -25.53 54.04 -1.06
CA VAL M 26 -24.37 54.10 -0.18
C VAL M 26 -24.47 55.28 0.77
N ASP M 27 -24.98 56.42 0.27
CA ASP M 27 -25.21 57.56 1.15
C ASP M 27 -26.21 57.21 2.24
N LYS M 28 -27.29 56.51 1.87
CA LYS M 28 -28.28 56.10 2.86
C LYS M 28 -27.67 55.16 3.89
N THR M 29 -26.79 54.26 3.44
CA THR M 29 -26.13 53.36 4.37
C THR M 29 -25.23 54.12 5.35
N VAL M 30 -24.46 55.08 4.84
CA VAL M 30 -23.53 55.79 5.70
C VAL M 30 -24.29 56.60 6.75
N SER M 31 -25.42 57.18 6.37
CA SER M 31 -26.25 57.86 7.36
C SER M 31 -26.77 56.90 8.41
N ASN M 32 -27.19 55.70 7.98
CA ASN M 32 -27.61 54.69 8.94
C ASN M 32 -26.46 54.26 9.83
N ILE M 33 -25.26 54.13 9.25
CA ILE M 33 -24.10 53.79 10.06
C ILE M 33 -23.84 54.86 11.10
N ALA M 34 -23.92 56.13 10.69
CA ALA M 34 -23.68 57.23 11.62
C ALA M 34 -24.74 57.26 12.71
N GLU M 35 -25.99 57.04 12.35
CA GLU M 35 -27.06 57.08 13.33
C GLU M 35 -26.85 56.03 14.42
N ALA M 36 -26.50 54.81 14.02
CA ALA M 36 -26.31 53.75 14.99
C ALA M 36 -25.15 54.06 15.92
N ALA M 37 -24.05 54.58 15.38
CA ALA M 37 -22.89 54.89 16.21
C ALA M 37 -23.22 55.97 17.24
N ARG M 38 -24.13 56.88 16.90
CA ARG M 38 -24.57 57.89 17.87
C ARG M 38 -25.25 57.25 19.08
N ASN M 39 -25.79 56.05 18.92
CA ASN M 39 -26.44 55.33 20.00
C ASN M 39 -25.50 54.38 20.74
N GLY M 40 -24.21 54.41 20.41
CA GLY M 40 -23.25 53.58 21.09
C GLY M 40 -23.21 52.14 20.63
N CYS M 41 -23.81 51.83 19.49
CA CYS M 41 -23.85 50.47 18.98
C CYS M 41 -22.48 50.08 18.42
N GLU M 42 -21.99 48.91 18.84
CA GLU M 42 -20.72 48.40 18.37
C GLU M 42 -20.82 47.64 17.05
N LEU M 43 -22.04 47.37 16.59
CA LEU M 43 -22.25 46.66 15.34
C LEU M 43 -23.56 47.10 14.74
N VAL M 44 -23.54 47.45 13.46
CA VAL M 44 -24.75 47.77 12.70
C VAL M 44 -24.79 46.85 11.49
N ALA M 45 -25.95 46.23 11.26
CA ALA M 45 -26.14 45.29 10.17
C ALA M 45 -27.18 45.83 9.20
N PHE M 46 -27.07 45.45 7.94
CA PHE M 46 -27.92 45.95 6.88
C PHE M 46 -28.48 44.79 6.07
N PRO M 47 -29.60 45.01 5.37
CA PRO M 47 -30.27 43.91 4.68
C PRO M 47 -29.46 43.25 3.57
N GLU M 48 -30.06 42.25 2.93
CA GLU M 48 -29.39 41.50 1.87
C GLU M 48 -29.36 42.33 0.58
N VAL M 49 -28.26 42.17 -0.17
CA VAL M 49 -28.02 42.90 -1.41
C VAL M 49 -28.61 44.30 -1.26
N PHE M 50 -28.22 45.00 -0.20
CA PHE M 50 -28.84 46.27 0.12
C PHE M 50 -28.42 47.36 -0.84
N ILE M 51 -27.12 47.46 -1.13
CA ILE M 51 -26.59 48.67 -1.76
C ILE M 51 -27.26 48.94 -3.11
N PRO M 52 -27.37 48.00 -4.03
CA PRO M 52 -28.18 48.26 -5.22
C PRO M 52 -29.64 47.95 -4.96
N GLY M 53 -29.90 47.11 -3.97
CA GLY M 53 -31.23 46.64 -3.68
C GLY M 53 -31.48 45.25 -4.21
N TYR M 54 -32.53 44.63 -3.70
CA TYR M 54 -32.84 43.27 -4.12
C TYR M 54 -33.45 43.28 -5.51
N PRO M 55 -33.08 42.33 -6.38
CA PRO M 55 -33.66 42.30 -7.74
C PRO M 55 -35.03 41.63 -7.78
N TYR M 56 -36.05 42.38 -7.37
CA TYR M 56 -37.40 41.83 -7.39
C TYR M 56 -37.92 41.59 -8.80
N HIS M 57 -37.30 42.18 -9.82
CA HIS M 57 -37.79 42.01 -11.18
C HIS M 57 -37.76 40.56 -11.60
N ILE M 58 -36.90 39.75 -10.99
CA ILE M 58 -36.81 38.34 -11.36
C ILE M 58 -38.03 37.57 -10.90
N TRP M 59 -38.81 38.11 -9.96
CA TRP M 59 -39.99 37.46 -9.43
C TRP M 59 -41.27 37.97 -10.06
N VAL M 60 -41.37 39.27 -10.32
CA VAL M 60 -42.64 39.85 -10.74
C VAL M 60 -42.99 39.43 -12.16
N ASP M 61 -42.03 39.37 -13.07
CA ASP M 61 -42.30 39.17 -14.49
C ASP M 61 -41.49 37.99 -15.01
N SER M 62 -41.58 37.77 -16.31
CA SER M 62 -40.83 36.70 -16.96
C SER M 62 -39.37 37.08 -17.10
N PRO M 63 -38.49 36.11 -17.32
CA PRO M 63 -37.06 36.42 -17.43
C PRO M 63 -36.74 37.46 -18.50
N LEU M 64 -37.42 37.41 -19.65
CA LEU M 64 -37.13 38.37 -20.70
C LEU M 64 -37.46 39.79 -20.25
N ALA M 65 -38.59 39.96 -19.57
CA ALA M 65 -38.96 41.29 -19.10
C ALA M 65 -37.91 41.84 -18.14
N GLY M 66 -37.45 41.01 -17.21
CA GLY M 66 -36.40 41.45 -16.30
C GLY M 66 -35.09 41.72 -17.02
N MET M 67 -34.69 40.82 -17.93
CA MET M 67 -33.43 41.00 -18.64
C MET M 67 -33.44 42.29 -19.45
N ALA M 68 -34.51 42.53 -20.20
CA ALA M 68 -34.54 43.68 -21.10
C ALA M 68 -34.56 44.99 -20.32
N LYS M 69 -35.26 45.02 -19.18
CA LYS M 69 -35.54 46.26 -18.48
C LYS M 69 -34.61 46.55 -17.32
N PHE M 70 -34.14 45.53 -16.60
CA PHE M 70 -33.42 45.74 -15.36
C PHE M 70 -32.02 45.16 -15.32
N ALA M 71 -31.70 44.17 -16.15
CA ALA M 71 -30.43 43.47 -16.01
C ALA M 71 -29.25 44.43 -16.09
N VAL M 72 -29.21 45.28 -17.11
CA VAL M 72 -28.09 46.20 -17.27
C VAL M 72 -28.06 47.19 -16.12
N ARG M 73 -29.22 47.67 -15.68
CA ARG M 73 -29.26 48.61 -14.55
C ARG M 73 -28.70 47.96 -13.30
N TYR M 74 -29.18 46.77 -12.96
CA TYR M 74 -28.70 46.10 -11.76
C TYR M 74 -27.22 45.77 -11.87
N HIS M 75 -26.79 45.30 -13.04
CA HIS M 75 -25.38 44.98 -13.23
C HIS M 75 -24.51 46.22 -13.09
N GLU M 76 -24.95 47.34 -13.65
CA GLU M 76 -24.13 48.56 -13.64
C GLU M 76 -24.05 49.16 -12.25
N ASN M 77 -25.04 48.91 -11.40
CA ASN M 77 -25.08 49.48 -10.05
C ASN M 77 -24.53 48.54 -8.99
N SER M 78 -24.06 47.36 -9.38
CA SER M 78 -23.41 46.46 -8.44
C SER M 78 -21.99 46.93 -8.16
N LEU M 79 -21.56 46.76 -6.91
CA LEU M 79 -20.30 47.29 -6.46
C LEU M 79 -19.16 46.32 -6.75
N THR M 80 -18.13 46.81 -7.42
CA THR M 80 -16.86 46.10 -7.49
C THR M 80 -16.11 46.29 -6.18
N MET M 81 -15.43 45.24 -5.73
CA MET M 81 -14.80 45.28 -4.41
C MET M 81 -13.72 46.36 -4.33
N ASP M 82 -13.18 46.81 -5.45
CA ASP M 82 -12.23 47.90 -5.50
C ASP M 82 -12.89 49.24 -5.79
N SER M 83 -14.21 49.28 -5.87
CA SER M 83 -14.90 50.50 -6.25
C SER M 83 -14.82 51.54 -5.15
N PRO M 84 -14.98 52.82 -5.51
CA PRO M 84 -15.01 53.87 -4.48
C PRO M 84 -16.13 53.68 -3.48
N HIS M 85 -17.27 53.12 -3.90
CA HIS M 85 -18.38 52.96 -2.98
C HIS M 85 -18.00 52.09 -1.78
N VAL M 86 -17.31 50.97 -2.04
CA VAL M 86 -16.89 50.11 -0.94
C VAL M 86 -15.96 50.87 -0.01
N GLN M 87 -15.09 51.72 -0.57
CA GLN M 87 -14.20 52.50 0.25
C GLN M 87 -14.98 53.45 1.16
N ARG M 88 -16.10 53.98 0.67
CA ARG M 88 -16.92 54.85 1.49
C ARG M 88 -17.48 54.11 2.69
N LEU M 89 -17.92 52.87 2.50
CA LEU M 89 -18.39 52.07 3.62
C LEU M 89 -17.26 51.82 4.61
N LEU M 90 -16.06 51.54 4.12
CA LEU M 90 -14.92 51.36 5.01
C LEU M 90 -14.63 52.65 5.78
N ASP M 91 -14.67 53.79 5.09
CA ASP M 91 -14.43 55.06 5.76
C ASP M 91 -15.49 55.34 6.81
N ALA M 92 -16.75 55.05 6.50
CA ALA M 92 -17.83 55.28 7.45
C ALA M 92 -17.63 54.45 8.71
N ALA M 93 -17.26 53.18 8.56
CA ALA M 93 -17.01 52.34 9.73
C ALA M 93 -15.84 52.88 10.55
N ARG M 94 -14.77 53.30 9.88
CA ARG M 94 -13.62 53.84 10.59
C ARG M 94 -13.97 55.15 11.28
N ASP M 95 -14.67 56.05 10.58
CA ASP M 95 -14.97 57.36 11.14
C ASP M 95 -15.83 57.22 12.40
N HIS M 96 -16.89 56.43 12.33
CA HIS M 96 -17.82 56.27 13.43
C HIS M 96 -17.43 55.14 14.38
N ASN M 97 -16.36 54.40 14.07
CA ASN M 97 -15.83 53.38 14.97
C ASN M 97 -16.90 52.32 15.29
N ILE M 98 -17.61 51.87 14.26
CA ILE M 98 -18.68 50.89 14.41
C ILE M 98 -18.48 49.80 13.38
N ALA M 99 -18.61 48.54 13.79
CA ALA M 99 -18.50 47.42 12.88
C ALA M 99 -19.76 47.34 12.03
N VAL M 100 -19.57 47.18 10.72
CA VAL M 100 -20.67 47.19 9.76
C VAL M 100 -20.71 45.85 9.05
N VAL M 101 -21.91 45.30 8.93
CA VAL M 101 -22.14 44.07 8.17
C VAL M 101 -23.22 44.42 7.15
N VAL M 102 -22.79 44.83 5.95
CA VAL M 102 -23.69 45.33 4.92
C VAL M 102 -23.68 44.35 3.76
N GLY M 103 -24.87 43.94 3.33
CA GLY M 103 -25.00 43.09 2.17
C GLY M 103 -25.01 43.89 0.89
N ILE M 104 -24.06 43.61 0.00
CA ILE M 104 -23.96 44.31 -1.27
C ILE M 104 -24.16 43.31 -2.39
N SER M 105 -24.13 43.79 -3.64
CA SER M 105 -24.13 42.94 -4.82
C SER M 105 -22.78 43.11 -5.49
N GLU M 106 -21.85 42.20 -5.20
CA GLU M 106 -20.53 42.28 -5.81
C GLU M 106 -20.62 42.04 -7.30
N ARG M 107 -19.71 42.67 -8.04
CA ARG M 107 -19.59 42.48 -9.49
C ARG M 107 -18.15 42.04 -9.76
N ASP M 108 -17.94 40.72 -9.81
CA ASP M 108 -16.63 40.18 -10.16
C ASP M 108 -16.63 39.89 -11.66
N GLY M 109 -15.98 40.75 -12.42
CA GLY M 109 -16.00 40.62 -13.87
C GLY M 109 -17.39 40.90 -14.41
N GLY M 110 -18.04 39.87 -14.96
CA GLY M 110 -19.38 39.99 -15.49
C GLY M 110 -20.45 39.25 -14.72
N SER M 111 -20.15 38.76 -13.52
CA SER M 111 -21.10 38.01 -12.72
C SER M 111 -21.34 38.72 -11.40
N LEU M 112 -22.51 38.50 -10.82
CA LEU M 112 -22.89 39.11 -9.57
C LEU M 112 -22.95 38.06 -8.47
N TYR M 113 -22.67 38.49 -7.24
CA TYR M 113 -22.70 37.62 -6.07
C TYR M 113 -23.33 38.37 -4.90
N MET M 114 -24.17 37.66 -4.15
CA MET M 114 -24.69 38.21 -2.89
C MET M 114 -23.60 38.11 -1.84
N THR M 115 -22.96 39.23 -1.54
CA THR M 115 -21.86 39.24 -0.58
C THR M 115 -22.26 39.98 0.68
N GLN M 116 -21.75 39.50 1.80
CA GLN M 116 -21.78 40.21 3.07
C GLN M 116 -20.41 40.83 3.27
N LEU M 117 -20.37 42.14 3.43
CA LEU M 117 -19.13 42.83 3.77
C LEU M 117 -19.03 42.95 5.27
N ILE M 118 -18.03 42.31 5.86
CA ILE M 118 -17.76 42.41 7.28
C ILE M 118 -16.68 43.47 7.45
N ILE M 119 -17.04 44.58 8.09
CA ILE M 119 -16.14 45.70 8.28
C ILE M 119 -15.99 45.95 9.78
N ASP M 120 -14.76 46.01 10.24
CA ASP M 120 -14.49 46.24 11.65
C ASP M 120 -14.49 47.73 11.96
N ALA M 121 -14.44 48.06 13.25
CA ALA M 121 -14.44 49.46 13.66
C ALA M 121 -13.20 50.20 13.18
N ASP M 122 -12.16 49.49 12.77
CA ASP M 122 -10.94 50.11 12.29
C ASP M 122 -10.98 50.42 10.80
N GLY M 123 -12.09 50.12 10.13
CA GLY M 123 -12.21 50.41 8.73
C GLY M 123 -11.63 49.37 7.80
N GLN M 124 -11.20 48.24 8.33
CA GLN M 124 -10.64 47.18 7.50
C GLN M 124 -11.75 46.22 7.07
N LEU M 125 -11.56 45.62 5.90
CA LEU M 125 -12.50 44.66 5.37
C LEU M 125 -12.19 43.29 5.95
N VAL M 126 -12.93 42.89 6.98
CA VAL M 126 -12.67 41.62 7.63
C VAL M 126 -12.94 40.47 6.67
N ALA M 127 -14.05 40.53 5.95
CA ALA M 127 -14.39 39.46 5.02
C ALA M 127 -15.46 39.96 4.05
N ARG M 128 -15.56 39.26 2.93
CA ARG M 128 -16.53 39.55 1.88
C ARG M 128 -17.20 38.26 1.42
N ARG M 129 -17.69 37.48 2.37
CA ARG M 129 -18.28 36.18 2.05
C ARG M 129 -19.40 36.31 1.04
N ARG M 130 -19.46 35.35 0.12
CA ARG M 130 -20.52 35.25 -0.87
C ARG M 130 -21.55 34.23 -0.41
N LYS M 131 -22.77 34.38 -0.91
CA LYS M 131 -23.81 33.40 -0.61
C LYS M 131 -23.46 32.07 -1.26
N LEU M 132 -23.57 30.99 -0.49
CA LEU M 132 -23.15 29.69 -1.00
C LEU M 132 -23.99 29.26 -2.19
N LYS M 133 -25.30 29.46 -2.12
CA LYS M 133 -26.17 29.09 -3.22
C LYS M 133 -27.44 29.95 -3.19
N PRO M 134 -27.69 30.77 -4.20
CA PRO M 134 -28.90 31.59 -4.21
C PRO M 134 -30.15 30.73 -4.27
N THR M 135 -31.30 31.37 -4.08
CA THR M 135 -32.58 30.69 -3.93
C THR M 135 -33.39 30.84 -5.21
N HIS M 136 -33.83 29.71 -5.76
CA HIS M 136 -34.77 29.66 -6.87
C HIS M 136 -34.24 30.56 -7.99
N VAL M 137 -35.04 31.49 -8.52
CA VAL M 137 -34.62 32.28 -9.67
C VAL M 137 -33.48 33.22 -9.37
N GLU M 138 -33.08 33.37 -8.10
CA GLU M 138 -31.89 34.16 -7.82
C GLU M 138 -30.67 33.55 -8.49
N ARG M 139 -30.67 32.24 -8.69
CA ARG M 139 -29.57 31.58 -9.38
C ARG M 139 -29.43 32.05 -10.82
N SER M 140 -30.49 32.62 -11.38
CA SER M 140 -30.41 33.17 -12.73
C SER M 140 -29.67 34.49 -12.76
N VAL M 141 -29.51 35.15 -11.62
CA VAL M 141 -28.87 36.45 -11.58
C VAL M 141 -27.62 36.48 -10.71
N TYR M 142 -27.38 35.48 -9.88
CA TYR M 142 -26.24 35.47 -8.97
C TYR M 142 -25.44 34.19 -9.11
N GLY M 143 -24.16 34.27 -8.77
CA GLY M 143 -23.28 33.12 -8.75
C GLY M 143 -23.22 32.48 -7.37
N GLU M 144 -22.36 31.48 -7.27
CA GLU M 144 -22.22 30.69 -6.05
C GLU M 144 -20.88 30.97 -5.39
N GLY M 145 -20.88 30.91 -4.07
CA GLY M 145 -19.66 30.96 -3.29
C GLY M 145 -19.07 29.58 -3.11
N ASN M 146 -18.13 29.47 -2.18
CA ASN M 146 -17.50 28.19 -1.87
C ASN M 146 -17.39 28.06 -0.35
N GLY M 147 -16.66 27.04 0.09
CA GLY M 147 -16.58 26.79 1.53
C GLY M 147 -15.85 27.86 2.29
N SER M 148 -14.98 28.61 1.61
CA SER M 148 -14.31 29.73 2.25
C SER M 148 -15.28 30.83 2.64
N ASP M 149 -16.49 30.82 2.08
CA ASP M 149 -17.49 31.83 2.38
C ASP M 149 -18.32 31.49 3.61
N ILE M 150 -18.10 30.33 4.21
CA ILE M 150 -18.72 29.95 5.48
C ILE M 150 -17.63 30.05 6.53
N SER M 151 -17.62 31.14 7.29
CA SER M 151 -16.60 31.34 8.30
C SER M 151 -17.14 32.25 9.39
N VAL M 152 -16.50 32.16 10.55
CA VAL M 152 -16.82 32.98 11.72
C VAL M 152 -15.60 33.81 12.03
N TYR M 153 -15.79 35.12 12.18
CA TYR M 153 -14.71 36.07 12.31
C TYR M 153 -14.63 36.55 13.75
N ASP M 154 -13.42 36.50 14.32
CA ASP M 154 -13.21 36.86 15.72
C ASP M 154 -13.12 38.37 15.83
N MET M 155 -14.27 39.01 15.81
CA MET M 155 -14.35 40.43 15.98
C MET M 155 -13.99 40.80 17.42
N PRO M 156 -13.50 42.02 17.65
CA PRO M 156 -13.07 42.38 19.01
C PRO M 156 -14.18 42.23 20.05
N PHE M 157 -15.43 42.47 19.67
CA PHE M 157 -16.52 42.42 20.63
C PHE M 157 -17.12 41.02 20.78
N ALA M 158 -17.04 40.18 19.75
CA ALA M 158 -17.59 38.84 19.81
C ALA M 158 -17.15 38.09 18.56
N ARG M 159 -17.49 36.81 18.50
CA ARG M 159 -17.26 35.99 17.32
C ARG M 159 -18.48 36.11 16.43
N LEU M 160 -18.30 36.70 15.26
CA LEU M 160 -19.40 37.12 14.41
C LEU M 160 -19.48 36.24 13.17
N GLY M 161 -20.71 35.92 12.77
CA GLY M 161 -20.94 35.28 11.49
C GLY M 161 -22.12 35.93 10.79
N ALA M 162 -22.19 35.72 9.49
CA ALA M 162 -23.25 36.29 8.68
C ALA M 162 -23.70 35.29 7.63
N LEU M 163 -25.02 35.22 7.43
CA LEU M 163 -25.61 34.39 6.39
C LEU M 163 -26.73 35.17 5.74
N ASN M 164 -27.01 34.87 4.48
CA ASN M 164 -28.01 35.57 3.72
C ASN M 164 -29.35 34.85 3.77
N CYS M 165 -30.35 35.45 3.11
CA CYS M 165 -31.68 34.87 3.04
C CYS M 165 -31.63 33.40 2.63
N TRP M 166 -32.29 32.57 3.44
CA TRP M 166 -32.51 31.15 3.12
C TRP M 166 -31.22 30.35 3.14
N GLU M 167 -30.13 30.93 3.63
CA GLU M 167 -29.02 30.12 4.13
C GLU M 167 -29.29 29.61 5.53
N HIS M 168 -30.33 30.10 6.18
CA HIS M 168 -30.78 29.60 7.46
C HIS M 168 -31.70 28.40 7.33
N PHE M 169 -32.10 28.06 6.11
CA PHE M 169 -32.78 26.80 5.84
C PHE M 169 -31.79 25.70 5.47
N GLN M 170 -30.50 26.02 5.46
CA GLN M 170 -29.45 25.06 5.13
C GLN M 170 -29.00 24.39 6.40
N THR M 171 -29.37 23.12 6.55
CA THR M 171 -29.07 22.40 7.78
C THR M 171 -27.56 22.26 7.97
N LEU M 172 -26.83 21.91 6.92
CA LEU M 172 -25.40 21.69 7.06
C LEU M 172 -24.64 23.00 7.20
N THR M 173 -25.10 24.06 6.54
CA THR M 173 -24.48 25.36 6.73
C THR M 173 -24.65 25.85 8.15
N LYS M 174 -25.82 25.61 8.74
CA LYS M 174 -26.02 25.92 10.16
C LYS M 174 -24.96 25.24 11.00
N TYR M 175 -24.78 23.94 10.82
CA TYR M 175 -23.86 23.19 11.67
C TYR M 175 -22.43 23.68 11.50
N ALA M 176 -22.02 23.96 10.26
CA ALA M 176 -20.69 24.51 10.05
C ALA M 176 -20.50 25.80 10.84
N MET M 177 -21.53 26.64 10.87
CA MET M 177 -21.44 27.89 11.62
C MET M 177 -21.39 27.64 13.11
N TYR M 178 -22.19 26.69 13.61
CA TYR M 178 -22.16 26.38 15.03
C TYR M 178 -20.80 25.82 15.43
N SER M 179 -20.23 24.96 14.59
CA SER M 179 -18.95 24.33 14.91
C SER M 179 -17.83 25.35 15.08
N MET M 180 -17.99 26.55 14.53
CA MET M 180 -17.01 27.61 14.66
C MET M 180 -17.31 28.55 15.81
N HIS M 181 -18.30 28.21 16.65
CA HIS M 181 -18.58 28.90 17.90
C HIS M 181 -18.98 30.36 17.66
N GLU M 182 -20.08 30.53 16.93
CA GLU M 182 -20.72 31.83 16.84
C GLU M 182 -21.30 32.24 18.18
N GLN M 183 -21.28 33.55 18.44
CA GLN M 183 -22.19 34.12 19.42
C GLN M 183 -22.84 35.43 19.00
N VAL M 184 -22.56 35.93 17.80
CA VAL M 184 -23.37 36.97 17.18
C VAL M 184 -23.56 36.62 15.73
N HIS M 185 -24.81 36.55 15.30
CA HIS M 185 -25.14 36.20 13.92
C HIS M 185 -25.92 37.34 13.28
N VAL M 186 -25.56 37.67 12.06
CA VAL M 186 -26.24 38.70 11.28
C VAL M 186 -26.97 37.99 10.15
N ALA M 187 -28.29 38.02 10.18
CA ALA M 187 -29.13 37.36 9.19
C ALA M 187 -29.74 38.44 8.30
N SER M 188 -29.22 38.57 7.09
CA SER M 188 -29.70 39.58 6.16
C SER M 188 -30.78 38.97 5.26
N TRP M 189 -31.89 39.68 5.14
CA TRP M 189 -33.04 39.25 4.35
C TRP M 189 -33.46 40.36 3.42
N PRO M 190 -34.13 40.02 2.32
CA PRO M 190 -34.84 41.04 1.55
C PRO M 190 -36.25 41.21 2.07
N GLY M 191 -37.04 42.10 1.47
CA GLY M 191 -38.41 42.23 1.87
C GLY M 191 -39.20 40.99 1.51
N MET M 192 -39.55 40.18 2.51
CA MET M 192 -40.24 38.92 2.27
C MET M 192 -41.74 39.17 2.19
N SER M 193 -42.14 39.76 1.06
CA SER M 193 -43.54 40.04 0.77
C SER M 193 -43.93 39.42 -0.57
N LEU M 194 -43.28 38.34 -0.95
CA LEU M 194 -43.45 37.74 -2.26
C LEU M 194 -44.54 36.69 -2.23
N TYR M 195 -45.48 36.78 -3.17
CA TYR M 195 -46.47 35.73 -3.38
C TYR M 195 -47.19 35.39 -2.08
N GLN M 196 -47.51 36.41 -1.28
CA GLN M 196 -47.98 36.17 0.07
C GLN M 196 -49.24 35.30 0.11
N PRO M 197 -50.28 35.56 -0.67
CA PRO M 197 -51.45 34.67 -0.62
C PRO M 197 -51.12 33.23 -0.96
N GLU M 198 -50.21 33.00 -1.92
CA GLU M 198 -50.04 31.70 -2.55
C GLU M 198 -48.90 30.88 -1.93
N VAL M 199 -47.78 31.51 -1.58
CA VAL M 199 -46.62 30.79 -1.10
C VAL M 199 -46.38 31.16 0.36
N PRO M 200 -46.89 30.39 1.32
CA PRO M 200 -46.65 30.73 2.73
C PRO M 200 -45.19 30.73 3.11
N ALA M 201 -44.37 29.93 2.43
CA ALA M 201 -42.96 29.83 2.78
C ALA M 201 -42.22 31.14 2.57
N PHE M 202 -42.75 32.04 1.75
CA PHE M 202 -42.11 33.31 1.47
C PHE M 202 -42.58 34.44 2.38
N GLY M 203 -43.46 34.15 3.35
CA GLY M 203 -43.99 35.18 4.22
C GLY M 203 -43.15 35.36 5.47
N VAL M 204 -43.20 36.57 6.02
CA VAL M 204 -42.35 36.91 7.15
C VAL M 204 -42.52 35.94 8.30
N ASP M 205 -43.69 35.30 8.41
CA ASP M 205 -43.90 34.32 9.47
C ASP M 205 -42.93 33.15 9.33
N ALA M 206 -42.79 32.63 8.11
CA ALA M 206 -41.88 31.51 7.90
C ALA M 206 -40.43 31.91 8.14
N GLN M 207 -40.06 33.12 7.74
CA GLN M 207 -38.68 33.55 7.86
C GLN M 207 -38.33 33.96 9.28
N LEU M 208 -39.33 34.21 10.13
CA LEU M 208 -39.04 34.49 11.53
C LEU M 208 -38.72 33.20 12.28
N THR M 209 -39.37 32.10 11.92
CA THR M 209 -39.02 30.82 12.53
C THR M 209 -37.60 30.43 12.17
N ALA M 210 -37.18 30.68 10.93
CA ALA M 210 -35.82 30.33 10.52
C ALA M 210 -34.79 31.07 11.35
N THR M 211 -34.93 32.38 11.47
CA THR M 211 -33.98 33.14 12.28
C THR M 211 -34.10 32.78 13.75
N ARG M 212 -35.33 32.67 14.27
CA ARG M 212 -35.51 32.33 15.67
C ARG M 212 -34.97 30.93 15.95
N MET M 213 -35.24 29.98 15.07
CA MET M 213 -34.71 28.64 15.26
C MET M 213 -33.19 28.64 15.21
N TYR M 214 -32.61 29.49 14.37
CA TYR M 214 -31.16 29.58 14.29
C TYR M 214 -30.56 29.96 15.64
N ALA M 215 -31.16 30.96 16.30
CA ALA M 215 -30.69 31.35 17.63
C ALA M 215 -30.86 30.21 18.62
N LEU M 216 -32.05 29.62 18.66
CA LEU M 216 -32.30 28.53 19.59
C LEU M 216 -31.40 27.35 19.32
N GLU M 217 -31.26 26.98 18.05
CA GLU M 217 -30.54 25.76 17.70
C GLU M 217 -29.05 25.90 17.97
N GLY M 218 -28.50 27.08 17.68
CA GLY M 218 -27.09 27.33 17.88
C GLY M 218 -26.72 28.13 19.10
N GLN M 219 -27.71 28.59 19.87
CA GLN M 219 -27.49 29.41 21.06
C GLN M 219 -26.56 30.58 20.74
N THR M 220 -27.06 31.45 19.88
CA THR M 220 -26.32 32.65 19.47
C THR M 220 -27.29 33.80 19.36
N PHE M 221 -26.79 35.02 19.56
CA PHE M 221 -27.58 36.20 19.28
C PHE M 221 -27.70 36.39 17.78
N VAL M 222 -28.92 36.64 17.31
CA VAL M 222 -29.20 36.79 15.89
C VAL M 222 -29.66 38.22 15.67
N VAL M 223 -28.98 38.91 14.76
CA VAL M 223 -29.32 40.29 14.41
C VAL M 223 -29.94 40.22 13.02
N CYS M 224 -31.26 40.13 12.97
CA CYS M 224 -31.97 39.99 11.72
C CYS M 224 -32.25 41.38 11.15
N THR M 225 -31.83 41.59 9.91
CA THR M 225 -32.05 42.84 9.19
C THR M 225 -32.76 42.52 7.89
N THR M 226 -33.58 43.46 7.42
CA THR M 226 -34.47 43.15 6.30
C THR M 226 -34.75 44.43 5.52
N GLN M 227 -35.07 44.27 4.25
CA GLN M 227 -35.55 45.37 3.44
C GLN M 227 -37.06 45.49 3.55
N VAL M 228 -37.60 46.55 2.95
CA VAL M 228 -39.04 46.79 2.99
C VAL M 228 -39.52 47.09 1.58
N VAL M 229 -40.63 46.47 1.19
CA VAL M 229 -41.25 46.71 -0.11
C VAL M 229 -42.30 47.78 0.13
N THR M 230 -41.88 49.03 -0.05
CA THR M 230 -42.73 50.20 0.17
C THR M 230 -43.32 50.65 -1.17
N PRO M 231 -44.17 51.67 -1.20
CA PRO M 231 -44.69 52.13 -2.50
C PRO M 231 -43.61 52.54 -3.48
N GLU M 232 -42.48 53.06 -3.00
CA GLU M 232 -41.39 53.41 -3.92
C GLU M 232 -40.96 52.21 -4.73
N ALA M 233 -40.92 51.03 -4.11
CA ALA M 233 -40.61 49.80 -4.84
C ALA M 233 -41.67 49.49 -5.88
N HIS M 234 -42.94 49.72 -5.55
CA HIS M 234 -44.01 49.43 -6.50
C HIS M 234 -43.88 50.30 -7.75
N GLU M 235 -43.58 51.59 -7.57
CA GLU M 235 -43.37 52.47 -8.71
C GLU M 235 -42.14 52.12 -9.52
N PHE M 236 -41.27 51.24 -9.00
CA PHE M 236 -40.04 50.86 -9.67
C PHE M 236 -40.17 49.54 -10.41
N PHE M 237 -40.72 48.50 -9.79
CA PHE M 237 -40.81 47.18 -10.40
C PHE M 237 -42.15 46.92 -11.07
N CYS M 238 -43.25 47.16 -10.36
CA CYS M 238 -44.57 46.81 -10.86
C CYS M 238 -44.96 47.71 -12.03
N GLU M 239 -45.59 47.11 -13.04
CA GLU M 239 -46.11 47.84 -14.18
C GLU M 239 -47.62 47.74 -14.32
N ASN M 240 -48.28 46.96 -13.48
CA ASN M 240 -49.73 46.83 -13.53
C ASN M 240 -50.21 46.31 -12.18
N GLU M 241 -51.50 45.96 -12.10
CA GLU M 241 -52.07 45.50 -10.84
C GLU M 241 -51.60 44.10 -10.49
N GLU M 242 -51.47 43.23 -11.50
CA GLU M 242 -51.03 41.87 -11.22
C GLU M 242 -49.64 41.84 -10.60
N GLN M 243 -48.70 42.59 -11.19
CA GLN M 243 -47.35 42.63 -10.64
C GLN M 243 -47.32 43.32 -9.28
N ARG M 244 -48.26 44.22 -9.02
CA ARG M 244 -48.28 44.91 -7.73
C ARG M 244 -48.67 43.97 -6.60
N LYS M 245 -49.51 42.97 -6.89
CA LYS M 245 -49.84 41.98 -5.88
C LYS M 245 -48.70 40.98 -5.67
N LEU M 246 -47.91 40.74 -6.71
CA LEU M 246 -46.83 39.75 -6.59
C LEU M 246 -45.83 40.16 -5.52
N ILE M 247 -45.41 41.43 -5.52
CA ILE M 247 -44.58 41.94 -4.45
C ILE M 247 -45.43 42.83 -3.55
N GLY M 248 -46.04 42.22 -2.52
CA GLY M 248 -46.90 42.97 -1.64
C GLY M 248 -46.13 44.00 -0.83
N ARG M 249 -46.88 44.91 -0.22
CA ARG M 249 -46.26 45.94 0.61
C ARG M 249 -45.69 45.31 1.88
N GLY M 250 -44.69 45.99 2.44
CA GLY M 250 -44.13 45.59 3.72
C GLY M 250 -43.02 44.57 3.55
N GLY M 251 -43.07 43.51 4.35
CA GLY M 251 -42.07 42.46 4.30
C GLY M 251 -40.91 42.62 5.25
N GLY M 252 -40.82 43.73 5.98
CA GLY M 252 -39.69 43.95 6.87
C GLY M 252 -39.94 43.30 8.22
N PHE M 253 -38.99 42.49 8.67
CA PHE M 253 -39.11 41.82 9.96
C PHE M 253 -37.78 41.83 10.70
N ALA M 254 -37.10 42.97 10.71
CA ALA M 254 -35.85 43.07 11.45
C ALA M 254 -36.09 42.77 12.92
N ARG M 255 -35.22 41.93 13.49
CA ARG M 255 -35.34 41.50 14.88
C ARG M 255 -33.96 41.40 15.50
N ILE M 256 -33.93 41.36 16.82
CA ILE M 256 -32.75 40.97 17.57
C ILE M 256 -33.20 39.88 18.54
N ILE M 257 -32.61 38.70 18.40
CA ILE M 257 -33.07 37.50 19.09
C ILE M 257 -31.94 36.99 19.97
N GLY M 258 -32.28 36.60 21.19
CA GLY M 258 -31.30 36.06 22.11
C GLY M 258 -31.10 34.58 21.91
N PRO M 259 -30.18 34.02 22.69
CA PRO M 259 -29.91 32.57 22.59
C PRO M 259 -31.11 31.72 22.91
N ASP M 260 -32.08 32.24 23.64
CA ASP M 260 -33.27 31.50 24.02
C ASP M 260 -34.43 31.75 23.07
N GLY M 261 -34.21 32.48 21.97
CA GLY M 261 -35.25 32.76 21.02
C GLY M 261 -36.11 33.96 21.35
N ARG M 262 -35.92 34.57 22.51
CA ARG M 262 -36.68 35.75 22.88
C ARG M 262 -36.14 36.98 22.16
N ASP M 263 -37.04 37.85 21.74
CA ASP M 263 -36.66 39.08 21.05
C ASP M 263 -36.18 40.11 22.06
N LEU M 264 -34.98 40.63 21.87
CA LEU M 264 -34.40 41.61 22.76
C LEU M 264 -34.79 43.05 22.40
N ALA M 265 -35.48 43.25 21.29
CA ALA M 265 -35.90 44.57 20.87
C ALA M 265 -37.32 44.50 20.33
N THR M 266 -38.09 45.55 20.59
CA THR M 266 -39.47 45.58 20.12
C THR M 266 -39.49 45.66 18.61
N PRO M 267 -40.15 44.74 17.92
CA PRO M 267 -40.14 44.78 16.45
C PRO M 267 -40.89 45.98 15.90
N LEU M 268 -40.47 46.40 14.71
CA LEU M 268 -41.16 47.47 13.99
C LEU M 268 -42.35 46.87 13.23
N ALA M 269 -43.04 47.72 12.46
CA ALA M 269 -44.10 47.24 11.60
C ALA M 269 -43.51 46.69 10.30
N GLU M 270 -44.27 45.81 9.65
CA GLU M 270 -43.80 45.22 8.41
C GLU M 270 -43.56 46.27 7.35
N ASP M 271 -44.24 47.40 7.44
CA ASP M 271 -44.04 48.51 6.50
C ASP M 271 -43.17 49.61 7.07
N GLU M 272 -43.07 49.72 8.39
CA GLU M 272 -42.24 50.76 9.00
C GLU M 272 -40.78 50.53 8.69
N GLU M 273 -40.03 51.62 8.60
CA GLU M 273 -38.62 51.62 8.26
C GLU M 273 -37.84 52.34 9.35
N GLY M 274 -36.77 51.70 9.83
CA GLY M 274 -35.98 52.30 10.89
C GLY M 274 -34.93 51.34 11.39
N ILE M 275 -34.34 51.69 12.52
CA ILE M 275 -33.33 50.89 13.18
C ILE M 275 -33.82 50.53 14.58
N LEU M 276 -33.45 49.35 15.05
CA LEU M 276 -33.79 48.92 16.40
C LEU M 276 -32.54 48.36 17.07
N TYR M 277 -32.38 48.71 18.34
CA TYR M 277 -31.16 48.49 19.09
C TYR M 277 -31.41 47.48 20.20
N ALA M 278 -30.33 46.90 20.71
CA ALA M 278 -30.42 45.98 21.83
C ALA M 278 -29.05 45.87 22.49
N ASP M 279 -29.06 45.44 23.75
CA ASP M 279 -27.84 45.21 24.51
C ASP M 279 -27.56 43.72 24.56
N ILE M 280 -26.37 43.34 24.12
CA ILE M 280 -25.99 41.93 24.02
C ILE M 280 -25.10 41.60 25.21
N ASP M 281 -25.50 40.62 26.00
CA ASP M 281 -24.66 40.07 27.07
C ASP M 281 -24.35 38.62 26.72
N LEU M 282 -23.08 38.34 26.43
CA LEU M 282 -22.71 37.01 26.00
C LEU M 282 -22.87 35.97 27.10
N SER M 283 -23.00 36.38 28.36
CA SER M 283 -23.27 35.42 29.42
C SER M 283 -24.63 34.75 29.26
N ALA M 284 -25.54 35.36 28.49
CA ALA M 284 -26.83 34.73 28.25
C ALA M 284 -26.68 33.44 27.45
N ILE M 285 -25.63 33.35 26.64
CA ILE M 285 -25.39 32.13 25.88
C ILE M 285 -24.95 31.00 26.80
N THR M 286 -24.03 31.30 27.71
CA THR M 286 -23.57 30.27 28.64
C THR M 286 -24.74 29.65 29.38
N LEU M 287 -25.80 30.44 29.61
CA LEU M 287 -26.99 29.90 30.25
C LEU M 287 -27.77 29.01 29.30
N ALA M 288 -27.76 29.35 28.01
CA ALA M 288 -28.46 28.54 27.02
C ALA M 288 -27.69 27.27 26.67
N LYS M 289 -26.36 27.31 26.74
CA LYS M 289 -25.57 26.13 26.46
C LYS M 289 -25.83 25.00 27.46
N GLN M 290 -26.40 25.32 28.63
CA GLN M 290 -26.69 24.29 29.61
C GLN M 290 -27.68 23.28 29.06
N ALA M 291 -28.72 23.76 28.38
CA ALA M 291 -29.74 22.86 27.85
C ALA M 291 -29.23 22.11 26.61
N ALA M 292 -28.80 22.85 25.59
CA ALA M 292 -28.41 22.26 24.33
C ALA M 292 -27.10 22.88 23.84
N ASP M 293 -26.32 22.07 23.14
CA ASP M 293 -25.09 22.48 22.49
C ASP M 293 -24.84 21.54 21.32
N PRO M 294 -25.33 21.87 20.12
CA PRO M 294 -25.35 20.87 19.04
C PRO M 294 -23.99 20.34 18.66
N VAL M 295 -22.94 21.13 18.86
CA VAL M 295 -21.59 20.72 18.48
C VAL M 295 -20.76 20.30 19.69
N GLY M 296 -21.34 20.33 20.88
CA GLY M 296 -20.60 19.98 22.07
C GLY M 296 -21.19 18.82 22.84
N HIS M 297 -21.66 19.09 24.05
CA HIS M 297 -22.09 18.04 24.95
C HIS M 297 -23.32 17.30 24.43
N TYR M 298 -24.01 17.85 23.45
CA TYR M 298 -25.29 17.32 23.01
C TYR M 298 -25.20 16.95 21.53
N SER M 299 -24.08 16.32 21.19
CA SER M 299 -23.79 15.80 19.85
C SER M 299 -23.30 14.36 19.99
N ARG M 300 -23.39 13.60 18.91
CA ARG M 300 -22.93 12.21 18.87
C ARG M 300 -22.09 12.00 17.62
N PRO M 301 -20.82 12.39 17.65
CA PRO M 301 -19.98 12.26 16.45
C PRO M 301 -19.70 10.83 16.05
N ASP M 302 -19.93 9.86 16.92
CA ASP M 302 -19.82 8.46 16.53
C ASP M 302 -20.94 8.05 15.59
N VAL M 303 -22.01 8.84 15.52
CA VAL M 303 -23.15 8.57 14.65
C VAL M 303 -23.20 9.55 13.49
N LEU M 304 -23.21 10.85 13.79
CA LEU M 304 -23.37 11.90 12.80
C LEU M 304 -22.23 12.89 12.94
N SER M 305 -21.48 13.08 11.85
CA SER M 305 -20.44 14.08 11.79
C SER M 305 -20.56 14.82 10.48
N LEU M 306 -19.85 15.93 10.36
CA LEU M 306 -19.94 16.81 9.21
C LEU M 306 -18.62 16.84 8.47
N ASN M 307 -18.68 16.70 7.15
CA ASN M 307 -17.54 16.93 6.27
C ASN M 307 -17.62 18.35 5.76
N PHE M 308 -16.59 19.15 6.03
CA PHE M 308 -16.59 20.57 5.70
C PHE M 308 -15.34 20.87 4.87
N ASN M 309 -15.54 21.12 3.58
CA ASN M 309 -14.45 21.46 2.67
C ASN M 309 -14.41 22.98 2.55
N GLN M 310 -13.45 23.58 3.24
CA GLN M 310 -13.36 25.03 3.36
C GLN M 310 -12.32 25.61 2.40
N ARG M 311 -11.89 24.83 1.42
CA ARG M 311 -10.93 25.32 0.43
C ARG M 311 -11.55 26.40 -0.43
N ARG M 312 -10.69 27.30 -0.93
CA ARG M 312 -11.11 28.47 -1.70
C ARG M 312 -10.86 28.17 -3.18
N THR M 313 -11.87 27.61 -3.84
CA THR M 313 -11.72 27.21 -5.23
C THR M 313 -11.80 28.41 -6.16
N THR M 314 -11.00 28.37 -7.23
CA THR M 314 -10.91 29.44 -8.21
C THR M 314 -11.04 28.86 -9.60
N PRO M 315 -11.69 29.57 -10.54
CA PRO M 315 -11.75 29.07 -11.91
C PRO M 315 -10.38 28.88 -12.54
N VAL M 316 -9.44 29.77 -12.25
CA VAL M 316 -8.06 29.67 -12.73
C VAL M 316 -7.16 29.63 -11.51
N ASN M 317 -6.44 28.52 -11.34
CA ASN M 317 -5.61 28.32 -10.17
C ASN M 317 -4.17 28.74 -10.38
N THR M 318 -3.78 29.09 -11.59
CA THR M 318 -2.40 29.51 -11.86
C THR M 318 -1.43 28.41 -11.44
N VAL N 2 -40.27 9.13 -2.45
CA VAL N 2 -40.24 8.45 -3.77
C VAL N 2 -41.47 8.83 -4.60
N GLU N 3 -42.64 8.80 -3.99
CA GLU N 3 -43.89 9.17 -4.64
C GLU N 3 -44.59 10.22 -3.79
N TYR N 4 -45.12 11.25 -4.45
CA TYR N 4 -45.71 12.40 -3.79
C TYR N 4 -47.12 12.65 -4.29
N THR N 5 -47.94 11.60 -4.33
CA THR N 5 -49.30 11.71 -4.84
C THR N 5 -50.37 11.28 -3.85
N ASN N 6 -50.03 10.53 -2.81
CA ASN N 6 -51.05 9.97 -1.93
C ASN N 6 -51.70 11.06 -1.10
N THR N 7 -52.94 10.78 -0.67
CA THR N 7 -53.69 11.66 0.21
C THR N 7 -54.31 10.82 1.33
N PHE N 8 -54.28 11.34 2.54
CA PHE N 8 -54.75 10.58 3.69
C PHE N 8 -55.00 11.53 4.85
N LYS N 9 -55.56 10.98 5.92
CA LYS N 9 -55.93 11.74 7.11
C LYS N 9 -55.13 11.25 8.31
N VAL N 10 -54.66 12.20 9.12
CA VAL N 10 -53.83 11.89 10.27
C VAL N 10 -54.42 12.56 11.50
N ALA N 11 -54.06 12.03 12.67
CA ALA N 11 -54.54 12.53 13.95
C ALA N 11 -53.36 12.81 14.86
N ALA N 12 -53.41 13.95 15.56
CA ALA N 12 -52.38 14.35 16.50
C ALA N 12 -53.01 14.44 17.88
N VAL N 13 -52.52 13.64 18.82
CA VAL N 13 -53.11 13.51 20.13
C VAL N 13 -52.41 14.45 21.09
N GLN N 14 -53.18 15.28 21.77
CA GLN N 14 -52.70 16.13 22.87
C GLN N 14 -53.37 15.59 24.13
N ALA N 15 -52.76 14.60 24.74
CA ALA N 15 -53.39 13.85 25.82
C ALA N 15 -52.50 13.87 27.05
N GLN N 16 -53.09 13.51 28.17
CA GLN N 16 -52.45 13.39 29.46
C GLN N 16 -52.37 11.93 29.87
N PRO N 17 -51.23 11.43 30.35
CA PRO N 17 -51.15 10.05 30.78
C PRO N 17 -51.60 9.84 32.21
N VAL N 18 -52.05 8.64 32.50
CA VAL N 18 -52.32 8.25 33.87
C VAL N 18 -50.97 8.08 34.54
N TRP N 19 -50.57 9.07 35.34
CA TRP N 19 -49.17 9.26 35.68
C TRP N 19 -48.57 8.02 36.34
N PHE N 20 -47.57 7.47 35.67
CA PHE N 20 -46.85 6.29 36.13
C PHE N 20 -47.82 5.13 36.39
N ASP N 21 -48.63 4.83 35.38
CA ASP N 21 -49.51 3.67 35.44
C ASP N 21 -49.64 3.13 34.02
N ALA N 22 -48.83 2.12 33.70
CA ALA N 22 -48.82 1.59 32.35
C ALA N 22 -50.17 1.00 31.97
N ALA N 23 -50.77 0.21 32.87
CA ALA N 23 -52.01 -0.48 32.54
C ALA N 23 -53.13 0.50 32.22
N LYS N 24 -53.25 1.57 33.01
CA LYS N 24 -54.33 2.53 32.77
C LYS N 24 -54.00 3.43 31.59
N THR N 25 -52.73 3.80 31.42
CA THR N 25 -52.37 4.66 30.29
C THR N 25 -52.46 3.91 28.97
N VAL N 26 -52.19 2.61 28.97
CA VAL N 26 -52.39 1.83 27.75
C VAL N 26 -53.87 1.78 27.40
N ASP N 27 -54.74 1.69 28.42
CA ASP N 27 -56.17 1.76 28.17
C ASP N 27 -56.55 3.10 27.55
N LYS N 28 -56.01 4.19 28.09
CA LYS N 28 -56.30 5.50 27.54
C LYS N 28 -55.80 5.62 26.10
N THR N 29 -54.63 5.05 25.82
CA THR N 29 -54.09 5.10 24.47
C THR N 29 -54.99 4.37 23.48
N VAL N 30 -55.48 3.19 23.86
CA VAL N 30 -56.31 2.40 22.95
C VAL N 30 -57.61 3.14 22.67
N SER N 31 -58.18 3.81 23.67
CA SER N 31 -59.37 4.60 23.45
C SER N 31 -59.10 5.74 22.48
N ASN N 32 -57.95 6.40 22.63
CA ASN N 32 -57.57 7.44 21.67
C ASN N 32 -57.33 6.83 20.28
N ILE N 33 -56.75 5.64 20.22
CA ILE N 33 -56.59 4.97 18.94
C ILE N 33 -57.95 4.70 18.31
N ALA N 34 -58.91 4.23 19.11
CA ALA N 34 -60.24 3.96 18.58
C ALA N 34 -60.90 5.21 18.07
N GLU N 35 -60.79 6.32 18.81
CA GLU N 35 -61.43 7.56 18.41
C GLU N 35 -60.90 8.04 17.06
N ALA N 36 -59.57 8.00 16.89
CA ALA N 36 -58.99 8.45 15.63
C ALA N 36 -59.43 7.57 14.47
N ALA N 37 -59.47 6.25 14.69
CA ALA N 37 -59.86 5.34 13.63
C ALA N 37 -61.29 5.60 13.18
N ARG N 38 -62.18 5.92 14.13
CA ARG N 38 -63.55 6.25 13.77
C ARG N 38 -63.61 7.45 12.83
N ASN N 39 -62.70 8.41 12.99
CA ASN N 39 -62.64 9.58 12.14
C ASN N 39 -62.00 9.30 10.79
N GLY N 40 -61.56 8.07 10.54
CA GLY N 40 -60.97 7.71 9.26
C GLY N 40 -59.50 8.04 9.12
N CYS N 41 -58.78 8.19 10.22
CA CYS N 41 -57.38 8.57 10.17
C CYS N 41 -56.50 7.36 9.90
N GLU N 42 -55.57 7.49 8.96
CA GLU N 42 -54.64 6.42 8.66
C GLU N 42 -53.45 6.41 9.61
N LEU N 43 -53.24 7.46 10.41
CA LEU N 43 -52.13 7.54 11.33
C LEU N 43 -52.55 8.36 12.54
N VAL N 44 -52.29 7.84 13.72
CA VAL N 44 -52.52 8.56 14.97
C VAL N 44 -51.22 8.54 15.77
N ALA N 45 -50.81 9.69 16.27
CA ALA N 45 -49.56 9.85 16.98
C ALA N 45 -49.82 10.27 18.41
N PHE N 46 -48.94 9.87 19.32
CA PHE N 46 -49.10 10.11 20.74
C PHE N 46 -47.85 10.76 21.32
N PRO N 47 -47.96 11.43 22.46
CA PRO N 47 -46.84 12.21 22.99
C PRO N 47 -45.61 11.38 23.36
N GLU N 48 -44.58 12.06 23.84
CA GLU N 48 -43.33 11.41 24.19
C GLU N 48 -43.44 10.72 25.54
N VAL N 49 -42.88 9.51 25.62
CA VAL N 49 -42.90 8.74 26.85
C VAL N 49 -44.32 8.77 27.41
N PHE N 50 -45.29 8.50 26.54
CA PHE N 50 -46.69 8.67 26.93
C PHE N 50 -47.13 7.58 27.90
N ILE N 51 -46.78 6.32 27.61
CA ILE N 51 -47.43 5.21 28.31
C ILE N 51 -47.20 5.26 29.82
N PRO N 52 -45.99 5.45 30.31
CA PRO N 52 -45.85 5.70 31.75
C PRO N 52 -46.01 7.17 32.08
N GLY N 53 -45.77 8.02 31.08
CA GLY N 53 -45.80 9.46 31.27
C GLY N 53 -44.39 10.02 31.45
N TYR N 54 -44.23 11.28 31.10
CA TYR N 54 -42.92 11.91 31.20
C TYR N 54 -42.51 12.05 32.67
N PRO N 55 -41.25 11.76 33.00
CA PRO N 55 -40.83 11.88 34.40
C PRO N 55 -40.49 13.30 34.79
N TYR N 56 -41.48 14.10 35.15
CA TYR N 56 -41.22 15.48 35.54
C TYR N 56 -40.49 15.57 36.87
N HIS N 57 -40.45 14.50 37.66
CA HIS N 57 -39.84 14.59 38.98
C HIS N 57 -38.35 14.92 38.90
N ILE N 58 -37.72 14.63 37.76
CA ILE N 58 -36.30 14.93 37.63
C ILE N 58 -36.07 16.43 37.57
N TRP N 59 -37.12 17.20 37.23
CA TRP N 59 -36.99 18.64 37.11
C TRP N 59 -37.39 19.37 38.38
N VAL N 60 -38.43 18.89 39.06
CA VAL N 60 -39.01 19.66 40.16
C VAL N 60 -38.09 19.68 41.38
N ASP N 61 -37.43 18.58 41.69
CA ASP N 61 -36.67 18.47 42.94
C ASP N 61 -35.28 17.92 42.64
N SER N 62 -34.50 17.74 43.70
CA SER N 62 -33.15 17.23 43.56
C SER N 62 -33.19 15.75 43.19
N PRO N 63 -32.08 15.22 42.67
CA PRO N 63 -32.07 13.81 42.25
C PRO N 63 -32.44 12.84 43.37
N LEU N 64 -32.02 13.11 44.60
CA LEU N 64 -32.35 12.20 45.69
C LEU N 64 -33.84 12.16 45.94
N ALA N 65 -34.50 13.32 45.89
CA ALA N 65 -35.94 13.35 46.08
C ALA N 65 -36.65 12.54 45.00
N GLY N 66 -36.25 12.72 43.75
CA GLY N 66 -36.84 11.92 42.68
C GLY N 66 -36.52 10.45 42.80
N MET N 67 -35.26 10.12 43.09
CA MET N 67 -34.87 8.72 43.18
C MET N 67 -35.62 8.02 44.30
N ALA N 68 -35.74 8.66 45.46
CA ALA N 68 -36.35 8.01 46.61
C ALA N 68 -37.83 7.78 46.43
N LYS N 69 -38.52 8.68 45.72
CA LYS N 69 -39.97 8.66 45.64
C LYS N 69 -40.52 8.15 44.32
N PHE N 70 -39.83 8.40 43.20
CA PHE N 70 -40.39 8.12 41.88
C PHE N 70 -39.60 7.14 41.04
N ALA N 71 -38.31 6.95 41.30
CA ALA N 71 -37.49 6.16 40.39
C ALA N 71 -38.00 4.73 40.27
N VAL N 72 -38.21 4.06 41.40
CA VAL N 72 -38.63 2.66 41.35
C VAL N 72 -40.01 2.54 40.73
N ARG N 73 -40.93 3.43 41.12
CA ARG N 73 -42.28 3.37 40.56
C ARG N 73 -42.26 3.61 39.05
N TYR N 74 -41.52 4.62 38.61
CA TYR N 74 -41.45 4.89 37.17
C TYR N 74 -40.77 3.76 36.43
N HIS N 75 -39.71 3.20 37.01
CA HIS N 75 -39.02 2.07 36.39
C HIS N 75 -39.94 0.86 36.29
N GLU N 76 -40.72 0.59 37.33
CA GLU N 76 -41.60 -0.57 37.34
C GLU N 76 -42.74 -0.43 36.34
N ASN N 77 -43.12 0.79 35.97
CA ASN N 77 -44.20 1.02 35.03
C ASN N 77 -43.72 1.20 33.60
N SER N 78 -42.42 1.05 33.34
CA SER N 78 -41.92 1.12 31.98
C SER N 78 -42.20 -0.19 31.25
N LEU N 79 -42.34 -0.09 29.94
CA LEU N 79 -42.77 -1.22 29.12
C LEU N 79 -41.58 -1.99 28.58
N THR N 80 -41.64 -3.31 28.69
CA THR N 80 -40.71 -4.17 27.97
C THR N 80 -41.27 -4.50 26.60
N MET N 81 -40.37 -4.79 25.66
CA MET N 81 -40.79 -5.01 24.28
C MET N 81 -41.70 -6.22 24.16
N ASP N 82 -41.53 -7.22 25.02
CA ASP N 82 -42.34 -8.42 25.01
C ASP N 82 -43.43 -8.41 26.07
N SER N 83 -43.80 -7.23 26.55
CA SER N 83 -44.80 -7.11 27.59
C SER N 83 -46.21 -7.22 27.00
N PRO N 84 -47.19 -7.60 27.82
CA PRO N 84 -48.58 -7.60 27.32
C PRO N 84 -49.05 -6.23 26.89
N HIS N 85 -48.57 -5.17 27.55
CA HIS N 85 -49.03 -3.82 27.20
C HIS N 85 -48.69 -3.49 25.75
N VAL N 86 -47.48 -3.82 25.31
CA VAL N 86 -47.10 -3.55 23.92
C VAL N 86 -47.97 -4.36 22.98
N GLN N 87 -48.31 -5.60 23.36
CA GLN N 87 -49.17 -6.42 22.51
C GLN N 87 -50.55 -5.82 22.38
N ARG N 88 -51.07 -5.22 23.46
CA ARG N 88 -52.37 -4.57 23.38
C ARG N 88 -52.32 -3.39 22.42
N LEU N 89 -51.24 -2.61 22.43
CA LEU N 89 -51.10 -1.52 21.48
C LEU N 89 -51.06 -2.06 20.05
N LEU N 90 -50.34 -3.16 19.83
CA LEU N 90 -50.30 -3.76 18.50
C LEU N 90 -51.68 -4.28 18.10
N ASP N 91 -52.39 -4.91 19.03
CA ASP N 91 -53.72 -5.42 18.72
C ASP N 91 -54.68 -4.29 18.38
N ALA N 92 -54.60 -3.18 19.12
CA ALA N 92 -55.48 -2.06 18.84
C ALA N 92 -55.23 -1.51 17.44
N ALA N 93 -53.96 -1.39 17.05
CA ALA N 93 -53.65 -0.92 15.70
C ALA N 93 -54.16 -1.89 14.65
N ARG N 94 -54.05 -3.19 14.92
CA ARG N 94 -54.55 -4.18 13.97
C ARG N 94 -56.07 -4.13 13.89
N ASP N 95 -56.75 -4.12 15.03
CA ASP N 95 -58.21 -4.17 15.03
C ASP N 95 -58.80 -2.96 14.32
N HIS N 96 -58.26 -1.77 14.58
CA HIS N 96 -58.80 -0.54 14.03
C HIS N 96 -58.14 -0.13 12.72
N ASN N 97 -57.16 -0.90 12.24
CA ASN N 97 -56.56 -0.66 10.93
C ASN N 97 -56.00 0.76 10.84
N ILE N 98 -55.25 1.16 11.85
CA ILE N 98 -54.68 2.50 11.93
C ILE N 98 -53.22 2.39 12.36
N ALA N 99 -52.36 3.17 11.72
CA ALA N 99 -50.95 3.21 12.09
C ALA N 99 -50.77 4.08 13.33
N VAL N 100 -50.04 3.57 14.31
CA VAL N 100 -49.87 4.24 15.60
C VAL N 100 -48.39 4.52 15.81
N VAL N 101 -48.07 5.75 16.19
CA VAL N 101 -46.73 6.14 16.62
C VAL N 101 -46.88 6.62 18.05
N VAL N 102 -46.53 5.76 19.01
CA VAL N 102 -46.74 6.03 20.43
C VAL N 102 -45.37 6.05 21.11
N GLY N 103 -45.12 7.10 21.89
CA GLY N 103 -43.89 7.19 22.65
C GLY N 103 -44.04 6.48 23.97
N ILE N 104 -43.05 5.64 24.30
CA ILE N 104 -43.05 4.87 25.54
C ILE N 104 -41.67 5.00 26.18
N SER N 105 -41.60 4.66 27.46
CA SER N 105 -40.32 4.52 28.16
C SER N 105 -40.03 3.03 28.16
N GLU N 106 -39.36 2.56 27.12
CA GLU N 106 -38.98 1.16 27.04
C GLU N 106 -38.02 0.80 28.15
N ARG N 107 -38.13 -0.41 28.66
CA ARG N 107 -37.21 -0.95 29.64
C ARG N 107 -36.43 -2.09 29.02
N ASP N 108 -35.12 -2.05 29.17
CA ASP N 108 -34.23 -3.10 28.68
C ASP N 108 -33.30 -3.47 29.83
N GLY N 109 -33.59 -4.58 30.50
CA GLY N 109 -32.90 -4.91 31.72
C GLY N 109 -33.20 -3.88 32.79
N GLY N 110 -32.17 -3.23 33.30
CA GLY N 110 -32.32 -2.19 34.30
C GLY N 110 -32.21 -0.78 33.77
N SER N 111 -32.29 -0.58 32.46
CA SER N 111 -32.17 0.73 31.85
C SER N 111 -33.43 1.07 31.10
N LEU N 112 -33.73 2.36 31.04
CA LEU N 112 -34.88 2.88 30.32
C LEU N 112 -34.42 3.67 29.10
N TYR N 113 -35.32 3.78 28.12
CA TYR N 113 -35.04 4.52 26.90
C TYR N 113 -36.31 5.20 26.44
N MET N 114 -36.18 6.40 25.89
CA MET N 114 -37.31 7.13 25.32
C MET N 114 -37.57 6.57 23.94
N THR N 115 -38.31 5.47 23.89
CA THR N 115 -38.59 4.78 22.65
C THR N 115 -39.84 5.36 21.99
N GLN N 116 -39.90 5.22 20.67
CA GLN N 116 -41.10 5.49 19.89
C GLN N 116 -41.45 4.23 19.11
N LEU N 117 -42.54 3.58 19.49
CA LEU N 117 -43.03 2.43 18.73
C LEU N 117 -43.78 2.93 17.51
N ILE N 118 -43.48 2.35 16.35
CA ILE N 118 -44.17 2.64 15.12
C ILE N 118 -44.87 1.37 14.68
N ILE N 119 -46.20 1.43 14.63
CA ILE N 119 -47.05 0.27 14.40
C ILE N 119 -47.87 0.54 13.14
N ASP N 120 -47.86 -0.41 12.21
CA ASP N 120 -48.61 -0.25 10.98
C ASP N 120 -50.05 -0.74 11.16
N ALA N 121 -50.85 -0.52 10.13
CA ALA N 121 -52.26 -0.89 10.19
C ALA N 121 -52.46 -2.39 10.34
N ASP N 122 -51.46 -3.20 9.99
CA ASP N 122 -51.56 -4.64 10.12
C ASP N 122 -51.20 -5.13 11.52
N GLY N 123 -50.83 -4.23 12.43
CA GLY N 123 -50.51 -4.60 13.78
C GLY N 123 -49.08 -5.04 14.00
N GLN N 124 -48.25 -5.05 12.96
CA GLN N 124 -46.84 -5.39 13.13
C GLN N 124 -46.06 -4.22 13.69
N LEU N 125 -45.00 -4.53 14.42
CA LEU N 125 -44.13 -3.49 14.96
C LEU N 125 -43.15 -3.08 13.87
N VAL N 126 -43.48 -1.98 13.18
CA VAL N 126 -42.63 -1.53 12.09
C VAL N 126 -41.25 -1.14 12.60
N ALA N 127 -41.19 -0.44 13.73
CA ALA N 127 -39.92 0.04 14.24
C ALA N 127 -40.03 0.28 15.73
N ARG N 128 -38.88 0.28 16.38
CA ARG N 128 -38.76 0.62 17.80
C ARG N 128 -37.49 1.46 17.92
N ARG N 129 -37.63 2.76 17.77
CA ARG N 129 -36.49 3.67 17.77
C ARG N 129 -36.35 4.34 19.13
N ARG N 130 -35.12 4.56 19.54
CA ARG N 130 -34.83 5.13 20.84
C ARG N 130 -34.13 6.48 20.66
N LYS N 131 -34.44 7.40 21.56
CA LYS N 131 -33.89 8.75 21.45
C LYS N 131 -32.37 8.70 21.41
N LEU N 132 -31.80 9.43 20.46
CA LEU N 132 -30.36 9.42 20.28
C LEU N 132 -29.64 9.98 21.50
N LYS N 133 -30.20 11.01 22.12
CA LYS N 133 -29.58 11.61 23.30
C LYS N 133 -30.63 12.32 24.15
N PRO N 134 -30.88 11.87 25.37
CA PRO N 134 -31.79 12.59 26.25
C PRO N 134 -31.30 14.01 26.52
N THR N 135 -32.24 14.93 26.70
CA THR N 135 -31.94 16.35 26.55
C THR N 135 -30.94 16.91 27.56
N HIS N 136 -31.35 17.11 28.81
CA HIS N 136 -30.47 17.79 29.74
C HIS N 136 -30.21 16.98 31.00
N VAL N 137 -31.29 16.62 31.70
CA VAL N 137 -31.19 15.84 32.93
C VAL N 137 -31.94 14.53 32.77
N GLU N 138 -32.64 14.33 31.65
CA GLU N 138 -33.15 13.02 31.30
C GLU N 138 -32.03 12.01 31.14
N ARG N 139 -30.80 12.48 30.93
CA ARG N 139 -29.67 11.58 30.77
C ARG N 139 -29.44 10.74 32.01
N SER N 140 -29.90 11.20 33.16
CA SER N 140 -29.79 10.42 34.38
C SER N 140 -30.78 9.28 34.43
N VAL N 141 -31.94 9.43 33.78
CA VAL N 141 -32.98 8.40 33.83
C VAL N 141 -33.08 7.59 32.55
N TYR N 142 -32.52 8.08 31.44
CA TYR N 142 -32.64 7.40 30.16
C TYR N 142 -31.26 7.16 29.56
N GLY N 143 -31.15 6.07 28.80
CA GLY N 143 -29.93 5.78 28.08
C GLY N 143 -29.94 6.36 26.69
N GLU N 144 -28.77 6.35 26.06
CA GLU N 144 -28.63 6.89 24.72
C GLU N 144 -29.21 5.91 23.70
N GLY N 145 -29.55 6.45 22.53
CA GLY N 145 -30.08 5.64 21.46
C GLY N 145 -28.97 5.02 20.62
N ASN N 146 -29.06 5.17 19.31
CA ASN N 146 -28.16 4.50 18.40
C ASN N 146 -28.24 5.14 17.04
N GLY N 147 -27.29 4.81 16.17
CA GLY N 147 -27.34 5.29 14.80
C GLY N 147 -28.44 4.64 13.99
N SER N 148 -28.86 3.44 14.37
CA SER N 148 -29.94 2.75 13.70
C SER N 148 -31.31 3.26 14.12
N ASP N 149 -31.38 4.10 15.14
CA ASP N 149 -32.62 4.69 15.60
C ASP N 149 -32.99 5.95 14.85
N ILE N 150 -32.16 6.36 13.89
CA ILE N 150 -32.48 7.44 12.96
C ILE N 150 -32.82 6.77 11.64
N SER N 151 -34.11 6.64 11.34
CA SER N 151 -34.53 5.97 10.12
C SER N 151 -35.88 6.51 9.69
N VAL N 152 -36.19 6.27 8.42
CA VAL N 152 -37.46 6.65 7.80
C VAL N 152 -38.08 5.39 7.26
N TYR N 153 -39.34 5.15 7.60
CA TYR N 153 -40.03 3.90 7.31
C TYR N 153 -41.06 4.13 6.23
N ASP N 154 -41.07 3.25 5.23
CA ASP N 154 -41.96 3.38 4.09
C ASP N 154 -43.28 2.70 4.43
N MET N 155 -44.14 3.44 5.12
CA MET N 155 -45.47 2.95 5.42
C MET N 155 -46.34 2.97 4.17
N PRO N 156 -47.44 2.22 4.16
CA PRO N 156 -48.29 2.20 2.98
C PRO N 156 -48.78 3.57 2.57
N PHE N 157 -49.01 4.47 3.53
CA PHE N 157 -49.58 5.78 3.24
C PHE N 157 -48.52 6.83 2.94
N ALA N 158 -47.33 6.71 3.49
CA ALA N 158 -46.27 7.68 3.24
C ALA N 158 -44.98 7.15 3.88
N ARG N 159 -43.88 7.86 3.63
CA ARG N 159 -42.60 7.59 4.28
C ARG N 159 -42.58 8.32 5.60
N LEU N 160 -42.64 7.57 6.69
CA LEU N 160 -42.84 8.13 8.02
C LEU N 160 -41.53 8.17 8.79
N GLY N 161 -41.34 9.25 9.55
CA GLY N 161 -40.25 9.33 10.49
C GLY N 161 -40.75 9.89 11.80
N ALA N 162 -39.95 9.74 12.84
CA ALA N 162 -40.35 10.18 14.17
C ALA N 162 -39.10 10.51 14.98
N LEU N 163 -39.15 11.66 15.66
CA LEU N 163 -38.11 12.07 16.58
C LEU N 163 -38.76 12.60 17.84
N ASN N 164 -38.02 12.52 18.94
CA ASN N 164 -38.53 12.90 20.26
C ASN N 164 -38.02 14.28 20.65
N CYS N 165 -38.93 15.08 21.19
CA CYS N 165 -38.60 16.34 21.86
C CYS N 165 -37.42 17.06 21.22
N TRP N 166 -36.46 17.51 22.02
CA TRP N 166 -35.37 18.36 21.55
C TRP N 166 -34.46 17.68 20.56
N GLU N 167 -34.75 16.44 20.20
CA GLU N 167 -34.10 15.83 19.04
C GLU N 167 -34.38 16.62 17.76
N HIS N 168 -35.29 17.59 17.80
CA HIS N 168 -35.53 18.49 16.68
C HIS N 168 -34.56 19.65 16.64
N PHE N 169 -33.72 19.82 17.66
CA PHE N 169 -32.67 20.82 17.64
C PHE N 169 -31.36 20.25 17.14
N GLN N 170 -31.35 18.98 16.73
CA GLN N 170 -30.18 18.32 16.19
C GLN N 170 -30.08 18.67 14.72
N THR N 171 -29.12 19.53 14.39
CA THR N 171 -28.94 19.92 13.00
C THR N 171 -28.61 18.71 12.13
N LEU N 172 -27.72 17.84 12.61
CA LEU N 172 -27.30 16.70 11.79
C LEU N 172 -28.35 15.60 11.76
N THR N 173 -29.04 15.37 12.88
CA THR N 173 -30.08 14.34 12.88
C THR N 173 -31.19 14.70 11.91
N LYS N 174 -31.58 15.98 11.88
CA LYS N 174 -32.59 16.41 10.93
C LYS N 174 -32.13 16.17 9.50
N TYR N 175 -30.89 16.49 9.19
CA TYR N 175 -30.39 16.28 7.84
C TYR N 175 -30.40 14.81 7.48
N ALA N 176 -30.00 13.94 8.40
CA ALA N 176 -30.06 12.51 8.12
C ALA N 176 -31.47 12.09 7.76
N MET N 177 -32.47 12.71 8.38
CA MET N 177 -33.86 12.36 8.11
C MET N 177 -34.33 12.93 6.78
N TYR N 178 -33.89 14.14 6.44
CA TYR N 178 -34.22 14.69 5.12
C TYR N 178 -33.61 13.83 4.02
N SER N 179 -32.37 13.39 4.22
CA SER N 179 -31.71 12.55 3.22
C SER N 179 -32.46 11.28 2.95
N MET N 180 -33.25 10.79 3.90
CA MET N 180 -34.06 9.59 3.73
C MET N 180 -35.46 9.90 3.21
N HIS N 181 -35.74 11.16 2.89
CA HIS N 181 -36.94 11.56 2.18
C HIS N 181 -38.20 11.26 2.98
N GLU N 182 -38.30 11.90 4.14
CA GLU N 182 -39.57 11.97 4.85
C GLU N 182 -40.58 12.78 4.06
N GLN N 183 -41.85 12.42 4.20
CA GLN N 183 -42.93 13.35 3.94
C GLN N 183 -44.01 13.37 5.01
N VAL N 184 -43.92 12.51 6.03
CA VAL N 184 -44.71 12.66 7.25
C VAL N 184 -43.79 12.45 8.43
N HIS N 185 -43.79 13.41 9.35
CA HIS N 185 -42.94 13.37 10.52
C HIS N 185 -43.81 13.49 11.77
N VAL N 186 -43.57 12.61 12.74
CA VAL N 186 -44.27 12.63 14.02
C VAL N 186 -43.31 13.15 15.06
N ALA N 187 -43.64 14.32 15.63
CA ALA N 187 -42.80 14.98 16.62
C ALA N 187 -43.46 14.83 17.98
N SER N 188 -42.92 13.94 18.81
CA SER N 188 -43.47 13.69 20.13
C SER N 188 -42.77 14.57 21.16
N TRP N 189 -43.55 15.29 21.95
CA TRP N 189 -43.06 16.19 22.98
C TRP N 189 -43.72 15.87 24.30
N PRO N 190 -43.10 16.22 25.41
CA PRO N 190 -43.81 16.26 26.69
C PRO N 190 -44.48 17.61 26.86
N GLY N 191 -45.17 17.77 27.98
CA GLY N 191 -45.76 19.06 28.28
C GLY N 191 -44.70 20.09 28.55
N MET N 192 -44.49 21.00 27.60
CA MET N 192 -43.38 21.97 27.69
C MET N 192 -43.86 23.18 28.46
N SER N 193 -43.90 23.04 29.78
CA SER N 193 -44.26 24.13 30.68
C SER N 193 -43.23 24.31 31.79
N LEU N 194 -42.12 23.61 31.73
CA LEU N 194 -41.13 23.67 32.80
C LEU N 194 -40.47 25.04 32.88
N TYR N 195 -40.26 25.50 34.11
CA TYR N 195 -39.43 26.68 34.36
C TYR N 195 -39.86 27.84 33.48
N GLN N 196 -41.17 27.99 33.28
CA GLN N 196 -41.65 28.83 32.19
C GLN N 196 -41.23 30.28 32.33
N PRO N 197 -41.37 30.93 33.49
CA PRO N 197 -40.93 32.33 33.58
C PRO N 197 -39.44 32.51 33.30
N GLU N 198 -38.60 31.58 33.76
CA GLU N 198 -37.16 31.79 33.79
C GLU N 198 -36.44 31.27 32.55
N VAL N 199 -36.74 30.06 32.11
CA VAL N 199 -36.06 29.46 30.96
C VAL N 199 -37.01 29.52 29.76
N PRO N 200 -36.98 30.59 28.97
CA PRO N 200 -37.91 30.68 27.84
C PRO N 200 -37.69 29.63 26.78
N ALA N 201 -36.51 28.99 26.75
CA ALA N 201 -36.26 27.96 25.75
C ALA N 201 -37.13 26.73 25.97
N PHE N 202 -37.72 26.58 27.14
CA PHE N 202 -38.61 25.46 27.44
C PHE N 202 -40.08 25.77 27.20
N GLY N 203 -40.40 26.97 26.74
CA GLY N 203 -41.78 27.32 26.48
C GLY N 203 -42.27 26.81 25.15
N VAL N 204 -43.59 26.62 25.06
CA VAL N 204 -44.18 26.08 23.85
C VAL N 204 -43.87 26.96 22.66
N ASP N 205 -43.58 28.25 22.88
CA ASP N 205 -43.23 29.13 21.78
C ASP N 205 -41.94 28.66 21.12
N ALA N 206 -40.93 28.31 21.92
CA ALA N 206 -39.66 27.85 21.37
C ALA N 206 -39.85 26.52 20.65
N GLN N 207 -40.62 25.60 21.24
CA GLN N 207 -40.78 24.28 20.64
C GLN N 207 -41.68 24.30 19.43
N LEU N 208 -42.47 25.37 19.25
CA LEU N 208 -43.28 25.49 18.05
C LEU N 208 -42.45 25.90 16.85
N THR N 209 -41.43 26.73 17.09
CA THR N 209 -40.51 27.07 15.99
C THR N 209 -39.66 25.86 15.61
N ALA N 210 -39.29 25.04 16.60
CA ALA N 210 -38.50 23.85 16.29
C ALA N 210 -39.27 22.90 15.37
N THR N 211 -40.56 22.70 15.66
CA THR N 211 -41.36 21.82 14.81
C THR N 211 -41.71 22.48 13.49
N ARG N 212 -42.04 23.78 13.51
CA ARG N 212 -42.35 24.48 12.27
C ARG N 212 -41.15 24.50 11.34
N MET N 213 -39.96 24.76 11.89
CA MET N 213 -38.78 24.85 11.04
C MET N 213 -38.41 23.48 10.49
N TYR N 214 -38.74 22.40 11.21
CA TYR N 214 -38.52 21.06 10.67
C TYR N 214 -39.33 20.84 9.41
N ALA N 215 -40.59 21.28 9.41
CA ALA N 215 -41.41 21.17 8.21
C ALA N 215 -40.84 22.02 7.09
N LEU N 216 -40.39 23.22 7.41
CA LEU N 216 -39.88 24.14 6.40
C LEU N 216 -38.59 23.63 5.79
N GLU N 217 -37.65 23.20 6.63
CA GLU N 217 -36.36 22.74 6.11
C GLU N 217 -36.53 21.52 5.22
N GLY N 218 -37.22 20.49 5.73
CA GLY N 218 -37.34 19.24 5.02
C GLY N 218 -38.57 19.10 4.16
N GLN N 219 -39.43 20.10 4.12
CA GLN N 219 -40.68 20.04 3.37
C GLN N 219 -41.41 18.74 3.68
N THR N 220 -41.77 18.59 4.95
CA THR N 220 -42.48 17.43 5.45
C THR N 220 -43.72 17.90 6.19
N PHE N 221 -44.68 16.99 6.31
CA PHE N 221 -45.82 17.21 7.20
C PHE N 221 -45.41 16.78 8.60
N VAL N 222 -45.51 17.69 9.55
CA VAL N 222 -45.11 17.42 10.93
C VAL N 222 -46.36 17.23 11.76
N VAL N 223 -46.53 16.02 12.30
CA VAL N 223 -47.66 15.70 13.17
C VAL N 223 -47.14 15.86 14.59
N CYS N 224 -47.27 17.06 15.12
CA CYS N 224 -46.78 17.35 16.47
C CYS N 224 -47.79 16.87 17.50
N THR N 225 -47.31 16.09 18.46
CA THR N 225 -48.12 15.60 19.56
C THR N 225 -47.41 15.92 20.87
N THR N 226 -48.20 16.19 21.91
CA THR N 226 -47.65 16.72 23.14
C THR N 226 -48.50 16.25 24.31
N GLN N 227 -47.90 16.27 25.50
CA GLN N 227 -48.64 16.01 26.73
C GLN N 227 -49.19 17.31 27.29
N VAL N 228 -49.84 17.22 28.44
CA VAL N 228 -50.38 18.38 29.13
C VAL N 228 -50.14 18.21 30.61
N VAL N 229 -49.71 19.30 31.26
CA VAL N 229 -49.49 19.30 32.71
C VAL N 229 -50.81 19.73 33.34
N THR N 230 -51.69 18.75 33.53
CA THR N 230 -53.00 18.95 34.14
C THR N 230 -52.85 19.09 35.65
N PRO N 231 -53.84 19.70 36.32
CA PRO N 231 -53.81 19.69 37.79
C PRO N 231 -53.55 18.32 38.39
N GLU N 232 -54.00 17.24 37.75
CA GLU N 232 -53.67 15.91 38.24
C GLU N 232 -52.17 15.70 38.30
N ALA N 233 -51.43 16.30 37.38
CA ALA N 233 -49.97 16.23 37.43
C ALA N 233 -49.43 16.91 38.66
N HIS N 234 -50.00 18.06 39.04
CA HIS N 234 -49.55 18.75 40.24
C HIS N 234 -49.75 17.89 41.48
N GLU N 235 -50.89 17.21 41.57
CA GLU N 235 -51.15 16.34 42.72
C GLU N 235 -50.21 15.14 42.76
N PHE N 236 -49.49 14.87 41.68
CA PHE N 236 -48.59 13.72 41.59
C PHE N 236 -47.14 14.08 41.91
N PHE N 237 -46.60 15.10 41.24
CA PHE N 237 -45.18 15.43 41.36
C PHE N 237 -44.92 16.48 42.44
N CYS N 238 -45.73 17.52 42.51
CA CYS N 238 -45.43 18.68 43.35
C CYS N 238 -45.94 18.47 44.77
N GLU N 239 -45.11 18.87 45.74
CA GLU N 239 -45.47 18.86 47.14
C GLU N 239 -45.40 20.23 47.79
N ASN N 240 -44.83 21.23 47.11
CA ASN N 240 -44.71 22.58 47.62
C ASN N 240 -45.40 23.53 46.63
N GLU N 241 -45.43 24.81 46.99
CA GLU N 241 -45.88 25.82 46.05
C GLU N 241 -44.79 26.13 45.03
N GLU N 242 -43.53 26.06 45.44
CA GLU N 242 -42.43 26.30 44.51
C GLU N 242 -42.40 25.26 43.40
N GLN N 243 -42.57 23.98 43.75
CA GLN N 243 -42.54 22.93 42.75
C GLN N 243 -43.68 23.08 41.75
N ARG N 244 -44.86 23.46 42.23
CA ARG N 244 -45.97 23.71 41.32
C ARG N 244 -45.67 24.84 40.37
N LYS N 245 -44.78 25.75 40.75
CA LYS N 245 -44.33 26.78 39.83
C LYS N 245 -43.32 26.23 38.83
N LEU N 246 -42.50 25.27 39.24
CA LEU N 246 -41.47 24.73 38.35
C LEU N 246 -42.11 24.11 37.11
N ILE N 247 -43.08 23.23 37.30
CA ILE N 247 -43.90 22.73 36.19
C ILE N 247 -45.15 23.58 36.15
N GLY N 248 -45.28 24.39 35.11
CA GLY N 248 -46.41 25.28 34.98
C GLY N 248 -47.69 24.51 34.70
N ARG N 249 -48.61 25.15 34.00
CA ARG N 249 -49.87 24.54 33.63
C ARG N 249 -49.94 24.39 32.11
N GLY N 250 -50.64 23.36 31.66
CA GLY N 250 -50.80 23.14 30.24
C GLY N 250 -49.56 22.57 29.58
N GLY N 251 -48.97 23.35 28.68
CA GLY N 251 -47.79 22.92 27.96
C GLY N 251 -48.07 22.17 26.68
N GLY N 252 -49.33 21.88 26.37
CA GLY N 252 -49.65 21.17 25.13
C GLY N 252 -49.68 22.11 23.95
N PHE N 253 -49.04 21.69 22.86
CA PHE N 253 -49.04 22.48 21.63
C PHE N 253 -49.16 21.59 20.40
N ALA N 254 -49.86 20.46 20.51
CA ALA N 254 -50.00 19.56 19.38
C ALA N 254 -50.65 20.28 18.20
N ARG N 255 -50.17 19.98 17.01
CA ARG N 255 -50.77 20.51 15.79
C ARG N 255 -50.14 19.82 14.60
N ILE N 256 -50.77 19.97 13.44
CA ILE N 256 -50.32 19.40 12.19
C ILE N 256 -49.86 20.54 11.29
N ILE N 257 -48.62 20.45 10.82
CA ILE N 257 -47.98 21.52 10.06
C ILE N 257 -47.66 20.99 8.67
N GLY N 258 -47.94 21.80 7.66
CA GLY N 258 -47.64 21.43 6.30
C GLY N 258 -46.20 21.77 5.93
N PRO N 259 -45.80 21.33 4.74
CA PRO N 259 -44.44 21.63 4.29
C PRO N 259 -44.16 23.11 4.12
N ASP N 260 -45.20 23.93 4.01
CA ASP N 260 -45.05 25.37 3.99
C ASP N 260 -45.00 25.98 5.38
N GLY N 261 -45.11 25.16 6.43
CA GLY N 261 -45.07 25.65 7.78
C GLY N 261 -46.40 26.13 8.33
N ARG N 262 -47.45 26.14 7.51
CA ARG N 262 -48.77 26.57 7.95
C ARG N 262 -49.50 25.41 8.60
N ASP N 263 -50.23 25.71 9.67
CA ASP N 263 -50.94 24.69 10.42
C ASP N 263 -52.15 24.22 9.62
N LEU N 264 -52.31 22.90 9.54
CA LEU N 264 -53.45 22.29 8.84
C LEU N 264 -54.62 21.98 9.77
N ALA N 265 -54.47 22.24 11.06
CA ALA N 265 -55.54 22.00 12.01
C ALA N 265 -55.54 23.13 13.04
N THR N 266 -56.73 23.47 13.52
CA THR N 266 -56.85 24.54 14.49
C THR N 266 -56.29 24.08 15.83
N PRO N 267 -55.28 24.75 16.38
CA PRO N 267 -54.68 24.26 17.63
C PRO N 267 -55.66 24.34 18.78
N LEU N 268 -55.49 23.41 19.72
CA LEU N 268 -56.26 23.42 20.96
C LEU N 268 -55.66 24.43 21.93
N ALA N 269 -56.20 24.48 23.14
CA ALA N 269 -55.62 25.31 24.18
C ALA N 269 -54.43 24.61 24.82
N GLU N 270 -53.55 25.39 25.43
CA GLU N 270 -52.37 24.82 26.07
C GLU N 270 -52.75 23.87 27.21
N ASP N 271 -53.93 24.02 27.77
CA ASP N 271 -54.40 23.15 28.85
C ASP N 271 -55.44 22.14 28.41
N GLU N 272 -56.05 22.34 27.25
CA GLU N 272 -57.06 21.40 26.77
C GLU N 272 -56.42 20.11 26.29
N GLU N 273 -57.23 19.07 26.23
CA GLU N 273 -56.83 17.77 25.71
C GLU N 273 -57.77 17.39 24.58
N GLY N 274 -57.29 16.51 23.70
CA GLY N 274 -58.11 16.06 22.60
C GLY N 274 -57.25 15.51 21.48
N ILE N 275 -57.81 15.55 20.28
CA ILE N 275 -57.15 15.06 19.08
C ILE N 275 -57.34 16.09 17.98
N LEU N 276 -56.30 16.29 17.18
CA LEU N 276 -56.35 17.17 16.03
C LEU N 276 -56.31 16.34 14.77
N TYR N 277 -57.17 16.66 13.81
CA TYR N 277 -57.30 15.93 12.57
C TYR N 277 -56.96 16.84 11.40
N ALA N 278 -56.37 16.27 10.36
CA ALA N 278 -56.08 17.02 9.15
C ALA N 278 -55.98 16.03 8.00
N ASP N 279 -56.13 16.56 6.78
CA ASP N 279 -55.98 15.78 5.57
C ASP N 279 -54.66 16.13 4.91
N ILE N 280 -53.82 15.13 4.70
CA ILE N 280 -52.47 15.30 4.18
C ILE N 280 -52.50 15.00 2.69
N ASP N 281 -52.10 15.98 1.88
CA ASP N 281 -51.94 15.80 0.45
C ASP N 281 -50.45 15.92 0.14
N LEU N 282 -49.82 14.79 -0.22
CA LEU N 282 -48.38 14.80 -0.43
C LEU N 282 -47.98 15.66 -1.62
N SER N 283 -48.90 15.98 -2.53
CA SER N 283 -48.58 16.89 -3.61
C SER N 283 -48.22 18.26 -3.10
N ALA N 284 -48.62 18.61 -1.87
CA ALA N 284 -48.25 19.90 -1.31
C ALA N 284 -46.74 20.00 -1.08
N ILE N 285 -46.04 18.87 -1.12
CA ILE N 285 -44.60 18.88 -0.90
C ILE N 285 -43.86 19.24 -2.17
N THR N 286 -44.22 18.59 -3.28
CA THR N 286 -43.55 18.90 -4.54
C THR N 286 -43.70 20.38 -4.86
N LEU N 287 -44.75 21.02 -4.35
CA LEU N 287 -44.89 22.46 -4.50
C LEU N 287 -43.94 23.19 -3.56
N ALA N 288 -43.73 22.65 -2.36
CA ALA N 288 -42.81 23.28 -1.41
C ALA N 288 -41.36 23.05 -1.77
N LYS N 289 -41.06 21.97 -2.47
CA LYS N 289 -39.68 21.67 -2.84
C LYS N 289 -39.22 22.39 -4.08
N GLN N 290 -40.08 23.20 -4.70
CA GLN N 290 -39.63 24.07 -5.78
C GLN N 290 -38.61 25.08 -5.28
N ALA N 291 -38.84 25.65 -4.10
CA ALA N 291 -37.97 26.68 -3.58
C ALA N 291 -36.74 26.08 -2.89
N ALA N 292 -36.95 25.24 -1.89
CA ALA N 292 -35.87 24.67 -1.10
C ALA N 292 -35.92 23.15 -1.15
N ASP N 293 -34.74 22.55 -1.09
CA ASP N 293 -34.56 21.11 -1.00
C ASP N 293 -33.18 20.85 -0.44
N PRO N 294 -33.03 20.76 0.88
CA PRO N 294 -31.68 20.75 1.47
C PRO N 294 -30.84 19.59 1.01
N VAL N 295 -31.44 18.53 0.50
CA VAL N 295 -30.71 17.34 0.09
C VAL N 295 -30.59 17.22 -1.41
N GLY N 296 -31.32 18.02 -2.19
CA GLY N 296 -31.28 17.91 -3.63
C GLY N 296 -30.70 19.14 -4.30
N HIS N 297 -31.55 19.90 -4.98
CA HIS N 297 -31.07 21.00 -5.79
C HIS N 297 -30.48 22.14 -4.95
N TYR N 298 -30.67 22.12 -3.64
CA TYR N 298 -30.27 23.23 -2.81
C TYR N 298 -29.21 22.79 -1.82
N SER N 299 -28.27 21.97 -2.30
CA SER N 299 -27.20 21.43 -1.47
C SER N 299 -25.88 21.58 -2.21
N ARG N 300 -24.80 21.60 -1.44
CA ARG N 300 -23.44 21.74 -1.98
C ARG N 300 -22.59 20.61 -1.43
N PRO N 301 -22.76 19.40 -1.94
CA PRO N 301 -22.00 18.26 -1.41
C PRO N 301 -20.51 18.40 -1.59
N ASP N 302 -20.05 19.25 -2.52
CA ASP N 302 -18.62 19.51 -2.65
C ASP N 302 -18.10 20.37 -1.51
N VAL N 303 -18.98 21.03 -0.77
CA VAL N 303 -18.60 21.88 0.36
C VAL N 303 -18.96 21.24 1.68
N LEU N 304 -20.19 20.78 1.82
CA LEU N 304 -20.71 20.23 3.06
C LEU N 304 -21.39 18.90 2.78
N SER N 305 -21.07 17.89 3.57
CA SER N 305 -21.72 16.59 3.45
C SER N 305 -21.79 15.99 4.85
N LEU N 306 -22.58 14.93 4.99
CA LEU N 306 -22.84 14.30 6.26
C LEU N 306 -22.24 12.90 6.30
N ASN N 307 -21.62 12.57 7.43
CA ASN N 307 -21.16 11.22 7.72
C ASN N 307 -22.19 10.57 8.62
N PHE N 308 -22.94 9.62 8.08
CA PHE N 308 -24.04 8.98 8.80
C PHE N 308 -23.66 7.52 9.04
N ASN N 309 -23.47 7.17 10.31
CA ASN N 309 -23.14 5.81 10.70
C ASN N 309 -24.40 5.16 11.25
N GLN N 310 -24.97 4.23 10.46
CA GLN N 310 -26.26 3.64 10.77
C GLN N 310 -26.13 2.24 11.35
N ARG N 311 -24.95 1.88 11.86
CA ARG N 311 -24.73 0.55 12.40
C ARG N 311 -25.43 0.39 13.75
N ARG N 312 -25.72 -0.86 14.09
CA ARG N 312 -26.38 -1.22 15.36
C ARG N 312 -25.29 -1.64 16.34
N THR N 313 -24.89 -0.74 17.21
CA THR N 313 -23.88 -1.02 18.22
C THR N 313 -24.55 -1.57 19.47
N THR N 314 -24.06 -2.71 19.95
CA THR N 314 -24.57 -3.36 21.14
C THR N 314 -23.42 -3.72 22.07
N PRO N 315 -23.68 -3.75 23.38
CA PRO N 315 -22.58 -4.01 24.32
C PRO N 315 -21.92 -5.37 24.13
N VAL N 316 -22.69 -6.39 23.77
CA VAL N 316 -22.17 -7.73 23.53
C VAL N 316 -22.44 -8.07 22.07
N ASN N 317 -21.38 -8.42 21.35
CA ASN N 317 -21.47 -8.70 19.92
C ASN N 317 -21.46 -10.19 19.60
N THR N 318 -21.57 -11.04 20.61
CA THR N 318 -21.57 -12.49 20.38
C THR N 318 -20.28 -12.90 19.69
C1' HBX O . 43.45 22.02 -27.12
O1' HBX O . 44.00 23.09 -27.12
C1 HBX O . 44.14 20.73 -27.05
C2 HBX O . 43.40 19.55 -26.92
C3 HBX O . 44.06 18.33 -26.85
C4 HBX O . 45.43 18.28 -26.91
C5 HBX O . 46.16 19.44 -27.04
C6 HBX O . 45.52 20.66 -27.11
H2 HBX O . 42.46 19.58 -26.88
H3 HBX O . 43.56 17.53 -26.77
H4 HBX O . 45.87 17.45 -26.87
H5 HBX O . 47.10 19.40 -27.08
H6 HBX O . 46.03 21.46 -27.20
C1' HBX P . 15.21 13.88 -38.57
O1' HBX P . 14.50 12.92 -38.34
C1 HBX P . 15.30 14.58 -39.86
C2 HBX P . 14.53 14.17 -40.94
C3 HBX P . 14.62 14.83 -42.15
C4 HBX P . 15.46 15.90 -42.28
C5 HBX P . 16.21 16.33 -41.22
C6 HBX P . 16.14 15.67 -40.01
H2 HBX P . 13.96 13.42 -40.85
H3 HBX P . 14.10 14.54 -42.88
H4 HBX P . 15.51 16.36 -43.11
H5 HBX P . 16.80 17.06 -41.32
H6 HBX P . 16.67 15.96 -39.28
C1' HBX Q . -4.09 28.96 -39.10
O1' HBX Q . -3.56 30.04 -39.04
C1 HBX Q . -4.25 28.16 -40.32
C2 HBX Q . -4.91 26.94 -40.27
C3 HBX Q . -5.05 26.18 -41.43
C4 HBX Q . -4.54 26.65 -42.62
C5 HBX Q . -3.89 27.86 -42.67
C6 HBX Q . -3.74 28.62 -41.52
H2 HBX Q . -5.25 26.62 -39.47
H3 HBX Q . -5.50 25.36 -41.39
H4 HBX Q . -4.65 26.13 -43.40
H5 HBX Q . -3.54 28.16 -43.49
H6 HBX Q . -3.29 29.44 -41.57
C1' HBX R . -30.75 25.32 -22.69
O1' HBX R . -31.44 24.35 -22.50
C1 HBX R . -31.25 26.68 -22.89
C2 HBX R . -30.36 27.73 -23.14
C3 HBX R . -30.84 29.01 -23.32
C4 HBX R . -32.20 29.26 -23.28
C5 HBX R . -33.08 28.23 -23.03
C6 HBX R . -32.62 26.95 -22.84
H2 HBX R . -29.44 27.55 -23.18
H3 HBX R . -30.24 29.71 -23.49
H4 HBX R . -32.51 30.14 -23.40
H5 HBX R . -34.00 28.41 -22.99
H6 HBX R . -33.22 26.25 -22.67
C1' HBX S . 56.60 43.89 15.66
O1' HBX S . 57.11 44.96 15.43
C1 HBX S . 56.67 43.17 16.94
C2 HBX S . 57.44 43.68 17.97
C3 HBX S . 57.51 43.01 19.18
C4 HBX S . 56.79 41.85 19.37
C5 HBX S . 56.01 41.35 18.35
C6 HBX S . 55.94 42.02 17.14
H2 HBX S . 57.94 44.47 17.84
H3 HBX S . 58.04 43.35 19.88
H4 HBX S . 56.84 41.40 20.20
H5 HBX S . 55.52 40.56 18.48
H6 HBX S . 55.40 41.66 16.45
C1' HBX T . 50.30 19.76 -3.56
O1' HBX T . 49.51 18.86 -3.45
C1 HBX T . 51.53 19.71 -4.36
C2 HBX T . 51.92 18.52 -4.96
C3 HBX T . 53.09 18.47 -5.69
C4 HBX T . 53.86 19.59 -5.86
C5 HBX T . 53.48 20.78 -5.27
C6 HBX T . 52.32 20.84 -4.52
H2 HBX T . 51.39 17.75 -4.84
H3 HBX T . 53.35 17.66 -6.10
H4 HBX T . 54.65 19.55 -6.37
H5 HBX T . 54.01 21.55 -5.38
H6 HBX T . 52.06 21.65 -4.12
C1' HBX U . 7.51 -30.64 30.25
O1' HBX U . 7.95 -29.55 29.98
C1 HBX U . 7.55 -31.26 31.58
C2 HBX U . 6.88 -32.46 31.83
C3 HBX U . 6.92 -33.02 33.09
C4 HBX U . 7.63 -32.42 34.09
C5 HBX U . 8.31 -31.25 33.86
C6 HBX U . 8.27 -30.67 32.60
H2 HBX U . 6.39 -32.86 31.14
H3 HBX U . 6.46 -33.83 33.25
H4 HBX U . 7.67 -32.82 34.95
H5 HBX U . 8.79 -30.84 34.55
H6 HBX U . 8.73 -29.86 32.44
C1' HBX V . 1.27 -54.68 11.18
O1' HBX V . 0.94 -53.56 11.52
C1 HBX V . 2.44 -55.00 10.36
C2 HBX V . 2.74 -56.32 10.06
C3 HBX V . 3.85 -56.61 9.29
C4 HBX V . 4.66 -55.60 8.81
C5 HBX V . 4.36 -54.29 9.11
C6 HBX V . 3.25 -53.99 9.87
H2 HBX V . 2.20 -57.01 10.39
H3 HBX V . 4.06 -57.52 9.09
H4 HBX V . 5.41 -55.81 8.28
H5 HBX V . 4.92 -53.61 8.78
H6 HBX V . 3.05 -53.09 10.07
C1' HBX W . -5.82 -52.57 -12.54
O1' HBX W . -5.42 -51.44 -12.42
C1 HBX W . -4.98 -53.77 -12.42
C2 HBX W . -3.60 -53.66 -12.35
C3 HBX W . -2.81 -54.78 -12.22
C4 HBX W . -3.39 -56.02 -12.16
C5 HBX W . -4.76 -56.15 -12.21
C6 HBX W . -5.56 -55.03 -12.34
H2 HBX W . -3.20 -52.80 -12.40
H3 HBX W . -1.87 -54.70 -12.18
H4 HBX W . -2.84 -56.80 -12.06
H5 HBX W . -5.15 -57.00 -12.17
H6 HBX W . -6.49 -55.13 -12.37
C1' HBX X . -33.61 -60.40 -23.71
O1' HBX X . -34.34 -61.27 -23.32
C1 HBX X . -33.61 -59.85 -25.07
C2 HBX X . -32.82 -58.74 -25.38
C3 HBX X . -32.83 -58.24 -26.67
C4 HBX X . -33.62 -58.83 -27.65
C5 HBX X . -34.38 -59.92 -27.34
C6 HBX X . -34.39 -60.43 -26.06
H2 HBX X . -32.30 -58.34 -24.73
H3 HBX X . -32.30 -57.49 -26.88
H4 HBX X . -33.62 -58.48 -28.52
H5 HBX X . -34.91 -60.33 -28.01
H6 HBX X . -34.92 -61.19 -25.85
C1' HBX Y . -18.65 10.39 40.20
O1' HBX Y . -18.07 11.35 39.76
C1 HBX Y . -19.82 10.45 41.11
C2 HBX Y . -20.24 11.68 41.61
C3 HBX Y . -21.34 11.73 42.45
C4 HBX Y . -22.01 10.57 42.79
C5 HBX Y . -21.60 9.37 42.28
C6 HBX Y . -20.51 9.29 41.44
H2 HBX Y . -19.78 12.46 41.39
H3 HBX Y . -21.62 12.56 42.79
H4 HBX Y . -22.76 10.62 43.37
H5 HBX Y . -22.06 8.58 42.52
H6 HBX Y . -20.23 8.46 41.11
C1' HBX Z . -9.34 -19.14 44.04
O1' HBX Z . -10.01 -20.13 43.91
C1 HBX Z . -8.10 -19.07 44.81
C2 HBX Z . -7.65 -20.16 45.53
C3 HBX Z . -6.47 -20.10 46.25
C4 HBX Z . -5.71 -18.95 46.23
C5 HBX Z . -6.14 -17.87 45.51
C6 HBX Z . -7.32 -17.92 44.79
H2 HBX Z . -8.17 -20.96 45.55
H3 HBX Z . -6.18 -20.85 46.75
H4 HBX Z . -4.91 -18.91 46.72
H5 HBX Z . -5.62 -17.08 45.50
H6 HBX Z . -7.60 -17.16 44.30
C1' HBX AA . -34.10 34.37 -0.18
O1' HBX AA . -33.23 35.16 -0.45
C1 HBX AA . -35.43 34.35 -0.80
C2 HBX AA . -36.32 33.33 -0.52
C3 HBX AA . -37.58 33.32 -1.11
C4 HBX AA . -37.95 34.33 -1.97
C5 HBX AA . -37.08 35.36 -2.24
C6 HBX AA . -35.82 35.37 -1.67
H2 HBX AA . -36.07 32.63 0.05
H3 HBX AA . -38.18 32.62 -0.92
H4 HBX AA . -38.81 34.32 -2.36
H5 HBX AA . -37.33 36.05 -2.82
H6 HBX AA . -35.22 36.08 -1.86
C1' HBX BA . -37.07 17.13 25.75
O1' HBX BA . -37.67 16.08 25.76
C1 HBX BA . -37.12 18.15 26.80
C2 HBX BA . -36.44 19.34 26.65
C3 HBX BA . -36.48 20.29 27.65
C4 HBX BA . -37.22 20.08 28.79
C5 HBX BA . -37.90 18.88 28.94
C6 HBX BA . -37.86 17.92 27.95
H2 HBX BA . -35.93 19.51 25.88
H3 HBX BA . -36.01 21.10 27.55
H4 HBX BA . -37.24 20.73 29.47
H5 HBX BA . -38.41 18.74 29.72
H6 HBX BA . -38.34 17.12 28.06
#